data_7D0D
#
_entry.id   7D0D
#
loop_
_entity.id
_entity.type
_entity.pdbx_description
1 polymer 'Spike glycoprotein'
2 polymer 'Heavy chain of P5A-3C12'
3 polymer 'Light chain of P5A-3C12'
4 branched 2-acetamido-2-deoxy-beta-D-glucopyranose-(1-4)-2-acetamido-2-deoxy-beta-D-glucopyranose
5 non-polymer 2-acetamido-2-deoxy-beta-D-glucopyranose
#
loop_
_entity_poly.entity_id
_entity_poly.type
_entity_poly.pdbx_seq_one_letter_code
_entity_poly.pdbx_strand_id
1 'polypeptide(L)'
;MFVFLVLLPLVSSQCVNLTTRTQLPPAYTNSFTRGVYYPDKVFRSSVLHSTQDLFLPFFSNVTWFHAIHVSGTNGTKRFD
NPVLPFNDGVYFASTEKSNIIRGWIFGTTLDSKTQSLLIVNNATNVVIKVCEFQFCNDPFLGVYYHKNNKSWMESEFRVY
SSANNCTFEYVSQPFLMDLEGKQGNFKNLREFVFKNIDGYFKIYSKHTPINLVRDLPQGFSALEPLVDLPIGINITRFQT
LLALHRSYLTPGDSSSGWTAGAAAYYVGYLQPRTFLLKYNENGTITDAVDCALDPLSETKCTLKSFTVEKGIYQTSNFRV
QPTESIVRFPNITNLCPFGEVFNATRFASVYAWNRKRISNCVADYSVLYNSASFSTFKCYGVSPTKLNDLCFTNVYADSF
VIRGDEVRQIAPGQTGKIADYNYKLPDDFTGCVIAWNSNNLDSKVGGNYNYLYRLFRKSNLKPFERDISTEIYQAGSTPC
NGVEGFNCYFPLQSYGFQPTNGVGYQPYRVVVLSFELLHAPATVCGPKKSTNLVKNKCVNFNFNGLTGTGVLTESNKKFL
PFQQFGRDIADTTDAVRDPQTLEILDITPCSFGGVSVITPGTNTSNQVAVLYQDVNCTEVPVAIHADQLTPTWRVYSTGS
NVFQTRAGCLIGAEHVNNSYECDIPIGAGICASYQTQTNSPRRARSVASQSIIAYTMSLGAENSVAYSNNSIAIPTNFTI
SVTTEILPVSMTKTSVDCTMYICGDSTECSNLLLQYGSFCTQLNRALTGIAVEQDKNTQEVFAQVKQIYKTPPIKDFGGF
NFSQILPDPSKPSKRSFIEDLLFNKVTLADAGFIKQYGDCLGDIAARDLICAQKFNGLTVLPPLLTDEMIAQYTSALLAG
TITSGWTFGAGAALQIPFAMQMAYRFNGIGVTQNVLYENQKLIANQFNSAIGKIQDSLSSTASALGKLQDVVNQNAQALN
TLVKQLSSNFGAISSVLNDILSRLDPPEAEVQIDRLITGRLQSLQTYVTQQLIRAAEIRASANLAATKMSECVLGQSKRV
DFCGKGYHLMSFPQSAPHGVVFLHVTYVPAQEKNFTTAPAICHDGKAHFPREGVFVSNGTHWFVTQRNFYEPQIITTDNT
FVSGNCDVVIGIVNNTVYDPLQPELDSFKEELDKYFKNHTSPDVDLGDISGINASVVNIQKEIDRLNEVAKNLNESLIDL
QELGKYEQYIKWPWYIWLGFIAGLIAIVMVTIMLCCMTSCCSCLKGCCSCGSCCKFDEDDSEPVLKGVKLHYTLEDYKDD
DDK
;
A,C,B
2 'polypeptide(L)'
;QITLKESGPTLVKPTQTLTLTCTFSGFSLSTSGVGVGWIRQPPGKALEWLALIYWDDDKRYSPSLKSRLTITKDTSKNQV
VLTMTNMDPVDTATYYCAHSLFLTVGYSSSWSPFDYWGQGTLVTVSSASTKGPSVFPLAPSSKSTSGGTAALGCLVKDYF
PEPVTVSWNSGALTSGVHTFPAVLQSSGLYSLSSVVTVPSSSLGTQTYICNVNHKPSNTKVDKKVE
;
H,G
3 'polypeptide(L)'
;DIVMTQSPDSLAVSLGERATINCKSSQSVLYSSNNKNYLAWYQQKPGQPPKLLIYWASTRESGVPDRFSGSGSGTDFTLT
ISSLQAEDVAVYYCQQYYSTPHTFGQGTKLEIKRTVAAPSVFIFPPSDEQLKSGTASVVCLLNNFYPREAKVQWKVDNAL
QSGNSQESVTEQDSKDSTYSLSSTLTLSKADYEKHKVYACEVTHQGLSSPVTKSFNRGEC
;
L,F
#
# COMPACT_ATOMS: atom_id res chain seq x y z
N ALA A 27 -12.82 57.31 17.36
CA ALA A 27 -13.69 56.22 16.91
C ALA A 27 -12.89 54.97 16.57
N TYR A 28 -11.57 55.10 16.43
CA TYR A 28 -10.73 53.95 16.14
C TYR A 28 -9.34 54.14 16.74
N THR A 29 -8.67 53.01 16.98
CA THR A 29 -7.29 52.98 17.38
C THR A 29 -6.62 51.77 16.75
N ASN A 30 -5.36 51.55 17.12
CA ASN A 30 -4.56 50.46 16.58
C ASN A 30 -4.18 49.50 17.70
N SER A 31 -4.58 48.24 17.54
CA SER A 31 -4.08 47.18 18.41
C SER A 31 -2.71 46.76 17.91
N PHE A 32 -1.68 47.06 18.68
CA PHE A 32 -0.33 46.88 18.19
C PHE A 32 0.12 45.43 18.35
N THR A 33 0.30 44.99 19.58
CA THR A 33 0.58 43.59 19.87
C THR A 33 -0.43 42.99 20.83
N ARG A 34 -1.43 43.77 21.24
CA ARG A 34 -2.36 43.37 22.26
C ARG A 34 -3.16 42.14 21.85
N GLY A 35 -3.52 41.32 22.83
CA GLY A 35 -4.48 40.26 22.63
C GLY A 35 -3.93 38.86 22.55
N VAL A 36 -2.81 38.56 23.19
CA VAL A 36 -2.23 37.23 23.16
C VAL A 36 -2.62 36.52 24.44
N TYR A 37 -2.91 35.23 24.35
CA TYR A 37 -3.27 34.45 25.51
C TYR A 37 -2.52 33.13 25.50
N TYR A 38 -2.46 32.48 26.67
CA TYR A 38 -1.94 31.12 26.76
C TYR A 38 -2.99 30.18 26.20
N PRO A 39 -2.72 29.50 25.08
CA PRO A 39 -3.77 28.73 24.41
C PRO A 39 -4.07 27.38 25.03
N ASP A 40 -3.23 26.85 25.93
CA ASP A 40 -3.50 25.55 26.52
C ASP A 40 -2.76 25.43 27.84
N LYS A 41 -2.99 24.31 28.52
CA LYS A 41 -2.56 24.09 29.90
C LYS A 41 -1.21 23.41 30.03
N VAL A 42 -0.39 23.40 28.98
CA VAL A 42 0.90 22.75 29.03
C VAL A 42 1.98 23.76 29.42
N PHE A 43 2.75 23.43 30.44
CA PHE A 43 3.91 24.25 30.77
C PHE A 43 5.01 24.03 29.74
N ARG A 44 5.75 25.10 29.42
CA ARG A 44 6.81 25.01 28.44
C ARG A 44 8.04 25.80 28.89
N SER A 45 9.18 25.13 28.86
CA SER A 45 10.40 25.68 29.46
C SER A 45 10.92 26.93 28.78
N SER A 46 11.47 26.77 27.58
CA SER A 46 12.06 27.89 26.85
C SER A 46 11.83 27.73 25.34
N VAL A 47 10.89 26.88 24.95
CA VAL A 47 10.59 26.61 23.56
C VAL A 47 10.16 27.89 22.86
N LEU A 48 10.45 27.99 21.56
CA LEU A 48 9.70 28.80 20.63
C LEU A 48 8.61 27.91 20.07
N HIS A 49 7.36 28.21 20.40
CA HIS A 49 6.29 27.28 20.04
C HIS A 49 5.34 27.93 19.06
N SER A 50 4.99 27.21 18.00
CA SER A 50 4.10 27.75 16.99
C SER A 50 2.72 27.12 17.15
N THR A 51 1.68 27.93 16.98
CA THR A 51 0.32 27.47 17.21
C THR A 51 -0.65 28.12 16.24
N GLN A 52 -1.65 27.35 15.84
CA GLN A 52 -2.79 27.84 15.08
C GLN A 52 -3.96 28.01 16.02
N ASP A 53 -4.45 29.24 16.17
CA ASP A 53 -5.55 29.50 17.09
C ASP A 53 -6.24 30.79 16.68
N LEU A 54 -7.36 31.09 17.33
CA LEU A 54 -8.11 32.30 17.06
C LEU A 54 -7.49 33.47 17.80
N PHE A 55 -6.93 34.45 17.08
CA PHE A 55 -6.20 35.54 17.68
C PHE A 55 -6.69 36.86 17.10
N LEU A 56 -6.15 37.94 17.66
CA LEU A 56 -6.44 39.27 17.19
C LEU A 56 -5.22 39.78 16.44
N PRO A 57 -5.23 39.87 15.11
CA PRO A 57 -4.00 40.11 14.35
C PRO A 57 -3.31 41.39 14.78
N PHE A 58 -1.98 41.37 14.74
CA PHE A 58 -1.21 42.53 15.14
C PHE A 58 -1.59 43.72 14.29
N PHE A 59 -1.44 44.91 14.87
CA PHE A 59 -1.72 46.17 14.20
C PHE A 59 -3.07 46.12 13.49
N SER A 60 -4.11 45.98 14.30
CA SER A 60 -5.45 45.94 13.77
C SER A 60 -6.19 47.24 14.11
N ASN A 61 -7.34 47.39 13.48
CA ASN A 61 -8.17 48.58 13.57
C ASN A 61 -9.31 48.32 14.55
N VAL A 62 -9.18 48.80 15.79
CA VAL A 62 -10.12 48.44 16.84
C VAL A 62 -11.01 49.63 17.15
N THR A 63 -12.32 49.36 17.30
CA THR A 63 -13.32 50.38 17.56
C THR A 63 -13.09 51.05 18.90
N TRP A 64 -13.70 52.20 19.11
CA TRP A 64 -13.45 52.99 20.30
C TRP A 64 -14.78 53.59 20.75
N PHE A 65 -15.25 53.17 21.92
CA PHE A 65 -16.59 53.53 22.38
C PHE A 65 -16.49 54.46 23.58
N HIS A 66 -17.60 55.10 23.90
CA HIS A 66 -17.67 56.10 24.95
C HIS A 66 -19.00 55.98 25.67
N ALA A 67 -19.20 56.86 26.67
CA ALA A 67 -20.42 56.89 27.46
C ALA A 67 -21.67 57.07 26.60
N ASN A 81 -23.42 52.80 24.32
CA ASN A 81 -23.56 51.37 24.61
C ASN A 81 -24.34 50.65 23.52
N PRO A 82 -23.74 50.55 22.34
CA PRO A 82 -24.45 49.97 21.19
C PRO A 82 -24.59 48.47 21.29
N VAL A 83 -25.03 47.84 20.20
CA VAL A 83 -25.07 46.39 20.12
C VAL A 83 -24.32 45.94 18.87
N LEU A 84 -23.45 44.95 19.02
CA LEU A 84 -22.56 44.46 17.99
C LEU A 84 -22.58 42.93 17.99
N PRO A 85 -22.06 42.28 16.96
CA PRO A 85 -21.99 40.81 16.98
C PRO A 85 -20.73 40.30 17.66
N PHE A 86 -20.74 38.98 17.89
CA PHE A 86 -19.57 38.27 18.40
C PHE A 86 -18.60 37.93 17.28
N ASN A 87 -19.08 37.25 16.24
CA ASN A 87 -18.50 37.02 14.93
C ASN A 87 -17.39 35.96 14.87
N ASP A 88 -16.59 35.82 15.93
CA ASP A 88 -15.92 34.59 16.29
C ASP A 88 -15.71 34.50 17.78
N GLY A 89 -15.34 35.63 18.37
CA GLY A 89 -14.84 35.80 19.71
C GLY A 89 -14.50 37.27 19.76
N VAL A 90 -14.16 37.75 20.95
CA VAL A 90 -14.01 39.19 21.10
C VAL A 90 -12.83 39.47 22.02
N TYR A 91 -11.99 40.40 21.59
CA TYR A 91 -11.08 41.10 22.47
C TYR A 91 -11.76 42.36 22.98
N PHE A 92 -11.60 42.64 24.27
CA PHE A 92 -12.36 43.70 24.92
C PHE A 92 -11.44 44.33 25.96
N ALA A 93 -11.02 45.56 25.73
CA ALA A 93 -10.19 46.22 26.71
C ALA A 93 -10.94 47.37 27.36
N SER A 94 -10.78 47.50 28.67
CA SER A 94 -11.45 48.56 29.40
C SER A 94 -10.42 49.33 30.20
N THR A 95 -10.78 50.55 30.54
CA THR A 95 -9.87 51.51 31.16
C THR A 95 -10.64 52.31 32.21
N GLU A 96 -10.13 53.49 32.59
CA GLU A 96 -10.78 54.34 33.59
C GLU A 96 -10.78 53.69 34.98
N LYS A 97 -9.61 53.73 35.63
CA LYS A 97 -9.40 53.16 36.96
C LYS A 97 -10.61 53.31 37.89
N SER A 98 -11.28 54.45 37.86
CA SER A 98 -12.49 54.64 38.66
C SER A 98 -13.59 53.77 38.07
N ASN A 99 -14.10 52.83 38.88
CA ASN A 99 -15.03 51.80 38.42
C ASN A 99 -16.23 52.40 37.70
N ILE A 100 -16.36 52.07 36.42
CA ILE A 100 -17.55 52.43 35.64
C ILE A 100 -18.09 51.21 34.91
N ILE A 101 -17.23 50.24 34.62
CA ILE A 101 -17.55 49.16 33.70
C ILE A 101 -18.04 47.94 34.49
N ARG A 102 -19.21 47.42 34.12
CA ARG A 102 -19.91 46.42 34.94
C ARG A 102 -20.49 45.33 34.03
N GLY A 103 -19.70 44.31 33.75
CA GLY A 103 -20.22 43.10 33.13
C GLY A 103 -20.73 43.28 31.71
N TRP A 104 -21.23 42.19 31.15
CA TRP A 104 -21.68 42.15 29.77
C TRP A 104 -22.93 41.28 29.67
N ILE A 105 -23.53 41.28 28.48
CA ILE A 105 -24.60 40.34 28.14
C ILE A 105 -24.36 39.86 26.72
N PHE A 106 -24.71 38.62 26.44
CA PHE A 106 -24.50 38.05 25.12
C PHE A 106 -25.78 37.36 24.66
N GLY A 107 -25.88 37.12 23.35
CA GLY A 107 -27.00 36.41 22.79
C GLY A 107 -27.31 36.85 21.38
N THR A 108 -28.36 36.23 20.83
CA THR A 108 -28.78 36.49 19.45
C THR A 108 -29.84 37.58 19.35
N THR A 109 -30.74 37.70 20.33
CA THR A 109 -31.76 38.74 20.29
C THR A 109 -31.88 39.54 21.58
N LEU A 110 -31.28 39.11 22.68
CA LEU A 110 -31.36 39.81 23.96
C LEU A 110 -32.82 39.99 24.39
N ASP A 111 -33.63 38.99 24.09
CA ASP A 111 -35.08 39.16 24.13
C ASP A 111 -35.69 37.98 24.89
N SER A 112 -37.02 37.90 24.84
CA SER A 112 -37.74 36.89 25.58
C SER A 112 -37.73 35.54 24.86
N LYS A 113 -37.70 34.47 25.65
CA LYS A 113 -38.00 33.11 25.23
C LYS A 113 -36.87 32.47 24.44
N THR A 114 -35.68 33.07 24.49
CA THR A 114 -34.47 32.50 23.93
C THR A 114 -33.33 32.73 24.91
N GLN A 115 -32.26 31.96 24.76
CA GLN A 115 -31.17 31.96 25.73
C GLN A 115 -30.27 33.18 25.56
N SER A 116 -29.89 33.75 26.69
CA SER A 116 -29.04 34.93 26.76
C SER A 116 -28.41 34.96 28.14
N LEU A 117 -27.11 35.22 28.20
CA LEU A 117 -26.36 35.09 29.43
C LEU A 117 -25.80 36.43 29.87
N LEU A 118 -25.41 36.51 31.13
CA LEU A 118 -25.10 37.78 31.78
C LEU A 118 -24.04 37.56 32.84
N ILE A 119 -22.92 38.26 32.71
CA ILE A 119 -21.93 38.44 33.77
C ILE A 119 -22.12 39.85 34.30
N VAL A 120 -22.04 40.01 35.61
CA VAL A 120 -22.30 41.31 36.22
C VAL A 120 -21.30 41.54 37.35
N ASN A 121 -21.17 42.79 37.75
CA ASN A 121 -20.53 43.15 39.00
C ASN A 121 -21.49 44.04 39.77
N ASN A 122 -21.25 44.14 41.08
CA ASN A 122 -22.05 44.94 42.00
C ASN A 122 -21.07 45.67 42.91
N ALA A 123 -21.58 46.11 44.06
CA ALA A 123 -20.69 46.41 45.18
C ALA A 123 -19.66 45.29 45.35
N THR A 124 -20.11 44.05 45.48
CA THR A 124 -19.18 42.91 45.60
C THR A 124 -19.56 41.73 44.70
N ASN A 125 -20.84 41.59 44.37
CA ASN A 125 -21.32 40.34 43.80
C ASN A 125 -20.92 40.20 42.33
N VAL A 126 -20.76 38.96 41.91
CA VAL A 126 -20.40 38.60 40.54
C VAL A 126 -21.38 37.53 40.10
N VAL A 127 -22.45 37.95 39.43
CA VAL A 127 -23.56 37.06 39.09
C VAL A 127 -23.44 36.68 37.64
N ILE A 128 -23.45 35.38 37.36
CA ILE A 128 -23.42 34.86 36.00
C ILE A 128 -24.63 33.96 35.81
N LYS A 129 -25.51 34.34 34.89
CA LYS A 129 -26.77 33.64 34.75
C LYS A 129 -27.16 33.56 33.28
N VAL A 130 -27.89 32.51 32.93
CA VAL A 130 -28.27 32.29 31.54
C VAL A 130 -29.77 32.01 31.44
N CYS A 131 -30.55 33.02 31.07
CA CYS A 131 -32.00 32.89 31.10
C CYS A 131 -32.61 33.40 29.79
N GLU A 132 -33.92 33.61 29.83
CA GLU A 132 -34.64 34.30 28.76
C GLU A 132 -35.19 35.61 29.31
N PHE A 133 -34.52 36.71 29.00
CA PHE A 133 -34.84 37.99 29.63
C PHE A 133 -35.76 38.80 28.74
N GLN A 134 -36.04 40.04 29.12
CA GLN A 134 -36.66 40.99 28.20
C GLN A 134 -35.94 42.30 28.43
N PHE A 135 -34.88 42.54 27.66
CA PHE A 135 -33.90 43.57 27.98
C PHE A 135 -34.40 44.94 27.54
N CYS A 136 -33.95 45.97 28.25
CA CYS A 136 -34.46 47.32 28.12
C CYS A 136 -34.13 47.94 26.77
N ASN A 137 -34.60 49.18 26.55
CA ASN A 137 -34.11 49.98 25.43
C ASN A 137 -32.69 50.44 25.69
N ASP A 138 -32.40 50.85 26.93
CA ASP A 138 -31.05 51.26 27.33
C ASP A 138 -30.73 50.54 28.62
N PRO A 139 -30.51 49.22 28.58
CA PRO A 139 -30.29 48.46 29.82
C PRO A 139 -28.94 48.76 30.48
N PHE A 140 -28.90 49.87 31.21
CA PHE A 140 -27.72 50.29 31.96
C PHE A 140 -28.11 50.50 33.42
N LEU A 141 -27.31 49.93 34.32
CA LEU A 141 -27.61 49.96 35.75
C LEU A 141 -27.60 51.37 36.33
N GLY A 142 -26.43 52.00 36.35
CA GLY A 142 -26.28 53.33 36.90
C GLY A 142 -26.18 53.34 38.41
N VAL A 143 -25.65 54.42 38.98
CA VAL A 143 -25.63 54.60 40.41
C VAL A 143 -26.49 55.79 40.77
N MET A 153 -28.90 60.85 45.09
CA MET A 153 -29.83 59.89 44.51
C MET A 153 -29.23 58.49 44.54
N GLU A 154 -28.36 58.21 43.57
CA GLU A 154 -27.49 57.03 43.60
C GLU A 154 -28.22 55.70 43.69
N SER A 155 -29.02 55.35 42.68
CA SER A 155 -29.74 54.07 42.68
C SER A 155 -29.38 53.26 41.44
N GLU A 156 -29.98 52.09 41.24
CA GLU A 156 -29.42 51.18 40.24
C GLU A 156 -30.40 50.20 39.59
N PHE A 157 -29.84 49.29 38.79
CA PHE A 157 -30.57 48.22 38.11
C PHE A 157 -31.66 48.69 37.15
N ARG A 158 -31.27 49.22 36.00
CA ARG A 158 -32.19 49.20 34.87
C ARG A 158 -31.63 48.28 33.80
N VAL A 159 -31.91 46.97 33.91
CA VAL A 159 -31.30 45.98 33.02
C VAL A 159 -32.35 45.15 32.28
N TYR A 160 -33.12 44.36 33.02
CA TYR A 160 -34.04 43.40 32.42
C TYR A 160 -35.32 43.31 33.24
N SER A 161 -36.32 42.66 32.65
CA SER A 161 -37.61 42.49 33.32
C SER A 161 -38.24 41.12 33.09
N SER A 162 -37.46 40.12 32.71
CA SER A 162 -37.96 38.75 32.59
C SER A 162 -36.83 37.80 32.98
N ALA A 163 -37.20 36.67 33.58
CA ALA A 163 -36.21 35.72 34.04
C ALA A 163 -36.64 34.28 33.79
N ASN A 164 -37.71 34.10 33.02
CA ASN A 164 -38.30 32.79 32.78
C ASN A 164 -37.33 31.86 32.07
N ASN A 165 -37.39 30.58 32.45
CA ASN A 165 -36.62 29.51 31.82
C ASN A 165 -35.12 29.79 31.86
N CYS A 166 -34.61 29.86 33.08
CA CYS A 166 -33.18 29.99 33.27
C CYS A 166 -32.56 28.60 33.39
N THR A 167 -31.65 28.27 32.47
CA THR A 167 -31.05 26.95 32.39
C THR A 167 -29.59 26.97 32.85
N PHE A 168 -29.23 27.95 33.67
CA PHE A 168 -27.92 27.99 34.33
C PHE A 168 -27.95 29.05 35.43
N GLU A 169 -27.17 28.85 36.48
CA GLU A 169 -27.10 29.82 37.56
C GLU A 169 -25.68 29.88 38.09
N TYR A 170 -25.36 31.00 38.74
CA TYR A 170 -24.14 31.16 39.52
C TYR A 170 -24.20 32.49 40.27
N VAL A 171 -23.63 32.55 41.47
CA VAL A 171 -23.50 33.78 42.22
C VAL A 171 -22.17 33.73 42.95
N SER A 172 -21.50 34.88 43.01
CA SER A 172 -20.30 35.07 43.83
C SER A 172 -19.15 34.19 43.35
N LYS A 187 -5.03 55.45 35.32
CA LYS A 187 -6.05 54.48 34.94
C LYS A 187 -5.59 53.05 35.22
N ASN A 188 -6.50 52.09 35.03
CA ASN A 188 -6.19 50.68 35.22
C ASN A 188 -6.84 49.89 34.09
N LEU A 189 -6.00 49.18 33.34
CA LEU A 189 -6.40 48.49 32.11
C LEU A 189 -6.82 47.07 32.43
N ARG A 190 -7.94 46.63 31.85
CA ARG A 190 -8.47 45.29 32.06
C ARG A 190 -8.82 44.70 30.70
N GLU A 191 -8.02 43.73 30.26
CA GLU A 191 -8.22 43.07 28.98
C GLU A 191 -9.02 41.79 29.17
N PHE A 192 -9.77 41.43 28.15
CA PHE A 192 -10.58 40.23 28.19
C PHE A 192 -10.67 39.64 26.80
N VAL A 193 -10.54 38.31 26.72
CA VAL A 193 -10.85 37.57 25.51
C VAL A 193 -12.02 36.68 25.87
N PHE A 194 -13.10 36.78 25.11
CA PHE A 194 -14.24 35.90 25.25
C PHE A 194 -14.36 35.07 23.99
N LYS A 195 -14.44 33.74 24.13
CA LYS A 195 -14.66 32.93 22.95
C LYS A 195 -15.65 31.82 23.24
N ASN A 196 -16.60 31.65 22.33
CA ASN A 196 -17.66 30.66 22.44
C ASN A 196 -17.48 29.63 21.34
N ILE A 197 -16.64 28.63 21.60
CA ILE A 197 -16.48 27.48 20.72
C ILE A 197 -16.59 26.24 21.58
N ASP A 198 -16.47 25.07 20.94
CA ASP A 198 -16.44 23.75 21.56
C ASP A 198 -17.40 23.57 22.73
N GLY A 199 -18.65 24.01 22.56
CA GLY A 199 -19.64 23.83 23.61
C GLY A 199 -19.28 24.44 24.94
N TYR A 200 -18.56 25.55 24.94
CA TYR A 200 -18.20 26.26 26.16
C TYR A 200 -18.35 27.76 25.93
N PHE A 201 -17.94 28.51 26.95
CA PHE A 201 -17.74 29.95 26.83
C PHE A 201 -16.52 30.26 27.69
N LYS A 202 -15.38 30.46 27.04
CA LYS A 202 -14.11 30.59 27.74
C LYS A 202 -13.75 32.06 27.88
N ILE A 203 -13.14 32.39 29.02
CA ILE A 203 -12.85 33.78 29.36
C ILE A 203 -11.42 33.88 29.84
N TYR A 204 -10.59 34.56 29.07
CA TYR A 204 -9.23 34.88 29.48
C TYR A 204 -9.20 36.35 29.83
N SER A 205 -8.32 36.74 30.75
CA SER A 205 -8.30 38.15 31.14
C SER A 205 -6.96 38.49 31.74
N LYS A 206 -6.73 39.78 31.92
CA LYS A 206 -5.53 40.28 32.59
C LYS A 206 -5.71 41.75 32.94
N HIS A 207 -5.44 42.10 34.19
CA HIS A 207 -5.70 43.45 34.71
C HIS A 207 -4.36 44.08 35.04
N THR A 208 -3.74 44.70 34.05
CA THR A 208 -2.48 45.36 34.28
C THR A 208 -2.70 46.78 34.81
N PRO A 209 -1.70 47.34 35.49
CA PRO A 209 -1.77 48.77 35.83
C PRO A 209 -1.28 49.62 34.67
N ILE A 210 -1.77 50.86 34.57
CA ILE A 210 -1.28 51.80 33.57
C ILE A 210 -1.19 53.19 34.21
N ASN A 211 -0.53 54.09 33.50
CA ASN A 211 -0.44 55.50 33.88
C ASN A 211 -0.69 56.37 32.65
N LEU A 212 -1.58 55.92 31.78
CA LEU A 212 -1.90 56.62 30.54
C LEU A 212 -3.08 57.55 30.74
N VAL A 213 -3.36 58.34 29.69
CA VAL A 213 -4.33 59.42 29.79
C VAL A 213 -5.66 58.98 29.20
N ARG A 214 -5.69 58.77 27.88
CA ARG A 214 -6.90 58.28 27.21
C ARG A 214 -6.51 57.31 26.09
N ASP A 215 -5.39 56.62 26.26
CA ASP A 215 -4.74 55.91 25.17
C ASP A 215 -4.71 54.41 25.42
N LEU A 216 -4.80 53.63 24.34
CA LEU A 216 -4.57 52.19 24.40
C LEU A 216 -3.08 51.95 24.48
N PRO A 217 -2.56 51.44 25.61
CA PRO A 217 -1.10 51.30 25.77
C PRO A 217 -0.50 50.42 24.69
N GLN A 218 0.83 50.45 24.64
CA GLN A 218 1.58 49.78 23.59
C GLN A 218 2.66 48.93 24.26
N GLY A 219 2.43 47.62 24.31
CA GLY A 219 3.36 46.71 24.91
C GLY A 219 2.87 45.30 24.75
N PHE A 220 3.57 44.37 25.40
CA PHE A 220 3.19 42.97 25.32
C PHE A 220 2.62 42.47 26.64
N SER A 221 1.60 41.63 26.54
CA SER A 221 0.91 41.03 27.67
C SER A 221 0.19 39.77 27.21
N ALA A 222 0.19 38.74 28.04
CA ALA A 222 -0.50 37.50 27.72
C ALA A 222 -1.60 37.27 28.74
N LEU A 223 -2.71 36.67 28.27
CA LEU A 223 -3.95 36.63 29.03
C LEU A 223 -4.23 35.20 29.49
N GLU A 224 -4.18 35.00 30.76
CA GLU A 224 -4.34 33.66 31.32
C GLU A 224 -5.81 33.35 31.55
N PRO A 225 -6.27 32.15 31.21
CA PRO A 225 -7.69 31.86 31.31
C PRO A 225 -8.17 31.97 32.76
N LEU A 226 -9.32 32.62 32.93
CA LEU A 226 -9.88 32.74 34.27
C LEU A 226 -10.89 31.64 34.53
N VAL A 227 -11.93 31.56 33.70
CA VAL A 227 -12.95 30.54 33.85
C VAL A 227 -13.35 30.02 32.48
N ASP A 228 -14.05 28.89 32.50
CA ASP A 228 -14.73 28.36 31.34
C ASP A 228 -16.11 27.93 31.79
N LEU A 229 -17.14 28.41 31.10
CA LEU A 229 -18.49 28.08 31.46
C LEU A 229 -19.03 27.00 30.51
N PRO A 230 -19.53 25.90 31.04
CA PRO A 230 -19.91 24.77 30.18
C PRO A 230 -21.27 24.92 29.51
N ILE A 231 -21.51 26.04 28.83
CA ILE A 231 -22.88 26.39 28.47
C ILE A 231 -23.41 25.58 27.29
N GLY A 232 -22.96 25.89 26.09
CA GLY A 232 -23.64 25.44 24.90
C GLY A 232 -24.73 26.45 24.59
N ILE A 233 -24.54 27.35 23.62
CA ILE A 233 -25.43 28.51 23.49
C ILE A 233 -25.57 28.93 22.03
N ASN A 234 -26.30 30.03 21.81
CA ASN A 234 -26.38 30.71 20.52
C ASN A 234 -26.06 32.19 20.66
N ILE A 235 -24.79 32.58 20.53
CA ILE A 235 -24.40 33.99 20.61
C ILE A 235 -24.06 34.49 19.21
N THR A 236 -24.79 35.53 18.78
CA THR A 236 -24.41 36.26 17.57
C THR A 236 -24.39 37.76 17.81
N ARG A 237 -24.40 38.21 19.06
CA ARG A 237 -24.42 39.62 19.42
C ARG A 237 -24.07 39.73 20.89
N PHE A 238 -23.72 40.95 21.31
CA PHE A 238 -23.46 41.20 22.72
C PHE A 238 -23.60 42.69 23.01
N GLN A 239 -23.75 42.99 24.30
CA GLN A 239 -23.81 44.36 24.78
C GLN A 239 -22.98 44.50 26.04
N THR A 240 -22.56 45.73 26.28
CA THR A 240 -21.92 46.14 27.53
C THR A 240 -22.96 46.70 28.49
N LEU A 241 -22.64 46.67 29.78
CA LEU A 241 -23.50 47.26 30.80
C LEU A 241 -22.65 48.19 31.64
N LEU A 242 -22.99 49.48 31.62
CA LEU A 242 -22.25 50.51 32.35
C LEU A 242 -23.06 50.98 33.54
N ALA A 243 -22.44 51.84 34.34
CA ALA A 243 -23.10 52.48 35.48
C ALA A 243 -23.02 53.98 35.27
N LEU A 244 -24.05 54.54 34.63
CA LEU A 244 -24.09 55.95 34.29
C LEU A 244 -25.03 56.65 35.27
N HIS A 245 -24.52 57.71 35.92
CA HIS A 245 -25.18 58.36 37.04
C HIS A 245 -26.67 58.63 36.80
N ARG A 246 -27.51 58.28 37.79
CA ARG A 246 -28.90 58.69 37.80
C ARG A 246 -29.17 59.81 38.79
N SER A 247 -28.19 60.64 39.09
CA SER A 247 -28.34 61.75 40.01
C SER A 247 -29.34 62.78 39.48
N ALA A 264 -13.53 54.55 28.73
CA ALA A 264 -13.73 54.06 27.37
C ALA A 264 -13.41 52.58 27.26
N TYR A 265 -13.95 51.93 26.22
CA TYR A 265 -13.70 50.52 26.02
C TYR A 265 -13.56 50.20 24.54
N TYR A 266 -12.59 49.35 24.24
CA TYR A 266 -12.18 49.04 22.87
C TYR A 266 -12.59 47.62 22.54
N VAL A 267 -13.12 47.42 21.35
CA VAL A 267 -13.56 46.11 20.89
C VAL A 267 -12.73 45.70 19.69
N GLY A 268 -12.39 44.41 19.63
CA GLY A 268 -11.67 43.86 18.51
C GLY A 268 -12.15 42.45 18.25
N TYR A 269 -11.94 41.99 17.01
CA TYR A 269 -12.45 40.70 16.61
C TYR A 269 -11.28 39.76 16.34
N LEU A 270 -11.54 38.46 16.40
CA LEU A 270 -10.53 37.44 16.22
C LEU A 270 -10.72 36.72 14.90
N GLN A 271 -9.61 36.27 14.33
CA GLN A 271 -9.59 35.41 13.16
C GLN A 271 -8.62 34.29 13.44
N PRO A 272 -8.69 33.20 12.68
CA PRO A 272 -7.69 32.13 12.82
C PRO A 272 -6.34 32.59 12.27
N ARG A 273 -5.30 32.47 13.09
CA ARG A 273 -3.97 32.91 12.70
C ARG A 273 -2.97 31.83 13.12
N THR A 274 -1.69 32.08 12.83
CA THR A 274 -0.61 31.24 13.28
C THR A 274 0.42 32.12 13.96
N PHE A 275 0.72 31.84 15.22
CA PHE A 275 1.64 32.65 15.98
C PHE A 275 2.83 31.83 16.43
N LEU A 276 3.88 32.54 16.81
CA LEU A 276 5.13 31.96 17.30
C LEU A 276 5.43 32.57 18.66
N LEU A 277 5.09 31.83 19.72
CA LEU A 277 5.26 32.32 21.07
C LEU A 277 6.67 32.08 21.57
N LYS A 278 7.26 33.12 22.16
CA LYS A 278 8.61 33.08 22.72
C LYS A 278 8.53 32.92 24.23
N TYR A 279 8.28 31.68 24.66
CA TYR A 279 8.25 31.37 26.08
C TYR A 279 9.57 31.72 26.75
N ASN A 280 9.53 31.85 28.07
CA ASN A 280 10.70 32.22 28.84
C ASN A 280 10.86 31.22 29.98
N GLU A 281 11.97 31.33 30.70
CA GLU A 281 12.33 30.28 31.65
C GLU A 281 11.56 30.41 32.96
N ASN A 282 10.26 30.64 32.87
CA ASN A 282 9.36 30.51 34.01
C ASN A 282 8.06 29.92 33.49
N GLY A 283 8.04 29.64 32.18
CA GLY A 283 6.81 29.23 31.53
C GLY A 283 5.88 30.37 31.19
N THR A 284 6.40 31.55 30.90
CA THR A 284 5.59 32.73 30.63
C THR A 284 5.90 33.30 29.25
N ILE A 285 4.85 33.66 28.52
CA ILE A 285 4.95 34.21 27.18
C ILE A 285 5.40 35.67 27.24
N THR A 286 6.49 36.00 26.57
CA THR A 286 7.01 37.35 26.66
C THR A 286 7.11 38.03 25.30
N ASP A 287 6.98 37.26 24.23
CA ASP A 287 6.95 37.84 22.89
C ASP A 287 6.24 36.88 21.94
N ALA A 288 5.84 37.43 20.79
CA ALA A 288 5.14 36.63 19.81
C ALA A 288 5.34 37.25 18.44
N VAL A 289 5.22 36.41 17.41
CA VAL A 289 5.30 36.84 16.03
C VAL A 289 4.00 36.47 15.33
N ASP A 290 3.39 37.45 14.69
CA ASP A 290 2.20 37.22 13.88
C ASP A 290 2.66 37.11 12.44
N CYS A 291 3.11 35.93 12.04
CA CYS A 291 3.38 35.71 10.64
C CYS A 291 2.07 35.61 9.89
N ALA A 292 2.08 36.00 8.62
CA ALA A 292 0.94 36.45 7.83
C ALA A 292 0.65 37.93 8.06
N LEU A 293 1.56 38.64 8.74
CA LEU A 293 1.52 40.09 8.78
C LEU A 293 2.31 40.70 7.61
N ASP A 294 3.58 40.36 7.49
CA ASP A 294 4.44 40.90 6.46
C ASP A 294 5.47 39.83 6.11
N PRO A 295 6.26 40.03 5.04
CA PRO A 295 7.19 38.96 4.63
C PRO A 295 8.26 38.61 5.66
N LEU A 296 8.75 39.59 6.41
CA LEU A 296 9.75 39.30 7.43
C LEU A 296 9.19 38.37 8.50
N SER A 297 7.90 38.53 8.82
CA SER A 297 7.28 37.65 9.79
C SER A 297 7.17 36.22 9.26
N GLU A 298 6.90 36.08 7.97
CA GLU A 298 6.89 34.75 7.37
C GLU A 298 8.27 34.11 7.46
N THR A 299 9.31 34.91 7.21
CA THR A 299 10.67 34.39 7.39
C THR A 299 10.87 33.89 8.80
N LYS A 300 10.47 34.69 9.79
CA LYS A 300 10.67 34.30 11.18
C LYS A 300 9.89 33.05 11.52
N CYS A 301 8.71 32.87 10.91
CA CYS A 301 7.95 31.65 11.13
C CYS A 301 8.63 30.43 10.52
N THR A 302 9.08 30.54 9.27
CA THR A 302 9.60 29.35 8.59
C THR A 302 11.01 29.02 9.08
N LEU A 303 11.70 30.00 9.65
CA LEU A 303 13.03 29.76 10.21
C LEU A 303 12.99 29.40 11.69
N LYS A 304 11.84 29.56 12.33
CA LYS A 304 11.65 29.31 13.76
C LYS A 304 12.70 30.06 14.58
N SER A 305 12.68 31.38 14.44
CA SER A 305 13.64 32.22 15.15
C SER A 305 13.27 33.69 15.01
N PHE A 306 13.55 34.45 16.06
CA PHE A 306 13.26 35.87 16.10
C PHE A 306 14.36 36.68 15.45
N THR A 307 15.51 36.09 15.23
CA THR A 307 16.62 36.68 14.48
C THR A 307 16.77 35.95 13.17
N VAL A 308 17.03 36.70 12.10
CA VAL A 308 17.41 36.11 10.83
C VAL A 308 18.66 36.81 10.34
N GLU A 309 19.48 36.06 9.61
CA GLU A 309 20.73 36.55 9.05
C GLU A 309 20.54 36.82 7.58
N LYS A 310 21.45 37.63 7.01
CA LYS A 310 21.28 38.04 5.64
C LYS A 310 21.30 36.84 4.71
N GLY A 311 20.52 36.92 3.64
CA GLY A 311 20.40 35.81 2.73
C GLY A 311 19.12 35.93 1.94
N ILE A 312 18.81 34.86 1.22
CA ILE A 312 17.56 34.74 0.49
C ILE A 312 16.91 33.46 0.96
N TYR A 313 15.62 33.51 1.26
CA TYR A 313 14.94 32.42 1.94
C TYR A 313 13.63 32.10 1.25
N GLN A 314 13.45 30.86 0.84
CA GLN A 314 12.17 30.40 0.31
C GLN A 314 11.18 30.27 1.47
N THR A 315 10.08 30.99 1.37
CA THR A 315 9.15 31.04 2.48
C THR A 315 7.80 30.42 2.17
N SER A 316 7.30 30.58 0.96
CA SER A 316 6.01 30.03 0.61
C SER A 316 5.94 29.82 -0.90
N ASN A 317 4.84 29.26 -1.34
CA ASN A 317 4.54 29.17 -2.76
C ASN A 317 3.45 30.16 -3.09
N PHE A 318 3.16 30.26 -4.38
CA PHE A 318 2.18 31.19 -4.88
C PHE A 318 1.56 30.58 -6.12
N ARG A 319 0.28 30.86 -6.31
CA ARG A 319 -0.40 30.35 -7.48
C ARG A 319 -1.66 31.16 -7.74
N VAL A 320 -2.01 31.29 -9.02
CA VAL A 320 -3.22 32.00 -9.41
C VAL A 320 -4.41 31.06 -9.30
N GLN A 321 -5.54 31.59 -8.84
CA GLN A 321 -6.77 30.87 -8.58
C GLN A 321 -7.74 31.00 -9.76
N PRO A 322 -8.52 29.95 -10.01
CA PRO A 322 -9.47 30.01 -11.14
C PRO A 322 -10.55 31.06 -10.90
N THR A 323 -10.75 31.91 -11.90
CA THR A 323 -11.73 32.97 -11.79
C THR A 323 -13.15 32.42 -11.75
N GLU A 324 -13.48 31.51 -12.66
CA GLU A 324 -14.83 31.00 -12.79
C GLU A 324 -14.78 29.56 -13.26
N SER A 325 -15.91 29.06 -13.75
CA SER A 325 -16.02 27.71 -14.28
C SER A 325 -16.77 27.78 -15.61
N ILE A 326 -16.40 26.93 -16.55
CA ILE A 326 -17.09 26.85 -17.83
C ILE A 326 -17.36 25.38 -18.15
N VAL A 327 -18.34 25.17 -19.02
CA VAL A 327 -18.76 23.83 -19.42
C VAL A 327 -19.06 23.87 -20.91
N ARG A 328 -18.59 22.86 -21.64
CA ARG A 328 -18.90 22.76 -23.05
C ARG A 328 -19.45 21.37 -23.34
N PHE A 329 -20.31 21.30 -24.33
CA PHE A 329 -21.04 20.08 -24.65
C PHE A 329 -21.58 20.23 -26.07
N PRO A 330 -21.94 19.10 -26.68
CA PRO A 330 -22.47 19.10 -28.05
C PRO A 330 -23.88 19.68 -28.11
N ASN A 331 -24.22 20.33 -29.22
CA ASN A 331 -25.54 20.92 -29.39
C ASN A 331 -26.66 19.89 -29.23
N ILE A 332 -27.83 20.36 -28.81
CA ILE A 332 -28.97 19.48 -28.62
C ILE A 332 -29.56 19.04 -29.96
N THR A 333 -30.43 18.03 -29.91
CA THR A 333 -31.06 17.50 -31.12
C THR A 333 -32.09 16.44 -30.79
N ASN A 334 -31.61 15.30 -30.28
CA ASN A 334 -32.50 14.19 -29.91
C ASN A 334 -33.13 14.40 -28.55
N LEU A 335 -34.19 15.21 -28.49
CA LEU A 335 -34.88 15.48 -27.24
C LEU A 335 -36.18 14.68 -27.15
N CYS A 336 -36.34 13.70 -28.03
CA CYS A 336 -37.26 12.58 -27.86
C CYS A 336 -38.73 12.96 -27.69
N PRO A 337 -39.42 13.30 -28.77
CA PRO A 337 -40.82 13.76 -28.65
C PRO A 337 -41.72 12.88 -27.81
N PHE A 338 -42.21 13.45 -26.71
CA PHE A 338 -43.29 12.89 -25.94
C PHE A 338 -44.63 13.50 -26.27
N GLY A 339 -44.67 14.44 -27.21
CA GLY A 339 -45.87 14.98 -27.77
C GLY A 339 -46.52 14.12 -28.83
N GLU A 340 -46.25 12.82 -28.82
CA GLU A 340 -47.02 11.86 -29.60
C GLU A 340 -47.78 10.89 -28.72
N VAL A 341 -47.19 10.47 -27.60
CA VAL A 341 -47.88 9.57 -26.68
C VAL A 341 -48.72 10.36 -25.69
N PHE A 342 -48.22 11.54 -25.29
CA PHE A 342 -48.99 12.41 -24.42
C PHE A 342 -49.83 13.42 -25.20
N ASN A 343 -49.83 13.33 -26.53
CA ASN A 343 -50.58 14.25 -27.37
C ASN A 343 -51.26 13.53 -28.53
N ALA A 344 -51.84 12.35 -28.28
CA ALA A 344 -52.49 11.60 -29.34
C ALA A 344 -53.95 12.04 -29.49
N THR A 345 -54.47 11.88 -30.70
CA THR A 345 -55.86 12.20 -30.96
C THR A 345 -56.81 11.08 -30.55
N ARG A 346 -56.33 9.83 -30.52
CA ARG A 346 -57.15 8.69 -30.15
C ARG A 346 -56.29 7.72 -29.37
N PHE A 347 -56.65 7.48 -28.12
CA PHE A 347 -55.91 6.56 -27.26
C PHE A 347 -56.20 5.11 -27.63
N ALA A 348 -55.79 4.19 -26.77
CA ALA A 348 -56.00 2.77 -27.00
C ALA A 348 -56.86 2.15 -25.89
N SER A 349 -57.60 1.10 -26.25
CA SER A 349 -58.46 0.42 -25.28
C SER A 349 -57.69 0.03 -24.03
N VAL A 350 -58.40 -0.49 -23.04
CA VAL A 350 -57.79 -0.90 -21.78
C VAL A 350 -57.41 -2.38 -21.82
N TYR A 351 -58.10 -3.14 -22.66
CA TYR A 351 -57.83 -4.57 -22.80
C TYR A 351 -56.80 -4.88 -23.86
N ALA A 352 -56.52 -3.95 -24.76
CA ALA A 352 -55.39 -4.06 -25.66
C ALA A 352 -54.63 -2.74 -25.59
N TRP A 353 -53.83 -2.57 -24.56
CA TRP A 353 -53.13 -1.33 -24.35
C TRP A 353 -52.07 -1.17 -25.42
N ASN A 354 -51.54 0.03 -25.56
CA ASN A 354 -50.49 0.11 -26.54
C ASN A 354 -49.15 -0.14 -25.88
N ARG A 355 -48.08 -0.12 -26.66
CA ARG A 355 -46.76 -0.33 -26.09
C ARG A 355 -45.73 0.32 -27.00
N LYS A 356 -45.28 1.51 -26.62
CA LYS A 356 -44.26 2.23 -27.38
C LYS A 356 -42.94 2.01 -26.66
N ARG A 357 -41.88 1.71 -27.41
CA ARG A 357 -40.59 1.46 -26.79
C ARG A 357 -39.70 2.66 -27.05
N ILE A 358 -39.80 3.66 -26.19
CA ILE A 358 -38.88 4.79 -26.28
C ILE A 358 -37.46 4.26 -26.22
N SER A 359 -36.56 4.91 -26.94
CA SER A 359 -35.21 4.40 -27.11
C SER A 359 -34.23 5.57 -27.00
N ASN A 360 -33.00 5.34 -27.44
CA ASN A 360 -31.91 6.32 -27.32
C ASN A 360 -32.35 7.72 -27.74
N CYS A 361 -32.28 8.65 -26.80
CA CYS A 361 -32.88 9.97 -26.94
C CYS A 361 -32.40 10.81 -25.76
N VAL A 362 -32.96 12.01 -25.66
CA VAL A 362 -32.72 12.93 -24.55
C VAL A 362 -34.09 13.13 -23.93
N ALA A 363 -34.35 12.47 -22.80
CA ALA A 363 -35.65 12.54 -22.15
C ALA A 363 -35.64 13.61 -21.06
N ASP A 364 -36.65 14.45 -21.07
CA ASP A 364 -36.77 15.56 -20.12
C ASP A 364 -38.05 15.37 -19.31
N TYR A 365 -37.95 14.59 -18.25
CA TYR A 365 -39.12 14.35 -17.42
C TYR A 365 -39.54 15.57 -16.62
N SER A 366 -38.84 16.69 -16.76
CA SER A 366 -39.28 17.89 -16.05
C SER A 366 -40.50 18.51 -16.71
N VAL A 367 -40.52 18.58 -18.04
CA VAL A 367 -41.68 19.09 -18.74
C VAL A 367 -42.91 18.27 -18.40
N LEU A 368 -42.71 17.00 -18.09
CA LEU A 368 -43.81 16.20 -17.58
C LEU A 368 -44.12 16.58 -16.15
N TYR A 369 -43.13 16.51 -15.27
CA TYR A 369 -43.37 16.58 -13.85
C TYR A 369 -44.03 17.88 -13.43
N ASN A 370 -43.70 18.99 -14.10
CA ASN A 370 -44.21 20.27 -13.66
C ASN A 370 -45.36 20.78 -14.51
N SER A 371 -45.92 19.93 -15.39
CA SER A 371 -46.92 20.45 -16.32
C SER A 371 -48.23 20.75 -15.64
N ALA A 372 -48.45 20.27 -14.43
CA ALA A 372 -49.61 20.62 -13.61
C ALA A 372 -50.92 20.27 -14.28
N SER A 373 -50.88 19.67 -15.46
CA SER A 373 -52.08 19.23 -16.13
C SER A 373 -52.45 17.80 -15.79
N PHE A 374 -51.58 17.10 -15.06
CA PHE A 374 -51.78 15.71 -14.72
C PHE A 374 -52.47 15.61 -13.39
N SER A 375 -53.52 14.83 -13.32
CA SER A 375 -54.20 14.62 -12.07
C SER A 375 -53.51 13.59 -11.19
N THR A 376 -52.66 12.75 -11.75
CA THR A 376 -51.97 11.75 -10.94
C THR A 376 -50.59 11.55 -11.52
N PHE A 377 -49.56 11.72 -10.70
CA PHE A 377 -48.19 11.48 -11.14
C PHE A 377 -47.46 10.78 -10.01
N LYS A 378 -47.49 9.46 -9.98
CA LYS A 378 -46.83 8.71 -8.92
C LYS A 378 -45.60 8.05 -9.48
N CYS A 379 -44.50 8.11 -8.74
CA CYS A 379 -43.29 7.41 -9.14
C CYS A 379 -42.93 6.40 -8.06
N TYR A 380 -42.55 5.20 -8.46
CA TYR A 380 -42.39 4.12 -7.51
C TYR A 380 -40.95 3.69 -7.31
N GLY A 381 -40.26 3.28 -8.35
CA GLY A 381 -38.90 2.88 -8.16
C GLY A 381 -38.04 4.05 -7.76
N VAL A 382 -38.43 5.25 -8.17
CA VAL A 382 -37.56 6.42 -8.11
C VAL A 382 -38.39 7.68 -8.03
N SER A 383 -38.11 8.52 -7.03
CA SER A 383 -38.83 9.76 -6.86
C SER A 383 -38.67 10.65 -8.09
N PRO A 384 -39.65 11.52 -8.38
CA PRO A 384 -39.71 12.15 -9.71
C PRO A 384 -38.58 13.12 -10.01
N THR A 385 -38.11 13.89 -9.04
CA THR A 385 -37.17 14.95 -9.36
C THR A 385 -35.81 14.43 -9.81
N LYS A 386 -35.48 13.18 -9.47
CA LYS A 386 -34.20 12.59 -9.83
C LYS A 386 -34.25 11.82 -11.13
N LEU A 387 -35.30 12.01 -11.94
CA LEU A 387 -35.36 11.31 -13.21
C LEU A 387 -34.45 11.96 -14.24
N ASN A 388 -34.36 13.28 -14.22
CA ASN A 388 -33.51 14.01 -15.15
C ASN A 388 -32.05 14.00 -14.73
N ASP A 389 -31.63 12.92 -14.08
CA ASP A 389 -30.25 12.79 -13.63
C ASP A 389 -29.81 11.33 -13.63
N LEU A 390 -30.59 10.48 -14.27
CA LEU A 390 -30.28 9.06 -14.36
C LEU A 390 -30.37 8.55 -15.79
N CYS A 391 -29.77 7.38 -16.04
CA CYS A 391 -29.78 6.80 -17.37
C CYS A 391 -30.10 5.30 -17.31
N PHE A 392 -30.94 4.84 -18.24
CA PHE A 392 -31.33 3.45 -18.29
C PHE A 392 -31.04 2.85 -19.67
N THR A 393 -31.58 1.66 -19.92
CA THR A 393 -31.39 0.98 -21.20
C THR A 393 -32.58 1.17 -22.11
N ASN A 394 -33.79 1.05 -21.55
CA ASN A 394 -35.01 1.21 -22.32
C ASN A 394 -36.07 1.84 -21.44
N VAL A 395 -36.93 2.64 -22.05
CA VAL A 395 -38.13 3.13 -21.41
C VAL A 395 -39.28 2.62 -22.24
N TYR A 396 -40.25 2.04 -21.60
CA TYR A 396 -41.45 1.66 -22.31
C TYR A 396 -42.56 2.58 -21.88
N ALA A 397 -43.49 2.87 -22.78
CA ALA A 397 -44.64 3.69 -22.44
C ALA A 397 -45.89 2.95 -22.86
N ASP A 398 -46.76 2.64 -21.91
CA ASP A 398 -48.02 1.99 -22.21
C ASP A 398 -49.15 2.99 -22.07
N SER A 399 -50.16 2.88 -22.94
CA SER A 399 -51.21 3.88 -23.01
C SER A 399 -52.56 3.22 -23.05
N PHE A 400 -53.52 3.77 -22.32
CA PHE A 400 -54.89 3.29 -22.42
C PHE A 400 -55.85 4.26 -21.75
N VAL A 401 -57.12 3.87 -21.66
CA VAL A 401 -58.20 4.70 -21.16
C VAL A 401 -59.06 3.89 -20.21
N ILE A 402 -59.32 4.40 -19.02
CA ILE A 402 -60.12 3.70 -18.03
C ILE A 402 -61.12 4.66 -17.41
N ARG A 403 -61.86 4.16 -16.43
CA ARG A 403 -62.76 5.00 -15.67
C ARG A 403 -61.97 5.93 -14.77
N GLY A 404 -62.68 6.79 -14.06
CA GLY A 404 -61.99 7.71 -13.18
C GLY A 404 -61.54 7.06 -11.90
N ASP A 405 -62.31 6.15 -11.36
CA ASP A 405 -61.97 5.58 -10.07
C ASP A 405 -61.29 4.24 -10.19
N GLU A 406 -60.85 3.85 -11.37
CA GLU A 406 -59.99 2.70 -11.52
C GLU A 406 -58.54 3.08 -11.71
N VAL A 407 -58.19 4.33 -11.46
CA VAL A 407 -56.79 4.69 -11.55
C VAL A 407 -56.03 4.21 -10.33
N ARG A 408 -56.73 3.73 -9.31
CA ARG A 408 -56.03 3.23 -8.15
C ARG A 408 -55.69 1.77 -8.27
N GLN A 409 -56.06 1.11 -9.35
CA GLN A 409 -55.61 -0.25 -9.59
C GLN A 409 -54.39 -0.31 -10.48
N ILE A 410 -53.93 0.83 -11.00
CA ILE A 410 -52.69 0.87 -11.77
C ILE A 410 -51.59 1.20 -10.76
N ALA A 411 -51.11 0.19 -10.09
CA ALA A 411 -50.13 0.32 -9.04
C ALA A 411 -49.64 -1.07 -8.70
N PRO A 412 -48.43 -1.23 -8.16
CA PRO A 412 -47.94 -2.58 -7.88
C PRO A 412 -48.70 -3.20 -6.71
N GLY A 413 -49.20 -4.40 -6.91
CA GLY A 413 -49.94 -5.07 -5.87
C GLY A 413 -51.34 -4.57 -5.63
N GLN A 414 -52.23 -4.68 -6.62
CA GLN A 414 -53.64 -4.37 -6.47
C GLN A 414 -54.47 -5.49 -7.04
N THR A 415 -55.78 -5.40 -6.84
CA THR A 415 -56.73 -6.35 -7.39
C THR A 415 -57.95 -5.61 -7.87
N GLY A 416 -58.75 -6.28 -8.68
CA GLY A 416 -59.88 -5.66 -9.36
C GLY A 416 -59.89 -6.03 -10.82
N LYS A 417 -61.04 -5.76 -11.45
CA LYS A 417 -61.26 -6.22 -12.80
C LYS A 417 -60.21 -5.69 -13.76
N ILE A 418 -59.60 -4.55 -13.45
CA ILE A 418 -58.60 -4.00 -14.33
C ILE A 418 -57.26 -4.66 -14.09
N ALA A 419 -56.80 -4.68 -12.85
CA ALA A 419 -55.49 -5.22 -12.57
C ALA A 419 -55.47 -6.73 -12.62
N ASP A 420 -56.62 -7.36 -12.43
CA ASP A 420 -56.64 -8.82 -12.50
C ASP A 420 -56.43 -9.29 -13.93
N TYR A 421 -57.35 -8.99 -14.82
CA TYR A 421 -57.16 -9.30 -16.21
C TYR A 421 -57.54 -8.13 -17.10
N ASN A 422 -56.74 -7.07 -17.08
CA ASN A 422 -56.61 -6.20 -18.23
C ASN A 422 -55.16 -5.74 -18.38
N TYR A 423 -54.55 -5.37 -17.27
CA TYR A 423 -53.22 -4.79 -17.27
C TYR A 423 -52.61 -4.93 -15.88
N LYS A 424 -51.60 -5.78 -15.75
CA LYS A 424 -51.00 -6.07 -14.46
C LYS A 424 -49.58 -5.57 -14.43
N LEU A 425 -49.23 -4.85 -13.37
CA LEU A 425 -47.95 -4.24 -13.04
C LEU A 425 -47.15 -5.13 -12.11
N PRO A 426 -45.88 -5.43 -12.38
CA PRO A 426 -45.15 -6.35 -11.53
C PRO A 426 -45.01 -5.78 -10.13
N ASP A 427 -44.54 -6.62 -9.22
CA ASP A 427 -44.53 -6.23 -7.82
C ASP A 427 -43.30 -5.45 -7.42
N ASP A 428 -42.30 -5.35 -8.29
CA ASP A 428 -41.14 -4.50 -8.07
C ASP A 428 -41.03 -3.45 -9.17
N PHE A 429 -42.14 -2.81 -9.49
CA PHE A 429 -42.19 -1.83 -10.56
C PHE A 429 -41.12 -0.78 -10.34
N THR A 430 -40.71 -0.13 -11.42
CA THR A 430 -39.68 0.88 -11.34
C THR A 430 -40.09 2.24 -11.88
N GLY A 431 -41.04 2.32 -12.77
CA GLY A 431 -41.31 3.55 -13.49
C GLY A 431 -42.19 4.51 -12.75
N CYS A 432 -43.02 5.21 -13.52
CA CYS A 432 -44.00 6.13 -12.97
C CYS A 432 -45.31 6.00 -13.72
N VAL A 433 -46.39 6.39 -13.07
CA VAL A 433 -47.74 6.27 -13.58
C VAL A 433 -48.32 7.67 -13.66
N ILE A 434 -48.83 8.05 -14.82
CA ILE A 434 -49.36 9.38 -15.05
C ILE A 434 -50.78 9.26 -15.57
N ALA A 435 -51.66 10.14 -15.12
CA ALA A 435 -53.05 10.02 -15.49
C ALA A 435 -53.73 11.37 -15.46
N TRP A 436 -54.59 11.62 -16.44
CA TRP A 436 -55.30 12.88 -16.45
C TRP A 436 -56.70 12.71 -17.03
N ASN A 437 -57.61 13.55 -16.59
CA ASN A 437 -58.99 13.45 -17.01
C ASN A 437 -59.13 13.88 -18.46
N SER A 438 -60.02 13.20 -19.16
CA SER A 438 -60.23 13.50 -20.57
C SER A 438 -61.69 13.43 -20.92
N ASN A 439 -62.54 14.07 -20.11
CA ASN A 439 -63.97 13.94 -20.34
C ASN A 439 -64.39 14.53 -21.68
N ASN A 440 -63.79 15.64 -22.09
CA ASN A 440 -64.27 16.33 -23.27
C ASN A 440 -63.87 15.66 -24.56
N LEU A 441 -62.83 14.85 -24.54
CA LEU A 441 -62.34 14.20 -25.75
C LEU A 441 -62.99 12.85 -26.01
N ASP A 442 -63.23 12.06 -24.97
CA ASP A 442 -63.57 10.67 -25.14
C ASP A 442 -65.04 10.37 -24.88
N SER A 443 -65.76 11.26 -24.24
CA SER A 443 -67.15 11.01 -23.91
C SER A 443 -68.05 11.80 -24.85
N LYS A 444 -69.04 11.12 -25.41
CA LYS A 444 -69.89 11.77 -26.39
C LYS A 444 -71.34 11.48 -26.07
N VAL A 445 -72.19 12.47 -26.35
CA VAL A 445 -73.61 12.37 -26.04
C VAL A 445 -74.18 11.13 -26.71
N GLY A 446 -75.03 10.41 -25.99
CA GLY A 446 -75.55 9.16 -26.43
C GLY A 446 -74.70 7.98 -26.05
N GLY A 447 -73.49 8.22 -25.55
CA GLY A 447 -72.67 7.14 -25.09
C GLY A 447 -71.61 6.71 -26.07
N ASN A 448 -70.37 6.75 -25.66
CA ASN A 448 -69.25 6.33 -26.49
C ASN A 448 -68.99 4.87 -26.20
N TYR A 449 -69.50 3.98 -27.05
CA TYR A 449 -69.40 2.55 -26.83
C TYR A 449 -68.21 1.93 -27.55
N ASN A 450 -67.15 2.68 -27.75
CA ASN A 450 -65.97 2.15 -28.41
C ASN A 450 -64.84 1.81 -27.47
N TYR A 451 -65.04 1.98 -26.18
CA TYR A 451 -64.00 1.74 -25.18
C TYR A 451 -64.40 0.55 -24.35
N LEU A 452 -63.82 -0.60 -24.63
CA LEU A 452 -64.20 -1.85 -24.01
C LEU A 452 -63.18 -2.25 -22.96
N TYR A 453 -63.55 -3.23 -22.14
CA TYR A 453 -62.65 -3.84 -21.20
C TYR A 453 -63.07 -5.29 -21.02
N ARG A 454 -62.11 -6.10 -20.59
CA ARG A 454 -62.37 -7.51 -20.38
C ARG A 454 -62.83 -7.72 -18.95
N LEU A 455 -63.89 -8.50 -18.77
CA LEU A 455 -64.43 -8.69 -17.45
C LEU A 455 -64.50 -10.15 -17.02
N PHE A 456 -64.05 -11.09 -17.86
CA PHE A 456 -63.97 -12.49 -17.49
C PHE A 456 -62.69 -13.07 -18.03
N ARG A 457 -61.95 -13.78 -17.19
CA ARG A 457 -60.80 -14.52 -17.69
C ARG A 457 -60.58 -15.73 -16.80
N LYS A 458 -59.92 -16.75 -17.37
CA LYS A 458 -59.62 -17.95 -16.61
C LYS A 458 -58.71 -17.68 -15.43
N SER A 459 -57.65 -16.89 -15.65
CA SER A 459 -56.66 -16.68 -14.61
C SER A 459 -56.05 -15.30 -14.76
N ASN A 460 -55.69 -14.71 -13.63
CA ASN A 460 -55.13 -13.38 -13.63
C ASN A 460 -53.88 -13.32 -14.48
N LEU A 461 -53.61 -12.13 -15.00
CA LEU A 461 -52.52 -11.95 -15.94
C LEU A 461 -51.17 -12.04 -15.24
N LYS A 462 -50.17 -12.50 -15.96
CA LYS A 462 -48.82 -12.26 -15.53
C LYS A 462 -48.49 -10.79 -15.76
N PRO A 463 -47.55 -10.23 -15.01
CA PRO A 463 -47.24 -8.81 -15.20
C PRO A 463 -46.82 -8.51 -16.63
N PHE A 464 -47.41 -7.45 -17.19
CA PHE A 464 -47.08 -6.98 -18.53
C PHE A 464 -47.51 -7.97 -19.61
N GLU A 465 -48.44 -8.85 -19.28
CA GLU A 465 -48.98 -9.79 -20.25
C GLU A 465 -50.24 -9.20 -20.87
N ARG A 466 -50.54 -9.63 -22.09
CA ARG A 466 -51.59 -9.02 -22.89
C ARG A 466 -52.41 -10.08 -23.57
N ASP A 467 -53.72 -9.86 -23.66
CA ASP A 467 -54.66 -10.90 -24.08
C ASP A 467 -55.80 -10.28 -24.87
N ILE A 468 -55.76 -10.40 -26.20
CA ILE A 468 -56.75 -9.78 -27.06
C ILE A 468 -57.70 -10.82 -27.65
N SER A 469 -57.73 -12.03 -27.11
CA SER A 469 -58.62 -13.03 -27.66
C SER A 469 -60.07 -12.68 -27.34
N THR A 470 -60.98 -13.37 -28.01
CA THR A 470 -62.40 -13.07 -27.89
C THR A 470 -63.22 -14.35 -27.85
N GLU A 471 -62.72 -15.34 -27.12
CA GLU A 471 -63.44 -16.59 -27.00
C GLU A 471 -64.57 -16.46 -26.00
N ILE A 472 -65.65 -17.19 -26.24
CA ILE A 472 -66.78 -17.17 -25.34
C ILE A 472 -66.39 -17.80 -24.01
N TYR A 473 -66.52 -17.03 -22.94
CA TYR A 473 -66.12 -17.52 -21.63
C TYR A 473 -67.15 -18.53 -21.14
N GLN A 474 -66.69 -19.45 -20.31
CA GLN A 474 -67.51 -20.57 -19.84
C GLN A 474 -67.48 -20.58 -18.33
N ALA A 475 -68.54 -20.06 -17.72
CA ALA A 475 -68.57 -20.00 -16.27
C ALA A 475 -68.87 -21.35 -15.66
N GLY A 476 -70.02 -21.92 -15.97
CA GLY A 476 -70.41 -23.21 -15.46
C GLY A 476 -69.66 -24.34 -16.11
N SER A 477 -70.00 -25.56 -15.72
CA SER A 477 -69.33 -26.74 -16.23
C SER A 477 -69.77 -27.10 -17.63
N THR A 478 -70.94 -26.66 -18.04
CA THR A 478 -71.46 -27.04 -19.34
C THR A 478 -70.62 -26.41 -20.44
N PRO A 479 -70.21 -27.18 -21.44
CA PRO A 479 -69.45 -26.59 -22.56
C PRO A 479 -70.31 -25.61 -23.35
N CYS A 480 -69.64 -24.69 -24.01
CA CYS A 480 -70.31 -23.55 -24.62
C CYS A 480 -70.52 -23.69 -26.12
N ASN A 481 -69.58 -24.29 -26.84
CA ASN A 481 -69.70 -24.48 -28.29
C ASN A 481 -69.88 -23.16 -29.02
N GLY A 482 -69.22 -22.11 -28.56
CA GLY A 482 -69.20 -20.88 -29.31
C GLY A 482 -70.50 -20.13 -29.41
N VAL A 483 -71.51 -20.48 -28.62
CA VAL A 483 -72.75 -19.74 -28.61
C VAL A 483 -73.01 -19.23 -27.21
N GLU A 484 -73.70 -18.10 -27.12
CA GLU A 484 -74.02 -17.49 -25.84
C GLU A 484 -75.09 -18.27 -25.12
N GLY A 485 -75.38 -17.84 -23.90
CA GLY A 485 -76.39 -18.51 -23.10
C GLY A 485 -76.01 -18.41 -21.63
N PHE A 486 -76.80 -19.07 -20.80
CA PHE A 486 -76.50 -19.11 -19.38
C PHE A 486 -75.13 -19.73 -19.16
N ASN A 487 -74.31 -19.06 -18.35
CA ASN A 487 -72.97 -19.54 -18.04
C ASN A 487 -72.10 -19.67 -19.29
N CYS A 488 -72.46 -18.94 -20.34
CA CYS A 488 -71.63 -18.82 -21.55
C CYS A 488 -71.72 -17.37 -21.98
N TYR A 489 -70.72 -16.59 -21.62
CA TYR A 489 -70.77 -15.14 -21.72
C TYR A 489 -69.71 -14.62 -22.67
N PHE A 490 -70.08 -13.62 -23.45
CA PHE A 490 -69.10 -12.85 -24.19
C PHE A 490 -68.21 -12.14 -23.18
N PRO A 491 -66.89 -12.10 -23.40
CA PRO A 491 -65.99 -11.64 -22.34
C PRO A 491 -65.68 -10.15 -22.34
N LEU A 492 -66.24 -9.34 -23.22
CA LEU A 492 -65.89 -7.94 -23.29
C LEU A 492 -67.12 -7.08 -23.05
N GLN A 493 -66.97 -6.05 -22.22
CA GLN A 493 -68.03 -5.10 -21.98
C GLN A 493 -67.53 -3.73 -22.41
N SER A 494 -68.41 -2.76 -22.52
CA SER A 494 -68.04 -1.44 -22.99
C SER A 494 -68.50 -0.38 -22.02
N TYR A 495 -67.59 0.48 -21.61
CA TYR A 495 -67.95 1.70 -20.92
C TYR A 495 -68.87 2.49 -21.84
N GLY A 496 -70.06 2.81 -21.39
CA GLY A 496 -70.77 3.77 -22.19
C GLY A 496 -70.56 5.14 -21.60
N PHE A 497 -69.57 5.87 -22.10
CA PHE A 497 -69.22 7.14 -21.50
C PHE A 497 -70.19 8.20 -21.98
N GLN A 498 -70.61 9.07 -21.07
CA GLN A 498 -71.51 10.15 -21.44
C GLN A 498 -71.10 11.41 -20.73
N PRO A 499 -71.25 12.56 -21.36
CA PRO A 499 -70.66 13.78 -20.80
C PRO A 499 -71.28 14.21 -19.50
N THR A 500 -72.51 13.80 -19.21
CA THR A 500 -73.12 14.12 -17.93
C THR A 500 -72.93 13.01 -16.91
N ASN A 501 -71.71 12.55 -16.73
CA ASN A 501 -71.39 11.53 -15.74
C ASN A 501 -70.65 12.18 -14.58
N GLY A 502 -71.00 11.79 -13.37
CA GLY A 502 -70.25 12.24 -12.22
C GLY A 502 -68.80 11.83 -12.33
N VAL A 503 -67.93 12.64 -11.72
CA VAL A 503 -66.52 12.31 -11.71
C VAL A 503 -66.36 10.93 -11.10
N GLY A 504 -65.33 10.21 -11.53
CA GLY A 504 -65.24 8.82 -11.17
C GLY A 504 -66.02 7.92 -12.08
N TYR A 505 -66.77 8.48 -13.02
CA TYR A 505 -67.25 7.73 -14.16
C TYR A 505 -66.88 8.38 -15.47
N GLN A 506 -66.10 9.40 -15.47
CA GLN A 506 -65.65 10.01 -16.69
C GLN A 506 -64.32 9.42 -17.11
N PRO A 507 -64.01 9.44 -18.39
CA PRO A 507 -62.83 8.72 -18.86
C PRO A 507 -61.55 9.41 -18.46
N TYR A 508 -60.57 8.62 -18.03
CA TYR A 508 -59.26 9.12 -17.69
C TYR A 508 -58.29 8.45 -18.63
N ARG A 509 -57.32 9.21 -19.13
CA ARG A 509 -56.28 8.63 -19.95
C ARG A 509 -55.06 8.38 -19.10
N VAL A 510 -54.41 7.23 -19.30
CA VAL A 510 -53.32 6.78 -18.46
C VAL A 510 -52.14 6.43 -19.32
N VAL A 511 -50.95 6.79 -18.85
CA VAL A 511 -49.68 6.44 -19.46
C VAL A 511 -48.78 5.91 -18.37
N VAL A 512 -48.22 4.73 -18.58
CA VAL A 512 -47.38 4.07 -17.59
C VAL A 512 -45.99 3.99 -18.17
N LEU A 513 -45.05 4.74 -17.61
CA LEU A 513 -43.68 4.67 -18.05
C LEU A 513 -42.94 3.65 -17.21
N SER A 514 -42.22 2.77 -17.87
CA SER A 514 -41.52 1.69 -17.18
C SER A 514 -40.07 1.71 -17.63
N PHE A 515 -39.18 2.12 -16.74
CA PHE A 515 -37.76 2.16 -17.06
C PHE A 515 -37.17 0.80 -16.78
N GLU A 516 -36.51 0.22 -17.74
CA GLU A 516 -35.89 -1.07 -17.53
C GLU A 516 -34.39 -0.99 -17.79
N LEU A 517 -33.65 -1.87 -17.12
CA LEU A 517 -32.20 -1.90 -17.27
C LEU A 517 -31.68 -3.33 -17.49
N LEU A 518 -31.66 -3.76 -18.74
CA LEU A 518 -31.19 -5.10 -19.07
C LEU A 518 -29.72 -5.27 -18.67
N HIS A 519 -28.84 -5.27 -19.67
CA HIS A 519 -27.41 -5.42 -19.42
C HIS A 519 -26.59 -4.89 -20.59
N ALA A 520 -27.11 -3.87 -21.25
CA ALA A 520 -26.43 -3.27 -22.40
C ALA A 520 -25.30 -2.36 -21.94
N PRO A 521 -24.83 -1.48 -22.82
CA PRO A 521 -23.74 -0.56 -22.49
C PRO A 521 -24.21 0.81 -22.05
N ALA A 522 -25.45 1.15 -22.42
CA ALA A 522 -26.04 2.43 -22.06
C ALA A 522 -27.27 2.72 -22.91
N THR A 523 -27.88 3.88 -22.68
CA THR A 523 -29.07 4.29 -23.42
C THR A 523 -29.56 5.66 -22.99
N VAL A 524 -30.80 5.98 -23.33
CA VAL A 524 -31.39 7.28 -22.98
C VAL A 524 -31.03 7.78 -21.58
N CYS A 525 -30.73 9.08 -21.49
CA CYS A 525 -30.58 9.77 -20.22
C CYS A 525 -31.07 11.20 -20.31
N GLY A 526 -31.11 11.88 -19.16
CA GLY A 526 -31.59 13.23 -19.06
C GLY A 526 -30.60 14.25 -19.60
N PRO A 527 -31.14 15.41 -19.99
CA PRO A 527 -30.36 16.50 -20.57
C PRO A 527 -29.01 16.79 -19.91
N LYS A 528 -28.21 17.62 -20.58
CA LYS A 528 -26.89 18.03 -20.11
C LYS A 528 -26.67 19.50 -20.41
N LYS A 529 -26.47 20.30 -19.37
CA LYS A 529 -26.25 21.73 -19.52
C LYS A 529 -25.08 22.11 -20.42
N SER A 530 -24.69 23.38 -20.35
CA SER A 530 -23.58 23.91 -21.15
C SER A 530 -23.47 25.41 -20.93
N THR A 531 -22.35 26.00 -21.34
CA THR A 531 -22.15 27.44 -21.16
C THR A 531 -21.13 28.01 -22.13
N ASN A 532 -20.98 29.34 -22.11
CA ASN A 532 -20.05 30.04 -22.99
C ASN A 532 -18.60 29.72 -22.62
N LEU A 533 -17.65 30.18 -23.42
CA LEU A 533 -16.25 29.89 -23.16
C LEU A 533 -15.42 31.17 -23.13
N VAL A 534 -14.73 31.40 -22.02
CA VAL A 534 -13.89 32.59 -21.86
C VAL A 534 -12.45 32.18 -22.05
N LYS A 535 -11.64 33.08 -22.58
CA LYS A 535 -10.25 32.78 -22.91
C LYS A 535 -9.34 33.76 -22.18
N ASN A 536 -8.10 33.30 -21.91
CA ASN A 536 -7.06 34.09 -21.27
C ASN A 536 -7.33 34.36 -19.79
N LYS A 537 -7.97 33.43 -19.10
CA LYS A 537 -8.12 33.50 -17.66
C LYS A 537 -8.02 32.10 -17.06
N CYS A 538 -7.45 32.00 -15.87
CA CYS A 538 -7.44 30.72 -15.19
C CYS A 538 -8.87 30.38 -14.81
N VAL A 539 -9.37 29.28 -15.38
CA VAL A 539 -10.73 28.83 -15.19
C VAL A 539 -10.69 27.36 -14.79
N ASN A 540 -11.85 26.85 -14.40
CA ASN A 540 -12.07 25.41 -14.26
C ASN A 540 -12.87 25.00 -15.49
N PHE A 541 -12.24 24.29 -16.42
CA PHE A 541 -12.97 23.94 -17.61
C PHE A 541 -13.50 22.52 -17.50
N ASN A 542 -14.42 22.20 -18.41
CA ASN A 542 -14.93 20.83 -18.55
C ASN A 542 -15.45 20.71 -19.97
N PHE A 543 -14.77 19.90 -20.77
CA PHE A 543 -15.19 19.60 -22.13
C PHE A 543 -15.53 18.12 -22.18
N ASN A 544 -16.82 17.81 -22.16
CA ASN A 544 -17.38 16.49 -22.38
C ASN A 544 -17.03 15.51 -21.28
N GLY A 545 -16.18 15.86 -20.33
CA GLY A 545 -15.72 14.91 -19.34
C GLY A 545 -14.24 15.11 -19.08
N LEU A 546 -13.55 15.69 -20.07
CA LEU A 546 -12.21 16.24 -19.86
C LEU A 546 -12.31 17.35 -18.83
N THR A 547 -11.74 17.12 -17.66
CA THR A 547 -11.85 18.04 -16.53
C THR A 547 -10.46 18.52 -16.13
N GLY A 548 -10.30 19.83 -16.03
CA GLY A 548 -9.06 20.38 -15.53
C GLY A 548 -9.21 21.86 -15.26
N THR A 549 -8.08 22.50 -15.00
CA THR A 549 -8.09 23.93 -14.72
C THR A 549 -6.87 24.56 -15.37
N GLY A 550 -7.02 25.80 -15.83
CA GLY A 550 -5.95 26.47 -16.52
C GLY A 550 -6.49 27.59 -17.38
N VAL A 551 -5.63 28.10 -18.26
CA VAL A 551 -6.01 29.20 -19.13
C VAL A 551 -6.00 28.72 -20.57
N LEU A 552 -7.07 29.04 -21.28
CA LEU A 552 -7.34 28.56 -22.63
C LEU A 552 -7.06 29.67 -23.62
N THR A 553 -6.25 29.39 -24.63
CA THR A 553 -6.00 30.33 -25.70
C THR A 553 -6.31 29.66 -27.03
N GLU A 554 -6.32 30.45 -28.10
CA GLU A 554 -6.50 29.90 -29.43
C GLU A 554 -5.16 29.49 -30.01
N SER A 555 -5.18 28.49 -30.88
CA SER A 555 -3.97 27.75 -31.23
C SER A 555 -3.66 27.74 -32.72
N ASN A 556 -2.58 27.05 -33.10
CA ASN A 556 -2.20 26.88 -34.50
C ASN A 556 -2.02 25.39 -34.81
N LYS A 557 -2.74 24.55 -34.09
CA LYS A 557 -2.71 23.14 -34.38
C LYS A 557 -3.82 22.79 -35.37
N LYS A 558 -3.75 21.58 -35.92
CA LYS A 558 -4.77 21.07 -36.81
C LYS A 558 -4.98 19.60 -36.48
N PHE A 559 -6.08 19.29 -35.82
CA PHE A 559 -6.37 17.92 -35.46
C PHE A 559 -6.77 17.13 -36.70
N LEU A 560 -7.20 15.90 -36.51
CA LEU A 560 -7.87 15.16 -37.56
C LEU A 560 -9.35 15.09 -37.21
N PRO A 561 -10.21 15.19 -38.21
CA PRO A 561 -11.65 15.38 -37.95
C PRO A 561 -12.22 14.51 -36.84
N PHE A 562 -11.67 13.33 -36.61
CA PHE A 562 -12.17 12.46 -35.55
C PHE A 562 -11.46 12.68 -34.22
N GLN A 563 -10.40 13.48 -34.19
CA GLN A 563 -9.61 13.66 -32.97
C GLN A 563 -10.22 14.76 -32.11
N GLN A 564 -10.33 14.49 -30.82
CA GLN A 564 -11.09 15.34 -29.91
C GLN A 564 -10.26 16.12 -28.93
N PHE A 565 -9.03 15.70 -28.65
CA PHE A 565 -8.13 16.46 -27.81
C PHE A 565 -6.72 15.95 -28.00
N GLY A 566 -5.74 16.81 -27.69
CA GLY A 566 -4.34 16.49 -27.85
C GLY A 566 -3.64 16.36 -26.52
N ARG A 567 -2.55 15.61 -26.54
CA ARG A 567 -1.69 15.52 -25.37
C ARG A 567 -0.26 15.33 -25.84
N ASP A 568 0.67 15.73 -24.98
CA ASP A 568 2.09 15.77 -25.30
C ASP A 568 2.82 14.59 -24.67
N ILE A 569 4.14 14.64 -24.78
CA ILE A 569 5.00 13.69 -24.07
C ILE A 569 4.72 13.86 -22.58
N ALA A 570 4.88 12.78 -21.81
CA ALA A 570 4.51 12.72 -20.40
C ALA A 570 2.99 12.63 -20.25
N ASP A 571 2.27 12.65 -21.37
CA ASP A 571 0.82 12.47 -21.41
C ASP A 571 0.09 13.43 -20.48
N THR A 572 0.23 14.72 -20.74
CA THR A 572 -0.63 15.74 -20.15
C THR A 572 -1.43 16.36 -21.28
N THR A 573 -2.67 16.73 -20.98
CA THR A 573 -3.52 17.35 -22.00
C THR A 573 -3.06 18.79 -22.23
N ASP A 574 -2.73 19.13 -23.47
CA ASP A 574 -2.25 20.46 -23.76
C ASP A 574 -3.06 21.13 -24.87
N ALA A 575 -4.08 20.46 -25.37
CA ALA A 575 -5.02 21.05 -26.31
C ALA A 575 -6.37 20.38 -26.14
N VAL A 576 -7.38 20.95 -26.77
CA VAL A 576 -8.72 20.39 -26.70
C VAL A 576 -9.50 20.92 -27.89
N ARG A 577 -10.58 20.24 -28.23
CA ARG A 577 -11.53 20.70 -29.22
C ARG A 577 -12.85 20.99 -28.53
N ASP A 578 -13.43 22.14 -28.82
CA ASP A 578 -14.68 22.29 -28.09
C ASP A 578 -15.85 21.85 -28.95
N PRO A 579 -16.82 21.19 -28.37
CA PRO A 579 -17.79 20.43 -29.16
C PRO A 579 -18.89 21.24 -29.83
N GLN A 580 -18.76 22.56 -29.89
CA GLN A 580 -19.76 23.37 -30.59
C GLN A 580 -19.19 24.29 -31.64
N THR A 581 -18.03 24.88 -31.43
CA THR A 581 -17.42 25.71 -32.44
C THR A 581 -16.62 24.89 -33.45
N LEU A 582 -16.11 23.73 -33.02
CA LEU A 582 -15.17 22.89 -33.76
C LEU A 582 -13.87 23.64 -33.94
N GLU A 583 -13.40 24.26 -32.87
CA GLU A 583 -12.13 24.97 -32.84
C GLU A 583 -11.26 24.34 -31.76
N ILE A 584 -9.97 24.26 -32.01
CA ILE A 584 -9.05 23.67 -31.04
C ILE A 584 -8.38 24.79 -30.26
N LEU A 585 -8.19 24.55 -28.97
CA LEU A 585 -7.72 25.53 -28.01
C LEU A 585 -6.53 24.97 -27.26
N ASP A 586 -5.51 25.80 -27.10
CA ASP A 586 -4.36 25.49 -26.27
C ASP A 586 -4.72 25.63 -24.79
N ILE A 587 -4.15 24.75 -23.98
CA ILE A 587 -4.34 24.75 -22.54
C ILE A 587 -2.99 25.03 -21.90
N THR A 588 -2.93 26.02 -21.02
CA THR A 588 -1.69 26.36 -20.33
C THR A 588 -1.94 26.42 -18.84
N PRO A 589 -1.05 25.71 -18.04
CA PRO A 589 -1.33 25.79 -16.59
C PRO A 589 -1.33 27.23 -16.09
N CYS A 590 -2.13 27.50 -15.06
CA CYS A 590 -2.21 28.82 -14.48
C CYS A 590 -1.01 29.11 -13.58
N SER A 591 -0.24 30.12 -13.97
CA SER A 591 0.97 30.54 -13.24
C SER A 591 1.06 30.17 -11.76
N PHE A 592 2.25 29.74 -11.37
CA PHE A 592 2.56 29.36 -10.01
C PHE A 592 4.06 29.55 -9.81
N GLY A 593 4.54 29.42 -8.59
CA GLY A 593 5.95 29.61 -8.35
C GLY A 593 6.24 29.65 -6.89
N GLY A 594 7.50 29.95 -6.57
CA GLY A 594 7.92 30.11 -5.20
C GLY A 594 8.08 31.59 -4.88
N VAL A 595 8.17 31.88 -3.59
CA VAL A 595 8.35 33.23 -3.11
C VAL A 595 9.56 33.23 -2.20
N SER A 596 10.53 34.08 -2.49
CA SER A 596 11.70 34.20 -1.64
C SER A 596 11.80 35.62 -1.13
N VAL A 597 12.24 35.78 0.11
CA VAL A 597 12.44 37.11 0.67
C VAL A 597 13.94 37.34 0.85
N ILE A 598 14.38 38.52 0.41
CA ILE A 598 15.76 38.95 0.49
C ILE A 598 15.86 39.87 1.68
N THR A 599 16.67 39.49 2.65
CA THR A 599 16.85 40.18 3.91
C THR A 599 18.27 40.67 4.04
N PRO A 600 18.50 41.92 4.39
CA PRO A 600 19.87 42.37 4.63
C PRO A 600 20.37 41.99 6.01
N GLY A 601 19.67 41.09 6.68
CA GLY A 601 19.97 40.73 8.05
C GLY A 601 19.11 41.52 9.00
N THR A 602 18.41 40.84 9.92
CA THR A 602 17.54 41.54 10.85
C THR A 602 18.32 42.38 11.86
N ASN A 603 19.62 42.09 12.03
CA ASN A 603 20.51 42.84 12.89
C ASN A 603 21.02 44.12 12.22
N THR A 604 20.50 44.44 11.05
CA THR A 604 20.94 45.62 10.31
C THR A 604 19.75 46.47 9.91
N SER A 605 18.61 45.83 9.68
CA SER A 605 17.44 46.53 9.19
C SER A 605 16.23 45.62 9.35
N ASN A 606 15.07 46.16 8.95
CA ASN A 606 13.84 45.39 8.86
C ASN A 606 13.28 45.41 7.45
N GLN A 607 13.97 46.06 6.51
CA GLN A 607 13.56 46.08 5.12
C GLN A 607 13.75 44.73 4.47
N VAL A 608 12.89 44.41 3.51
CA VAL A 608 13.01 43.17 2.76
C VAL A 608 12.65 43.46 1.31
N ALA A 609 13.11 42.59 0.41
CA ALA A 609 12.63 42.54 -0.95
C ALA A 609 12.04 41.16 -1.21
N VAL A 610 11.23 41.04 -2.25
CA VAL A 610 10.55 39.77 -2.51
C VAL A 610 10.75 39.40 -3.96
N LEU A 611 11.10 38.14 -4.21
CA LEU A 611 11.20 37.58 -5.55
C LEU A 611 10.10 36.56 -5.75
N TYR A 612 9.38 36.70 -6.85
CA TYR A 612 8.38 35.76 -7.31
C TYR A 612 9.01 34.99 -8.45
N GLN A 613 9.29 33.72 -8.22
CA GLN A 613 10.17 32.99 -9.11
C GLN A 613 9.49 32.63 -10.41
N ASP A 614 10.18 32.91 -11.52
CA ASP A 614 9.73 32.72 -12.90
C ASP A 614 8.26 33.08 -13.10
N VAL A 615 7.90 34.27 -12.64
CA VAL A 615 6.58 34.83 -12.87
C VAL A 615 6.75 36.19 -13.52
N ASN A 616 5.96 36.45 -14.54
CA ASN A 616 5.93 37.77 -15.14
C ASN A 616 5.36 38.77 -14.13
N CYS A 617 5.81 40.01 -14.22
CA CYS A 617 5.49 40.99 -13.20
C CYS A 617 4.04 41.40 -13.20
N THR A 618 3.33 41.22 -14.31
CA THR A 618 1.94 41.66 -14.41
C THR A 618 1.03 40.89 -13.47
N GLU A 619 1.37 39.64 -13.17
CA GLU A 619 0.46 38.74 -12.46
C GLU A 619 0.62 38.77 -10.95
N VAL A 620 1.20 39.82 -10.40
CA VAL A 620 1.30 39.91 -8.95
C VAL A 620 0.61 41.19 -8.49
N ASN A 641 11.42 50.10 -8.02
CA ASN A 641 10.24 49.47 -7.46
C ASN A 641 10.09 48.03 -7.90
N VAL A 642 9.59 47.84 -9.12
CA VAL A 642 9.25 46.53 -9.67
C VAL A 642 10.19 46.26 -10.84
N PHE A 643 10.88 45.14 -10.82
CA PHE A 643 11.98 44.90 -11.74
C PHE A 643 11.91 43.47 -12.24
N GLN A 644 12.05 43.27 -13.54
CA GLN A 644 11.92 41.95 -14.13
C GLN A 644 13.30 41.37 -14.41
N THR A 645 13.64 40.29 -13.74
CA THR A 645 14.84 39.55 -13.99
C THR A 645 14.50 38.31 -14.81
N ARG A 646 15.49 37.47 -15.04
CA ARG A 646 15.28 36.16 -15.62
C ARG A 646 14.99 35.12 -14.54
N ALA A 647 15.28 35.43 -13.28
CA ALA A 647 14.92 34.59 -12.15
C ALA A 647 13.48 34.78 -11.69
N GLY A 648 12.78 35.80 -12.21
CA GLY A 648 11.44 36.11 -11.77
C GLY A 648 11.20 37.59 -11.63
N CYS A 649 10.14 37.96 -10.90
CA CYS A 649 9.79 39.36 -10.71
C CYS A 649 10.21 39.78 -9.31
N LEU A 650 10.90 40.91 -9.21
CA LEU A 650 11.51 41.34 -7.96
C LEU A 650 10.89 42.65 -7.54
N ILE A 651 10.36 42.71 -6.32
CA ILE A 651 9.65 43.86 -5.80
C ILE A 651 10.32 44.34 -4.52
N GLY A 652 10.58 45.65 -4.45
CA GLY A 652 11.16 46.24 -3.28
C GLY A 652 12.66 46.49 -3.34
N ALA A 653 13.27 46.44 -4.52
CA ALA A 653 14.68 46.67 -4.70
C ALA A 653 14.88 47.55 -5.92
N GLU A 654 15.79 48.50 -5.80
CA GLU A 654 16.10 49.43 -6.88
C GLU A 654 17.19 48.84 -7.78
N HIS A 655 17.03 49.02 -9.08
CA HIS A 655 18.00 48.52 -10.04
C HIS A 655 19.01 49.61 -10.36
N VAL A 656 20.19 49.53 -9.75
CA VAL A 656 21.30 50.44 -10.04
C VAL A 656 22.05 49.98 -11.28
N ASN A 657 22.97 50.80 -11.75
CA ASN A 657 23.72 50.52 -12.97
C ASN A 657 25.17 50.13 -12.74
N ASN A 658 25.67 50.21 -11.51
CA ASN A 658 27.04 49.83 -11.24
C ASN A 658 27.13 48.36 -10.90
N SER A 659 28.34 47.81 -10.96
CA SER A 659 28.56 46.40 -10.72
C SER A 659 29.48 46.23 -9.53
N TYR A 660 28.99 45.55 -8.51
CA TYR A 660 29.81 45.21 -7.36
C TYR A 660 30.06 43.70 -7.33
N GLU A 661 30.84 43.28 -6.35
CA GLU A 661 30.94 41.87 -6.04
C GLU A 661 29.59 41.35 -5.59
N CYS A 662 29.35 40.07 -5.78
CA CYS A 662 28.05 39.53 -5.42
C CYS A 662 27.91 39.46 -3.90
N ASP A 663 26.74 39.84 -3.41
CA ASP A 663 26.48 39.85 -1.97
C ASP A 663 25.40 38.83 -1.61
N ILE A 664 24.20 38.94 -2.16
CA ILE A 664 23.17 37.92 -2.05
C ILE A 664 22.81 37.48 -3.46
N PRO A 665 22.97 36.23 -3.81
CA PRO A 665 22.69 35.80 -5.18
C PRO A 665 21.21 35.73 -5.47
N ILE A 666 20.78 36.47 -6.47
CA ILE A 666 19.42 36.38 -6.98
C ILE A 666 19.32 35.32 -8.07
N GLY A 667 20.23 35.38 -9.04
CA GLY A 667 20.27 34.36 -10.07
C GLY A 667 20.41 34.99 -11.42
N ALA A 668 20.78 34.16 -12.40
CA ALA A 668 20.98 34.57 -13.79
C ALA A 668 21.83 35.82 -13.92
N GLY A 669 22.77 36.02 -13.01
CA GLY A 669 23.71 37.11 -13.10
C GLY A 669 23.40 38.28 -12.20
N ILE A 670 22.29 38.27 -11.47
CA ILE A 670 21.86 39.40 -10.66
C ILE A 670 22.08 39.06 -9.20
N CYS A 671 22.52 40.06 -8.43
CA CYS A 671 22.73 40.00 -7.00
C CYS A 671 22.09 41.23 -6.36
N ALA A 672 21.92 41.17 -5.03
CA ALA A 672 21.32 42.26 -4.28
C ALA A 672 22.17 42.63 -3.07
N SER A 673 22.01 43.84 -2.58
CA SER A 673 22.78 44.30 -1.42
C SER A 673 22.17 45.53 -0.74
N TYR A 674 22.47 45.69 0.54
CA TYR A 674 21.97 46.81 1.33
C TYR A 674 23.00 47.94 1.30
N GLN A 675 22.72 48.95 0.47
CA GLN A 675 23.63 50.09 0.34
C GLN A 675 23.13 51.34 1.06
N THR A 676 23.50 52.50 0.54
CA THR A 676 23.09 53.78 1.12
C THR A 676 22.70 54.77 0.03
N GLN A 690 20.43 51.65 3.78
CA GLN A 690 19.64 52.82 3.46
C GLN A 690 18.62 52.49 2.38
N SER A 691 18.89 51.40 1.65
CA SER A 691 17.95 50.84 0.68
C SER A 691 18.47 49.50 0.18
N ILE A 692 17.66 48.78 -0.60
CA ILE A 692 18.06 47.48 -1.16
C ILE A 692 18.17 47.63 -2.66
N ILE A 693 19.35 47.31 -3.20
CA ILE A 693 19.65 47.52 -4.60
C ILE A 693 19.96 46.19 -5.26
N ALA A 694 19.72 46.13 -6.56
CA ALA A 694 19.92 44.95 -7.37
C ALA A 694 20.74 45.29 -8.60
N TYR A 695 21.75 44.47 -8.90
CA TYR A 695 22.74 44.82 -9.90
C TYR A 695 23.28 43.55 -10.54
N THR A 696 23.86 43.72 -11.73
CA THR A 696 24.68 42.68 -12.33
C THR A 696 26.02 42.59 -11.62
N MET A 697 26.41 41.38 -11.25
CA MET A 697 27.67 41.21 -10.54
C MET A 697 28.85 41.53 -11.43
N SER A 698 29.97 41.88 -10.81
CA SER A 698 31.20 42.09 -11.53
C SER A 698 32.15 40.92 -11.26
N LEU A 699 32.89 40.54 -12.29
CA LEU A 699 33.83 39.44 -12.15
C LEU A 699 35.14 39.88 -11.55
N GLY A 700 35.54 41.12 -11.75
CA GLY A 700 36.76 41.64 -11.20
C GLY A 700 37.20 42.84 -11.99
N ALA A 701 38.30 43.43 -11.54
CA ALA A 701 38.85 44.59 -12.21
C ALA A 701 39.63 44.18 -13.44
N GLU A 702 39.58 45.03 -14.47
CA GLU A 702 40.23 44.69 -15.72
C GLU A 702 41.71 45.03 -15.69
N ASN A 703 42.47 44.40 -16.57
CA ASN A 703 43.92 44.42 -16.52
C ASN A 703 44.47 44.03 -17.88
N SER A 704 45.16 44.95 -18.52
CA SER A 704 45.96 44.62 -19.68
C SER A 704 47.40 44.47 -19.25
N VAL A 705 48.04 43.42 -19.69
CA VAL A 705 49.43 43.14 -19.38
C VAL A 705 50.27 43.74 -20.49
N ALA A 706 51.35 44.42 -20.12
CA ALA A 706 52.18 45.13 -21.09
C ALA A 706 53.04 44.14 -21.86
N TYR A 707 52.38 43.28 -22.62
CA TYR A 707 53.10 42.27 -23.39
C TYR A 707 53.76 42.89 -24.61
N SER A 708 55.04 42.58 -24.79
CA SER A 708 55.73 42.75 -26.06
C SER A 708 56.75 41.62 -26.19
N ASN A 709 57.44 41.59 -27.31
CA ASN A 709 58.32 40.48 -27.59
C ASN A 709 59.76 40.67 -27.12
N ASN A 710 60.07 41.75 -26.41
CA ASN A 710 61.38 41.82 -25.77
C ASN A 710 61.30 42.48 -24.40
N SER A 711 60.17 42.39 -23.72
CA SER A 711 59.99 42.99 -22.41
C SER A 711 59.78 41.91 -21.37
N ILE A 712 60.34 42.13 -20.18
CA ILE A 712 60.19 41.17 -19.09
C ILE A 712 60.05 41.93 -17.78
N ALA A 713 59.27 41.38 -16.86
CA ALA A 713 59.08 41.96 -15.54
C ALA A 713 59.69 41.04 -14.50
N ILE A 714 60.57 41.58 -13.67
CA ILE A 714 61.30 40.78 -12.68
C ILE A 714 61.13 41.39 -11.30
N PRO A 715 60.76 40.62 -10.29
CA PRO A 715 60.50 41.19 -8.98
C PRO A 715 61.76 41.50 -8.20
N THR A 716 61.69 42.56 -7.42
CA THR A 716 62.83 43.03 -6.65
C THR A 716 62.67 42.83 -5.15
N ASN A 717 61.55 42.29 -4.70
CA ASN A 717 61.30 42.10 -3.28
C ASN A 717 60.35 40.92 -3.14
N PHE A 718 59.97 40.60 -1.91
CA PHE A 718 59.03 39.51 -1.69
C PHE A 718 58.29 39.78 -0.39
N THR A 719 57.21 39.05 -0.21
CA THR A 719 56.52 38.98 1.07
C THR A 719 56.40 37.53 1.50
N ILE A 720 56.39 37.33 2.81
CA ILE A 720 56.04 36.04 3.40
C ILE A 720 54.56 36.09 3.76
N SER A 721 53.81 35.12 3.26
CA SER A 721 52.38 35.05 3.50
C SER A 721 52.04 33.81 4.31
N VAL A 722 51.09 33.95 5.23
CA VAL A 722 50.55 32.83 6.00
C VAL A 722 49.05 32.85 5.87
N THR A 723 48.46 31.74 5.41
CA THR A 723 47.02 31.65 5.28
C THR A 723 46.52 30.34 5.89
N THR A 724 45.24 30.31 6.21
CA THR A 724 44.64 29.16 6.86
C THR A 724 43.76 28.35 5.91
N GLU A 725 43.60 27.09 6.24
CA GLU A 725 42.72 26.19 5.49
C GLU A 725 42.09 25.22 6.46
N ILE A 726 40.77 25.09 6.41
CA ILE A 726 40.01 24.36 7.42
C ILE A 726 39.33 23.16 6.77
N LEU A 727 39.41 22.00 7.43
CA LEU A 727 38.85 20.78 6.86
C LEU A 727 38.15 19.92 7.90
N PRO A 728 36.92 19.50 7.63
CA PRO A 728 36.24 18.54 8.52
C PRO A 728 36.81 17.13 8.39
N VAL A 729 37.09 16.52 9.53
CA VAL A 729 37.65 15.19 9.56
C VAL A 729 36.64 14.15 10.01
N SER A 730 35.69 14.51 10.85
CA SER A 730 34.93 13.54 11.63
C SER A 730 33.54 14.09 11.88
N MET A 731 32.63 13.21 12.24
CA MET A 731 31.33 13.68 12.71
C MET A 731 30.89 12.92 13.94
N THR A 732 29.73 13.25 14.48
CA THR A 732 29.25 12.68 15.73
C THR A 732 28.79 11.25 15.54
N LYS A 733 29.26 10.36 16.40
CA LYS A 733 28.84 8.97 16.36
C LYS A 733 27.56 8.79 17.13
N THR A 734 26.50 8.38 16.45
CA THR A 734 25.20 8.21 17.06
C THR A 734 24.69 6.82 16.75
N SER A 735 23.95 6.27 17.69
CA SER A 735 23.25 5.02 17.46
C SER A 735 21.79 5.20 17.84
N VAL A 736 20.93 4.43 17.18
CA VAL A 736 19.52 4.38 17.53
C VAL A 736 19.16 2.92 17.68
N ASP A 737 18.54 2.57 18.79
CA ASP A 737 17.91 1.28 18.88
C ASP A 737 16.62 1.30 18.07
N CYS A 738 16.57 0.51 17.01
CA CYS A 738 15.42 0.52 16.11
C CYS A 738 14.15 0.08 16.82
N THR A 739 14.25 -0.83 17.77
CA THR A 739 13.06 -1.33 18.42
C THR A 739 12.50 -0.32 19.41
N MET A 740 13.35 0.32 20.19
CA MET A 740 12.87 1.28 21.16
C MET A 740 12.38 2.57 20.52
N TYR A 741 12.86 2.90 19.33
CA TYR A 741 12.33 4.06 18.63
C TYR A 741 10.90 3.81 18.17
N ILE A 742 10.66 2.65 17.59
CA ILE A 742 9.37 2.36 16.98
C ILE A 742 8.34 1.99 18.02
N CYS A 743 8.69 1.07 18.92
CA CYS A 743 7.74 0.58 19.91
C CYS A 743 7.91 1.25 21.26
N GLY A 744 9.13 1.30 21.76
CA GLY A 744 9.38 1.98 23.01
C GLY A 744 8.84 1.29 24.23
N ASP A 745 9.34 0.10 24.56
CA ASP A 745 8.90 -0.63 25.74
C ASP A 745 7.41 -0.97 25.65
N SER A 746 7.05 -1.75 24.64
CA SER A 746 5.70 -2.27 24.49
C SER A 746 5.75 -3.59 23.77
N THR A 747 5.34 -4.67 24.44
CA THR A 747 5.44 -5.99 23.86
C THR A 747 4.41 -6.23 22.76
N GLU A 748 3.25 -5.60 22.82
CA GLU A 748 2.29 -5.74 21.74
C GLU A 748 2.87 -5.25 20.42
N CYS A 749 3.61 -4.15 20.45
CA CYS A 749 4.20 -3.60 19.24
C CYS A 749 5.40 -4.43 18.79
N SER A 750 6.16 -4.96 19.74
CA SER A 750 7.39 -5.67 19.42
C SER A 750 7.14 -6.93 18.64
N ASN A 751 6.08 -7.67 18.96
CA ASN A 751 5.80 -8.92 18.26
C ASN A 751 5.26 -8.67 16.86
N LEU A 752 4.55 -7.57 16.68
CA LEU A 752 4.14 -7.16 15.34
C LEU A 752 5.31 -6.67 14.51
N LEU A 753 6.33 -6.08 15.16
CA LEU A 753 7.51 -5.65 14.43
C LEU A 753 8.32 -6.83 13.93
N LEU A 754 8.13 -8.02 14.48
CA LEU A 754 8.86 -9.19 14.03
C LEU A 754 8.39 -9.68 12.68
N GLN A 755 7.28 -9.18 12.17
CA GLN A 755 6.74 -9.63 10.91
C GLN A 755 7.38 -8.94 9.71
N TYR A 756 8.35 -8.07 9.94
CA TYR A 756 9.04 -7.39 8.85
C TYR A 756 10.44 -7.92 8.64
N GLY A 757 10.89 -8.83 9.50
CA GLY A 757 12.16 -9.47 9.28
C GLY A 757 13.32 -8.73 9.88
N SER A 758 14.34 -8.48 9.07
CA SER A 758 15.62 -7.96 9.55
C SER A 758 15.80 -6.49 9.21
N PHE A 759 14.77 -5.67 9.33
CA PHE A 759 14.92 -4.25 9.05
C PHE A 759 15.75 -3.56 10.14
N CYS A 760 15.50 -3.89 11.41
CA CYS A 760 16.22 -3.21 12.47
C CYS A 760 17.65 -3.69 12.60
N THR A 761 17.90 -4.96 12.29
CA THR A 761 19.27 -5.45 12.26
C THR A 761 20.06 -4.74 11.17
N GLN A 762 19.45 -4.56 10.01
CA GLN A 762 20.07 -3.81 8.93
C GLN A 762 20.35 -2.38 9.33
N LEU A 763 19.39 -1.73 9.97
CA LEU A 763 19.59 -0.33 10.35
C LEU A 763 20.70 -0.16 11.37
N ASN A 764 20.75 -1.02 12.39
CA ASN A 764 21.83 -0.92 13.35
C ASN A 764 23.17 -1.23 12.72
N ARG A 765 23.23 -2.21 11.81
CA ARG A 765 24.47 -2.51 11.13
C ARG A 765 24.95 -1.35 10.26
N ALA A 766 24.04 -0.64 9.60
CA ALA A 766 24.43 0.51 8.82
C ALA A 766 24.96 1.63 9.71
N LEU A 767 24.28 1.93 10.81
CA LEU A 767 24.70 3.02 11.67
C LEU A 767 25.99 2.72 12.41
N THR A 768 26.29 1.47 12.71
CA THR A 768 27.50 1.13 13.43
C THR A 768 28.73 1.19 12.53
N GLY A 769 28.58 0.83 11.27
CA GLY A 769 29.67 0.89 10.34
C GLY A 769 30.15 2.29 10.04
N ILE A 770 29.29 3.30 10.20
CA ILE A 770 29.71 4.67 10.01
C ILE A 770 30.17 5.31 11.30
N ALA A 771 29.96 4.66 12.43
CA ALA A 771 30.59 5.07 13.67
C ALA A 771 32.00 4.52 13.78
N VAL A 772 32.23 3.35 13.19
CA VAL A 772 33.59 2.83 13.14
C VAL A 772 34.46 3.62 12.16
N GLU A 773 33.89 4.08 11.06
CA GLU A 773 34.62 4.85 10.07
C GLU A 773 35.13 6.18 10.63
N GLN A 774 34.46 6.72 11.64
CA GLN A 774 34.84 8.04 12.13
C GLN A 774 36.14 8.00 12.91
N ASP A 775 36.44 6.91 13.61
CA ASP A 775 37.71 6.79 14.30
C ASP A 775 38.85 6.54 13.36
N LYS A 776 38.62 5.77 12.31
CA LYS A 776 39.56 5.60 11.22
C LYS A 776 39.89 6.91 10.53
N ASN A 777 38.88 7.77 10.37
CA ASN A 777 39.07 9.08 9.77
C ASN A 777 40.11 9.90 10.53
N THR A 778 40.08 9.92 11.85
CA THR A 778 41.00 10.79 12.56
C THR A 778 42.31 10.09 12.87
N GLN A 779 42.32 8.76 12.92
CA GLN A 779 43.58 8.04 12.90
C GLN A 779 44.37 8.29 11.63
N GLU A 780 43.71 8.39 10.49
CA GLU A 780 44.42 8.59 9.24
C GLU A 780 44.94 10.00 9.06
N VAL A 781 44.39 10.99 9.76
CA VAL A 781 44.89 12.35 9.66
C VAL A 781 45.97 12.61 10.70
N PHE A 782 45.76 12.20 11.95
CA PHE A 782 46.63 12.73 12.98
C PHE A 782 47.77 11.79 13.39
N ALA A 783 47.56 10.48 13.38
CA ALA A 783 48.60 9.55 13.80
C ALA A 783 49.50 9.19 12.61
N GLN A 784 50.17 10.22 12.11
CA GLN A 784 51.08 10.10 10.97
C GLN A 784 52.53 10.18 11.42
N VAL A 785 52.77 10.02 12.70
CA VAL A 785 54.09 10.19 13.27
C VAL A 785 54.34 9.04 14.23
N LYS A 786 55.55 8.50 14.22
CA LYS A 786 55.89 7.32 15.01
C LYS A 786 56.25 7.68 16.45
N GLN A 787 57.08 8.71 16.64
CA GLN A 787 57.50 9.15 17.94
C GLN A 787 56.77 10.42 18.33
N ILE A 788 56.76 10.69 19.62
CA ILE A 788 56.27 11.95 20.14
C ILE A 788 57.47 12.86 20.32
N TYR A 789 57.74 13.72 19.35
CA TYR A 789 58.87 14.62 19.41
C TYR A 789 58.56 15.83 20.28
N LYS A 790 59.59 16.33 20.95
CA LYS A 790 59.52 17.52 21.79
C LYS A 790 60.49 18.58 21.29
N THR A 791 60.12 19.84 21.49
CA THR A 791 61.04 20.92 21.19
C THR A 791 61.99 21.14 22.36
N PRO A 792 63.16 21.72 22.11
CA PRO A 792 64.09 22.02 23.19
C PRO A 792 63.55 23.12 24.08
N PRO A 793 64.06 23.24 25.31
CA PRO A 793 63.65 24.38 26.13
C PRO A 793 64.17 25.71 25.61
N ILE A 794 65.35 25.73 25.00
CA ILE A 794 65.94 26.95 24.45
C ILE A 794 65.55 27.06 22.99
N LYS A 795 64.72 28.04 22.68
CA LYS A 795 64.08 28.15 21.38
C LYS A 795 64.81 29.14 20.47
N ASP A 796 66.00 28.74 20.01
CA ASP A 796 66.81 29.55 19.10
C ASP A 796 66.52 29.12 17.69
N PHE A 797 65.66 29.86 16.99
CA PHE A 797 65.23 29.49 15.65
C PHE A 797 65.53 30.59 14.64
N GLY A 798 66.70 31.19 14.72
CA GLY A 798 67.10 32.20 13.76
C GLY A 798 66.29 33.47 13.80
N GLY A 799 65.48 33.67 14.82
CA GLY A 799 64.63 34.82 14.94
C GLY A 799 63.16 34.53 14.79
N PHE A 800 62.80 33.37 14.29
CA PHE A 800 61.40 33.01 14.05
C PHE A 800 60.73 32.65 15.36
N ASN A 801 59.57 33.22 15.62
CA ASN A 801 58.87 33.09 16.88
C ASN A 801 57.63 32.20 16.67
N PHE A 802 57.64 31.01 17.28
CA PHE A 802 56.60 30.01 17.08
C PHE A 802 55.71 29.85 18.31
N SER A 803 55.61 30.87 19.15
CA SER A 803 55.04 30.63 20.47
C SER A 803 53.53 30.58 20.50
N GLN A 804 52.84 31.17 19.53
CA GLN A 804 51.39 31.11 19.47
C GLN A 804 50.86 29.81 18.92
N ILE A 805 51.71 28.97 18.34
CA ILE A 805 51.30 27.69 17.80
C ILE A 805 51.93 26.51 18.53
N LEU A 806 52.74 26.75 19.49
CA LEU A 806 53.33 25.72 20.32
C LEU A 806 52.48 25.49 21.55
N PRO A 807 52.51 24.29 22.12
CA PRO A 807 51.67 24.03 23.30
C PRO A 807 52.02 24.97 24.43
N ASP A 808 51.00 25.35 25.18
CA ASP A 808 51.17 26.19 26.37
C ASP A 808 50.88 25.36 27.61
N PRO A 809 51.95 24.86 28.22
CA PRO A 809 51.86 23.98 29.40
C PRO A 809 51.27 24.61 30.65
N SER A 810 50.08 25.19 30.55
CA SER A 810 49.48 25.76 31.75
C SER A 810 48.05 26.23 31.48
N LYS A 811 47.31 25.45 30.69
CA LYS A 811 45.94 25.78 30.35
C LYS A 811 45.11 24.51 30.16
N PRO A 812 43.95 24.64 29.51
CA PRO A 812 43.11 23.46 29.29
C PRO A 812 43.92 22.33 28.66
N SER A 813 44.36 21.36 29.46
CA SER A 813 45.14 20.25 28.95
C SER A 813 46.52 20.72 28.49
N LYS A 814 46.59 21.19 27.25
CA LYS A 814 47.85 21.66 26.68
C LYS A 814 47.71 21.98 25.20
N ARG A 815 47.05 23.09 24.90
CA ARG A 815 46.84 23.49 23.53
C ARG A 815 47.61 24.77 23.28
N SER A 816 47.91 25.01 22.02
CA SER A 816 48.52 26.27 21.67
C SER A 816 47.52 27.40 21.93
N PHE A 817 48.01 28.62 21.83
CA PHE A 817 47.14 29.78 21.92
C PHE A 817 46.14 29.82 20.77
N ILE A 818 46.54 29.38 19.58
CA ILE A 818 45.66 29.39 18.42
C ILE A 818 44.58 28.31 18.53
N GLU A 819 44.90 27.15 19.11
CA GLU A 819 43.92 26.10 19.23
C GLU A 819 42.80 26.45 20.20
N ASP A 820 43.09 27.31 21.18
CA ASP A 820 42.06 27.73 22.12
C ASP A 820 41.03 28.65 21.48
N LEU A 821 41.45 29.60 20.65
CA LEU A 821 40.47 30.36 19.90
C LEU A 821 39.61 29.46 19.03
N LEU A 822 40.18 28.41 18.45
CA LEU A 822 39.40 27.55 17.57
C LEU A 822 38.42 26.70 18.35
N PHE A 823 38.79 26.28 19.55
CA PHE A 823 37.85 25.51 20.36
C PHE A 823 36.85 26.37 21.09
N ASN A 824 37.07 27.68 21.15
CA ASN A 824 36.04 28.59 21.62
C ASN A 824 35.18 29.16 20.50
N LYS A 825 35.59 29.04 19.26
CA LYS A 825 34.81 29.59 18.16
C LYS A 825 33.66 28.68 17.76
N VAL A 826 33.85 27.37 17.80
CA VAL A 826 32.79 26.43 17.43
C VAL A 826 31.97 26.02 18.65
N LYS A 854 19.73 11.75 24.92
CA LYS A 854 19.27 10.44 25.34
C LYS A 854 17.79 10.47 25.64
N PHE A 855 16.96 10.18 24.63
CA PHE A 855 15.53 10.26 24.87
C PHE A 855 14.83 8.92 24.68
N ASN A 856 14.88 8.36 23.46
CA ASN A 856 14.23 7.09 23.23
C ASN A 856 14.98 6.36 22.11
N GLY A 857 15.98 5.57 22.51
CA GLY A 857 16.82 4.84 21.60
C GLY A 857 18.04 5.60 21.14
N LEU A 858 18.11 6.90 21.33
CA LEU A 858 19.16 7.71 20.73
C LEU A 858 20.35 7.85 21.67
N THR A 859 21.53 7.58 21.15
CA THR A 859 22.76 7.59 21.92
C THR A 859 23.85 8.27 21.12
N VAL A 860 24.80 8.86 21.83
CA VAL A 860 26.03 9.39 21.25
C VAL A 860 27.20 8.67 21.89
N LEU A 861 28.01 8.04 21.07
CA LEU A 861 29.24 7.39 21.53
C LEU A 861 30.40 8.37 21.53
N PRO A 862 31.32 8.26 22.48
CA PRO A 862 32.46 9.18 22.50
C PRO A 862 33.51 8.74 21.50
N PRO A 863 34.21 9.68 20.88
CA PRO A 863 35.35 9.30 20.05
C PRO A 863 36.42 8.59 20.87
N LEU A 864 37.19 7.76 20.19
CA LEU A 864 38.22 6.97 20.86
C LEU A 864 39.37 7.85 21.35
N LEU A 865 39.89 8.70 20.49
CA LEU A 865 40.91 9.64 20.90
C LEU A 865 40.26 10.85 21.53
N THR A 866 40.73 11.22 22.71
CA THR A 866 40.29 12.47 23.33
C THR A 866 40.93 13.65 22.61
N ASP A 867 40.44 14.84 22.92
CA ASP A 867 41.02 16.04 22.32
C ASP A 867 42.37 16.38 22.90
N GLU A 868 42.63 15.97 24.13
CA GLU A 868 43.96 16.06 24.69
C GLU A 868 44.95 15.19 23.93
N MET A 869 44.49 14.09 23.35
CA MET A 869 45.37 13.21 22.59
C MET A 869 45.63 13.75 21.19
N ILE A 870 44.62 14.36 20.57
CA ILE A 870 44.83 14.97 19.27
C ILE A 870 45.72 16.19 19.36
N ALA A 871 45.60 16.98 20.44
CA ALA A 871 46.53 18.08 20.62
C ALA A 871 47.96 17.58 20.76
N GLN A 872 48.16 16.45 21.41
CA GLN A 872 49.48 15.90 21.59
C GLN A 872 50.05 15.30 20.30
N TYR A 873 49.20 14.81 19.40
CA TYR A 873 49.70 14.42 18.08
C TYR A 873 50.11 15.63 17.26
N THR A 874 49.28 16.66 17.20
CA THR A 874 49.68 17.82 16.43
C THR A 874 50.87 18.55 17.02
N SER A 875 51.14 18.43 18.31
CA SER A 875 52.33 19.07 18.83
C SER A 875 53.61 18.33 18.48
N ALA A 876 53.57 17.01 18.34
CA ALA A 876 54.72 16.25 17.88
C ALA A 876 54.95 16.41 16.39
N LEU A 877 53.91 16.59 15.58
CA LEU A 877 54.14 16.94 14.17
C LEU A 877 54.83 18.29 14.02
N LEU A 878 54.41 19.27 14.80
CA LEU A 878 55.03 20.59 14.81
C LEU A 878 56.46 20.56 15.30
N ALA A 879 56.73 19.87 16.39
CA ALA A 879 58.11 19.75 16.84
C ALA A 879 58.98 18.99 15.87
N GLY A 880 58.45 18.00 15.17
CA GLY A 880 59.21 17.33 14.15
C GLY A 880 59.56 18.21 12.98
N THR A 881 58.65 19.08 12.56
CA THR A 881 58.99 19.88 11.39
C THR A 881 59.88 21.07 11.69
N ILE A 882 59.95 21.52 12.94
CA ILE A 882 60.72 22.71 13.28
C ILE A 882 62.18 22.37 13.59
N THR A 883 62.44 21.15 14.07
CA THR A 883 63.80 20.80 14.42
C THR A 883 64.47 19.97 13.35
N SER A 884 63.69 19.31 12.50
CA SER A 884 64.17 18.26 11.64
C SER A 884 63.85 18.44 10.18
N GLY A 885 63.16 19.50 9.81
CA GLY A 885 62.83 19.66 8.41
C GLY A 885 61.85 18.62 7.92
N TRP A 886 62.19 17.97 6.81
CA TRP A 886 61.36 16.97 6.19
C TRP A 886 61.93 15.56 6.33
N THR A 887 62.82 15.35 7.29
CA THR A 887 63.48 14.06 7.41
C THR A 887 62.74 13.09 8.32
N PHE A 888 61.98 13.59 9.29
CA PHE A 888 61.25 12.69 10.16
C PHE A 888 60.10 12.01 9.44
N GLY A 889 59.71 12.51 8.29
CA GLY A 889 58.66 11.87 7.52
C GLY A 889 59.17 10.90 6.49
N ALA A 890 60.46 10.60 6.51
CA ALA A 890 61.05 9.68 5.55
C ALA A 890 62.01 8.73 6.24
N GLY A 891 61.99 8.71 7.56
CA GLY A 891 62.92 7.91 8.33
C GLY A 891 63.09 8.45 9.72
N ALA A 892 64.33 8.56 10.17
CA ALA A 892 64.63 9.11 11.48
C ALA A 892 64.82 10.62 11.40
N ALA A 893 64.40 11.30 12.44
CA ALA A 893 64.53 12.75 12.50
C ALA A 893 65.99 13.13 12.61
N LEU A 894 66.48 13.93 11.68
CA LEU A 894 67.84 14.44 11.71
C LEU A 894 67.81 15.94 11.92
N GLN A 895 68.48 16.42 12.95
CA GLN A 895 68.44 17.82 13.28
C GLN A 895 69.19 18.66 12.25
N ILE A 896 68.76 19.89 12.08
CA ILE A 896 69.37 20.89 11.21
C ILE A 896 68.96 22.23 11.79
N PRO A 897 69.79 23.28 11.75
CA PRO A 897 69.34 24.58 12.24
C PRO A 897 68.27 25.18 11.35
N PHE A 898 67.41 25.99 11.94
CA PHE A 898 66.17 26.35 11.27
C PHE A 898 66.38 27.31 10.11
N ALA A 899 67.31 28.26 10.23
CA ALA A 899 67.63 29.11 9.09
C ALA A 899 68.22 28.32 7.92
N MET A 900 68.96 27.26 8.20
CA MET A 900 69.48 26.41 7.15
C MET A 900 68.40 25.54 6.51
N GLN A 901 67.34 25.24 7.25
CA GLN A 901 66.18 24.56 6.68
C GLN A 901 65.39 25.50 5.80
N MET A 902 65.24 26.74 6.24
CA MET A 902 64.62 27.78 5.45
C MET A 902 65.37 28.04 4.16
N ALA A 903 66.69 27.91 4.17
CA ALA A 903 67.45 28.10 2.94
C ALA A 903 67.25 26.96 1.95
N TYR A 904 67.23 25.71 2.42
CA TYR A 904 66.85 24.59 1.58
C TYR A 904 65.49 24.83 0.95
N ARG A 905 64.55 25.30 1.73
CA ARG A 905 63.22 25.52 1.20
C ARG A 905 63.17 26.66 0.18
N PHE A 906 63.96 27.72 0.35
CA PHE A 906 64.10 28.72 -0.69
C PHE A 906 64.70 28.15 -1.96
N ASN A 907 65.69 27.28 -1.84
CA ASN A 907 66.20 26.56 -3.01
C ASN A 907 65.10 25.79 -3.71
N GLY A 908 64.20 25.16 -2.96
CA GLY A 908 63.14 24.36 -3.55
C GLY A 908 62.10 25.14 -4.33
N ILE A 909 62.12 26.47 -4.29
CA ILE A 909 61.24 27.24 -5.15
C ILE A 909 61.99 28.05 -6.18
N GLY A 910 63.31 27.91 -6.28
CA GLY A 910 64.06 28.56 -7.32
C GLY A 910 64.81 29.81 -6.95
N VAL A 911 64.98 30.10 -5.68
CA VAL A 911 65.72 31.26 -5.22
C VAL A 911 67.01 30.77 -4.57
N THR A 912 68.11 31.45 -4.85
CA THR A 912 69.36 31.04 -4.23
C THR A 912 69.32 31.34 -2.74
N GLN A 913 70.17 30.67 -1.98
CA GLN A 913 70.03 30.71 -0.54
C GLN A 913 70.72 31.90 0.09
N ASN A 914 71.65 32.53 -0.61
CA ASN A 914 72.15 33.81 -0.17
C ASN A 914 71.04 34.85 -0.04
N VAL A 915 69.97 34.74 -0.83
CA VAL A 915 68.84 35.65 -0.68
C VAL A 915 68.14 35.46 0.65
N LEU A 916 68.19 34.27 1.22
CA LEU A 916 67.66 34.09 2.56
C LEU A 916 68.64 34.58 3.61
N TYR A 917 69.90 34.19 3.50
CA TYR A 917 70.85 34.54 4.54
C TYR A 917 71.11 36.04 4.62
N GLU A 918 70.98 36.76 3.52
CA GLU A 918 71.20 38.19 3.53
C GLU A 918 69.96 38.99 3.88
N ASN A 919 68.85 38.33 4.20
CA ASN A 919 67.59 38.98 4.53
C ASN A 919 66.94 38.35 5.75
N GLN A 920 67.66 37.46 6.41
CA GLN A 920 67.13 36.68 7.52
C GLN A 920 66.25 37.48 8.47
N LYS A 921 66.71 38.65 8.90
CA LYS A 921 65.96 39.42 9.90
C LYS A 921 64.65 39.96 9.34
N LEU A 922 64.66 40.43 8.11
CA LEU A 922 63.42 40.90 7.50
C LEU A 922 62.45 39.76 7.27
N ILE A 923 62.96 38.62 6.81
CA ILE A 923 62.10 37.47 6.56
C ILE A 923 61.46 36.99 7.86
N ALA A 924 62.21 37.00 8.96
CA ALA A 924 61.65 36.58 10.23
C ALA A 924 60.65 37.60 10.77
N ASN A 925 60.94 38.89 10.65
CA ASN A 925 59.94 39.91 10.99
C ASN A 925 58.65 39.72 10.22
N GLN A 926 58.73 39.43 8.93
CA GLN A 926 57.53 39.27 8.12
C GLN A 926 56.75 38.03 8.53
N PHE A 927 57.43 36.93 8.80
CA PHE A 927 56.73 35.75 9.29
C PHE A 927 56.05 36.01 10.62
N ASN A 928 56.70 36.77 11.50
CA ASN A 928 56.11 37.02 12.81
C ASN A 928 54.89 37.92 12.73
N SER A 929 54.94 38.96 11.92
CA SER A 929 53.74 39.78 11.71
C SER A 929 52.63 38.99 11.06
N ALA A 930 52.96 38.11 10.11
CA ALA A 930 51.92 37.31 9.47
C ALA A 930 51.26 36.34 10.44
N ILE A 931 52.02 35.76 11.36
CA ILE A 931 51.42 34.87 12.34
C ILE A 931 50.60 35.67 13.36
N GLY A 932 51.06 36.87 13.71
CA GLY A 932 50.30 37.68 14.64
C GLY A 932 49.01 38.24 14.06
N LYS A 933 48.91 38.29 12.74
CA LYS A 933 47.67 38.70 12.10
C LYS A 933 46.61 37.60 12.06
N ILE A 934 46.99 36.34 12.21
CA ILE A 934 46.02 35.26 12.14
C ILE A 934 45.18 35.18 13.40
N GLN A 935 45.83 35.32 14.55
CA GLN A 935 45.11 35.28 15.81
C GLN A 935 44.27 36.53 16.01
N ASP A 936 44.60 37.62 15.32
CA ASP A 936 43.75 38.80 15.38
C ASP A 936 42.47 38.57 14.61
N SER A 937 42.56 37.95 13.44
CA SER A 937 41.37 37.61 12.70
C SER A 937 40.58 36.49 13.37
N LEU A 938 41.22 35.68 14.20
CA LEU A 938 40.50 34.61 14.87
C LEU A 938 39.82 35.08 16.15
N SER A 939 40.47 35.92 16.94
CA SER A 939 39.84 36.45 18.15
C SER A 939 39.21 37.81 17.88
N ALA A 944 34.55 32.31 9.52
CA ALA A 944 35.81 31.59 9.72
C ALA A 944 35.60 30.08 9.74
N LEU A 945 35.01 29.59 10.82
CA LEU A 945 34.84 28.16 11.07
C LEU A 945 33.48 27.65 10.64
N GLY A 946 32.86 28.27 9.64
CA GLY A 946 31.57 27.83 9.15
C GLY A 946 31.58 26.48 8.49
N LYS A 947 32.70 26.07 7.90
CA LYS A 947 32.77 24.76 7.27
C LYS A 947 32.72 23.63 8.29
N LEU A 948 33.02 23.92 9.54
CA LEU A 948 32.87 22.95 10.61
C LEU A 948 31.53 23.06 11.30
N GLN A 949 30.98 24.27 11.38
CA GLN A 949 29.66 24.47 11.95
C GLN A 949 28.57 23.91 11.07
N ASP A 950 28.78 23.86 9.75
CA ASP A 950 27.82 23.25 8.85
C ASP A 950 27.58 21.78 9.14
N VAL A 951 28.62 21.01 9.46
CA VAL A 951 28.44 19.61 9.78
C VAL A 951 27.65 19.45 11.07
N VAL A 952 28.02 20.18 12.12
CA VAL A 952 27.30 20.14 13.38
C VAL A 952 25.83 20.47 13.18
N ASN A 953 25.54 21.53 12.41
CA ASN A 953 24.17 21.95 12.21
C ASN A 953 23.37 20.94 11.40
N GLN A 954 23.93 20.41 10.31
CA GLN A 954 23.21 19.42 9.53
C GLN A 954 22.88 18.18 10.34
N ASN A 955 23.80 17.73 11.18
CA ASN A 955 23.49 16.53 11.94
C ASN A 955 22.45 16.79 13.03
N ALA A 956 22.53 17.93 13.71
CA ALA A 956 21.48 18.22 14.68
C ALA A 956 20.13 18.41 14.01
N GLN A 957 20.11 18.99 12.82
CA GLN A 957 18.87 19.20 12.10
C GLN A 957 18.26 17.89 11.63
N ALA A 958 19.07 16.87 11.41
CA ALA A 958 18.50 15.57 11.08
C ALA A 958 17.98 14.83 12.30
N LEU A 959 18.72 14.87 13.41
CA LEU A 959 18.23 14.21 14.62
C LEU A 959 16.95 14.85 15.15
N ASN A 960 16.80 16.16 14.99
CA ASN A 960 15.58 16.82 15.44
C ASN A 960 14.37 16.35 14.65
N THR A 961 14.51 16.22 13.34
CA THR A 961 13.41 15.72 12.52
C THR A 961 13.04 14.29 12.87
N LEU A 962 14.06 13.46 13.15
CA LEU A 962 13.75 12.10 13.56
C LEU A 962 13.00 12.07 14.87
N VAL A 963 13.41 12.86 15.85
CA VAL A 963 12.67 12.94 17.11
C VAL A 963 11.25 13.42 16.87
N LYS A 964 11.07 14.46 16.06
CA LYS A 964 9.76 15.07 15.94
C LYS A 964 8.77 14.26 15.13
N GLN A 965 9.24 13.33 14.29
CA GLN A 965 8.29 12.48 13.61
C GLN A 965 7.62 11.47 14.52
N LEU A 966 7.98 11.43 15.80
CA LEU A 966 7.33 10.54 16.74
C LEU A 966 6.01 11.08 17.26
N SER A 967 5.47 12.12 16.64
CA SER A 967 4.23 12.70 17.10
C SER A 967 3.26 12.89 15.94
N SER A 968 3.44 12.15 14.86
CA SER A 968 2.50 12.07 13.78
C SER A 968 1.67 10.81 13.93
N ASN A 969 0.41 10.89 13.52
CA ASN A 969 -0.51 9.76 13.58
C ASN A 969 -0.33 8.79 12.43
N PHE A 970 0.13 9.28 11.28
CA PHE A 970 0.22 8.49 10.06
C PHE A 970 -1.13 7.86 9.74
N GLY A 971 -2.21 8.52 10.13
CA GLY A 971 -3.54 8.01 9.87
C GLY A 971 -4.12 7.08 10.91
N ALA A 972 -3.65 7.17 12.15
CA ALA A 972 -4.19 6.39 13.26
C ALA A 972 -5.00 7.33 14.14
N ILE A 973 -5.55 6.80 15.22
CA ILE A 973 -6.37 7.60 16.11
C ILE A 973 -5.54 8.44 17.06
N SER A 974 -4.42 7.92 17.54
CA SER A 974 -3.57 8.64 18.47
C SER A 974 -2.15 8.54 17.96
N SER A 975 -1.31 9.45 18.42
CA SER A 975 0.12 9.40 18.16
C SER A 975 0.87 8.63 19.22
N VAL A 976 0.29 8.45 20.40
CA VAL A 976 0.92 7.74 21.49
C VAL A 976 0.36 6.33 21.54
N LEU A 977 1.24 5.35 21.62
CA LEU A 977 0.85 3.95 21.58
C LEU A 977 0.08 3.49 22.80
N ASN A 978 0.36 4.07 23.96
CA ASN A 978 -0.35 3.69 25.18
C ASN A 978 -1.81 4.11 25.15
N ASP A 979 -2.15 5.15 24.41
CA ASP A 979 -3.55 5.56 24.31
C ASP A 979 -4.30 4.77 23.26
N ILE A 980 -3.60 3.99 22.46
CA ILE A 980 -4.27 2.99 21.64
C ILE A 980 -4.41 1.70 22.43
N LEU A 981 -3.38 1.36 23.20
CA LEU A 981 -3.43 0.15 24.01
C LEU A 981 -4.44 0.24 25.15
N SER A 982 -4.64 1.43 25.72
CA SER A 982 -5.47 1.54 26.91
C SER A 982 -6.95 1.48 26.57
N ARG A 983 -7.37 2.08 25.47
CA ARG A 983 -8.78 2.14 25.13
C ARG A 983 -9.11 1.37 23.86
N LEU A 984 -8.40 0.28 23.60
CA LEU A 984 -8.75 -0.61 22.52
C LEU A 984 -8.28 -2.02 22.89
N ASP A 985 -8.92 -3.01 22.29
CA ASP A 985 -8.62 -4.41 22.53
C ASP A 985 -7.88 -5.00 21.35
N PRO A 986 -7.14 -6.09 21.56
CA PRO A 986 -6.08 -6.51 20.62
C PRO A 986 -6.51 -6.49 19.16
N PRO A 987 -7.69 -7.01 18.79
CA PRO A 987 -8.03 -7.06 17.36
C PRO A 987 -8.05 -5.70 16.67
N GLU A 988 -8.49 -4.66 17.36
CA GLU A 988 -8.53 -3.33 16.76
C GLU A 988 -7.38 -2.44 17.20
N ALA A 989 -6.69 -2.79 18.28
CA ALA A 989 -5.43 -2.14 18.57
C ALA A 989 -4.41 -2.42 17.49
N GLU A 990 -4.47 -3.62 16.91
CA GLU A 990 -3.47 -4.06 15.95
C GLU A 990 -3.51 -3.24 14.67
N VAL A 991 -4.70 -2.95 14.15
CA VAL A 991 -4.82 -2.18 12.92
C VAL A 991 -4.32 -0.76 13.05
N GLN A 992 -4.50 -0.14 14.21
CA GLN A 992 -3.95 1.17 14.49
C GLN A 992 -2.46 1.13 14.78
N ILE A 993 -1.96 0.08 15.41
CA ILE A 993 -0.54 -0.02 15.70
C ILE A 993 0.26 -0.23 14.42
N ASP A 994 -0.33 -0.90 13.44
CA ASP A 994 0.40 -1.15 12.21
C ASP A 994 0.69 0.11 11.42
N ARG A 995 -0.21 1.11 11.44
CA ARG A 995 0.08 2.35 10.74
C ARG A 995 1.20 3.14 11.40
N LEU A 996 1.26 3.13 12.73
CA LEU A 996 2.37 3.75 13.42
C LEU A 996 3.67 3.04 13.12
N ILE A 997 3.66 1.71 13.08
CA ILE A 997 4.87 0.98 12.74
C ILE A 997 5.33 1.33 11.33
N THR A 998 4.41 1.34 10.38
CA THR A 998 4.75 1.71 9.02
C THR A 998 5.33 3.10 8.90
N GLY A 999 4.75 4.11 9.56
CA GLY A 999 5.29 5.45 9.46
C GLY A 999 6.65 5.62 10.12
N ARG A 1000 6.82 5.04 11.31
CA ARG A 1000 8.07 5.21 12.02
C ARG A 1000 9.21 4.44 11.36
N LEU A 1001 8.95 3.27 10.79
CA LEU A 1001 9.98 2.59 10.03
C LEU A 1001 10.51 3.42 8.87
N GLN A 1002 9.61 4.05 8.12
CA GLN A 1002 10.02 4.89 7.01
C GLN A 1002 10.80 6.10 7.46
N SER A 1003 10.38 6.75 8.55
CA SER A 1003 11.18 7.81 9.14
C SER A 1003 12.61 7.36 9.41
N LEU A 1004 12.77 6.24 10.10
CA LEU A 1004 14.08 5.75 10.47
C LEU A 1004 14.94 5.41 9.25
N GLN A 1005 14.33 4.82 8.22
CA GLN A 1005 15.08 4.50 7.02
C GLN A 1005 15.55 5.75 6.29
N THR A 1006 14.74 6.80 6.24
CA THR A 1006 15.21 8.03 5.63
C THR A 1006 16.39 8.61 6.38
N TYR A 1007 16.33 8.58 7.72
CA TYR A 1007 17.45 9.07 8.51
C TYR A 1007 18.73 8.29 8.21
N VAL A 1008 18.64 6.97 8.16
CA VAL A 1008 19.85 6.18 7.95
C VAL A 1008 20.41 6.36 6.54
N THR A 1009 19.57 6.46 5.52
CA THR A 1009 20.10 6.69 4.17
C THR A 1009 20.79 8.03 4.07
N GLN A 1010 20.23 9.06 4.67
CA GLN A 1010 20.89 10.34 4.56
C GLN A 1010 22.12 10.46 5.43
N GLN A 1011 22.25 9.65 6.48
CA GLN A 1011 23.52 9.57 7.16
C GLN A 1011 24.58 8.85 6.36
N LEU A 1012 24.20 7.82 5.61
CA LEU A 1012 25.18 7.12 4.79
C LEU A 1012 25.70 7.99 3.66
N ILE A 1013 24.86 8.87 3.13
CA ILE A 1013 25.33 9.73 2.04
C ILE A 1013 26.24 10.83 2.56
N ARG A 1014 26.05 11.25 3.80
CA ARG A 1014 26.83 12.30 4.41
C ARG A 1014 28.16 11.81 4.99
N ALA A 1015 28.19 10.58 5.49
CA ALA A 1015 29.44 10.01 5.91
C ALA A 1015 30.41 9.81 4.75
N ALA A 1016 29.92 9.54 3.55
CA ALA A 1016 30.78 9.41 2.39
C ALA A 1016 31.37 10.74 1.94
N GLU A 1017 30.72 11.83 2.26
CA GLU A 1017 31.26 13.14 1.99
C GLU A 1017 32.29 13.53 3.03
N ILE A 1018 32.09 13.12 4.27
CA ILE A 1018 33.08 13.37 5.30
C ILE A 1018 34.34 12.53 5.07
N ARG A 1019 34.20 11.34 4.49
CA ARG A 1019 35.37 10.51 4.22
C ARG A 1019 36.25 11.10 3.12
N ALA A 1020 35.66 11.69 2.10
CA ALA A 1020 36.45 12.34 1.07
C ALA A 1020 37.25 13.51 1.62
N SER A 1021 36.64 14.30 2.50
CA SER A 1021 37.31 15.39 3.19
C SER A 1021 38.46 14.92 4.05
N ALA A 1022 38.26 13.87 4.83
CA ALA A 1022 39.32 13.31 5.65
C ALA A 1022 40.44 12.67 4.84
N ASN A 1023 40.15 12.09 3.68
CA ASN A 1023 41.22 11.63 2.82
C ASN A 1023 42.02 12.78 2.24
N LEU A 1024 41.35 13.86 1.83
CA LEU A 1024 42.08 15.04 1.38
C LEU A 1024 42.92 15.65 2.49
N ALA A 1025 42.44 15.65 3.72
CA ALA A 1025 43.22 16.22 4.81
C ALA A 1025 44.41 15.34 5.17
N ALA A 1026 44.27 14.02 5.08
CA ALA A 1026 45.42 13.14 5.21
C ALA A 1026 46.46 13.40 4.12
N THR A 1027 46.02 13.62 2.88
CA THR A 1027 46.97 13.86 1.80
C THR A 1027 47.68 15.20 1.97
N LYS A 1028 46.99 16.22 2.45
CA LYS A 1028 47.64 17.49 2.78
C LYS A 1028 48.58 17.40 3.95
N MET A 1029 48.26 16.62 4.95
CA MET A 1029 49.20 16.40 6.04
C MET A 1029 50.48 15.75 5.57
N SER A 1030 50.40 14.79 4.66
CA SER A 1030 51.62 14.15 4.17
C SER A 1030 52.40 15.06 3.23
N GLU A 1031 51.72 15.81 2.38
CA GLU A 1031 52.39 16.52 1.32
C GLU A 1031 52.70 17.97 1.62
N CYS A 1032 52.05 18.53 2.63
CA CYS A 1032 52.27 19.93 3.00
C CYS A 1032 52.96 20.13 4.34
N VAL A 1033 52.83 19.18 5.26
CA VAL A 1033 53.47 19.32 6.56
C VAL A 1033 54.72 18.46 6.64
N LEU A 1034 54.71 17.29 6.03
CA LEU A 1034 55.87 16.42 6.06
C LEU A 1034 56.73 16.56 4.79
N GLY A 1035 56.44 17.55 3.96
CA GLY A 1035 57.28 17.82 2.83
C GLY A 1035 57.04 19.21 2.29
N GLN A 1036 57.69 19.52 1.18
CA GLN A 1036 57.45 20.73 0.43
C GLN A 1036 56.85 20.36 -0.92
N SER A 1037 55.72 20.97 -1.27
CA SER A 1037 54.99 20.57 -2.46
C SER A 1037 55.27 21.52 -3.62
N LYS A 1038 55.21 20.97 -4.83
CA LYS A 1038 55.27 21.76 -6.05
C LYS A 1038 53.94 21.86 -6.76
N ARG A 1039 52.91 21.16 -6.31
CA ARG A 1039 51.59 21.26 -6.90
C ARG A 1039 51.00 22.64 -6.66
N VAL A 1040 50.64 23.33 -7.75
CA VAL A 1040 50.18 24.71 -7.64
C VAL A 1040 48.84 24.75 -6.91
N ASP A 1041 48.76 25.64 -5.93
CA ASP A 1041 47.55 25.85 -5.15
C ASP A 1041 47.17 24.75 -4.16
N PHE A 1042 47.95 23.69 -4.10
CA PHE A 1042 47.64 22.60 -3.18
C PHE A 1042 47.85 23.00 -1.73
N CYS A 1043 48.88 23.79 -1.47
CA CYS A 1043 49.18 24.23 -0.12
C CYS A 1043 49.21 25.75 0.00
N GLY A 1044 48.12 26.40 -0.37
CA GLY A 1044 48.02 27.85 -0.30
C GLY A 1044 48.36 28.55 -1.60
N LYS A 1045 48.13 29.86 -1.66
CA LYS A 1045 48.42 30.65 -2.87
C LYS A 1045 49.82 31.24 -2.82
N GLY A 1046 50.67 30.83 -3.76
CA GLY A 1046 52.03 31.31 -3.84
C GLY A 1046 52.94 30.09 -3.82
N TYR A 1047 54.25 30.29 -3.77
CA TYR A 1047 55.19 29.19 -3.74
C TYR A 1047 55.29 28.63 -2.33
N HIS A 1048 54.81 27.41 -2.14
CA HIS A 1048 54.78 26.79 -0.81
C HIS A 1048 56.16 26.75 -0.19
N LEU A 1049 56.27 27.22 1.05
CA LEU A 1049 57.47 27.01 1.85
C LEU A 1049 57.23 25.96 2.93
N MET A 1050 56.24 26.15 3.81
CA MET A 1050 55.99 25.11 4.79
C MET A 1050 54.57 25.24 5.31
N SER A 1051 54.16 24.26 6.11
CA SER A 1051 52.81 24.22 6.67
C SER A 1051 52.88 23.70 8.10
N PHE A 1052 51.96 24.17 8.93
CA PHE A 1052 51.83 23.74 10.33
C PHE A 1052 50.39 23.31 10.60
N PRO A 1053 50.17 22.16 11.23
CA PRO A 1053 48.81 21.74 11.59
C PRO A 1053 48.35 22.23 12.97
N GLN A 1054 47.04 22.41 13.10
CA GLN A 1054 46.39 22.75 14.36
C GLN A 1054 45.11 21.96 14.45
N SER A 1055 44.75 21.55 15.66
CA SER A 1055 43.53 20.76 15.79
C SER A 1055 42.33 21.67 16.04
N ALA A 1056 41.19 21.24 15.54
CA ALA A 1056 39.93 21.95 15.68
C ALA A 1056 38.92 20.96 16.23
N PRO A 1057 37.72 21.43 16.61
CA PRO A 1057 36.74 20.51 17.23
C PRO A 1057 36.41 19.24 16.46
N HIS A 1058 36.18 19.27 15.15
CA HIS A 1058 36.01 18.03 14.41
C HIS A 1058 36.80 18.07 13.11
N GLY A 1059 37.93 18.73 13.13
CA GLY A 1059 38.63 19.02 11.91
C GLY A 1059 40.05 19.39 12.16
N VAL A 1060 40.63 20.07 11.19
CA VAL A 1060 42.04 20.44 11.26
C VAL A 1060 42.20 21.75 10.51
N VAL A 1061 43.08 22.60 11.01
CA VAL A 1061 43.44 23.87 10.39
C VAL A 1061 44.89 23.80 9.97
N PHE A 1062 45.17 24.01 8.70
CA PHE A 1062 46.54 24.13 8.20
C PHE A 1062 46.90 25.59 8.06
N LEU A 1063 48.05 25.96 8.59
CA LEU A 1063 48.67 27.26 8.41
C LEU A 1063 49.76 27.10 7.34
N HIS A 1064 49.53 27.68 6.17
CA HIS A 1064 50.43 27.58 5.03
C HIS A 1064 51.30 28.83 4.96
N VAL A 1065 52.61 28.64 4.93
CA VAL A 1065 53.59 29.70 4.71
C VAL A 1065 54.07 29.62 3.27
N THR A 1066 53.87 30.70 2.52
CA THR A 1066 54.23 30.80 1.11
C THR A 1066 55.07 32.05 0.87
N TYR A 1067 55.74 32.04 -0.26
CA TYR A 1067 56.56 33.13 -0.74
C TYR A 1067 55.81 33.82 -1.86
N VAL A 1068 55.69 35.14 -1.80
CA VAL A 1068 54.95 35.90 -2.80
C VAL A 1068 55.85 36.99 -3.34
N PRO A 1069 56.23 36.97 -4.62
CA PRO A 1069 57.12 38.00 -5.15
C PRO A 1069 56.45 39.36 -5.27
N ALA A 1070 57.25 40.42 -5.16
CA ALA A 1070 56.75 41.78 -5.00
C ALA A 1070 57.65 42.80 -5.69
N GLN A 1071 57.05 43.92 -6.08
CA GLN A 1071 57.74 45.11 -6.59
C GLN A 1071 58.55 44.81 -7.84
N GLU A 1072 57.84 44.43 -8.88
CA GLU A 1072 58.45 44.06 -10.15
C GLU A 1072 58.89 45.29 -10.93
N LYS A 1073 59.97 45.14 -11.68
CA LYS A 1073 60.46 46.16 -12.58
C LYS A 1073 60.51 45.64 -14.00
N ASN A 1074 60.51 46.57 -14.94
CA ASN A 1074 60.59 46.35 -16.38
C ASN A 1074 62.03 46.25 -16.86
N PHE A 1075 62.27 45.37 -17.82
CA PHE A 1075 63.59 45.24 -18.43
C PHE A 1075 63.40 44.78 -19.88
N THR A 1076 64.48 44.89 -20.65
CA THR A 1076 64.59 44.37 -22.00
C THR A 1076 65.29 43.01 -21.95
N THR A 1077 64.79 42.05 -22.72
CA THR A 1077 65.33 40.69 -22.73
C THR A 1077 65.85 40.33 -24.11
N ALA A 1078 66.61 39.24 -24.15
CA ALA A 1078 67.09 38.61 -25.36
C ALA A 1078 67.21 37.13 -25.12
N PRO A 1079 66.90 36.29 -26.11
CA PRO A 1079 67.09 34.85 -25.95
C PRO A 1079 68.53 34.43 -25.78
N ALA A 1080 69.44 35.01 -26.55
CA ALA A 1080 70.83 34.59 -26.58
C ALA A 1080 71.69 35.80 -26.81
N ILE A 1081 72.99 35.65 -26.51
CA ILE A 1081 73.99 36.68 -26.79
C ILE A 1081 74.82 36.18 -27.96
N CYS A 1082 75.28 37.09 -28.80
CA CYS A 1082 76.22 36.71 -29.86
C CYS A 1082 77.58 37.30 -29.57
N HIS A 1083 78.59 36.44 -29.56
CA HIS A 1083 79.95 36.87 -29.31
C HIS A 1083 80.91 35.95 -30.06
N ASP A 1084 81.80 36.53 -30.86
CA ASP A 1084 82.77 35.77 -31.66
C ASP A 1084 82.08 34.80 -32.60
N GLY A 1085 80.95 35.21 -33.16
CA GLY A 1085 80.21 34.30 -34.00
C GLY A 1085 79.65 33.08 -33.29
N LYS A 1086 79.37 33.19 -32.01
CA LYS A 1086 78.82 32.09 -31.23
C LYS A 1086 77.59 32.57 -30.48
N ALA A 1087 76.65 31.65 -30.28
CA ALA A 1087 75.43 31.93 -29.53
C ALA A 1087 75.58 31.44 -28.10
N HIS A 1088 75.29 32.31 -27.14
CA HIS A 1088 75.45 32.02 -25.73
C HIS A 1088 74.09 32.05 -25.07
N PHE A 1089 73.82 31.06 -24.25
CA PHE A 1089 72.58 30.91 -23.52
C PHE A 1089 72.87 30.90 -22.03
N PRO A 1090 71.97 31.41 -21.20
CA PRO A 1090 72.21 31.38 -19.76
C PRO A 1090 72.06 29.99 -19.19
N ARG A 1091 72.90 29.69 -18.20
CA ARG A 1091 72.80 28.40 -17.53
C ARG A 1091 71.55 28.31 -16.68
N GLU A 1092 71.29 29.32 -15.86
CA GLU A 1092 70.06 29.37 -15.08
C GLU A 1092 69.72 30.83 -14.83
N GLY A 1093 68.86 31.40 -15.66
CA GLY A 1093 68.51 32.79 -15.50
C GLY A 1093 68.04 33.36 -16.82
N VAL A 1094 68.07 34.69 -16.88
CA VAL A 1094 67.70 35.42 -18.06
C VAL A 1094 68.69 36.55 -18.26
N PHE A 1095 68.90 36.89 -19.52
CA PHE A 1095 69.63 38.08 -19.90
C PHE A 1095 68.70 39.28 -19.82
N VAL A 1096 69.11 40.32 -19.10
CA VAL A 1096 68.30 41.52 -18.95
C VAL A 1096 69.17 42.75 -19.22
N SER A 1097 68.53 43.81 -19.68
CA SER A 1097 69.21 45.07 -19.92
C SER A 1097 68.58 46.17 -19.10
N ASN A 1098 69.39 46.98 -18.44
CA ASN A 1098 68.88 48.14 -17.74
C ASN A 1098 68.73 49.35 -18.64
N GLY A 1099 68.89 49.18 -19.94
CA GLY A 1099 68.92 50.28 -20.89
C GLY A 1099 70.25 50.42 -21.60
N THR A 1100 71.37 50.11 -20.97
CA THR A 1100 72.67 50.30 -21.59
C THR A 1100 73.58 49.09 -21.41
N HIS A 1101 73.32 48.28 -20.40
CA HIS A 1101 74.20 47.19 -20.02
C HIS A 1101 73.40 45.89 -19.91
N TRP A 1102 74.06 44.77 -20.21
CA TRP A 1102 73.45 43.46 -20.18
C TRP A 1102 73.96 42.65 -19.00
N PHE A 1103 73.04 41.98 -18.32
CA PHE A 1103 73.34 41.17 -17.14
C PHE A 1103 72.63 39.84 -17.26
N VAL A 1104 73.01 38.90 -16.40
CA VAL A 1104 72.23 37.69 -16.15
C VAL A 1104 71.64 37.83 -14.77
N THR A 1105 70.41 37.38 -14.60
CA THR A 1105 69.77 37.37 -13.29
C THR A 1105 69.01 36.07 -13.14
N GLN A 1106 68.80 35.65 -11.91
CA GLN A 1106 67.88 34.57 -11.64
C GLN A 1106 66.45 35.07 -11.80
N ARG A 1107 65.55 34.16 -12.15
CA ARG A 1107 64.28 34.56 -12.71
C ARG A 1107 63.26 35.06 -11.69
N ASN A 1108 63.46 34.82 -10.41
CA ASN A 1108 62.45 35.18 -9.41
C ASN A 1108 62.89 36.31 -8.50
N PHE A 1109 64.15 36.69 -8.54
CA PHE A 1109 64.66 37.76 -7.69
C PHE A 1109 65.64 38.51 -8.54
N TYR A 1110 65.58 39.84 -8.52
CA TYR A 1110 66.48 40.62 -9.36
C TYR A 1110 67.82 40.75 -8.66
N GLU A 1111 68.85 40.21 -9.29
CA GLU A 1111 70.19 40.20 -8.73
C GLU A 1111 71.19 40.13 -9.88
N PRO A 1112 71.47 41.27 -10.52
CA PRO A 1112 72.20 41.25 -11.80
C PRO A 1112 73.69 40.97 -11.67
N GLN A 1113 74.20 40.18 -12.59
CA GLN A 1113 75.61 39.83 -12.62
C GLN A 1113 76.16 39.95 -14.03
N ILE A 1114 77.47 39.96 -14.12
CA ILE A 1114 78.15 40.06 -15.41
C ILE A 1114 77.98 38.76 -16.17
N ILE A 1115 77.89 38.88 -17.50
CA ILE A 1115 77.81 37.72 -18.38
C ILE A 1115 79.23 37.22 -18.64
N THR A 1116 79.53 36.04 -18.12
CA THR A 1116 80.85 35.43 -18.30
C THR A 1116 80.68 34.04 -18.90
N THR A 1117 81.79 33.38 -19.13
CA THR A 1117 81.78 32.01 -19.64
C THR A 1117 81.48 30.99 -18.57
N ASP A 1118 81.20 31.43 -17.34
CA ASP A 1118 80.85 30.53 -16.25
C ASP A 1118 79.37 30.49 -15.94
N ASN A 1119 78.59 31.46 -16.41
CA ASN A 1119 77.15 31.39 -16.23
C ASN A 1119 76.41 31.22 -17.56
N THR A 1120 77.12 30.98 -18.65
CA THR A 1120 76.51 30.74 -19.95
C THR A 1120 77.03 29.42 -20.51
N PHE A 1121 76.41 28.96 -21.59
CA PHE A 1121 76.97 27.90 -22.42
C PHE A 1121 76.76 28.25 -23.88
N VAL A 1122 77.49 27.58 -24.76
CA VAL A 1122 77.52 27.91 -26.18
C VAL A 1122 76.80 26.81 -26.96
N SER A 1123 76.08 27.21 -28.00
CA SER A 1123 75.51 26.25 -28.93
C SER A 1123 75.24 26.96 -30.27
N GLY A 1124 76.13 26.75 -31.23
CA GLY A 1124 75.88 27.13 -32.61
C GLY A 1124 76.41 28.50 -32.99
N ASN A 1125 75.87 29.01 -34.08
CA ASN A 1125 76.13 30.34 -34.59
C ASN A 1125 75.04 31.30 -34.16
N CYS A 1126 75.31 32.60 -34.30
CA CYS A 1126 74.30 33.60 -34.01
C CYS A 1126 73.61 34.03 -35.31
N ASP A 1127 73.06 33.04 -36.01
CA ASP A 1127 72.33 33.33 -37.24
C ASP A 1127 71.09 32.46 -37.41
N VAL A 1128 70.70 31.72 -36.37
CA VAL A 1128 69.59 30.79 -36.48
C VAL A 1128 68.50 31.15 -35.47
N VAL A 1129 68.87 31.73 -34.35
CA VAL A 1129 67.93 32.03 -33.29
C VAL A 1129 67.37 33.42 -33.51
N ILE A 1130 66.07 33.57 -33.26
CA ILE A 1130 65.34 34.79 -33.58
C ILE A 1130 65.40 35.73 -32.37
N GLY A 1131 66.23 36.76 -32.47
CA GLY A 1131 66.34 37.74 -31.42
C GLY A 1131 67.67 37.84 -30.72
N ILE A 1132 68.73 37.22 -31.25
CA ILE A 1132 70.07 37.38 -30.69
C ILE A 1132 70.43 38.85 -30.64
N VAL A 1133 71.15 39.25 -29.58
CA VAL A 1133 71.74 40.57 -29.53
C VAL A 1133 73.24 40.42 -29.37
N ASN A 1134 73.96 41.45 -29.80
CA ASN A 1134 75.41 41.46 -29.74
C ASN A 1134 75.94 42.07 -28.45
N ASN A 1135 76.78 41.32 -27.75
CA ASN A 1135 77.39 41.79 -26.52
C ASN A 1135 78.59 40.92 -26.25
N THR A 1136 79.36 41.26 -25.23
CA THR A 1136 80.62 40.59 -24.95
C THR A 1136 80.47 39.65 -23.76
N VAL A 1137 81.08 38.49 -23.88
CA VAL A 1137 81.06 37.48 -22.83
C VAL A 1137 82.45 37.44 -22.25
N TYR A 1138 82.59 37.87 -21.01
CA TYR A 1138 83.88 38.07 -20.40
C TYR A 1138 84.45 36.74 -19.94
N ASP A 1139 85.68 36.46 -20.32
CA ASP A 1139 86.39 35.27 -19.87
C ASP A 1139 87.32 35.62 -18.73
N PRO A 1140 87.19 35.02 -17.56
CA PRO A 1140 88.04 35.40 -16.42
C PRO A 1140 89.49 34.97 -16.56
N LEU A 1141 89.70 33.82 -17.20
CA LEU A 1141 91.03 33.24 -17.27
C LEU A 1141 92.03 34.15 -17.95
N GLN A 1142 91.60 34.91 -18.94
CA GLN A 1142 92.56 35.67 -19.71
C GLN A 1142 93.17 36.79 -18.86
N PRO A 1143 92.39 37.65 -18.23
CA PRO A 1143 93.00 38.59 -17.29
C PRO A 1143 93.61 37.90 -16.08
N GLU A 1144 93.28 36.64 -15.84
CA GLU A 1144 93.98 35.90 -14.79
C GLU A 1144 95.43 35.67 -15.17
N LEU A 1145 95.67 34.95 -16.25
CA LEU A 1145 97.03 34.63 -16.66
C LEU A 1145 97.67 35.73 -17.51
N ASP A 1146 96.93 36.79 -17.83
CA ASP A 1146 97.41 37.87 -18.68
C ASP A 1146 97.86 37.34 -20.04
N ALA B 27 16.45 -34.91 46.84
CA ALA B 27 17.80 -34.55 46.41
C ALA B 27 17.75 -33.67 45.19
N TYR B 28 18.92 -33.22 44.74
CA TYR B 28 19.04 -32.43 43.53
C TYR B 28 20.37 -32.76 42.87
N THR B 29 20.54 -32.24 41.66
CA THR B 29 21.76 -32.46 40.89
C THR B 29 21.75 -31.52 39.69
N ASN B 30 22.68 -31.78 38.78
CA ASN B 30 23.03 -30.87 37.71
C ASN B 30 22.91 -31.56 36.36
N SER B 31 21.97 -31.10 35.53
CA SER B 31 22.10 -31.31 34.10
C SER B 31 23.24 -30.43 33.62
N PHE B 32 24.12 -31.00 32.79
CA PHE B 32 25.19 -30.20 32.26
C PHE B 32 24.77 -29.69 30.89
N THR B 33 24.63 -30.55 29.90
CA THR B 33 24.18 -30.18 28.57
C THR B 33 23.23 -31.23 28.02
N ARG B 34 22.48 -31.87 28.91
CA ARG B 34 21.56 -32.91 28.53
C ARG B 34 20.25 -32.33 28.01
N GLY B 35 19.57 -33.09 27.16
CA GLY B 35 18.20 -32.79 26.81
C GLY B 35 17.98 -31.93 25.58
N VAL B 36 18.74 -32.18 24.52
CA VAL B 36 18.56 -31.48 23.24
C VAL B 36 17.98 -32.45 22.24
N TYR B 37 16.87 -32.06 21.61
CA TYR B 37 16.22 -32.91 20.62
C TYR B 37 16.23 -32.22 19.27
N TYR B 38 16.07 -33.03 18.22
CA TYR B 38 15.86 -32.53 16.87
C TYR B 38 14.49 -31.87 16.76
N PRO B 39 14.41 -30.55 16.64
CA PRO B 39 13.12 -29.87 16.71
C PRO B 39 12.22 -30.03 15.50
N ASP B 40 12.72 -30.54 14.37
CA ASP B 40 11.89 -30.76 13.20
C ASP B 40 12.50 -31.84 12.34
N LYS B 41 11.85 -32.12 11.20
CA LYS B 41 12.23 -33.21 10.33
C LYS B 41 13.14 -32.79 9.18
N VAL B 42 13.73 -31.62 9.25
CA VAL B 42 14.56 -31.10 8.18
C VAL B 42 15.97 -31.63 8.32
N PHE B 43 16.60 -31.94 7.19
CA PHE B 43 17.98 -32.34 7.13
C PHE B 43 18.86 -31.14 6.82
N ARG B 44 20.00 -31.06 7.48
CA ARG B 44 20.92 -29.95 7.28
C ARG B 44 22.34 -30.50 7.25
N SER B 45 23.11 -30.06 6.27
CA SER B 45 24.51 -30.44 6.17
C SER B 45 25.31 -29.53 7.08
N SER B 46 26.62 -29.45 6.91
CA SER B 46 27.48 -28.74 7.86
C SER B 46 27.06 -27.29 7.90
N VAL B 47 26.37 -26.91 8.98
CA VAL B 47 25.76 -25.60 9.11
C VAL B 47 25.45 -25.34 10.58
N LEU B 48 25.23 -24.08 10.91
CA LEU B 48 24.83 -23.64 12.24
C LEU B 48 23.45 -23.02 12.12
N HIS B 49 22.51 -23.48 12.93
CA HIS B 49 21.13 -23.07 12.82
C HIS B 49 20.60 -22.64 14.19
N SER B 50 19.97 -21.47 14.23
CA SER B 50 19.44 -20.91 15.46
C SER B 50 17.94 -21.13 15.52
N THR B 51 17.43 -21.49 16.70
CA THR B 51 16.01 -21.79 16.81
C THR B 51 15.47 -21.51 18.21
N GLN B 52 14.26 -20.97 18.26
CA GLN B 52 13.56 -20.66 19.49
C GLN B 52 12.52 -21.76 19.75
N ASP B 53 12.73 -22.53 20.81
CA ASP B 53 11.81 -23.62 21.13
C ASP B 53 11.74 -23.83 22.63
N LEU B 54 11.26 -24.99 23.07
CA LEU B 54 11.16 -25.32 24.49
C LEU B 54 12.28 -26.29 24.82
N PHE B 55 13.29 -25.82 25.54
CA PHE B 55 14.44 -26.64 25.86
C PHE B 55 14.66 -26.66 27.35
N LEU B 56 15.45 -27.63 27.78
CA LEU B 56 15.93 -27.69 29.14
C LEU B 56 17.21 -26.86 29.23
N PRO B 57 17.22 -25.75 29.97
CA PRO B 57 18.39 -24.89 29.99
C PRO B 57 19.63 -25.61 30.48
N PHE B 58 20.78 -25.17 29.98
CA PHE B 58 22.04 -25.77 30.37
C PHE B 58 22.30 -25.50 31.84
N PHE B 59 22.92 -26.48 32.50
CA PHE B 59 23.31 -26.36 33.90
C PHE B 59 22.12 -26.07 34.80
N SER B 60 21.04 -26.82 34.61
CA SER B 60 19.81 -26.66 35.37
C SER B 60 19.84 -27.45 36.66
N ASN B 61 18.99 -27.03 37.59
CA ASN B 61 18.87 -27.64 38.90
C ASN B 61 17.78 -28.70 38.81
N VAL B 62 18.18 -29.97 38.74
CA VAL B 62 17.31 -31.06 38.36
C VAL B 62 17.10 -31.97 39.57
N THR B 63 15.85 -32.30 39.87
CA THR B 63 15.57 -33.13 41.04
C THR B 63 16.10 -34.54 40.86
N TRP B 64 15.95 -35.38 41.88
CA TRP B 64 16.56 -36.70 41.87
C TRP B 64 15.74 -37.62 42.75
N PHE B 65 15.28 -38.74 42.17
CA PHE B 65 14.48 -39.72 42.88
C PHE B 65 15.16 -41.07 42.87
N HIS B 66 15.00 -41.80 43.98
CA HIS B 66 15.74 -43.01 44.28
C HIS B 66 14.78 -44.18 44.51
N ALA B 67 15.35 -45.38 44.46
CA ALA B 67 14.59 -46.61 44.69
C ALA B 67 15.01 -47.28 46.00
N ASN B 81 5.52 -43.34 43.43
CA ASN B 81 6.41 -42.20 43.57
C ASN B 81 5.65 -40.92 43.23
N PRO B 82 6.17 -39.76 43.67
CA PRO B 82 5.34 -38.55 43.70
C PRO B 82 4.57 -38.21 42.44
N VAL B 83 3.50 -37.43 42.60
CA VAL B 83 2.73 -36.92 41.50
C VAL B 83 3.26 -35.55 41.11
N LEU B 84 4.31 -35.54 40.28
CA LEU B 84 4.92 -34.31 39.80
C LEU B 84 4.00 -33.63 38.80
N PRO B 85 4.14 -32.33 38.59
CA PRO B 85 3.37 -31.68 37.51
C PRO B 85 4.02 -31.83 36.14
N PHE B 86 3.45 -31.15 35.14
CA PHE B 86 3.95 -31.17 33.77
C PHE B 86 4.47 -29.81 33.34
N ASN B 87 3.61 -28.80 33.36
CA ASN B 87 3.88 -27.36 33.28
C ASN B 87 4.33 -26.80 31.94
N ASP B 88 5.09 -27.55 31.14
CA ASP B 88 5.31 -27.20 29.74
C ASP B 88 5.84 -28.36 28.92
N GLY B 89 6.04 -29.51 29.52
CA GLY B 89 6.89 -30.53 28.94
C GLY B 89 7.97 -30.90 29.93
N VAL B 90 8.53 -32.07 29.73
CA VAL B 90 9.34 -32.70 30.76
C VAL B 90 10.53 -33.41 30.14
N TYR B 91 11.69 -33.20 30.73
CA TYR B 91 12.86 -34.04 30.50
C TYR B 91 12.85 -35.15 31.54
N PHE B 92 13.31 -36.32 31.14
CA PHE B 92 13.25 -37.47 32.03
C PHE B 92 14.41 -38.37 31.68
N ALA B 93 15.11 -38.86 32.70
CA ALA B 93 16.16 -39.82 32.45
C ALA B 93 16.07 -40.90 33.52
N SER B 94 16.73 -42.02 33.24
CA SER B 94 16.63 -43.18 34.11
C SER B 94 17.95 -43.91 34.07
N THR B 95 18.22 -44.65 35.14
CA THR B 95 19.39 -45.52 35.14
C THR B 95 19.15 -46.69 36.07
N GLU B 96 19.30 -47.90 35.53
CA GLU B 96 19.31 -49.13 36.32
C GLU B 96 19.71 -50.30 35.42
N LYS B 97 20.40 -51.28 36.00
CA LYS B 97 20.84 -52.44 35.24
C LYS B 97 19.70 -53.42 34.96
N SER B 98 18.83 -53.65 35.94
CA SER B 98 17.59 -54.37 35.71
C SER B 98 16.49 -53.33 35.47
N ASN B 99 15.66 -53.57 34.45
CA ASN B 99 14.73 -52.55 33.96
C ASN B 99 13.58 -52.40 34.93
N ILE B 100 13.82 -51.59 35.97
CA ILE B 100 12.82 -51.31 36.99
C ILE B 100 11.82 -50.25 36.55
N ILE B 101 12.25 -49.23 35.82
CA ILE B 101 11.36 -48.19 35.33
C ILE B 101 10.59 -48.74 34.15
N ARG B 102 9.27 -48.59 34.19
CA ARG B 102 8.43 -49.14 33.13
C ARG B 102 7.76 -48.07 32.31
N GLY B 103 6.96 -47.22 32.94
CA GLY B 103 6.11 -46.33 32.19
C GLY B 103 5.65 -45.16 33.02
N TRP B 104 4.66 -44.46 32.49
CA TRP B 104 4.23 -43.19 33.04
C TRP B 104 2.72 -43.09 32.87
N ILE B 105 2.11 -42.30 33.73
CA ILE B 105 0.69 -41.99 33.57
C ILE B 105 0.55 -40.47 33.62
N PHE B 106 -0.29 -39.95 32.76
CA PHE B 106 -0.47 -38.51 32.61
C PHE B 106 -1.94 -38.17 32.80
N GLY B 107 -2.23 -36.92 33.03
CA GLY B 107 -3.60 -36.46 33.11
C GLY B 107 -3.81 -35.20 33.92
N THR B 108 -4.98 -34.59 33.76
CA THR B 108 -5.34 -33.38 34.47
C THR B 108 -5.97 -33.65 35.82
N THR B 109 -6.38 -34.89 36.11
CA THR B 109 -6.92 -35.22 37.42
C THR B 109 -6.37 -36.54 37.93
N LEU B 110 -5.64 -37.25 37.06
CA LEU B 110 -5.18 -38.61 37.31
C LEU B 110 -6.33 -39.48 37.80
N ASP B 111 -7.54 -39.15 37.35
CA ASP B 111 -8.79 -39.69 37.89
C ASP B 111 -9.84 -39.82 36.79
N SER B 112 -10.88 -40.61 37.09
CA SER B 112 -12.06 -40.63 36.26
C SER B 112 -12.76 -39.27 36.33
N LYS B 113 -13.84 -39.13 35.55
CA LYS B 113 -14.54 -37.88 35.32
C LYS B 113 -13.73 -37.00 34.35
N THR B 114 -12.53 -37.46 33.97
CA THR B 114 -11.73 -36.88 32.90
C THR B 114 -10.81 -37.96 32.36
N GLN B 115 -10.40 -37.79 31.10
CA GLN B 115 -9.56 -38.75 30.40
C GLN B 115 -8.14 -38.75 30.95
N SER B 116 -7.38 -39.80 30.60
CA SER B 116 -5.99 -39.88 30.99
C SER B 116 -5.28 -40.87 30.08
N LEU B 117 -4.03 -40.53 29.77
CA LEU B 117 -3.14 -41.38 28.98
C LEU B 117 -2.35 -42.29 29.91
N LEU B 118 -2.06 -43.48 29.44
CA LEU B 118 -1.24 -44.41 30.18
C LEU B 118 -0.28 -45.11 29.23
N ILE B 119 0.99 -44.83 29.37
CA ILE B 119 2.03 -45.58 28.70
C ILE B 119 2.57 -46.57 29.72
N VAL B 120 2.85 -47.78 29.27
CA VAL B 120 3.27 -48.82 30.20
C VAL B 120 4.13 -49.82 29.46
N ASN B 121 4.81 -50.68 30.19
CA ASN B 121 5.53 -51.78 29.58
C ASN B 121 5.64 -52.92 30.57
N ASN B 122 4.70 -53.86 30.54
CA ASN B 122 4.80 -55.03 31.41
C ASN B 122 5.78 -56.00 30.78
N ALA B 123 5.78 -57.25 31.23
CA ALA B 123 6.62 -58.25 30.60
C ALA B 123 6.39 -58.32 29.09
N THR B 124 5.12 -58.39 28.65
CA THR B 124 4.81 -58.19 27.24
C THR B 124 5.12 -56.75 26.88
N ASN B 125 5.59 -56.53 25.66
CA ASN B 125 6.23 -55.25 25.36
C ASN B 125 5.25 -54.10 25.30
N VAL B 126 5.72 -52.94 24.85
CA VAL B 126 5.06 -51.64 25.01
C VAL B 126 3.56 -51.72 24.73
N VAL B 127 2.76 -51.11 25.59
CA VAL B 127 1.33 -51.00 25.39
C VAL B 127 0.89 -49.61 25.85
N ILE B 128 0.20 -48.89 24.98
CA ILE B 128 -0.25 -47.54 25.24
C ILE B 128 -1.76 -47.53 25.22
N LYS B 129 -2.37 -46.75 26.11
CA LYS B 129 -3.82 -46.62 26.12
C LYS B 129 -4.20 -45.21 26.50
N VAL B 130 -5.40 -44.81 26.13
CA VAL B 130 -5.94 -43.52 26.57
C VAL B 130 -7.39 -43.72 26.98
N CYS B 131 -7.64 -43.88 28.27
CA CYS B 131 -8.99 -44.20 28.71
C CYS B 131 -9.32 -43.35 29.94
N GLU B 132 -10.41 -43.73 30.61
CA GLU B 132 -10.76 -43.10 31.87
C GLU B 132 -10.52 -44.09 33.00
N PHE B 133 -9.90 -43.61 34.08
CA PHE B 133 -9.41 -44.47 35.14
C PHE B 133 -9.72 -43.87 36.50
N GLN B 134 -10.10 -44.73 37.44
CA GLN B 134 -9.94 -44.42 38.85
C GLN B 134 -8.66 -45.08 39.32
N PHE B 135 -7.60 -44.28 39.44
CA PHE B 135 -6.25 -44.75 39.60
C PHE B 135 -5.95 -45.09 41.06
N CYS B 136 -5.15 -46.14 41.25
CA CYS B 136 -4.62 -46.46 42.57
C CYS B 136 -3.71 -45.33 43.03
N ASN B 137 -3.86 -44.89 44.28
CA ASN B 137 -3.06 -43.79 44.77
C ASN B 137 -1.64 -44.22 45.13
N ASP B 138 -1.33 -45.52 45.00
CA ASP B 138 0.03 -46.03 45.18
C ASP B 138 0.26 -47.13 44.15
N PRO B 139 0.35 -46.77 42.86
CA PRO B 139 0.38 -47.80 41.81
C PRO B 139 1.78 -48.32 41.57
N PHE B 140 1.86 -49.54 41.06
CA PHE B 140 3.13 -50.23 40.84
C PHE B 140 2.88 -51.55 40.13
N LEU B 141 3.96 -52.22 39.75
CA LEU B 141 3.92 -53.50 39.05
C LEU B 141 4.80 -54.49 39.79
N GLY B 142 4.21 -55.58 40.27
CA GLY B 142 4.98 -56.53 41.07
C GLY B 142 5.89 -57.36 40.20
N VAL B 143 7.19 -57.22 40.41
CA VAL B 143 8.22 -58.01 39.75
C VAL B 143 8.03 -58.05 38.24
N MET B 153 1.95 -63.44 44.47
CA MET B 153 3.27 -62.85 44.62
C MET B 153 3.98 -62.86 43.27
N GLU B 154 4.66 -61.75 42.97
CA GLU B 154 5.36 -61.50 41.71
C GLU B 154 4.36 -61.27 40.57
N SER B 155 3.11 -60.98 40.91
CA SER B 155 2.09 -60.62 39.94
C SER B 155 2.05 -59.11 39.74
N GLU B 156 1.50 -58.69 38.61
CA GLU B 156 1.75 -57.35 38.10
C GLU B 156 0.50 -56.49 38.10
N PHE B 157 0.63 -55.27 37.57
CA PHE B 157 -0.46 -54.39 37.19
C PHE B 157 -1.43 -54.03 38.31
N ARG B 158 -0.94 -53.25 39.27
CA ARG B 158 -1.73 -52.75 40.36
C ARG B 158 -1.97 -51.25 40.14
N VAL B 159 -2.23 -50.89 38.88
CA VAL B 159 -2.22 -49.50 38.44
C VAL B 159 -3.57 -48.81 38.67
N TYR B 160 -4.62 -49.29 38.02
CA TYR B 160 -5.94 -48.69 38.13
C TYR B 160 -6.95 -49.72 38.59
N SER B 161 -8.11 -49.23 39.00
CA SER B 161 -9.22 -50.11 39.36
C SER B 161 -10.24 -50.23 38.22
N SER B 162 -10.25 -49.29 37.29
CA SER B 162 -11.28 -49.24 36.27
C SER B 162 -10.68 -48.74 34.96
N ALA B 163 -11.19 -49.28 33.86
CA ALA B 163 -10.85 -48.87 32.52
C ALA B 163 -12.15 -48.60 31.78
N ASN B 164 -12.60 -47.35 31.77
CA ASN B 164 -13.93 -47.03 31.29
C ASN B 164 -13.83 -45.91 30.26
N ASN B 165 -14.87 -45.78 29.45
CA ASN B 165 -14.99 -44.70 28.46
C ASN B 165 -13.79 -44.69 27.51
N CYS B 166 -13.18 -45.85 27.32
CA CYS B 166 -11.84 -45.87 26.77
C CYS B 166 -11.84 -45.48 25.30
N THR B 167 -10.62 -45.26 24.79
CA THR B 167 -10.34 -44.64 23.50
C THR B 167 -9.01 -45.21 23.02
N PHE B 168 -8.25 -44.43 22.25
CA PHE B 168 -7.01 -44.84 21.58
C PHE B 168 -6.25 -45.91 22.34
N GLU B 169 -5.84 -46.95 21.63
CA GLU B 169 -5.02 -48.01 22.22
C GLU B 169 -3.96 -48.41 21.21
N TYR B 170 -2.94 -49.11 21.70
CA TYR B 170 -1.90 -49.68 20.86
C TYR B 170 -1.20 -50.74 21.67
N VAL B 171 -0.87 -51.86 21.02
CA VAL B 171 -0.14 -52.94 21.65
C VAL B 171 0.86 -53.46 20.64
N SER B 172 2.01 -53.89 21.12
CA SER B 172 2.96 -54.58 20.27
C SER B 172 2.71 -56.09 20.28
N LYS B 187 26.35 -49.34 32.44
CA LYS B 187 24.90 -49.48 32.48
C LYS B 187 24.24 -48.70 31.34
N ASN B 188 22.93 -48.48 31.46
CA ASN B 188 22.13 -47.94 30.36
C ASN B 188 21.34 -46.73 30.85
N LEU B 189 21.61 -45.59 30.24
CA LEU B 189 20.89 -44.35 30.49
C LEU B 189 19.87 -44.16 29.38
N ARG B 190 18.67 -43.73 29.74
CA ARG B 190 17.55 -43.66 28.80
C ARG B 190 16.82 -42.35 29.00
N GLU B 191 16.96 -41.46 28.01
CA GLU B 191 16.36 -40.14 28.09
C GLU B 191 15.07 -40.05 27.30
N PHE B 192 14.20 -39.17 27.77
CA PHE B 192 12.91 -38.93 27.14
C PHE B 192 12.53 -37.49 27.30
N VAL B 193 12.07 -36.88 26.22
CA VAL B 193 11.45 -35.56 26.29
C VAL B 193 9.99 -35.74 25.92
N PHE B 194 9.10 -35.29 26.79
CA PHE B 194 7.66 -35.34 26.55
C PHE B 194 7.14 -33.93 26.38
N LYS B 195 6.38 -33.71 25.31
CA LYS B 195 5.65 -32.46 25.17
C LYS B 195 4.24 -32.76 24.74
N ASN B 196 3.38 -31.76 24.87
CA ASN B 196 1.96 -31.89 24.56
C ASN B 196 1.49 -30.59 23.93
N ILE B 197 1.58 -30.52 22.61
CA ILE B 197 1.41 -29.27 21.87
C ILE B 197 0.10 -29.31 21.11
N ASP B 198 -0.87 -28.52 21.61
CA ASP B 198 -2.17 -28.21 21.01
C ASP B 198 -2.74 -29.37 20.20
N GLY B 199 -2.76 -30.56 20.79
CA GLY B 199 -3.32 -31.72 20.13
C GLY B 199 -2.43 -32.95 20.12
N TYR B 200 -1.13 -32.80 20.10
CA TYR B 200 -0.26 -33.96 19.91
C TYR B 200 0.59 -34.17 21.14
N PHE B 201 0.73 -35.44 21.51
CA PHE B 201 1.66 -35.83 22.56
C PHE B 201 2.90 -36.35 21.85
N LYS B 202 4.02 -35.64 22.01
CA LYS B 202 5.26 -35.98 21.31
C LYS B 202 6.29 -36.52 22.30
N ILE B 203 7.07 -37.47 21.82
CA ILE B 203 8.01 -38.22 22.62
C ILE B 203 9.31 -38.34 21.85
N TYR B 204 10.39 -37.80 22.41
CA TYR B 204 11.72 -38.00 21.86
C TYR B 204 12.50 -38.84 22.86
N SER B 205 13.47 -39.60 22.37
CA SER B 205 14.17 -40.49 23.27
C SER B 205 15.54 -40.84 22.73
N LYS B 206 16.42 -41.23 23.64
CA LYS B 206 17.78 -41.64 23.32
C LYS B 206 18.21 -42.69 24.33
N HIS B 207 19.05 -43.63 23.87
CA HIS B 207 19.52 -44.77 24.67
C HIS B 207 21.04 -44.78 24.65
N THR B 208 21.65 -44.34 25.73
CA THR B 208 23.10 -44.33 25.77
C THR B 208 23.63 -45.42 26.69
N PRO B 209 24.72 -46.06 26.33
CA PRO B 209 25.40 -46.96 27.27
C PRO B 209 26.47 -46.24 28.08
N ILE B 210 26.40 -46.37 29.40
CA ILE B 210 27.34 -45.71 30.29
C ILE B 210 28.20 -46.78 30.98
N ASN B 211 29.26 -46.34 31.63
CA ASN B 211 30.05 -47.19 32.52
C ASN B 211 29.89 -46.72 33.97
N LEU B 212 28.87 -45.92 34.23
CA LEU B 212 28.43 -45.59 35.57
C LEU B 212 27.61 -46.77 36.10
N VAL B 213 26.95 -46.55 37.24
CA VAL B 213 25.97 -47.54 37.64
C VAL B 213 24.57 -46.94 37.61
N ARG B 214 24.36 -45.78 38.24
CA ARG B 214 23.05 -45.16 38.32
C ARG B 214 23.06 -43.62 38.33
N ASP B 215 24.23 -42.99 38.20
CA ASP B 215 24.33 -41.53 38.30
C ASP B 215 24.33 -40.86 36.92
N LEU B 216 24.12 -39.53 36.93
CA LEU B 216 23.96 -38.74 35.71
C LEU B 216 25.30 -38.35 35.11
N PRO B 217 25.68 -38.93 33.97
CA PRO B 217 26.95 -38.57 33.34
C PRO B 217 26.90 -37.17 32.74
N GLN B 218 27.97 -36.76 32.08
CA GLN B 218 28.05 -35.44 31.49
C GLN B 218 28.65 -35.56 30.09
N GLY B 219 27.81 -35.40 29.08
CA GLY B 219 28.24 -35.37 27.71
C GLY B 219 27.21 -34.65 26.87
N PHE B 220 27.24 -34.91 25.57
CA PHE B 220 26.25 -34.36 24.66
C PHE B 220 25.73 -35.46 23.75
N SER B 221 24.40 -35.56 23.68
CA SER B 221 23.74 -36.39 22.69
C SER B 221 22.35 -35.83 22.45
N ALA B 222 21.84 -35.99 21.23
CA ALA B 222 20.60 -35.38 20.80
C ALA B 222 19.50 -36.43 20.67
N LEU B 223 18.30 -36.05 21.10
CA LEU B 223 17.16 -36.95 21.20
C LEU B 223 16.39 -36.95 19.89
N GLU B 224 16.23 -38.14 19.27
CA GLU B 224 15.53 -38.35 18.02
C GLU B 224 14.06 -38.67 18.26
N PRO B 225 13.16 -38.21 17.39
CA PRO B 225 11.73 -38.41 17.64
C PRO B 225 11.32 -39.87 17.51
N LEU B 226 10.64 -40.36 18.55
CA LEU B 226 10.26 -41.77 18.60
C LEU B 226 8.85 -41.99 18.05
N VAL B 227 7.86 -41.37 18.68
CA VAL B 227 6.47 -41.56 18.32
C VAL B 227 5.79 -40.20 18.27
N ASP B 228 4.49 -40.22 17.99
CA ASP B 228 3.62 -39.09 18.19
C ASP B 228 2.21 -39.64 18.33
N LEU B 229 1.41 -38.99 19.17
CA LEU B 229 0.07 -39.48 19.47
C LEU B 229 -0.95 -38.36 19.30
N PRO B 230 -1.93 -38.50 18.41
CA PRO B 230 -2.91 -37.43 18.20
C PRO B 230 -4.07 -37.45 19.18
N ILE B 231 -3.81 -37.52 20.49
CA ILE B 231 -4.83 -37.80 21.48
C ILE B 231 -5.86 -36.68 21.58
N GLY B 232 -5.42 -35.51 22.02
CA GLY B 232 -6.36 -34.43 22.25
C GLY B 232 -6.68 -34.26 23.71
N ILE B 233 -5.82 -34.84 24.56
CA ILE B 233 -5.99 -34.86 26.01
C ILE B 233 -5.54 -33.54 26.63
N ASN B 234 -5.90 -33.32 27.90
CA ASN B 234 -5.40 -32.23 28.72
C ASN B 234 -4.50 -32.81 29.80
N ILE B 235 -3.27 -32.33 29.89
CA ILE B 235 -2.30 -32.87 30.84
C ILE B 235 -1.81 -31.77 31.76
N THR B 236 -1.91 -32.02 33.08
CA THR B 236 -1.30 -31.11 34.04
C THR B 236 -0.50 -31.84 35.11
N ARG B 237 -0.51 -33.16 35.16
CA ARG B 237 0.24 -33.89 36.17
C ARG B 237 0.76 -35.16 35.53
N PHE B 238 1.58 -35.90 36.26
CA PHE B 238 2.10 -37.15 35.75
C PHE B 238 2.76 -37.91 36.89
N GLN B 239 3.02 -39.19 36.64
CA GLN B 239 3.57 -40.05 37.68
C GLN B 239 4.26 -41.24 37.04
N THR B 240 5.34 -41.68 37.67
CA THR B 240 6.13 -42.81 37.21
C THR B 240 5.55 -44.11 37.71
N LEU B 241 5.95 -45.21 37.07
CA LEU B 241 5.55 -46.55 37.44
C LEU B 241 6.79 -47.41 37.56
N LEU B 242 6.92 -48.12 38.69
CA LEU B 242 8.11 -48.87 39.00
C LEU B 242 7.77 -50.30 39.36
N ALA B 243 8.73 -51.19 39.16
CA ALA B 243 8.56 -52.61 39.42
C ALA B 243 9.16 -52.99 40.77
N LEU B 244 8.31 -53.50 41.67
CA LEU B 244 8.77 -54.02 42.94
C LEU B 244 9.51 -55.34 42.74
N HIS B 245 10.05 -55.90 43.80
CA HIS B 245 10.70 -57.20 43.71
C HIS B 245 10.34 -58.04 44.93
N ARG B 246 9.26 -58.83 44.82
CA ARG B 246 8.82 -59.65 45.93
C ARG B 246 9.35 -61.06 45.76
N SER B 247 10.08 -61.54 46.76
CA SER B 247 10.70 -62.86 46.72
C SER B 247 11.25 -63.22 48.09
N ALA B 264 17.43 -45.16 39.83
CA ALA B 264 17.61 -43.71 39.92
C ALA B 264 16.97 -43.00 38.73
N TYR B 265 16.31 -41.88 38.98
CA TYR B 265 15.74 -41.15 37.85
C TYR B 265 15.56 -39.67 38.17
N TYR B 266 15.70 -38.84 37.13
CA TYR B 266 15.80 -37.39 37.24
C TYR B 266 14.70 -36.73 36.42
N VAL B 267 14.31 -35.53 36.82
CA VAL B 267 13.20 -34.85 36.15
C VAL B 267 13.47 -33.36 36.03
N GLY B 268 13.73 -32.89 34.82
CA GLY B 268 13.82 -31.47 34.54
C GLY B 268 12.59 -30.96 33.83
N TYR B 269 12.57 -29.65 33.59
CA TYR B 269 11.47 -29.01 32.90
C TYR B 269 11.99 -28.29 31.67
N LEU B 270 11.05 -27.78 30.87
CA LEU B 270 11.35 -27.11 29.61
C LEU B 270 10.81 -25.70 29.66
N GLN B 271 11.65 -24.73 29.32
CA GLN B 271 11.23 -23.35 29.17
C GLN B 271 11.55 -22.86 27.77
N PRO B 272 10.91 -21.80 27.31
CA PRO B 272 11.21 -21.25 25.98
C PRO B 272 12.58 -20.60 25.91
N ARG B 273 13.49 -21.24 25.20
CA ARG B 273 14.87 -20.80 25.06
C ARG B 273 15.15 -20.49 23.59
N THR B 274 16.37 -20.03 23.33
CA THR B 274 16.88 -19.94 21.97
C THR B 274 18.24 -20.64 21.96
N PHE B 275 18.42 -21.55 21.02
CA PHE B 275 19.64 -22.33 20.95
C PHE B 275 20.29 -22.13 19.59
N LEU B 276 21.55 -22.52 19.51
CA LEU B 276 22.31 -22.53 18.27
C LEU B 276 22.82 -23.96 18.12
N LEU B 277 22.25 -24.71 17.19
CA LEU B 277 22.67 -26.07 16.96
C LEU B 277 23.67 -26.14 15.83
N LYS B 278 24.66 -27.01 15.98
CA LYS B 278 25.65 -27.26 14.96
C LYS B 278 25.37 -28.63 14.35
N TYR B 279 25.15 -28.67 13.04
CA TYR B 279 24.84 -29.91 12.36
C TYR B 279 26.11 -30.50 11.76
N ASN B 280 26.26 -31.81 11.91
CA ASN B 280 27.31 -32.59 11.28
C ASN B 280 27.19 -32.52 9.78
N GLU B 281 28.09 -33.15 9.04
CA GLU B 281 27.86 -33.30 7.61
C GLU B 281 26.94 -34.46 7.29
N ASN B 282 26.73 -35.37 8.24
CA ASN B 282 25.72 -36.40 8.13
C ASN B 282 24.34 -35.92 8.54
N GLY B 283 24.24 -34.73 9.11
CA GLY B 283 22.97 -34.16 9.52
C GLY B 283 22.62 -34.35 10.98
N THR B 284 23.53 -34.84 11.80
CA THR B 284 23.28 -35.04 13.22
C THR B 284 23.78 -33.85 14.02
N ILE B 285 23.03 -33.48 15.07
CA ILE B 285 23.43 -32.40 15.95
C ILE B 285 24.56 -32.88 16.85
N THR B 286 25.70 -32.19 16.81
CA THR B 286 26.81 -32.54 17.66
C THR B 286 27.07 -31.55 18.78
N ASP B 287 26.53 -30.34 18.72
CA ASP B 287 26.83 -29.35 19.75
C ASP B 287 25.76 -28.26 19.74
N ALA B 288 25.68 -27.54 20.85
CA ALA B 288 24.69 -26.49 20.99
C ALA B 288 25.21 -25.37 21.88
N VAL B 289 24.60 -24.21 21.74
CA VAL B 289 24.91 -23.03 22.53
C VAL B 289 23.61 -22.48 23.09
N ASP B 290 23.51 -22.38 24.40
CA ASP B 290 22.37 -21.73 25.03
C ASP B 290 22.59 -20.22 24.98
N CYS B 291 21.75 -19.52 24.24
CA CYS B 291 22.02 -18.12 23.93
C CYS B 291 21.89 -17.21 25.14
N ALA B 292 21.27 -17.65 26.22
CA ALA B 292 21.20 -16.84 27.42
C ALA B 292 21.66 -17.67 28.60
N LEU B 293 22.97 -17.80 28.73
CA LEU B 293 23.56 -18.52 29.84
C LEU B 293 24.62 -17.61 30.47
N ASP B 294 25.33 -16.87 29.63
CA ASP B 294 26.38 -15.96 30.05
C ASP B 294 26.66 -15.03 28.88
N PRO B 295 27.54 -14.03 29.05
CA PRO B 295 27.77 -13.11 27.94
C PRO B 295 28.53 -13.72 26.77
N LEU B 296 29.39 -14.71 27.00
CA LEU B 296 30.12 -15.30 25.88
C LEU B 296 29.16 -16.05 24.95
N SER B 297 28.24 -16.81 25.51
CA SER B 297 27.27 -17.52 24.69
C SER B 297 26.37 -16.58 23.93
N GLU B 298 25.94 -15.50 24.56
CA GLU B 298 25.20 -14.46 23.86
C GLU B 298 26.01 -13.91 22.68
N THR B 299 27.31 -13.67 22.88
CA THR B 299 28.14 -13.22 21.78
C THR B 299 28.15 -14.23 20.64
N LYS B 300 28.32 -15.50 20.97
CA LYS B 300 28.36 -16.55 19.95
C LYS B 300 27.05 -16.58 19.17
N CYS B 301 25.94 -16.39 19.86
CA CYS B 301 24.66 -16.42 19.16
C CYS B 301 24.46 -15.17 18.31
N THR B 302 25.10 -14.07 18.69
CA THR B 302 25.01 -12.85 17.88
C THR B 302 25.84 -12.97 16.62
N LEU B 303 27.02 -13.57 16.72
CA LEU B 303 27.90 -13.72 15.58
C LEU B 303 27.62 -14.99 14.79
N LYS B 304 26.74 -15.86 15.28
CA LYS B 304 26.39 -17.11 14.63
C LYS B 304 27.61 -17.97 14.34
N SER B 305 28.41 -18.19 15.38
CA SER B 305 29.61 -18.99 15.24
C SER B 305 30.02 -19.48 16.61
N PHE B 306 30.75 -20.60 16.63
CA PHE B 306 31.23 -21.18 17.87
C PHE B 306 32.57 -20.60 18.31
N THR B 307 33.31 -19.95 17.41
CA THR B 307 34.58 -19.33 17.75
C THR B 307 34.44 -17.82 17.59
N VAL B 308 35.01 -17.09 18.54
CA VAL B 308 35.01 -15.63 18.52
C VAL B 308 36.45 -15.15 18.51
N GLU B 309 36.68 -14.08 17.76
CA GLU B 309 38.00 -13.44 17.70
C GLU B 309 38.10 -12.32 18.73
N LYS B 310 39.32 -11.83 18.90
CA LYS B 310 39.55 -10.65 19.71
C LYS B 310 38.72 -9.48 19.19
N GLY B 311 38.09 -8.77 20.10
CA GLY B 311 37.25 -7.66 19.70
C GLY B 311 36.29 -7.28 20.81
N ILE B 312 35.37 -6.39 20.46
CA ILE B 312 34.30 -5.97 21.35
C ILE B 312 33.02 -5.97 20.52
N TYR B 313 31.99 -6.63 21.02
CA TYR B 313 30.80 -6.93 20.23
C TYR B 313 29.57 -6.48 20.99
N GLN B 314 28.70 -5.73 20.32
CA GLN B 314 27.46 -5.35 20.95
C GLN B 314 26.45 -6.49 20.84
N THR B 315 25.88 -6.88 21.97
CA THR B 315 25.09 -8.08 22.02
C THR B 315 23.65 -7.86 22.43
N SER B 316 23.34 -6.84 23.22
CA SER B 316 21.97 -6.68 23.66
C SER B 316 21.77 -5.28 24.22
N ASN B 317 20.58 -5.01 24.74
CA ASN B 317 20.30 -3.79 25.45
C ASN B 317 20.07 -4.13 26.92
N PHE B 318 19.80 -3.10 27.70
CA PHE B 318 19.65 -3.26 29.13
C PHE B 318 18.71 -2.17 29.63
N ARG B 319 17.65 -2.59 30.31
CA ARG B 319 16.63 -1.70 30.83
C ARG B 319 16.32 -2.07 32.26
N VAL B 320 16.11 -1.07 33.10
CA VAL B 320 15.65 -1.32 34.47
C VAL B 320 14.15 -1.55 34.44
N GLN B 321 13.70 -2.47 35.23
CA GLN B 321 12.30 -2.82 35.13
C GLN B 321 11.47 -2.16 36.24
N PRO B 322 10.18 -1.99 36.03
CA PRO B 322 9.34 -1.28 37.01
C PRO B 322 9.22 -2.03 38.32
N THR B 323 9.50 -1.32 39.41
CA THR B 323 9.32 -1.91 40.74
C THR B 323 7.86 -2.19 41.06
N GLU B 324 7.00 -1.19 40.88
CA GLU B 324 5.61 -1.30 41.31
C GLU B 324 4.72 -0.41 40.45
N SER B 325 3.41 -0.60 40.60
CA SER B 325 2.40 0.11 39.82
C SER B 325 1.56 0.98 40.75
N ILE B 326 1.73 2.29 40.65
CA ILE B 326 0.90 3.21 41.41
C ILE B 326 -0.26 3.69 40.53
N VAL B 327 -1.31 4.15 41.18
CA VAL B 327 -2.48 4.71 40.50
C VAL B 327 -2.89 5.97 41.23
N ARG B 328 -3.22 7.01 40.47
CA ARG B 328 -3.73 8.24 41.07
C ARG B 328 -4.98 8.67 40.32
N PHE B 329 -6.07 8.86 41.05
CA PHE B 329 -7.39 9.15 40.52
C PHE B 329 -8.02 10.21 41.40
N PRO B 330 -9.06 10.88 40.93
CA PRO B 330 -9.76 11.86 41.77
C PRO B 330 -10.73 11.17 42.73
N ASN B 331 -10.98 11.83 43.86
CA ASN B 331 -11.96 11.34 44.83
C ASN B 331 -13.34 11.72 44.35
N ILE B 332 -14.05 10.77 43.77
CA ILE B 332 -15.39 10.99 43.26
C ILE B 332 -16.32 9.99 43.92
N THR B 333 -17.28 10.50 44.67
CA THR B 333 -18.44 9.75 45.13
C THR B 333 -19.63 10.22 44.31
N ASN B 334 -20.83 9.85 44.73
CA ASN B 334 -22.03 10.28 44.03
C ASN B 334 -22.04 9.73 42.60
N LEU B 335 -22.29 8.43 42.46
CA LEU B 335 -22.24 7.71 41.19
C LEU B 335 -22.96 8.46 40.09
N CYS B 336 -22.62 8.18 38.83
CA CYS B 336 -23.34 8.86 37.76
C CYS B 336 -24.78 8.41 37.74
N PRO B 337 -25.71 9.37 37.82
CA PRO B 337 -27.12 9.03 37.66
C PRO B 337 -27.44 8.71 36.21
N PHE B 338 -27.16 7.48 35.81
CA PHE B 338 -27.53 6.98 34.49
C PHE B 338 -28.97 6.51 34.42
N GLY B 339 -29.67 6.46 35.56
CA GLY B 339 -31.07 6.09 35.55
C GLY B 339 -31.99 7.13 34.93
N GLU B 340 -31.64 8.41 35.04
CA GLU B 340 -32.50 9.47 34.52
C GLU B 340 -32.72 9.35 33.01
N VAL B 341 -31.81 8.69 32.31
CA VAL B 341 -31.88 8.59 30.85
C VAL B 341 -32.29 7.21 30.37
N PHE B 342 -31.77 6.13 30.97
CA PHE B 342 -32.18 4.79 30.56
C PHE B 342 -33.58 4.47 31.03
N ASN B 343 -34.02 5.15 32.08
CA ASN B 343 -35.35 4.96 32.65
C ASN B 343 -36.17 6.24 32.62
N ALA B 344 -36.21 6.91 31.48
CA ALA B 344 -37.11 8.04 31.31
C ALA B 344 -38.46 7.57 30.76
N THR B 345 -39.53 8.20 31.23
CA THR B 345 -40.87 7.93 30.72
C THR B 345 -41.19 8.79 29.51
N ARG B 346 -40.19 9.50 28.98
CA ARG B 346 -40.33 10.34 27.81
C ARG B 346 -39.11 10.17 26.93
N PHE B 347 -39.36 10.01 25.63
CA PHE B 347 -38.29 9.99 24.64
C PHE B 347 -38.70 10.89 23.49
N ALA B 348 -37.86 11.88 23.19
CA ALA B 348 -38.15 12.79 22.10
C ALA B 348 -38.05 12.05 20.76
N SER B 349 -38.33 12.77 19.68
CA SER B 349 -38.31 12.22 18.33
C SER B 349 -36.95 12.48 17.68
N VAL B 350 -36.78 11.92 16.47
CA VAL B 350 -35.46 11.88 15.85
C VAL B 350 -34.96 13.24 15.39
N TYR B 351 -35.84 14.18 15.10
CA TYR B 351 -35.41 15.49 14.61
C TYR B 351 -35.35 16.54 15.72
N ALA B 352 -35.76 16.20 16.94
CA ALA B 352 -35.62 17.08 18.10
C ALA B 352 -35.10 16.27 19.29
N TRP B 353 -34.06 15.48 19.05
CA TRP B 353 -33.48 14.62 20.07
C TRP B 353 -33.02 15.42 21.28
N ASN B 354 -33.06 14.81 22.45
CA ASN B 354 -32.68 15.49 23.67
C ASN B 354 -31.30 15.06 24.13
N ARG B 355 -30.50 16.04 24.54
CA ARG B 355 -29.12 15.84 24.96
C ARG B 355 -29.01 16.17 26.43
N LYS B 356 -28.50 15.23 27.21
CA LYS B 356 -28.20 15.47 28.62
C LYS B 356 -26.70 15.33 28.84
N ARG B 357 -26.11 16.34 29.46
CA ARG B 357 -24.69 16.35 29.77
C ARG B 357 -24.45 15.68 31.12
N ILE B 358 -23.50 14.75 31.15
CA ILE B 358 -23.11 14.04 32.36
C ILE B 358 -21.71 14.48 32.75
N SER B 359 -21.53 14.69 34.06
CA SER B 359 -20.31 15.25 34.63
C SER B 359 -20.29 14.95 36.12
N ASN B 360 -19.10 15.11 36.72
CA ASN B 360 -18.89 15.02 38.17
C ASN B 360 -19.52 13.77 38.76
N CYS B 361 -19.01 12.60 38.36
CA CYS B 361 -19.47 11.34 38.92
C CYS B 361 -18.61 10.22 38.38
N VAL B 362 -18.44 9.17 39.20
CA VAL B 362 -17.90 7.93 38.67
C VAL B 362 -18.93 7.31 37.73
N ALA B 363 -18.47 6.89 36.56
CA ALA B 363 -19.34 6.26 35.58
C ALA B 363 -19.07 4.76 35.57
N ASP B 364 -20.01 4.00 36.10
CA ASP B 364 -19.88 2.55 36.16
C ASP B 364 -20.65 1.95 35.00
N TYR B 365 -19.93 1.63 33.92
CA TYR B 365 -20.46 0.86 32.82
C TYR B 365 -20.51 -0.62 33.14
N SER B 366 -20.12 -1.01 34.36
CA SER B 366 -20.23 -2.38 34.80
C SER B 366 -21.67 -2.76 35.09
N VAL B 367 -22.48 -1.80 35.51
CA VAL B 367 -23.91 -2.03 35.68
C VAL B 367 -24.64 -1.95 34.34
N LEU B 368 -23.90 -1.74 33.25
CA LEU B 368 -24.43 -1.61 31.90
C LEU B 368 -23.89 -2.66 30.96
N TYR B 369 -22.64 -3.09 31.13
CA TYR B 369 -21.98 -3.99 30.18
C TYR B 369 -22.28 -5.44 30.53
N ASN B 370 -22.31 -5.77 31.82
CA ASN B 370 -22.77 -7.07 32.27
C ASN B 370 -24.30 -7.15 32.35
N SER B 371 -25.00 -6.20 31.73
CA SER B 371 -26.46 -6.19 31.69
C SER B 371 -26.91 -6.59 30.30
N ALA B 372 -27.50 -7.78 30.19
CA ALA B 372 -27.93 -8.33 28.91
C ALA B 372 -29.39 -7.92 28.67
N SER B 373 -29.60 -6.63 28.40
CA SER B 373 -30.97 -6.16 28.19
C SER B 373 -31.10 -5.22 27.00
N PHE B 374 -30.07 -5.03 26.19
CA PHE B 374 -30.13 -4.16 25.04
C PHE B 374 -29.90 -4.96 23.76
N SER B 375 -30.42 -4.44 22.66
CA SER B 375 -30.31 -5.08 21.36
C SER B 375 -29.04 -4.75 20.61
N THR B 376 -28.44 -3.58 20.83
CA THR B 376 -27.20 -3.19 20.17
C THR B 376 -26.37 -2.38 21.14
N PHE B 377 -25.08 -2.72 21.26
CA PHE B 377 -24.10 -2.01 22.08
C PHE B 377 -22.82 -1.89 21.26
N LYS B 378 -22.70 -0.84 20.46
CA LYS B 378 -21.61 -0.70 19.50
C LYS B 378 -20.78 0.52 19.84
N CYS B 379 -19.54 0.29 20.27
CA CYS B 379 -18.61 1.36 20.60
C CYS B 379 -17.69 1.63 19.43
N TYR B 380 -17.23 2.87 19.31
CA TYR B 380 -16.38 3.29 18.21
C TYR B 380 -15.25 4.14 18.77
N GLY B 381 -14.01 3.66 18.61
CA GLY B 381 -12.85 4.30 19.18
C GLY B 381 -12.47 3.80 20.54
N VAL B 382 -13.37 3.07 21.21
CA VAL B 382 -13.12 2.50 22.53
C VAL B 382 -13.61 1.06 22.50
N SER B 383 -13.29 0.33 23.57
CA SER B 383 -13.79 -1.01 23.73
C SER B 383 -14.66 -1.06 24.98
N PRO B 384 -15.91 -1.55 24.86
CA PRO B 384 -16.85 -1.40 25.97
C PRO B 384 -16.45 -2.11 27.25
N THR B 385 -15.33 -2.83 27.23
CA THR B 385 -14.82 -3.50 28.41
C THR B 385 -13.72 -2.74 29.13
N LYS B 386 -13.24 -1.64 28.55
CA LYS B 386 -12.15 -0.86 29.13
C LYS B 386 -12.61 0.53 29.55
N LEU B 387 -13.91 0.74 29.68
CA LEU B 387 -14.44 2.06 29.99
C LEU B 387 -14.29 2.43 31.45
N ASN B 388 -13.99 1.47 32.31
CA ASN B 388 -13.82 1.73 33.73
C ASN B 388 -12.38 2.07 34.10
N ASP B 389 -11.46 2.03 33.14
CA ASP B 389 -10.08 2.39 33.38
C ASP B 389 -9.73 3.78 32.87
N LEU B 390 -10.61 4.41 32.10
CA LEU B 390 -10.35 5.70 31.50
C LEU B 390 -10.93 6.81 32.37
N CYS B 391 -10.66 8.05 31.95
CA CYS B 391 -11.32 9.21 32.53
C CYS B 391 -11.68 10.16 31.40
N PHE B 392 -12.85 10.78 31.51
CA PHE B 392 -13.38 11.58 30.43
C PHE B 392 -13.63 13.00 30.91
N THR B 393 -13.65 13.92 29.95
CA THR B 393 -13.86 15.33 30.24
C THR B 393 -15.33 15.68 30.37
N ASN B 394 -16.16 15.15 29.46
CA ASN B 394 -17.60 15.37 29.50
C ASN B 394 -18.26 14.08 29.04
N VAL B 395 -19.58 14.01 29.22
CA VAL B 395 -20.39 13.00 28.55
C VAL B 395 -21.60 13.67 27.93
N TYR B 396 -21.91 13.30 26.70
CA TYR B 396 -23.17 13.69 26.07
C TYR B 396 -24.02 12.45 25.85
N ALA B 397 -25.19 12.40 26.47
CA ALA B 397 -26.14 11.32 26.24
C ALA B 397 -27.26 11.87 25.37
N ASP B 398 -27.36 11.38 24.15
CA ASP B 398 -28.43 11.76 23.24
C ASP B 398 -29.46 10.64 23.22
N SER B 399 -30.69 10.94 23.63
CA SER B 399 -31.67 9.90 23.87
C SER B 399 -32.93 10.16 23.06
N PHE B 400 -33.34 9.17 22.29
CA PHE B 400 -34.52 9.35 21.45
C PHE B 400 -35.09 7.97 21.06
N VAL B 401 -35.97 7.95 20.07
CA VAL B 401 -36.60 6.73 19.59
C VAL B 401 -36.70 6.81 18.08
N ILE B 402 -36.48 5.67 17.42
CA ILE B 402 -36.47 5.61 15.97
C ILE B 402 -37.32 4.43 15.51
N ARG B 403 -37.44 4.32 14.19
CA ARG B 403 -37.98 3.11 13.58
C ARG B 403 -36.96 1.99 13.67
N GLY B 404 -37.45 0.76 13.71
CA GLY B 404 -36.58 -0.37 13.95
C GLY B 404 -35.58 -0.62 12.84
N ASP B 405 -35.86 -0.08 11.65
CA ASP B 405 -34.96 -0.31 10.52
C ASP B 405 -33.68 0.48 10.66
N GLU B 406 -33.78 1.80 10.72
CA GLU B 406 -32.60 2.65 10.71
C GLU B 406 -31.92 2.71 12.07
N VAL B 407 -31.63 1.54 12.63
CA VAL B 407 -30.69 1.44 13.75
C VAL B 407 -29.26 1.36 13.26
N ARG B 408 -29.04 0.91 12.04
CA ARG B 408 -27.74 1.00 11.39
C ARG B 408 -27.47 2.38 10.82
N GLN B 409 -28.43 3.30 10.94
CA GLN B 409 -28.26 4.69 10.53
C GLN B 409 -27.57 5.52 11.60
N ILE B 410 -27.45 5.00 12.82
CA ILE B 410 -26.68 5.64 13.87
C ILE B 410 -25.32 4.96 13.89
N ALA B 411 -24.38 5.54 13.15
CA ALA B 411 -23.07 4.93 12.92
C ALA B 411 -22.13 6.02 12.44
N PRO B 412 -20.83 5.83 12.59
CA PRO B 412 -19.90 6.85 12.10
C PRO B 412 -19.72 6.78 10.58
N GLY B 413 -20.33 7.72 9.86
CA GLY B 413 -20.12 7.85 8.44
C GLY B 413 -21.10 7.03 7.63
N GLN B 414 -22.14 7.68 7.09
CA GLN B 414 -23.19 6.93 6.39
C GLN B 414 -24.13 7.90 5.69
N THR B 415 -24.97 7.32 4.83
CA THR B 415 -25.98 8.04 4.07
C THR B 415 -27.33 7.36 4.27
N GLY B 416 -28.36 8.17 4.49
CA GLY B 416 -29.68 7.65 4.73
C GLY B 416 -30.63 8.74 5.16
N LYS B 417 -31.91 8.49 4.93
CA LYS B 417 -32.92 9.52 5.12
C LYS B 417 -33.00 9.93 6.59
N ILE B 418 -32.68 9.02 7.51
CA ILE B 418 -32.60 9.39 8.91
C ILE B 418 -31.29 10.10 9.20
N ALA B 419 -30.19 9.59 8.65
CA ALA B 419 -28.88 10.17 8.89
C ALA B 419 -28.65 11.46 8.11
N ASP B 420 -29.30 11.64 6.98
CA ASP B 420 -29.06 12.83 6.17
C ASP B 420 -29.96 14.01 6.55
N TYR B 421 -30.98 13.78 7.38
CA TYR B 421 -31.93 14.85 7.70
C TYR B 421 -32.18 15.07 9.18
N ASN B 422 -32.14 14.05 10.03
CA ASN B 422 -32.59 14.22 11.40
C ASN B 422 -31.50 14.03 12.45
N TYR B 423 -30.44 13.29 12.15
CA TYR B 423 -29.38 13.08 13.14
C TYR B 423 -28.10 12.65 12.46
N LYS B 424 -26.98 13.29 12.81
CA LYS B 424 -25.71 12.98 12.19
C LYS B 424 -24.66 12.78 13.27
N LEU B 425 -23.74 11.86 13.02
CA LEU B 425 -22.54 11.70 13.81
C LEU B 425 -21.32 11.94 12.92
N PRO B 426 -20.28 12.58 13.44
CA PRO B 426 -19.08 12.79 12.64
C PRO B 426 -18.39 11.48 12.32
N ASP B 427 -17.60 11.49 11.25
CA ASP B 427 -16.76 10.32 10.98
C ASP B 427 -15.68 10.16 12.03
N ASP B 428 -15.36 11.23 12.76
CA ASP B 428 -14.43 11.20 13.88
C ASP B 428 -15.18 10.99 15.18
N PHE B 429 -16.03 9.97 15.19
CA PHE B 429 -16.81 9.65 16.37
C PHE B 429 -16.00 8.82 17.35
N THR B 430 -16.33 8.97 18.63
CA THR B 430 -15.68 8.19 19.68
C THR B 430 -16.67 8.06 20.85
N GLY B 431 -17.28 6.88 20.95
CA GLY B 431 -18.31 6.65 21.94
C GLY B 431 -19.15 5.47 21.54
N CYS B 432 -20.08 5.12 22.42
CA CYS B 432 -20.91 3.94 22.22
C CYS B 432 -22.34 4.32 21.84
N VAL B 433 -23.00 3.37 21.18
CA VAL B 433 -24.38 3.51 20.72
C VAL B 433 -25.15 2.30 21.25
N ILE B 434 -26.21 2.56 22.01
CA ILE B 434 -27.02 1.51 22.60
C ILE B 434 -28.44 1.64 22.07
N ALA B 435 -29.03 0.51 21.68
CA ALA B 435 -30.40 0.49 21.20
C ALA B 435 -31.13 -0.70 21.76
N TRP B 436 -32.36 -0.48 22.20
CA TRP B 436 -33.21 -1.56 22.71
C TRP B 436 -34.65 -1.29 22.34
N ASN B 437 -35.40 -2.38 22.16
CA ASN B 437 -36.71 -2.30 21.52
C ASN B 437 -37.75 -1.67 22.44
N SER B 438 -38.75 -1.03 21.83
CA SER B 438 -39.81 -0.37 22.58
C SER B 438 -41.08 -0.30 21.74
N ASN B 439 -42.03 -1.17 22.04
CA ASN B 439 -43.43 -0.97 21.67
C ASN B 439 -44.29 -1.33 22.87
N ASN B 440 -43.63 -1.84 23.92
CA ASN B 440 -44.29 -2.13 25.18
C ASN B 440 -44.30 -0.92 26.11
N LEU B 441 -43.78 0.22 25.67
CA LEU B 441 -43.85 1.46 26.43
C LEU B 441 -44.38 2.58 25.56
N TYR B 451 -44.96 10.00 18.41
CA TYR B 451 -43.59 9.69 18.01
C TYR B 451 -43.34 10.18 16.58
N LEU B 452 -43.62 11.46 16.37
CA LEU B 452 -43.63 12.04 15.03
C LEU B 452 -42.23 12.40 14.58
N TYR B 453 -41.52 11.41 14.06
CA TYR B 453 -40.15 11.47 13.58
C TYR B 453 -40.13 11.71 12.06
N ARG B 454 -38.98 11.44 11.43
CA ARG B 454 -38.87 11.40 9.96
C ARG B 454 -39.14 12.72 9.25
N LEU B 455 -38.24 13.70 9.41
CA LEU B 455 -38.29 14.98 8.72
C LEU B 455 -37.52 14.94 7.39
N PHE B 456 -37.78 15.90 6.50
CA PHE B 456 -37.12 16.01 5.20
C PHE B 456 -36.90 17.48 4.87
N ARG B 457 -35.71 17.83 4.35
CA ARG B 457 -35.29 19.23 4.30
C ARG B 457 -34.32 19.48 3.15
N LYS B 458 -33.68 20.65 3.24
CA LYS B 458 -32.60 21.08 2.36
C LYS B 458 -31.22 20.97 3.01
N SER B 459 -31.16 21.01 4.33
CA SER B 459 -29.92 21.19 5.08
C SER B 459 -28.91 20.08 4.84
N ASN B 460 -29.38 18.84 4.81
CA ASN B 460 -28.53 17.65 4.76
C ASN B 460 -27.64 17.54 6.00
N LEU B 461 -27.77 18.50 6.92
CA LEU B 461 -27.43 18.30 8.33
C LEU B 461 -26.00 17.87 8.60
N LYS B 462 -25.03 18.75 8.40
CA LYS B 462 -23.66 18.55 8.86
C LYS B 462 -23.68 18.22 10.35
N PRO B 463 -22.72 17.42 10.82
CA PRO B 463 -22.97 16.56 11.99
C PRO B 463 -23.32 17.31 13.28
N PHE B 464 -24.03 16.60 14.16
CA PHE B 464 -24.37 17.01 15.53
C PHE B 464 -25.22 18.27 15.60
N GLU B 465 -25.71 18.77 14.47
CA GLU B 465 -26.68 19.85 14.48
C GLU B 465 -28.07 19.26 14.26
N ARG B 466 -29.08 19.93 14.81
CA ARG B 466 -30.46 19.50 14.59
C ARG B 466 -31.32 20.68 14.15
N ASP B 467 -32.21 20.41 13.21
CA ASP B 467 -33.05 21.43 12.57
C ASP B 467 -34.49 21.23 13.03
N ILE B 468 -35.07 22.28 13.61
CA ILE B 468 -36.48 22.24 14.00
C ILE B 468 -37.19 23.46 13.41
N SER B 469 -38.22 23.18 12.60
CA SER B 469 -38.99 24.19 11.88
C SER B 469 -40.08 23.50 11.06
N THR B 470 -41.07 24.24 10.59
CA THR B 470 -42.06 23.69 9.68
C THR B 470 -42.46 24.71 8.62
N GLU B 471 -41.85 24.59 7.43
CA GLU B 471 -42.32 25.30 6.25
C GLU B 471 -42.38 24.32 5.09
N ILE B 472 -43.53 24.24 4.47
CA ILE B 472 -44.02 23.07 3.77
C ILE B 472 -43.30 22.85 2.44
N TYR B 473 -43.08 21.58 2.12
CA TYR B 473 -42.63 21.13 0.80
C TYR B 473 -43.80 20.93 -0.15
N GLN B 474 -44.92 21.60 0.13
CA GLN B 474 -46.10 21.58 -0.72
C GLN B 474 -45.92 22.55 -1.88
N ALA B 475 -46.14 22.06 -3.10
CA ALA B 475 -46.03 22.87 -4.31
C ALA B 475 -47.31 22.69 -5.12
N ASN B 487 -48.97 16.33 -4.69
CA ASN B 487 -49.96 17.39 -4.44
C ASN B 487 -49.50 18.31 -3.30
N CYS B 488 -49.15 17.69 -2.17
CA CYS B 488 -48.67 18.40 -1.00
C CYS B 488 -47.74 17.50 -0.22
N TYR B 489 -46.78 18.11 0.48
CA TYR B 489 -45.83 17.36 1.28
C TYR B 489 -45.58 18.12 2.58
N PHE B 490 -45.05 17.41 3.57
CA PHE B 490 -44.83 17.96 4.90
C PHE B 490 -43.62 17.29 5.51
N PRO B 491 -42.69 18.05 6.09
CA PRO B 491 -41.43 17.46 6.58
C PRO B 491 -41.58 16.74 7.91
N LEU B 492 -42.55 15.83 7.99
CA LEU B 492 -42.82 15.07 9.19
C LEU B 492 -43.68 13.86 8.83
N GLN B 493 -43.55 12.77 9.55
CA GLN B 493 -44.33 11.57 9.23
C GLN B 493 -44.61 10.79 10.50
N SER B 494 -45.86 10.38 10.67
CA SER B 494 -46.26 9.70 11.89
C SER B 494 -45.69 8.30 11.94
N TYR B 495 -45.63 7.76 13.16
CA TYR B 495 -45.09 6.44 13.43
C TYR B 495 -46.21 5.59 14.02
N GLY B 496 -46.53 4.48 13.35
CA GLY B 496 -47.52 3.55 13.84
C GLY B 496 -46.90 2.42 14.66
N PHE B 497 -47.77 1.64 15.27
CA PHE B 497 -47.34 0.51 16.07
C PHE B 497 -48.49 -0.46 16.29
N VAL B 503 -41.33 -7.07 13.88
CA VAL B 503 -40.09 -6.38 14.19
C VAL B 503 -39.68 -5.50 13.02
N GLY B 504 -39.07 -4.37 13.32
CA GLY B 504 -38.70 -3.41 12.30
C GLY B 504 -39.61 -2.20 12.23
N TYR B 505 -40.79 -2.25 12.84
CA TYR B 505 -41.66 -1.09 12.92
C TYR B 505 -42.17 -0.91 14.34
N GLN B 506 -41.35 -1.25 15.32
CA GLN B 506 -41.62 -0.94 16.72
C GLN B 506 -40.50 -0.04 17.21
N PRO B 507 -40.81 1.17 17.67
CA PRO B 507 -39.77 2.18 17.85
C PRO B 507 -38.67 1.83 18.84
N TYR B 508 -37.46 1.64 18.33
CA TYR B 508 -36.30 1.35 19.19
C TYR B 508 -35.87 2.61 19.93
N ARG B 509 -35.70 2.48 21.24
CA ARG B 509 -35.09 3.53 22.03
C ARG B 509 -33.57 3.47 21.88
N VAL B 510 -32.96 4.63 21.62
CA VAL B 510 -31.54 4.72 21.32
C VAL B 510 -30.90 5.77 22.22
N VAL B 511 -29.77 5.41 22.83
CA VAL B 511 -28.96 6.30 23.64
C VAL B 511 -27.55 6.31 23.04
N VAL B 512 -27.07 7.51 22.70
CA VAL B 512 -25.78 7.70 22.07
C VAL B 512 -24.89 8.42 23.08
N LEU B 513 -23.86 7.73 23.56
CA LEU B 513 -22.92 8.37 24.47
C LEU B 513 -21.77 8.97 23.68
N SER B 514 -21.31 10.13 24.13
CA SER B 514 -20.25 10.85 23.45
C SER B 514 -19.23 11.28 24.48
N PHE B 515 -17.99 10.82 24.30
CA PHE B 515 -16.88 11.15 25.16
C PHE B 515 -15.91 12.07 24.43
N GLU B 516 -15.08 12.74 25.22
CA GLU B 516 -13.94 13.45 24.68
C GLU B 516 -12.73 13.09 25.53
N LEU B 517 -11.61 12.86 24.86
CA LEU B 517 -10.43 12.37 25.56
C LEU B 517 -9.72 13.52 26.27
N LEU B 518 -8.89 13.16 27.24
CA LEU B 518 -8.34 14.14 28.16
C LEU B 518 -7.43 15.14 27.47
N HIS B 519 -7.86 16.41 27.48
CA HIS B 519 -6.97 17.53 27.24
C HIS B 519 -7.20 18.55 28.35
N ALA B 520 -8.42 18.54 28.89
CA ALA B 520 -8.86 19.29 30.05
C ALA B 520 -8.93 18.35 31.26
N PRO B 521 -9.12 18.89 32.48
CA PRO B 521 -9.27 18.01 33.64
C PRO B 521 -10.39 17.00 33.47
N ALA B 522 -10.19 15.81 34.01
CA ALA B 522 -11.25 14.81 34.01
C ALA B 522 -12.20 15.08 35.16
N THR B 523 -13.49 14.89 34.89
CA THR B 523 -14.51 15.05 35.92
C THR B 523 -15.45 13.87 36.04
N VAL B 524 -15.76 13.17 34.96
CA VAL B 524 -16.57 11.96 35.00
C VAL B 524 -15.67 10.81 34.58
N CYS B 525 -15.25 10.00 35.54
CA CYS B 525 -14.17 9.10 35.21
C CYS B 525 -14.23 7.87 36.09
N GLY B 526 -13.76 6.75 35.54
CA GLY B 526 -14.11 5.42 35.99
C GLY B 526 -13.93 5.12 37.46
N PRO B 527 -14.64 4.10 37.94
CA PRO B 527 -14.50 3.69 39.34
C PRO B 527 -13.26 2.86 39.58
N LYS B 528 -12.13 3.52 39.82
CA LYS B 528 -10.86 2.84 40.04
C LYS B 528 -10.27 3.29 41.37
N LYS B 529 -9.81 2.34 42.16
CA LYS B 529 -9.34 2.63 43.50
C LYS B 529 -7.92 3.19 43.45
N SER B 530 -7.74 4.38 44.00
CA SER B 530 -6.48 5.09 43.97
C SER B 530 -5.58 4.63 45.11
N THR B 531 -4.31 4.41 44.80
CA THR B 531 -3.33 3.96 45.79
C THR B 531 -2.35 5.07 46.13
N ASN B 532 -1.40 4.72 46.98
CA ASN B 532 -0.37 5.66 47.42
C ASN B 532 0.58 5.95 46.27
N LEU B 533 1.60 6.76 46.54
CA LEU B 533 2.59 7.10 45.53
C LEU B 533 3.98 7.10 46.16
N VAL B 534 4.98 6.76 45.33
CA VAL B 534 6.36 6.63 45.76
C VAL B 534 7.24 7.41 44.80
N LYS B 535 8.49 7.60 45.19
CA LYS B 535 9.42 8.39 44.40
C LYS B 535 10.78 7.72 44.33
N ASN B 536 11.55 8.07 43.29
CA ASN B 536 12.90 7.58 43.06
C ASN B 536 12.96 6.09 42.75
N LYS B 537 11.92 5.56 42.08
CA LYS B 537 11.94 4.19 41.59
C LYS B 537 11.21 4.14 40.26
N CYS B 538 11.77 3.44 39.29
CA CYS B 538 11.07 3.28 38.02
C CYS B 538 9.77 2.50 38.26
N VAL B 539 8.65 3.18 38.06
CA VAL B 539 7.33 2.67 38.39
C VAL B 539 6.40 2.82 37.19
N ASN B 540 5.29 2.10 37.25
CA ASN B 540 4.17 2.26 36.33
C ASN B 540 3.13 3.17 36.98
N PHE B 541 2.92 4.34 36.40
CA PHE B 541 1.92 5.25 36.92
C PHE B 541 0.71 5.29 35.99
N ASN B 542 -0.46 5.61 36.56
CA ASN B 542 -1.72 5.64 35.83
C ASN B 542 -2.50 6.92 36.14
N PHE B 543 -1.85 8.07 36.02
CA PHE B 543 -2.43 9.35 36.41
C PHE B 543 -3.65 9.66 35.54
N ASN B 544 -4.85 9.46 36.10
CA ASN B 544 -6.11 9.83 35.46
C ASN B 544 -6.31 9.15 34.10
N GLY B 545 -5.74 7.98 33.91
CA GLY B 545 -5.74 7.31 32.64
C GLY B 545 -4.44 7.43 31.87
N LEU B 546 -3.74 8.56 32.00
CA LEU B 546 -2.40 8.73 31.42
C LEU B 546 -1.43 7.81 32.15
N THR B 547 -1.15 6.68 31.51
CA THR B 547 -0.29 5.69 32.13
C THR B 547 1.05 5.61 31.40
N GLY B 548 2.06 5.15 32.14
CA GLY B 548 3.41 5.09 31.61
C GLY B 548 4.37 4.58 32.66
N THR B 549 5.66 4.73 32.36
CA THR B 549 6.72 4.19 33.19
C THR B 549 7.85 5.19 33.34
N GLY B 550 8.31 5.38 34.57
CA GLY B 550 9.42 6.28 34.80
C GLY B 550 9.68 6.48 36.27
N VAL B 551 10.63 7.35 36.55
CA VAL B 551 10.97 7.73 37.91
C VAL B 551 10.48 9.15 38.19
N LEU B 552 9.74 9.29 39.30
CA LEU B 552 9.09 10.53 39.69
C LEU B 552 9.98 11.29 40.67
N THR B 553 9.76 12.60 40.78
CA THR B 553 10.55 13.44 41.66
C THR B 553 9.76 14.70 42.03
N GLU B 554 10.07 15.26 43.19
CA GLU B 554 9.57 16.59 43.53
C GLU B 554 10.24 17.62 42.63
N SER B 555 9.43 18.49 42.03
CA SER B 555 9.86 19.32 40.93
C SER B 555 9.90 20.79 41.33
N ASN B 556 10.79 21.53 40.68
CA ASN B 556 10.89 22.98 40.84
C ASN B 556 10.36 23.72 39.61
N LYS B 557 9.48 23.07 38.85
CA LYS B 557 8.81 23.71 37.74
C LYS B 557 7.66 24.55 38.25
N LYS B 558 7.57 25.78 37.76
CA LYS B 558 6.59 26.74 38.27
C LYS B 558 5.33 26.75 37.41
N PHE B 559 4.55 25.69 37.55
CA PHE B 559 3.22 25.65 36.95
C PHE B 559 2.39 26.82 37.46
N LEU B 560 1.34 27.15 36.71
CA LEU B 560 0.34 28.12 37.12
C LEU B 560 -1.02 27.45 37.15
N PRO B 561 -1.90 27.85 38.09
CA PRO B 561 -3.06 27.01 38.45
C PRO B 561 -3.81 26.35 37.32
N PHE B 562 -3.85 26.98 36.15
CA PHE B 562 -4.55 26.37 35.04
C PHE B 562 -3.76 25.24 34.41
N GLN B 563 -2.45 25.18 34.63
CA GLN B 563 -1.62 24.21 33.95
C GLN B 563 -1.65 22.86 34.66
N GLN B 564 -1.71 21.79 33.88
CA GLN B 564 -1.90 20.44 34.40
C GLN B 564 -0.70 19.53 34.21
N PHE B 565 -0.24 19.32 32.98
CA PHE B 565 0.95 18.51 32.75
C PHE B 565 1.84 19.21 31.74
N GLY B 566 3.15 19.04 31.92
CA GLY B 566 4.12 19.71 31.09
C GLY B 566 4.62 18.80 29.98
N ARG B 567 5.42 19.38 29.10
CA ARG B 567 6.07 18.64 28.02
C ARG B 567 7.10 19.53 27.35
N ASP B 568 8.19 18.91 26.93
CA ASP B 568 9.17 19.65 26.14
C ASP B 568 8.96 19.43 24.64
N ILE B 569 9.18 18.20 24.17
CA ILE B 569 9.05 17.88 22.75
C ILE B 569 8.32 16.55 22.64
N ALA B 570 8.19 16.06 21.41
CA ALA B 570 7.85 14.67 21.09
C ALA B 570 6.49 14.25 21.67
N ASP B 571 5.72 15.20 22.20
CA ASP B 571 4.42 14.90 22.81
C ASP B 571 4.57 13.88 23.94
N THR B 572 5.68 13.96 24.66
CA THR B 572 5.92 13.13 25.83
C THR B 572 5.75 13.97 27.08
N THR B 573 4.98 13.45 28.03
CA THR B 573 4.74 14.13 29.30
C THR B 573 6.01 14.18 30.12
N ASP B 574 6.27 15.32 30.75
CA ASP B 574 7.43 15.49 31.60
C ASP B 574 7.09 15.74 33.07
N ALA B 575 6.07 16.54 33.34
CA ALA B 575 5.60 16.72 34.70
C ALA B 575 4.11 16.45 34.74
N VAL B 576 3.59 16.27 35.93
CA VAL B 576 2.17 16.09 36.12
C VAL B 576 1.74 16.83 37.37
N ARG B 577 0.46 17.14 37.47
CA ARG B 577 -0.11 17.63 38.71
C ARG B 577 -0.82 16.46 39.37
N ASP B 578 -0.46 16.18 40.62
CA ASP B 578 -1.09 15.10 41.34
C ASP B 578 -2.59 15.37 41.47
N PRO B 579 -3.44 14.48 40.96
CA PRO B 579 -4.89 14.73 41.05
C PRO B 579 -5.42 14.79 42.47
N GLN B 580 -4.81 14.10 43.42
CA GLN B 580 -5.33 14.02 44.78
C GLN B 580 -4.70 15.00 45.74
N THR B 581 -3.48 15.48 45.47
CA THR B 581 -2.88 16.46 46.37
C THR B 581 -2.35 17.69 45.67
N LEU B 582 -2.59 17.82 44.36
CA LEU B 582 -2.16 18.99 43.59
C LEU B 582 -0.65 19.23 43.53
N GLU B 583 0.12 18.18 43.74
CA GLU B 583 1.57 18.24 43.69
C GLU B 583 2.04 18.05 42.25
N ILE B 584 3.08 18.77 41.88
CA ILE B 584 3.68 18.68 40.57
C ILE B 584 4.90 17.78 40.64
N LEU B 585 4.88 16.71 39.85
CA LEU B 585 5.92 15.69 39.86
C LEU B 585 6.64 15.68 38.53
N ASP B 586 7.97 15.64 38.60
CA ASP B 586 8.86 15.51 37.45
C ASP B 586 9.03 14.03 37.10
N ILE B 587 9.05 13.74 35.81
CA ILE B 587 9.16 12.36 35.31
C ILE B 587 10.45 12.27 34.50
N THR B 588 11.25 11.21 34.76
CA THR B 588 12.44 10.93 33.99
C THR B 588 12.45 9.47 33.56
N PRO B 589 12.94 9.16 32.36
CA PRO B 589 13.07 7.74 31.97
C PRO B 589 14.11 7.03 32.84
N CYS B 590 13.77 5.81 33.27
CA CYS B 590 14.75 5.05 34.01
C CYS B 590 15.81 4.48 33.06
N SER B 591 16.95 4.13 33.64
CA SER B 591 18.18 3.98 32.87
C SER B 591 18.11 2.83 31.88
N PHE B 592 18.70 3.05 30.71
CA PHE B 592 18.74 2.05 29.65
C PHE B 592 20.00 2.28 28.84
N GLY B 593 20.44 1.24 28.17
CA GLY B 593 21.64 1.36 27.37
C GLY B 593 21.95 0.10 26.61
N GLY B 594 23.10 0.12 25.95
CA GLY B 594 23.58 -1.04 25.22
C GLY B 594 24.61 -1.79 26.02
N VAL B 595 24.78 -3.06 25.69
CA VAL B 595 25.70 -3.94 26.40
C VAL B 595 26.71 -4.47 25.39
N SER B 596 27.98 -4.27 25.67
CA SER B 596 29.03 -4.84 24.83
C SER B 596 29.88 -5.80 25.65
N VAL B 597 30.46 -6.79 25.00
CA VAL B 597 31.28 -7.78 25.69
C VAL B 597 32.64 -7.85 25.01
N ILE B 598 33.68 -7.70 25.82
CA ILE B 598 35.07 -7.67 25.40
C ILE B 598 35.67 -9.06 25.62
N THR B 599 36.24 -9.64 24.57
CA THR B 599 36.82 -10.96 24.63
C THR B 599 38.20 -10.98 23.98
N PRO B 600 39.17 -11.66 24.58
CA PRO B 600 40.46 -11.88 23.91
C PRO B 600 40.43 -12.93 22.82
N GLY B 601 39.28 -13.46 22.46
CA GLY B 601 39.16 -14.57 21.55
C GLY B 601 39.04 -15.89 22.29
N THR B 602 38.22 -16.77 21.75
CA THR B 602 38.01 -18.07 22.36
C THR B 602 39.18 -19.01 22.13
N ASN B 603 39.99 -18.75 21.11
CA ASN B 603 41.20 -19.53 20.95
C ASN B 603 42.20 -19.21 22.05
N THR B 604 42.12 -17.98 22.57
CA THR B 604 43.03 -17.55 23.63
C THR B 604 42.55 -18.05 24.99
N SER B 605 41.66 -17.29 25.63
CA SER B 605 41.13 -17.65 26.93
C SER B 605 39.62 -17.48 26.97
N ASN B 606 38.95 -18.33 27.76
CA ASN B 606 37.50 -18.27 27.90
C ASN B 606 37.05 -17.21 28.89
N GLN B 607 37.65 -16.02 28.78
CA GLN B 607 37.32 -14.91 29.68
C GLN B 607 36.39 -13.91 28.98
N VAL B 608 35.88 -12.96 29.76
CA VAL B 608 34.99 -11.94 29.22
C VAL B 608 34.92 -10.75 30.17
N ALA B 609 34.84 -9.55 29.61
CA ALA B 609 34.49 -8.35 30.37
C ALA B 609 33.30 -7.68 29.73
N VAL B 610 32.54 -6.90 30.49
CA VAL B 610 31.26 -6.39 30.01
C VAL B 610 31.19 -4.89 30.23
N LEU B 611 30.74 -4.16 29.21
CA LEU B 611 30.58 -2.72 29.28
C LEU B 611 29.11 -2.37 29.16
N TYR B 612 28.61 -1.64 30.16
CA TYR B 612 27.26 -1.11 30.18
C TYR B 612 27.33 0.35 29.76
N GLN B 613 26.91 0.62 28.54
CA GLN B 613 27.21 1.88 27.88
C GLN B 613 26.33 2.99 28.41
N ASP B 614 26.97 4.06 28.89
CA ASP B 614 26.31 5.28 29.32
C ASP B 614 25.38 5.03 30.51
N VAL B 615 25.95 4.49 31.58
CA VAL B 615 25.19 4.24 32.80
C VAL B 615 26.14 4.38 33.98
N ASN B 616 25.56 4.64 35.16
CA ASN B 616 26.36 4.71 36.37
C ASN B 616 26.70 3.31 36.83
N CYS B 617 27.90 3.14 37.36
CA CYS B 617 28.33 1.80 37.75
C CYS B 617 27.75 1.51 39.12
N THR B 618 26.46 1.77 39.27
CA THR B 618 25.76 1.67 40.53
C THR B 618 24.34 1.16 40.39
N GLU B 619 23.86 0.93 39.17
CA GLU B 619 22.56 0.31 38.95
C GLU B 619 22.73 -0.87 37.99
N VAL B 620 23.68 -1.73 38.30
CA VAL B 620 23.92 -2.92 37.50
C VAL B 620 23.87 -4.17 38.37
N THR B 638 28.81 -11.34 37.87
CA THR B 638 29.19 -10.04 37.35
C THR B 638 28.92 -8.94 38.36
N GLY B 639 29.61 -9.00 39.51
CA GLY B 639 29.42 -8.00 40.53
C GLY B 639 30.63 -7.60 41.35
N SER B 640 31.85 -7.76 40.81
CA SER B 640 33.04 -7.29 41.51
C SER B 640 34.10 -6.94 40.46
N ASN B 641 34.98 -5.99 40.81
CA ASN B 641 35.95 -5.36 39.91
C ASN B 641 35.30 -4.35 38.97
N VAL B 642 34.29 -3.61 39.43
CA VAL B 642 33.68 -2.59 38.60
C VAL B 642 34.61 -1.39 38.48
N PHE B 643 34.45 -0.65 37.38
CA PHE B 643 35.32 0.48 37.06
C PHE B 643 34.53 1.41 36.16
N GLN B 644 34.47 2.69 36.50
CA GLN B 644 33.64 3.62 35.77
C GLN B 644 34.47 4.45 34.80
N THR B 645 34.16 4.35 33.51
CA THR B 645 34.84 5.14 32.50
C THR B 645 33.90 6.23 31.98
N ARG B 646 34.34 6.96 30.97
CA ARG B 646 33.53 7.96 30.31
C ARG B 646 32.61 7.33 29.26
N ALA B 647 32.81 6.07 28.93
CA ALA B 647 32.00 5.36 27.96
C ALA B 647 30.93 4.49 28.60
N GLY B 648 30.98 4.30 29.92
CA GLY B 648 30.01 3.50 30.62
C GLY B 648 30.59 2.90 31.88
N CYS B 649 30.09 1.71 32.23
CA CYS B 649 30.54 1.02 33.42
C CYS B 649 31.10 -0.33 33.01
N LEU B 650 32.34 -0.60 33.43
CA LEU B 650 33.07 -1.79 33.04
C LEU B 650 33.12 -2.79 34.19
N ILE B 651 32.82 -4.04 33.89
CA ILE B 651 32.81 -5.09 34.90
C ILE B 651 33.61 -6.27 34.37
N GLY B 652 34.66 -6.65 35.09
CA GLY B 652 35.47 -7.78 34.71
C GLY B 652 36.88 -7.45 34.23
N ALA B 653 37.34 -6.24 34.48
CA ALA B 653 38.69 -5.85 34.09
C ALA B 653 39.30 -5.04 35.22
N GLU B 654 40.60 -5.21 35.43
CA GLU B 654 41.30 -4.44 36.45
C GLU B 654 41.98 -3.24 35.81
N HIS B 655 41.93 -2.13 36.52
CA HIS B 655 42.50 -0.87 36.05
C HIS B 655 43.95 -0.76 36.47
N VAL B 656 44.85 -0.60 35.51
CA VAL B 656 46.26 -0.46 35.78
C VAL B 656 46.67 0.99 35.57
N ASN B 657 47.82 1.38 36.13
CA ASN B 657 48.37 2.70 35.94
C ASN B 657 49.24 2.83 34.71
N ASN B 658 49.69 1.72 34.12
CA ASN B 658 50.58 1.75 32.98
C ASN B 658 49.88 2.32 31.75
N SER B 659 50.61 2.35 30.64
CA SER B 659 50.04 2.66 29.34
C SER B 659 50.72 1.80 28.30
N TYR B 660 49.92 1.34 27.34
CA TYR B 660 50.39 0.48 26.28
C TYR B 660 49.79 0.98 24.98
N GLU B 661 50.19 0.37 23.88
CA GLU B 661 49.49 0.64 22.63
C GLU B 661 48.11 -0.02 22.65
N CYS B 662 47.18 0.56 21.91
CA CYS B 662 45.81 0.09 21.98
C CYS B 662 45.68 -1.32 21.41
N ASP B 663 44.86 -2.13 22.07
CA ASP B 663 44.58 -3.48 21.61
C ASP B 663 43.10 -3.63 21.26
N ILE B 664 42.23 -3.43 22.24
CA ILE B 664 40.80 -3.39 22.02
C ILE B 664 40.30 -2.04 22.49
N PRO B 665 39.74 -1.20 21.61
CA PRO B 665 39.32 0.16 22.00
C PRO B 665 38.01 0.12 22.78
N ILE B 666 38.02 0.74 23.96
CA ILE B 666 36.79 0.85 24.74
C ILE B 666 36.19 2.21 24.43
N GLY B 667 37.01 3.25 24.44
CA GLY B 667 36.58 4.58 24.07
C GLY B 667 37.07 5.62 25.06
N ALA B 668 37.00 6.88 24.63
CA ALA B 668 37.44 8.03 25.42
C ALA B 668 38.84 7.82 25.98
N GLY B 669 39.72 7.31 25.15
CA GLY B 669 41.09 7.08 25.52
C GLY B 669 41.40 5.76 26.17
N ILE B 670 40.38 4.95 26.49
CA ILE B 670 40.57 3.73 27.27
C ILE B 670 40.59 2.54 26.33
N CYS B 671 41.59 1.67 26.49
CA CYS B 671 41.74 0.43 25.74
C CYS B 671 41.86 -0.73 26.73
N ALA B 672 41.68 -1.93 26.21
CA ALA B 672 41.64 -3.13 27.03
C ALA B 672 42.45 -4.24 26.38
N SER B 673 43.11 -5.04 27.20
CA SER B 673 43.95 -6.10 26.68
C SER B 673 43.89 -7.31 27.59
N TYR B 674 44.44 -8.41 27.09
CA TYR B 674 44.52 -9.67 27.82
C TYR B 674 45.96 -9.93 28.21
N GLN B 675 46.29 -9.63 29.46
CA GLN B 675 47.60 -9.92 30.03
C GLN B 675 47.65 -9.44 31.46
N THR B 676 48.73 -9.77 32.16
CA THR B 676 49.04 -9.17 33.46
C THR B 676 47.93 -9.38 34.49
N GLN B 690 47.43 -13.70 33.61
CA GLN B 690 46.67 -12.87 32.69
C GLN B 690 45.21 -12.81 33.11
N SER B 691 44.64 -11.62 33.31
CA SER B 691 43.20 -11.62 33.49
C SER B 691 42.44 -10.87 32.40
N ILE B 692 42.37 -9.55 32.48
CA ILE B 692 41.94 -8.62 31.44
C ILE B 692 42.18 -7.25 32.06
N ILE B 693 42.74 -6.31 31.32
CA ILE B 693 43.15 -5.04 31.88
C ILE B 693 42.57 -3.90 31.06
N ALA B 694 42.30 -2.80 31.75
CA ALA B 694 41.81 -1.58 31.14
C ALA B 694 42.78 -0.45 31.48
N TYR B 695 43.28 0.25 30.47
CA TYR B 695 44.32 1.25 30.66
C TYR B 695 44.07 2.44 29.75
N THR B 696 44.80 3.52 30.03
CA THR B 696 44.85 4.67 29.12
C THR B 696 45.92 4.45 28.06
N MET B 697 45.55 4.56 26.80
CA MET B 697 46.46 4.17 25.72
C MET B 697 47.61 5.15 25.57
N SER B 698 48.76 4.61 25.20
CA SER B 698 49.93 5.41 24.91
C SER B 698 49.96 5.76 23.44
N LEU B 699 50.49 6.93 23.13
CA LEU B 699 50.52 7.40 21.76
C LEU B 699 51.77 6.99 21.04
N GLY B 700 52.82 6.69 21.75
CA GLY B 700 54.07 6.26 21.15
C GLY B 700 55.22 6.62 22.05
N ALA B 701 56.40 6.17 21.64
CA ALA B 701 57.61 6.54 22.35
C ALA B 701 57.86 8.03 22.19
N GLU B 702 58.60 8.58 23.13
CA GLU B 702 58.85 10.01 23.17
C GLU B 702 60.33 10.26 22.96
N ASN B 703 60.66 11.32 22.25
CA ASN B 703 62.08 11.64 22.16
C ASN B 703 62.28 13.10 21.79
N SER B 704 63.25 13.71 22.45
CA SER B 704 63.76 15.01 22.12
C SER B 704 64.84 14.91 21.05
N VAL B 705 64.71 15.74 20.03
CA VAL B 705 65.73 15.89 19.00
C VAL B 705 66.83 16.76 19.57
N ALA B 706 68.06 16.47 19.19
CA ALA B 706 69.21 17.20 19.72
C ALA B 706 69.44 18.50 18.95
N TYR B 707 68.42 19.35 18.92
CA TYR B 707 68.48 20.57 18.15
C TYR B 707 69.45 21.57 18.78
N SER B 708 70.30 22.17 17.95
CA SER B 708 71.05 23.36 18.34
C SER B 708 71.21 24.27 17.13
N ASN B 709 71.85 25.42 17.30
CA ASN B 709 71.91 26.35 16.17
C ASN B 709 73.10 26.12 15.26
N ASN B 710 73.95 25.14 15.53
CA ASN B 710 75.01 24.82 14.59
C ASN B 710 75.32 23.33 14.52
N SER B 711 74.32 22.49 14.74
CA SER B 711 74.47 21.05 14.71
C SER B 711 73.67 20.46 13.56
N ILE B 712 74.21 19.41 12.94
CA ILE B 712 73.53 18.74 11.84
C ILE B 712 73.76 17.23 11.97
N ALA B 713 72.88 16.45 11.36
CA ALA B 713 73.01 15.00 11.30
C ALA B 713 72.93 14.53 9.86
N ILE B 714 73.94 13.79 9.42
CA ILE B 714 74.05 13.33 8.03
C ILE B 714 74.04 11.80 8.05
N PRO B 715 73.32 11.14 7.15
CA PRO B 715 73.36 9.68 7.09
C PRO B 715 74.61 9.14 6.41
N THR B 716 75.08 8.00 6.91
CA THR B 716 76.28 7.36 6.34
C THR B 716 75.99 6.03 5.64
N ASN B 717 74.73 5.61 5.63
CA ASN B 717 74.35 4.37 4.97
C ASN B 717 72.89 4.48 4.59
N PHE B 718 72.35 3.42 4.01
CA PHE B 718 70.95 3.39 3.62
C PHE B 718 70.45 1.96 3.64
N THR B 719 69.13 1.81 3.64
CA THR B 719 68.48 0.54 3.35
C THR B 719 67.52 0.69 2.19
N ILE B 720 67.29 -0.42 1.49
CA ILE B 720 66.29 -0.51 0.44
C ILE B 720 65.07 -1.21 1.00
N SER B 721 63.93 -0.54 1.00
CA SER B 721 62.68 -1.11 1.51
C SER B 721 61.75 -1.46 0.35
N VAL B 722 60.95 -2.50 0.56
CA VAL B 722 59.80 -2.78 -0.30
C VAL B 722 58.58 -3.01 0.59
N THR B 723 57.48 -2.35 0.26
CA THR B 723 56.25 -2.47 1.04
C THR B 723 55.05 -2.65 0.12
N THR B 724 54.04 -3.33 0.62
CA THR B 724 52.83 -3.59 -0.13
C THR B 724 51.76 -2.54 0.14
N GLU B 725 50.93 -2.34 -0.87
CA GLU B 725 49.68 -1.60 -0.74
C GLU B 725 48.63 -2.34 -1.53
N ILE B 726 47.43 -2.48 -0.98
CA ILE B 726 46.38 -3.29 -1.58
C ILE B 726 45.15 -2.43 -1.77
N LEU B 727 44.55 -2.50 -2.95
CA LEU B 727 43.39 -1.66 -3.24
C LEU B 727 42.34 -2.45 -4.01
N PRO B 728 41.07 -2.29 -3.64
CA PRO B 728 39.98 -2.89 -4.44
C PRO B 728 39.73 -2.12 -5.72
N VAL B 729 39.37 -2.85 -6.77
CA VAL B 729 39.00 -2.18 -8.01
C VAL B 729 37.61 -2.56 -8.51
N SER B 730 36.97 -3.63 -8.05
CA SER B 730 35.64 -3.95 -8.56
C SER B 730 34.86 -4.81 -7.57
N MET B 731 33.54 -4.83 -7.77
CA MET B 731 32.60 -5.72 -7.11
C MET B 731 32.01 -6.71 -8.11
N THR B 732 31.31 -7.71 -7.59
CA THR B 732 30.59 -8.65 -8.41
C THR B 732 29.37 -8.01 -9.06
N LYS B 733 29.16 -8.35 -10.32
CA LYS B 733 28.03 -7.85 -11.10
C LYS B 733 26.83 -8.75 -10.89
N THR B 734 25.81 -8.24 -10.26
CA THR B 734 24.60 -9.00 -10.02
C THR B 734 23.43 -8.28 -10.65
N SER B 735 22.43 -9.06 -11.01
CA SER B 735 21.17 -8.54 -11.51
C SER B 735 20.03 -9.24 -10.78
N VAL B 736 18.95 -8.49 -10.59
CA VAL B 736 17.74 -9.06 -10.00
C VAL B 736 16.60 -8.77 -10.96
N ASP B 737 15.79 -9.78 -11.21
CA ASP B 737 14.53 -9.61 -11.92
C ASP B 737 13.48 -9.19 -10.91
N CYS B 738 13.08 -7.92 -10.94
CA CYS B 738 12.14 -7.38 -9.97
C CYS B 738 10.85 -8.20 -9.93
N THR B 739 10.28 -8.49 -11.10
CA THR B 739 9.02 -9.22 -11.14
C THR B 739 9.14 -10.62 -10.58
N MET B 740 10.24 -11.31 -10.84
CA MET B 740 10.38 -12.68 -10.38
C MET B 740 10.75 -12.77 -8.91
N TYR B 741 11.37 -11.73 -8.36
CA TYR B 741 11.62 -11.70 -6.92
C TYR B 741 10.32 -11.40 -6.18
N ILE B 742 9.55 -10.44 -6.68
CA ILE B 742 8.35 -10.04 -5.99
C ILE B 742 7.21 -11.04 -6.10
N CYS B 743 7.00 -11.63 -7.28
CA CYS B 743 5.80 -12.38 -7.56
C CYS B 743 6.04 -13.87 -7.77
N GLY B 744 7.26 -14.27 -8.11
CA GLY B 744 7.57 -15.66 -8.26
C GLY B 744 6.83 -16.39 -9.36
N ASP B 745 6.58 -15.73 -10.49
CA ASP B 745 5.92 -16.34 -11.64
C ASP B 745 4.52 -16.85 -11.28
N SER B 746 3.67 -15.92 -10.86
CA SER B 746 2.25 -16.13 -10.69
C SER B 746 1.50 -14.93 -11.28
N THR B 747 0.50 -15.20 -12.10
CA THR B 747 -0.14 -14.14 -12.88
C THR B 747 -0.88 -13.14 -12.01
N GLU B 748 -1.44 -13.59 -10.90
CA GLU B 748 -2.26 -12.72 -10.06
C GLU B 748 -1.45 -11.69 -9.29
N CYS B 749 -0.30 -12.08 -8.76
CA CYS B 749 0.68 -11.10 -8.29
C CYS B 749 1.13 -10.16 -9.40
N SER B 750 1.31 -10.67 -10.62
CA SER B 750 1.83 -9.83 -11.67
C SER B 750 0.86 -8.73 -12.08
N ASN B 751 -0.43 -9.04 -12.16
CA ASN B 751 -1.40 -8.01 -12.51
C ASN B 751 -1.54 -6.97 -11.41
N LEU B 752 -1.41 -7.38 -10.14
CA LEU B 752 -1.44 -6.42 -9.05
C LEU B 752 -0.21 -5.54 -9.04
N LEU B 753 0.96 -6.11 -9.35
CA LEU B 753 2.19 -5.33 -9.36
C LEU B 753 2.26 -4.39 -10.56
N LEU B 754 1.60 -4.75 -11.66
CA LEU B 754 1.49 -3.85 -12.80
C LEU B 754 0.89 -2.49 -12.44
N GLN B 755 0.25 -2.38 -11.27
CA GLN B 755 -0.41 -1.16 -10.85
C GLN B 755 0.53 -0.16 -10.22
N TYR B 756 1.81 -0.47 -10.08
CA TYR B 756 2.75 0.39 -9.39
C TYR B 756 3.58 1.24 -10.33
N GLY B 757 3.42 1.07 -11.63
CA GLY B 757 4.12 1.94 -12.55
C GLY B 757 5.47 1.39 -12.93
N SER B 758 6.46 2.27 -13.01
CA SER B 758 7.80 1.89 -13.45
C SER B 758 8.76 1.71 -12.30
N PHE B 759 8.32 1.21 -11.15
CA PHE B 759 9.23 1.00 -10.04
C PHE B 759 10.27 -0.06 -10.34
N CYS B 760 9.92 -1.11 -11.08
CA CYS B 760 10.85 -2.18 -11.38
C CYS B 760 11.78 -1.87 -12.54
N THR B 761 11.36 -1.00 -13.47
CA THR B 761 12.25 -0.58 -14.55
C THR B 761 13.38 0.29 -14.02
N GLN B 762 13.07 1.16 -13.05
CA GLN B 762 14.10 1.97 -12.42
C GLN B 762 15.14 1.12 -11.72
N LEU B 763 14.71 0.08 -11.01
CA LEU B 763 15.66 -0.72 -10.24
C LEU B 763 16.59 -1.50 -11.16
N ASN B 764 16.07 -2.03 -12.26
CA ASN B 764 16.93 -2.72 -13.22
C ASN B 764 17.89 -1.77 -13.90
N ARG B 765 17.46 -0.55 -14.21
CA ARG B 765 18.41 0.42 -14.73
C ARG B 765 19.51 0.72 -13.72
N ALA B 766 19.14 0.90 -12.45
CA ALA B 766 20.12 1.19 -11.43
C ALA B 766 21.15 0.08 -11.30
N LEU B 767 20.70 -1.18 -11.28
CA LEU B 767 21.64 -2.27 -11.17
C LEU B 767 22.47 -2.47 -12.43
N THR B 768 21.94 -2.16 -13.61
CA THR B 768 22.73 -2.32 -14.82
C THR B 768 23.83 -1.29 -14.94
N GLY B 769 23.56 -0.05 -14.51
CA GLY B 769 24.60 0.95 -14.47
C GLY B 769 25.78 0.56 -13.61
N ILE B 770 25.52 0.02 -12.43
CA ILE B 770 26.54 -0.48 -11.53
C ILE B 770 27.41 -1.54 -12.20
N ALA B 771 26.80 -2.50 -12.90
CA ALA B 771 27.54 -3.56 -13.56
C ALA B 771 28.36 -3.08 -14.72
N VAL B 772 27.90 -2.07 -15.44
CA VAL B 772 28.71 -1.51 -16.52
C VAL B 772 29.87 -0.69 -15.95
N GLU B 773 29.72 -0.11 -14.76
CA GLU B 773 30.80 0.65 -14.16
C GLU B 773 31.94 -0.25 -13.68
N GLN B 774 31.64 -1.50 -13.32
CA GLN B 774 32.68 -2.38 -12.79
C GLN B 774 33.69 -2.80 -13.83
N ASP B 775 33.32 -2.83 -15.12
CA ASP B 775 34.27 -3.14 -16.16
C ASP B 775 35.13 -1.95 -16.52
N LYS B 776 34.58 -0.76 -16.44
CA LYS B 776 35.34 0.45 -16.68
C LYS B 776 36.33 0.72 -15.56
N ASN B 777 36.00 0.38 -14.32
CA ASN B 777 36.98 0.40 -13.24
C ASN B 777 38.25 -0.38 -13.61
N THR B 778 38.07 -1.62 -14.08
CA THR B 778 39.19 -2.48 -14.39
C THR B 778 39.94 -2.06 -15.64
N GLN B 779 39.21 -1.59 -16.65
CA GLN B 779 39.88 -1.06 -17.83
C GLN B 779 40.73 0.15 -17.48
N GLU B 780 40.26 1.00 -16.57
CA GLU B 780 41.04 2.17 -16.20
C GLU B 780 42.24 1.84 -15.35
N VAL B 781 42.19 0.80 -14.52
CA VAL B 781 43.38 0.48 -13.74
C VAL B 781 44.40 -0.26 -14.58
N PHE B 782 43.99 -1.26 -15.36
CA PHE B 782 44.98 -2.20 -15.91
C PHE B 782 45.33 -1.98 -17.37
N ALA B 783 44.41 -1.54 -18.22
CA ALA B 783 44.71 -1.40 -19.64
C ALA B 783 45.38 -0.05 -19.93
N GLN B 784 46.47 0.19 -19.22
CA GLN B 784 47.23 1.44 -19.30
C GLN B 784 48.46 1.29 -20.17
N VAL B 785 48.42 0.44 -21.17
CA VAL B 785 49.62 0.14 -21.94
C VAL B 785 49.21 -0.12 -23.38
N LYS B 786 50.00 0.43 -24.31
CA LYS B 786 49.71 0.28 -25.73
C LYS B 786 50.01 -1.14 -26.21
N GLN B 787 51.24 -1.60 -25.99
CA GLN B 787 51.72 -2.85 -26.51
C GLN B 787 51.80 -3.85 -25.38
N ILE B 788 51.93 -5.12 -25.73
CA ILE B 788 52.16 -6.17 -24.76
C ILE B 788 53.64 -6.49 -24.80
N TYR B 789 54.39 -5.92 -23.86
CA TYR B 789 55.83 -6.03 -23.83
C TYR B 789 56.28 -7.34 -23.20
N LYS B 790 57.43 -7.83 -23.67
CA LYS B 790 58.02 -9.07 -23.19
C LYS B 790 59.44 -8.83 -22.70
N THR B 791 59.82 -9.56 -21.67
CA THR B 791 61.19 -9.54 -21.18
C THR B 791 62.06 -10.43 -22.07
N PRO B 792 63.35 -10.10 -22.20
CA PRO B 792 64.23 -10.92 -23.02
C PRO B 792 64.55 -12.24 -22.33
N PRO B 793 64.97 -13.26 -23.07
CA PRO B 793 65.19 -14.58 -22.47
C PRO B 793 66.31 -14.64 -21.44
N ILE B 794 67.30 -13.76 -21.50
CA ILE B 794 68.30 -13.64 -20.44
C ILE B 794 67.68 -12.92 -19.26
N LYS B 795 68.38 -12.87 -18.14
CA LYS B 795 67.93 -12.09 -17.02
C LYS B 795 69.09 -11.29 -16.42
N ASP B 796 69.94 -10.72 -17.27
CA ASP B 796 71.09 -9.96 -16.80
C ASP B 796 70.61 -8.55 -16.45
N PHE B 797 70.19 -8.37 -15.20
CA PHE B 797 69.68 -7.09 -14.72
C PHE B 797 70.56 -6.45 -13.67
N GLY B 798 71.87 -6.61 -13.79
CA GLY B 798 72.77 -5.96 -12.86
C GLY B 798 72.82 -6.58 -11.48
N GLY B 799 72.48 -7.86 -11.36
CA GLY B 799 72.41 -8.50 -10.07
C GLY B 799 71.05 -8.45 -9.42
N PHE B 800 70.09 -7.76 -10.01
CA PHE B 800 68.74 -7.71 -9.50
C PHE B 800 67.95 -8.90 -10.03
N ASN B 801 67.11 -9.47 -9.18
CA ASN B 801 66.45 -10.74 -9.43
C ASN B 801 64.96 -10.53 -9.30
N PHE B 802 64.24 -10.67 -10.41
CA PHE B 802 62.81 -10.39 -10.44
C PHE B 802 62.00 -11.66 -10.62
N SER B 803 62.57 -12.81 -10.29
CA SER B 803 61.94 -14.07 -10.67
C SER B 803 60.65 -14.34 -9.91
N GLN B 804 60.49 -13.81 -8.71
CA GLN B 804 59.27 -14.06 -7.96
C GLN B 804 58.10 -13.23 -8.43
N ILE B 805 58.31 -12.26 -9.32
CA ILE B 805 57.24 -11.41 -9.79
C ILE B 805 57.12 -11.42 -11.30
N LEU B 806 57.93 -12.14 -11.99
CA LEU B 806 57.70 -12.35 -13.41
C LEU B 806 56.84 -13.58 -13.64
N PRO B 807 56.16 -13.66 -14.78
CA PRO B 807 55.20 -14.76 -14.98
C PRO B 807 55.85 -16.13 -15.01
N ASP B 808 55.05 -17.13 -14.63
CA ASP B 808 55.51 -18.51 -14.52
C ASP B 808 55.11 -19.28 -15.78
N PRO B 809 56.06 -19.64 -16.64
CA PRO B 809 55.67 -20.26 -17.92
C PRO B 809 55.06 -21.65 -17.78
N SER B 810 55.26 -22.32 -16.64
CA SER B 810 54.69 -23.65 -16.42
C SER B 810 53.35 -23.57 -15.69
N LYS B 811 52.36 -22.93 -16.31
CA LYS B 811 51.04 -22.79 -15.72
C LYS B 811 50.04 -22.49 -16.82
N PRO B 812 48.78 -22.91 -16.67
CA PRO B 812 47.74 -22.44 -17.58
C PRO B 812 47.45 -20.96 -17.44
N SER B 813 47.51 -20.44 -16.22
CA SER B 813 47.19 -19.05 -15.95
C SER B 813 48.36 -18.11 -16.18
N LYS B 814 49.59 -18.63 -16.15
CA LYS B 814 50.80 -17.83 -16.37
C LYS B 814 50.94 -16.72 -15.33
N ARG B 815 50.48 -16.95 -14.12
CA ARG B 815 50.65 -15.97 -13.06
C ARG B 815 52.06 -16.07 -12.49
N SER B 816 52.42 -15.08 -11.70
CA SER B 816 53.70 -15.14 -11.02
C SER B 816 53.54 -15.85 -9.69
N PHE B 817 54.66 -16.05 -9.01
CA PHE B 817 54.66 -16.72 -7.72
C PHE B 817 53.85 -15.94 -6.70
N ILE B 818 54.02 -14.63 -6.68
CA ILE B 818 53.33 -13.81 -5.69
C ILE B 818 51.87 -13.63 -6.06
N GLU B 819 51.55 -13.61 -7.35
CA GLU B 819 50.17 -13.61 -7.79
C GLU B 819 49.47 -14.93 -7.53
N ASP B 820 50.20 -16.03 -7.48
CA ASP B 820 49.63 -17.29 -7.03
C ASP B 820 49.40 -17.32 -5.55
N LEU B 821 50.30 -16.73 -4.76
CA LEU B 821 50.03 -16.62 -3.33
C LEU B 821 48.82 -15.76 -3.04
N LEU B 822 48.62 -14.69 -3.80
CA LEU B 822 47.50 -13.79 -3.51
C LEU B 822 46.16 -14.42 -3.89
N PHE B 823 46.13 -15.32 -4.86
CA PHE B 823 44.86 -15.88 -5.28
C PHE B 823 44.42 -17.07 -4.46
N ASN B 824 45.23 -17.54 -3.51
CA ASN B 824 44.85 -18.59 -2.60
C ASN B 824 44.50 -18.06 -1.22
N LYS B 825 44.49 -16.75 -1.04
CA LYS B 825 44.17 -16.16 0.24
C LYS B 825 42.84 -15.41 0.24
N VAL B 826 42.27 -15.14 -0.92
CA VAL B 826 41.00 -14.43 -0.98
C VAL B 826 39.93 -15.33 -1.57
N LYS B 854 21.87 -20.54 -8.51
CA LYS B 854 20.65 -19.95 -9.05
C LYS B 854 19.62 -19.74 -7.94
N PHE B 855 18.81 -18.68 -8.10
CA PHE B 855 17.87 -18.29 -7.06
C PHE B 855 16.65 -17.60 -7.64
N ASN B 856 15.94 -16.87 -6.79
CA ASN B 856 14.65 -16.27 -7.13
C ASN B 856 14.78 -15.01 -7.96
N GLY B 857 15.38 -15.11 -9.14
CA GLY B 857 15.60 -13.96 -9.98
C GLY B 857 16.99 -13.35 -9.88
N LEU B 858 17.87 -13.91 -9.06
CA LEU B 858 19.20 -13.37 -8.86
C LEU B 858 20.18 -13.99 -9.84
N THR B 859 21.05 -13.17 -10.40
CA THR B 859 22.01 -13.60 -11.40
C THR B 859 23.35 -12.89 -11.19
N VAL B 860 24.43 -13.60 -11.47
CA VAL B 860 25.78 -13.05 -11.43
C VAL B 860 26.35 -13.08 -12.84
N LEU B 861 26.69 -11.92 -13.36
CA LEU B 861 27.32 -11.84 -14.67
C LEU B 861 28.82 -11.99 -14.55
N PRO B 862 29.49 -12.51 -15.56
CA PRO B 862 30.96 -12.62 -15.52
C PRO B 862 31.62 -11.33 -15.97
N PRO B 863 32.81 -11.04 -15.45
CA PRO B 863 33.55 -9.87 -15.93
C PRO B 863 33.98 -10.00 -17.38
N LEU B 864 34.12 -8.85 -18.04
CA LEU B 864 34.52 -8.84 -19.45
C LEU B 864 35.93 -9.37 -19.62
N LEU B 865 36.84 -8.94 -18.77
CA LEU B 865 38.21 -9.44 -18.78
C LEU B 865 38.32 -10.65 -17.86
N THR B 866 38.80 -11.76 -18.40
CA THR B 866 39.29 -12.85 -17.58
C THR B 866 40.44 -12.35 -16.73
N ASP B 867 40.79 -13.10 -15.69
CA ASP B 867 41.99 -12.69 -14.96
C ASP B 867 43.27 -13.24 -15.54
N GLU B 868 43.19 -14.13 -16.52
CA GLU B 868 44.33 -14.36 -17.39
C GLU B 868 44.70 -13.11 -18.15
N MET B 869 43.74 -12.41 -18.72
CA MET B 869 43.97 -11.13 -19.36
C MET B 869 44.52 -10.09 -18.42
N ILE B 870 44.06 -10.07 -17.18
CA ILE B 870 44.58 -9.11 -16.21
C ILE B 870 46.01 -9.44 -15.85
N ALA B 871 46.33 -10.72 -15.67
CA ALA B 871 47.71 -11.08 -15.42
C ALA B 871 48.60 -10.78 -16.60
N GLN B 872 48.06 -10.84 -17.81
CA GLN B 872 48.81 -10.50 -19.01
C GLN B 872 49.02 -9.00 -19.16
N TYR B 873 48.08 -8.18 -18.70
CA TYR B 873 48.34 -6.74 -18.63
C TYR B 873 49.41 -6.42 -17.59
N THR B 874 49.37 -7.06 -16.43
CA THR B 874 50.33 -6.74 -15.39
C THR B 874 51.74 -7.16 -15.74
N SER B 875 51.92 -8.31 -16.37
CA SER B 875 53.26 -8.71 -16.77
C SER B 875 53.85 -7.81 -17.82
N ALA B 876 53.03 -7.23 -18.70
CA ALA B 876 53.51 -6.30 -19.70
C ALA B 876 53.88 -4.96 -19.10
N LEU B 877 53.10 -4.49 -18.12
CA LEU B 877 53.53 -3.34 -17.35
C LEU B 877 54.85 -3.58 -16.64
N LEU B 878 55.07 -4.79 -16.15
CA LEU B 878 56.32 -5.09 -15.48
C LEU B 878 57.51 -5.12 -16.42
N ALA B 879 57.39 -5.77 -17.56
CA ALA B 879 58.45 -5.80 -18.55
C ALA B 879 58.72 -4.44 -19.17
N GLY B 880 57.73 -3.57 -19.26
CA GLY B 880 58.00 -2.21 -19.70
C GLY B 880 58.90 -1.46 -18.74
N THR B 881 58.63 -1.59 -17.45
CA THR B 881 59.42 -0.94 -16.42
C THR B 881 60.82 -1.49 -16.29
N ILE B 882 60.98 -2.80 -16.35
CA ILE B 882 62.30 -3.38 -16.11
C ILE B 882 63.22 -3.15 -17.30
N THR B 883 62.65 -2.88 -18.46
CA THR B 883 63.44 -2.77 -19.68
C THR B 883 63.58 -1.33 -20.18
N SER B 884 62.65 -0.45 -19.87
CA SER B 884 62.69 0.89 -20.44
C SER B 884 62.53 1.98 -19.40
N GLY B 885 62.45 1.66 -18.12
CA GLY B 885 62.29 2.68 -17.12
C GLY B 885 60.96 3.37 -17.17
N TRP B 886 60.95 4.66 -17.47
CA TRP B 886 59.71 5.42 -17.57
C TRP B 886 59.43 5.92 -18.98
N THR B 887 60.17 5.47 -19.97
CA THR B 887 59.98 6.02 -21.31
C THR B 887 58.77 5.46 -22.01
N PHE B 888 58.39 4.22 -21.70
CA PHE B 888 57.22 3.64 -22.34
C PHE B 888 55.91 4.26 -21.86
N GLY B 889 55.92 4.97 -20.73
CA GLY B 889 54.72 5.65 -20.27
C GLY B 889 54.50 6.99 -20.90
N ALA B 890 55.47 7.50 -21.66
CA ALA B 890 55.35 8.79 -22.32
C ALA B 890 55.45 8.70 -23.83
N GLY B 891 55.69 7.51 -24.37
CA GLY B 891 55.81 7.34 -25.80
C GLY B 891 56.29 5.95 -26.13
N ALA B 892 57.21 5.84 -27.06
CA ALA B 892 57.79 4.55 -27.41
C ALA B 892 58.81 4.12 -26.37
N ALA B 893 58.89 2.82 -26.16
CA ALA B 893 59.79 2.26 -25.15
C ALA B 893 61.22 2.35 -25.65
N LEU B 894 62.08 2.95 -24.85
CA LEU B 894 63.49 3.11 -25.17
C LEU B 894 64.30 2.31 -24.17
N GLN B 895 65.00 1.30 -24.63
CA GLN B 895 65.74 0.44 -23.72
C GLN B 895 66.91 1.20 -23.10
N ILE B 896 67.25 0.79 -21.88
CA ILE B 896 68.36 1.34 -21.11
C ILE B 896 68.79 0.22 -20.19
N PRO B 897 70.06 0.05 -19.86
CA PRO B 897 70.45 -0.98 -18.90
C PRO B 897 69.94 -0.69 -17.49
N PHE B 898 69.63 -1.75 -16.74
CA PHE B 898 68.90 -1.58 -15.49
C PHE B 898 69.70 -0.84 -14.43
N ALA B 899 71.00 -1.07 -14.34
CA ALA B 899 71.80 -0.31 -13.37
C ALA B 899 71.83 1.17 -13.70
N MET B 900 71.87 1.52 -14.98
CA MET B 900 71.87 2.93 -15.34
C MET B 900 70.53 3.58 -15.09
N GLN B 901 69.45 2.83 -15.20
CA GLN B 901 68.13 3.34 -14.85
C GLN B 901 68.01 3.53 -13.34
N MET B 902 68.56 2.59 -12.58
CA MET B 902 68.63 2.72 -11.13
C MET B 902 69.44 3.94 -10.72
N ALA B 903 70.49 4.24 -11.47
CA ALA B 903 71.29 5.43 -11.21
C ALA B 903 70.57 6.72 -11.58
N TYR B 904 69.76 6.72 -12.63
CA TYR B 904 68.90 7.86 -12.91
C TYR B 904 67.93 8.11 -11.77
N ARG B 905 67.37 7.04 -11.21
CA ARG B 905 66.42 7.17 -10.12
C ARG B 905 67.08 7.63 -8.83
N PHE B 906 68.32 7.25 -8.59
CA PHE B 906 69.02 7.79 -7.43
C PHE B 906 69.22 9.30 -7.55
N ASN B 907 69.41 9.81 -8.75
CA ASN B 907 69.45 11.25 -8.96
C ASN B 907 68.13 11.92 -8.65
N GLY B 908 67.01 11.23 -8.88
CA GLY B 908 65.72 11.84 -8.68
C GLY B 908 65.38 12.07 -7.23
N ILE B 909 66.00 11.30 -6.33
CA ILE B 909 65.82 11.52 -4.90
C ILE B 909 66.96 12.34 -4.31
N GLY B 910 67.84 12.90 -5.13
CA GLY B 910 68.89 13.76 -4.63
C GLY B 910 70.13 13.08 -4.13
N VAL B 911 70.41 11.87 -4.57
CA VAL B 911 71.65 11.20 -4.25
C VAL B 911 72.49 11.19 -5.52
N THR B 912 73.78 11.34 -5.35
CA THR B 912 74.68 11.40 -6.48
C THR B 912 74.94 10.00 -7.01
N GLN B 913 75.08 9.87 -8.32
CA GLN B 913 74.87 8.57 -8.94
C GLN B 913 76.06 7.63 -8.83
N ASN B 914 77.22 8.07 -8.39
CA ASN B 914 78.26 7.10 -8.04
C ASN B 914 77.98 6.35 -6.76
N VAL B 915 77.11 6.87 -5.90
CA VAL B 915 76.70 6.14 -4.72
C VAL B 915 76.01 4.84 -5.12
N LEU B 916 75.38 4.80 -6.29
CA LEU B 916 74.80 3.55 -6.75
C LEU B 916 75.86 2.63 -7.34
N TYR B 917 76.72 3.15 -8.20
CA TYR B 917 77.63 2.28 -8.92
C TYR B 917 78.71 1.70 -8.01
N GLU B 918 79.06 2.42 -6.94
CA GLU B 918 80.04 1.90 -6.00
C GLU B 918 79.43 0.99 -4.95
N ASN B 919 78.11 0.84 -4.93
CA ASN B 919 77.43 0.01 -3.96
C ASN B 919 76.44 -0.93 -4.63
N GLN B 920 76.60 -1.16 -5.94
CA GLN B 920 75.67 -1.96 -6.71
C GLN B 920 75.36 -3.31 -6.09
N LYS B 921 76.37 -4.08 -5.69
CA LYS B 921 76.12 -5.41 -5.16
C LYS B 921 75.34 -5.38 -3.86
N LEU B 922 75.71 -4.50 -2.95
CA LEU B 922 74.99 -4.36 -1.70
C LEU B 922 73.54 -3.94 -1.95
N ILE B 923 73.32 -3.02 -2.88
CA ILE B 923 71.98 -2.53 -3.16
C ILE B 923 71.13 -3.64 -3.76
N ALA B 924 71.70 -4.44 -4.65
CA ALA B 924 71.00 -5.56 -5.25
C ALA B 924 70.68 -6.65 -4.23
N ASN B 925 71.61 -6.97 -3.33
CA ASN B 925 71.32 -7.90 -2.24
C ASN B 925 70.20 -7.41 -1.34
N GLN B 926 70.20 -6.13 -0.95
CA GLN B 926 69.11 -5.62 -0.14
C GLN B 926 67.77 -5.70 -0.85
N PHE B 927 67.71 -5.34 -2.13
CA PHE B 927 66.48 -5.54 -2.87
C PHE B 927 66.02 -6.99 -2.82
N ASN B 928 66.94 -7.92 -3.08
CA ASN B 928 66.59 -9.33 -3.16
C ASN B 928 66.09 -9.87 -1.82
N SER B 929 66.72 -9.48 -0.71
CA SER B 929 66.21 -9.90 0.59
C SER B 929 64.87 -9.28 0.91
N ALA B 930 64.65 -8.01 0.58
CA ALA B 930 63.34 -7.41 0.82
C ALA B 930 62.25 -8.06 -0.02
N ILE B 931 62.56 -8.50 -1.23
CA ILE B 931 61.57 -9.18 -2.03
C ILE B 931 61.29 -10.55 -1.46
N GLY B 932 62.32 -11.24 -0.96
CA GLY B 932 62.11 -12.49 -0.28
C GLY B 932 61.26 -12.41 0.96
N LYS B 933 61.37 -11.32 1.72
CA LYS B 933 60.56 -11.20 2.92
C LYS B 933 59.07 -11.04 2.63
N ILE B 934 58.69 -10.62 1.44
CA ILE B 934 57.29 -10.33 1.17
C ILE B 934 56.48 -11.61 1.10
N GLN B 935 56.99 -12.65 0.46
CA GLN B 935 56.26 -13.92 0.44
C GLN B 935 56.08 -14.48 1.85
N ASP B 936 57.14 -14.49 2.66
CA ASP B 936 56.99 -14.92 4.05
C ASP B 936 55.96 -14.09 4.79
N SER B 937 55.97 -12.77 4.60
CA SER B 937 54.95 -11.94 5.20
C SER B 937 53.57 -12.19 4.59
N LEU B 938 53.49 -12.91 3.48
CA LEU B 938 52.21 -13.22 2.85
C LEU B 938 51.77 -14.66 3.15
N SER B 939 52.60 -15.63 2.80
CA SER B 939 52.29 -17.03 3.07
C SER B 939 52.61 -17.43 4.50
N ALA B 944 46.30 -8.26 6.26
CA ALA B 944 46.92 -8.32 4.94
C ALA B 944 45.88 -8.02 3.86
N LEU B 945 45.25 -9.08 3.36
CA LEU B 945 44.26 -8.96 2.30
C LEU B 945 42.85 -8.85 2.86
N GLY B 946 42.70 -8.25 4.04
CA GLY B 946 41.38 -8.02 4.59
C GLY B 946 40.57 -6.97 3.85
N LYS B 947 41.23 -6.02 3.20
CA LYS B 947 40.50 -5.02 2.43
C LYS B 947 39.81 -5.63 1.22
N LEU B 948 40.34 -6.72 0.68
CA LEU B 948 39.68 -7.42 -0.40
C LEU B 948 38.64 -8.40 0.09
N GLN B 949 38.83 -8.95 1.29
CA GLN B 949 37.84 -9.84 1.85
C GLN B 949 36.59 -9.10 2.32
N ASP B 950 36.74 -7.90 2.88
CA ASP B 950 35.59 -7.11 3.29
C ASP B 950 34.60 -6.83 2.18
N VAL B 951 35.07 -6.53 0.97
CA VAL B 951 34.14 -6.25 -0.11
C VAL B 951 33.30 -7.47 -0.45
N VAL B 952 33.96 -8.62 -0.60
CA VAL B 952 33.28 -9.88 -0.86
C VAL B 952 32.30 -10.22 0.26
N ASN B 953 32.71 -10.02 1.51
CA ASN B 953 31.86 -10.35 2.64
C ASN B 953 30.64 -9.46 2.71
N GLN B 954 30.82 -8.15 2.59
CA GLN B 954 29.68 -7.24 2.62
C GLN B 954 28.71 -7.51 1.49
N ASN B 955 29.22 -7.86 0.31
CA ASN B 955 28.28 -8.12 -0.78
C ASN B 955 27.54 -9.43 -0.57
N ALA B 956 28.23 -10.50 -0.17
CA ALA B 956 27.53 -11.76 0.05
C ALA B 956 26.51 -11.64 1.17
N GLN B 957 26.86 -10.93 2.24
CA GLN B 957 25.95 -10.74 3.35
C GLN B 957 24.76 -9.87 2.99
N ALA B 958 24.94 -8.88 2.11
CA ALA B 958 23.78 -8.11 1.69
C ALA B 958 22.90 -8.87 0.72
N LEU B 959 23.45 -9.83 0.00
CA LEU B 959 22.62 -10.67 -0.87
C LEU B 959 21.90 -11.77 -0.13
N ASN B 960 22.43 -12.20 1.01
CA ASN B 960 21.76 -13.20 1.83
C ASN B 960 20.51 -12.64 2.52
N THR B 961 20.56 -11.37 2.94
CA THR B 961 19.41 -10.72 3.56
C THR B 961 18.24 -10.55 2.61
N LEU B 962 18.49 -10.24 1.34
CA LEU B 962 17.41 -10.12 0.37
C LEU B 962 16.65 -11.43 0.18
N VAL B 963 17.37 -12.55 0.19
CA VAL B 963 16.71 -13.83 0.07
C VAL B 963 15.99 -14.20 1.36
N LYS B 964 16.58 -13.91 2.51
CA LYS B 964 15.89 -14.21 3.76
C LYS B 964 14.64 -13.38 3.96
N GLN B 965 14.55 -12.20 3.37
CA GLN B 965 13.37 -11.37 3.48
C GLN B 965 12.17 -11.92 2.72
N LEU B 966 12.30 -13.04 2.03
CA LEU B 966 11.16 -13.58 1.31
C LEU B 966 10.30 -14.49 2.18
N SER B 967 10.82 -14.95 3.31
CA SER B 967 9.99 -15.66 4.26
C SER B 967 9.55 -14.75 5.40
N SER B 968 8.83 -13.68 5.10
CA SER B 968 8.21 -12.83 6.09
C SER B 968 6.84 -12.44 5.57
N ASN B 969 5.82 -12.44 6.44
CA ASN B 969 4.48 -12.15 5.95
C ASN B 969 4.23 -10.66 5.79
N PHE B 970 4.97 -9.83 6.50
CA PHE B 970 4.74 -8.38 6.53
C PHE B 970 3.33 -8.05 7.00
N GLY B 971 2.74 -8.91 7.82
CA GLY B 971 1.41 -8.66 8.31
C GLY B 971 0.30 -9.26 7.46
N ALA B 972 0.61 -10.27 6.66
CA ALA B 972 -0.38 -11.07 5.98
C ALA B 972 -0.51 -12.38 6.73
N ILE B 973 -1.39 -13.27 6.25
CA ILE B 973 -1.55 -14.52 6.98
C ILE B 973 -0.32 -15.39 6.85
N SER B 974 0.25 -15.48 5.66
CA SER B 974 1.45 -16.28 5.45
C SER B 974 2.36 -15.54 4.49
N SER B 975 3.48 -16.18 4.17
CA SER B 975 4.51 -15.57 3.36
C SER B 975 4.76 -16.35 2.07
N VAL B 976 3.86 -17.26 1.71
CA VAL B 976 4.01 -18.09 0.52
C VAL B 976 2.78 -17.89 -0.35
N LEU B 977 3.00 -17.40 -1.57
CA LEU B 977 1.94 -16.85 -2.42
C LEU B 977 0.92 -17.88 -2.88
N ASN B 978 1.13 -19.17 -2.61
CA ASN B 978 0.12 -20.15 -2.96
C ASN B 978 -0.85 -20.40 -1.81
N ASP B 979 -0.34 -20.61 -0.60
CA ASP B 979 -1.21 -20.92 0.52
C ASP B 979 -2.15 -19.76 0.84
N ILE B 980 -1.71 -18.53 0.59
CA ILE B 980 -2.64 -17.42 0.71
C ILE B 980 -3.67 -17.53 -0.39
N LEU B 981 -3.26 -18.06 -1.53
CA LEU B 981 -4.11 -18.04 -2.72
C LEU B 981 -5.05 -19.23 -2.82
N SER B 982 -4.76 -20.34 -2.15
CA SER B 982 -5.60 -21.52 -2.22
C SER B 982 -6.36 -21.70 -0.91
N ARG B 983 -6.43 -20.64 -0.12
CA ARG B 983 -7.20 -20.70 1.12
C ARG B 983 -8.06 -19.45 1.26
N LEU B 984 -8.12 -18.65 0.22
CA LEU B 984 -9.05 -17.52 0.21
C LEU B 984 -9.51 -17.29 -1.22
N ASP B 985 -10.59 -16.54 -1.37
CA ASP B 985 -11.14 -16.19 -2.68
C ASP B 985 -10.77 -14.76 -3.03
N PRO B 986 -10.77 -14.41 -4.32
CA PRO B 986 -9.94 -13.28 -4.82
C PRO B 986 -10.07 -12.00 -4.01
N PRO B 987 -11.28 -11.48 -3.76
CA PRO B 987 -11.34 -10.19 -3.07
C PRO B 987 -10.81 -10.25 -1.66
N GLU B 988 -10.76 -11.45 -1.07
CA GLU B 988 -10.11 -11.63 0.21
C GLU B 988 -8.61 -11.77 0.09
N ALA B 989 -8.13 -12.37 -1.01
CA ALA B 989 -6.71 -12.65 -1.14
C ALA B 989 -5.92 -11.46 -1.65
N GLU B 990 -6.49 -10.67 -2.56
CA GLU B 990 -5.84 -9.47 -3.06
C GLU B 990 -5.38 -8.56 -1.93
N VAL B 991 -6.13 -8.50 -0.82
CA VAL B 991 -5.71 -7.68 0.31
C VAL B 991 -4.39 -8.15 0.88
N GLN B 992 -4.22 -9.46 1.09
CA GLN B 992 -2.98 -9.97 1.65
C GLN B 992 -1.84 -9.91 0.65
N ILE B 993 -2.14 -10.14 -0.63
CA ILE B 993 -1.09 -10.12 -1.63
C ILE B 993 -0.55 -8.72 -1.80
N ASP B 994 -1.38 -7.69 -1.60
CA ASP B 994 -0.82 -6.35 -1.65
C ASP B 994 0.11 -6.04 -0.49
N ARG B 995 -0.13 -6.56 0.70
CA ARG B 995 0.83 -6.43 1.79
C ARG B 995 2.14 -7.13 1.51
N LEU B 996 2.07 -8.37 1.02
CA LEU B 996 3.28 -9.06 0.61
C LEU B 996 4.06 -8.27 -0.44
N ILE B 997 3.37 -7.72 -1.44
CA ILE B 997 4.04 -6.95 -2.47
C ILE B 997 4.72 -5.73 -1.88
N THR B 998 4.04 -5.03 -0.98
CA THR B 998 4.63 -3.83 -0.41
C THR B 998 5.91 -4.14 0.35
N GLY B 999 5.89 -5.18 1.18
CA GLY B 999 7.10 -5.56 1.89
C GLY B 999 8.23 -5.96 0.97
N ARG B 1000 7.95 -6.80 -0.03
CA ARG B 1000 8.99 -7.27 -0.92
C ARG B 1000 9.55 -6.20 -1.82
N LEU B 1001 8.76 -5.19 -2.15
CA LEU B 1001 9.30 -4.06 -2.91
C LEU B 1001 10.15 -3.15 -2.04
N GLN B 1002 9.77 -2.94 -0.79
CA GLN B 1002 10.62 -2.20 0.13
C GLN B 1002 11.99 -2.85 0.32
N SER B 1003 12.02 -4.17 0.45
CA SER B 1003 13.30 -4.87 0.59
C SER B 1003 14.22 -4.66 -0.59
N LEU B 1004 13.68 -4.75 -1.80
CA LEU B 1004 14.47 -4.55 -2.99
C LEU B 1004 14.96 -3.12 -3.15
N GLN B 1005 14.16 -2.14 -2.74
CA GLN B 1005 14.66 -0.78 -2.78
C GLN B 1005 15.80 -0.55 -1.80
N THR B 1006 15.69 -1.09 -0.59
CA THR B 1006 16.79 -1.01 0.34
C THR B 1006 18.06 -1.62 -0.24
N TYR B 1007 17.93 -2.80 -0.85
CA TYR B 1007 19.08 -3.46 -1.44
C TYR B 1007 19.73 -2.60 -2.53
N VAL B 1008 18.92 -2.06 -3.45
CA VAL B 1008 19.50 -1.34 -4.58
C VAL B 1008 20.13 -0.03 -4.12
N THR B 1009 19.50 0.67 -3.18
CA THR B 1009 20.09 1.92 -2.70
C THR B 1009 21.44 1.69 -2.04
N GLN B 1010 21.55 0.62 -1.25
CA GLN B 1010 22.85 0.34 -0.67
C GLN B 1010 23.89 -0.12 -1.68
N GLN B 1011 23.50 -0.84 -2.72
CA GLN B 1011 24.47 -1.16 -3.75
C GLN B 1011 24.95 0.08 -4.48
N LEU B 1012 24.08 1.05 -4.71
CA LEU B 1012 24.49 2.31 -5.28
C LEU B 1012 25.46 3.08 -4.40
N ILE B 1013 25.25 3.07 -3.09
CA ILE B 1013 26.16 3.77 -2.20
C ILE B 1013 27.48 3.02 -2.08
N ARG B 1014 27.45 1.70 -2.14
CA ARG B 1014 28.66 0.91 -2.05
C ARG B 1014 29.47 0.89 -3.33
N ALA B 1015 28.87 1.13 -4.48
CA ALA B 1015 29.63 1.16 -5.71
C ALA B 1015 30.39 2.46 -5.90
N ALA B 1016 29.85 3.57 -5.40
CA ALA B 1016 30.55 4.84 -5.44
C ALA B 1016 31.79 4.85 -4.56
N GLU B 1017 31.84 4.01 -3.55
CA GLU B 1017 33.02 3.83 -2.72
C GLU B 1017 34.08 2.98 -3.40
N ILE B 1018 33.67 2.02 -4.23
CA ILE B 1018 34.59 1.19 -4.97
C ILE B 1018 35.17 1.97 -6.14
N ARG B 1019 34.40 2.90 -6.68
CA ARG B 1019 34.87 3.73 -7.77
C ARG B 1019 35.93 4.73 -7.32
N ALA B 1020 35.76 5.31 -6.15
CA ALA B 1020 36.78 6.21 -5.63
C ALA B 1020 38.07 5.48 -5.33
N SER B 1021 38.01 4.18 -5.08
CA SER B 1021 39.19 3.37 -4.83
C SER B 1021 39.88 2.95 -6.11
N ALA B 1022 39.13 2.57 -7.13
CA ALA B 1022 39.70 2.31 -8.44
C ALA B 1022 40.29 3.56 -9.08
N ASN B 1023 39.76 4.74 -8.77
CA ASN B 1023 40.36 5.98 -9.25
C ASN B 1023 41.70 6.27 -8.61
N LEU B 1024 41.84 5.99 -7.32
CA LEU B 1024 43.11 6.06 -6.64
C LEU B 1024 44.11 5.06 -7.16
N ALA B 1025 43.66 3.84 -7.46
CA ALA B 1025 44.52 2.86 -8.10
C ALA B 1025 45.01 3.27 -9.47
N ALA B 1026 44.15 3.85 -10.31
CA ALA B 1026 44.60 4.33 -11.61
C ALA B 1026 45.67 5.40 -11.53
N THR B 1027 45.52 6.34 -10.60
CA THR B 1027 46.51 7.37 -10.36
C THR B 1027 47.81 6.80 -9.82
N LYS B 1028 47.73 5.82 -8.93
CA LYS B 1028 48.95 5.15 -8.49
C LYS B 1028 49.63 4.39 -9.61
N MET B 1029 48.90 3.71 -10.46
CA MET B 1029 49.53 2.99 -11.56
C MET B 1029 50.20 3.95 -12.53
N SER B 1030 49.61 5.11 -12.73
CA SER B 1030 50.21 6.11 -13.60
C SER B 1030 51.45 6.72 -12.98
N GLU B 1031 51.38 7.07 -11.71
CA GLU B 1031 52.37 7.92 -11.11
C GLU B 1031 53.45 7.20 -10.32
N CYS B 1032 53.23 5.94 -9.98
CA CYS B 1032 54.22 5.20 -9.18
C CYS B 1032 54.83 4.04 -9.95
N VAL B 1033 54.16 3.62 -11.01
CA VAL B 1033 54.64 2.53 -11.83
C VAL B 1033 55.17 3.02 -13.16
N LEU B 1034 54.51 4.01 -13.76
CA LEU B 1034 54.96 4.61 -15.00
C LEU B 1034 55.83 5.83 -14.79
N GLY B 1035 56.16 6.17 -13.56
CA GLY B 1035 57.09 7.25 -13.32
C GLY B 1035 57.64 7.19 -11.92
N GLN B 1036 58.41 8.20 -11.58
CA GLN B 1036 58.94 8.40 -10.23
C GLN B 1036 58.25 9.59 -9.58
N SER B 1037 57.76 9.40 -8.37
CA SER B 1037 56.96 10.40 -7.70
C SER B 1037 57.77 11.16 -6.65
N LYS B 1038 57.49 12.45 -6.53
CA LYS B 1038 58.04 13.26 -5.46
C LYS B 1038 57.01 13.62 -4.40
N ARG B 1039 55.75 13.23 -4.59
CA ARG B 1039 54.72 13.38 -3.59
C ARG B 1039 55.00 12.51 -2.37
N VAL B 1040 55.01 13.10 -1.19
CA VAL B 1040 55.44 12.43 0.03
C VAL B 1040 54.39 11.43 0.47
N ASP B 1041 54.81 10.17 0.62
CA ASP B 1041 53.95 9.08 1.09
C ASP B 1041 52.88 8.59 0.11
N PHE B 1042 53.01 8.95 -1.15
CA PHE B 1042 52.05 8.51 -2.14
C PHE B 1042 52.41 7.12 -2.64
N CYS B 1043 53.69 6.78 -2.53
CA CYS B 1043 54.19 5.50 -2.97
C CYS B 1043 55.06 4.85 -1.89
N GLY B 1044 54.56 4.78 -0.66
CA GLY B 1044 55.30 4.17 0.43
C GLY B 1044 56.04 5.14 1.35
N LYS B 1045 56.80 4.59 2.29
CA LYS B 1045 57.58 5.39 3.24
C LYS B 1045 59.04 5.45 2.80
N GLY B 1046 59.59 6.65 2.66
CA GLY B 1046 60.93 6.83 2.19
C GLY B 1046 60.90 7.62 0.91
N TYR B 1047 62.02 7.65 0.22
CA TYR B 1047 62.09 8.29 -1.08
C TYR B 1047 61.80 7.28 -2.17
N HIS B 1048 60.70 7.50 -2.88
CA HIS B 1048 60.23 6.55 -3.87
C HIS B 1048 61.27 6.30 -4.93
N LEU B 1049 61.68 5.04 -5.07
CA LEU B 1049 62.53 4.63 -6.18
C LEU B 1049 61.71 4.09 -7.34
N MET B 1050 60.94 3.04 -7.12
CA MET B 1050 60.12 2.47 -8.20
C MET B 1050 59.04 1.60 -7.59
N SER B 1051 58.05 1.22 -8.39
CA SER B 1051 56.93 0.42 -7.92
C SER B 1051 56.57 -0.63 -8.97
N PHE B 1052 56.12 -1.79 -8.49
CA PHE B 1052 55.75 -2.93 -9.32
C PHE B 1052 54.30 -3.36 -9.04
N PRO B 1053 53.48 -3.58 -10.06
CA PRO B 1053 52.11 -4.03 -9.83
C PRO B 1053 51.94 -5.54 -9.90
N GLN B 1054 50.98 -6.04 -9.13
CA GLN B 1054 50.56 -7.42 -9.16
C GLN B 1054 49.05 -7.46 -9.09
N SER B 1055 48.42 -8.40 -9.76
CA SER B 1055 46.97 -8.49 -9.77
C SER B 1055 46.50 -9.37 -8.63
N ALA B 1056 45.42 -8.95 -7.98
CA ALA B 1056 44.83 -9.73 -6.91
C ALA B 1056 43.40 -10.02 -7.34
N PRO B 1057 42.63 -10.83 -6.64
CA PRO B 1057 41.22 -11.02 -7.01
C PRO B 1057 40.38 -9.80 -6.66
N HIS B 1058 39.84 -9.13 -7.69
CA HIS B 1058 39.09 -7.89 -7.61
C HIS B 1058 39.94 -6.71 -7.15
N GLY B 1059 41.25 -6.77 -7.30
CA GLY B 1059 42.07 -5.71 -6.78
C GLY B 1059 43.45 -5.71 -7.36
N VAL B 1060 44.29 -4.83 -6.79
CA VAL B 1060 45.66 -4.70 -7.23
C VAL B 1060 46.54 -4.55 -6.00
N VAL B 1061 47.77 -5.02 -6.11
CA VAL B 1061 48.79 -4.90 -5.09
C VAL B 1061 49.96 -4.15 -5.70
N PHE B 1062 50.47 -3.17 -4.98
CA PHE B 1062 51.61 -2.38 -5.40
C PHE B 1062 52.75 -2.68 -4.46
N LEU B 1063 53.88 -3.11 -5.01
CA LEU B 1063 55.12 -3.26 -4.26
C LEU B 1063 55.96 -2.03 -4.50
N HIS B 1064 56.06 -1.17 -3.50
CA HIS B 1064 56.83 0.06 -3.59
C HIS B 1064 58.24 -0.17 -3.06
N VAL B 1065 59.23 0.15 -3.88
CA VAL B 1065 60.64 0.18 -3.51
C VAL B 1065 61.03 1.61 -3.19
N THR B 1066 61.52 1.82 -1.96
CA THR B 1066 61.94 3.13 -1.49
C THR B 1066 63.34 3.05 -0.89
N TYR B 1067 63.94 4.22 -0.72
CA TYR B 1067 65.27 4.43 -0.16
C TYR B 1067 65.12 5.03 1.22
N VAL B 1068 65.71 4.41 2.23
CA VAL B 1068 65.58 4.88 3.61
C VAL B 1068 66.96 5.18 4.16
N PRO B 1069 67.26 6.40 4.59
CA PRO B 1069 68.60 6.69 5.12
C PRO B 1069 68.84 6.04 6.47
N ALA B 1070 70.11 5.77 6.77
CA ALA B 1070 70.45 4.98 7.94
C ALA B 1070 71.82 5.36 8.47
N GLN B 1071 71.99 5.16 9.78
CA GLN B 1071 73.26 5.30 10.49
C GLN B 1071 73.85 6.71 10.39
N GLU B 1072 73.15 7.66 10.98
CA GLU B 1072 73.59 9.04 10.88
C GLU B 1072 74.64 9.39 11.93
N LYS B 1073 75.49 10.34 11.59
CA LYS B 1073 76.43 10.96 12.51
C LYS B 1073 76.09 12.44 12.64
N ASN B 1074 76.48 13.03 13.77
CA ASN B 1074 76.30 14.45 13.97
C ASN B 1074 77.59 15.18 13.63
N PHE B 1075 77.45 16.42 13.22
CA PHE B 1075 78.55 17.29 12.80
C PHE B 1075 78.23 18.70 13.23
N THR B 1076 79.24 19.55 13.17
CA THR B 1076 79.12 20.99 13.27
C THR B 1076 78.90 21.54 11.87
N THR B 1077 78.18 22.63 11.75
CA THR B 1077 77.79 23.16 10.46
C THR B 1077 77.79 24.67 10.50
N ALA B 1078 77.71 25.28 9.32
CA ALA B 1078 77.76 26.72 9.16
C ALA B 1078 77.10 27.07 7.84
N PRO B 1079 76.48 28.22 7.73
CA PRO B 1079 75.80 28.57 6.49
C PRO B 1079 76.73 29.06 5.38
N ALA B 1080 77.79 29.78 5.71
CA ALA B 1080 78.69 30.31 4.70
C ALA B 1080 80.11 30.20 5.22
N ILE B 1081 81.07 30.57 4.39
CA ILE B 1081 82.47 30.57 4.79
C ILE B 1081 83.13 31.84 4.31
N CYS B 1082 83.89 32.50 5.18
CA CYS B 1082 84.49 33.78 4.84
C CYS B 1082 85.94 33.60 4.46
N HIS B 1083 86.31 34.16 3.32
CA HIS B 1083 87.67 34.07 2.81
C HIS B 1083 87.93 35.27 1.93
N ASP B 1084 89.04 35.96 2.17
CA ASP B 1084 89.39 37.21 1.47
C ASP B 1084 88.32 38.28 1.59
N GLY B 1085 87.56 38.28 2.67
CA GLY B 1085 86.48 39.23 2.79
C GLY B 1085 85.29 38.91 1.92
N LYS B 1086 85.17 37.68 1.45
CA LYS B 1086 84.03 37.28 0.64
C LYS B 1086 83.32 36.11 1.30
N ALA B 1087 82.01 36.06 1.13
CA ALA B 1087 81.20 34.97 1.65
C ALA B 1087 81.01 33.91 0.57
N HIS B 1088 81.17 32.65 0.94
CA HIS B 1088 81.06 31.52 0.04
C HIS B 1088 79.94 30.63 0.52
N PHE B 1089 79.13 30.21 -0.37
CA PHE B 1089 77.99 29.34 -0.17
C PHE B 1089 78.17 28.07 -0.97
N PRO B 1090 77.68 26.93 -0.49
CA PRO B 1090 77.81 25.71 -1.27
C PRO B 1090 76.89 25.72 -2.47
N ARG B 1091 77.39 25.16 -3.57
CA ARG B 1091 76.57 25.04 -4.77
C ARG B 1091 75.45 24.03 -4.58
N GLU B 1092 75.80 22.80 -4.25
CA GLU B 1092 74.90 21.84 -3.63
C GLU B 1092 75.64 21.20 -2.48
N GLY B 1093 74.97 20.97 -1.38
CA GLY B 1093 75.59 20.38 -0.23
C GLY B 1093 75.53 21.29 0.97
N VAL B 1094 76.15 20.82 2.05
CA VAL B 1094 76.31 21.58 3.28
C VAL B 1094 77.77 21.55 3.68
N PHE B 1095 78.22 22.64 4.28
CA PHE B 1095 79.52 22.69 4.94
C PHE B 1095 79.41 21.98 6.29
N VAL B 1096 80.28 21.01 6.54
CA VAL B 1096 80.32 20.29 7.80
C VAL B 1096 81.74 20.29 8.34
N SER B 1097 81.87 20.06 9.63
CA SER B 1097 83.16 20.02 10.30
C SER B 1097 83.29 18.72 11.06
N ASN B 1098 84.39 18.01 10.88
CA ASN B 1098 84.62 16.77 11.62
C ASN B 1098 85.26 17.00 12.98
N GLY B 1099 85.43 18.25 13.38
CA GLY B 1099 86.02 18.59 14.64
C GLY B 1099 87.11 19.63 14.47
N THR B 1100 87.90 19.50 13.40
CA THR B 1100 88.96 20.44 13.12
C THR B 1100 89.00 20.93 11.67
N HIS B 1101 88.39 20.23 10.73
CA HIS B 1101 88.47 20.57 9.32
C HIS B 1101 87.07 20.74 8.76
N TRP B 1102 86.97 21.48 7.67
CA TRP B 1102 85.71 21.80 7.02
C TRP B 1102 85.63 21.14 5.64
N PHE B 1103 84.46 20.61 5.31
CA PHE B 1103 84.21 19.93 4.04
C PHE B 1103 82.86 20.36 3.50
N VAL B 1104 82.62 20.08 2.22
CA VAL B 1104 81.28 20.11 1.63
C VAL B 1104 80.83 18.68 1.44
N THR B 1105 79.58 18.40 1.74
CA THR B 1105 79.01 17.10 1.44
C THR B 1105 77.66 17.28 0.77
N GLN B 1106 77.19 16.25 0.09
CA GLN B 1106 75.81 16.21 -0.35
C GLN B 1106 74.92 15.93 0.86
N ARG B 1107 73.68 16.40 0.78
CA ARG B 1107 72.87 16.50 1.98
C ARG B 1107 72.30 15.17 2.47
N ASN B 1108 72.27 14.13 1.66
CA ASN B 1108 71.58 12.90 2.03
C ASN B 1108 72.50 11.71 2.22
N PHE B 1109 73.75 11.80 1.84
CA PHE B 1109 74.72 10.74 2.01
C PHE B 1109 76.05 11.39 2.33
N TYR B 1110 76.71 10.93 3.39
CA TYR B 1110 77.92 11.59 3.84
C TYR B 1110 79.10 11.24 2.94
N GLU B 1111 79.62 12.25 2.24
CA GLU B 1111 80.70 12.06 1.28
C GLU B 1111 81.48 13.35 1.21
N PRO B 1112 82.46 13.54 2.11
CA PRO B 1112 83.10 14.84 2.27
C PRO B 1112 84.20 15.13 1.27
N GLN B 1113 84.23 16.39 0.84
CA GLN B 1113 85.22 16.86 -0.13
C GLN B 1113 85.80 18.19 0.34
N ILE B 1114 86.93 18.58 -0.23
CA ILE B 1114 87.56 19.81 0.23
C ILE B 1114 86.96 20.99 -0.53
N ILE B 1115 86.86 22.12 0.15
CA ILE B 1115 86.13 23.29 -0.34
C ILE B 1115 86.99 24.03 -1.33
N THR B 1116 86.53 24.09 -2.58
CA THR B 1116 87.23 24.75 -3.66
C THR B 1116 86.32 25.81 -4.26
N THR B 1117 86.80 26.47 -5.30
CA THR B 1117 86.02 27.45 -6.03
C THR B 1117 85.06 26.82 -7.02
N ASP B 1118 85.10 25.50 -7.18
CA ASP B 1118 84.16 24.80 -8.05
C ASP B 1118 83.07 24.13 -7.25
N ASN B 1119 83.25 24.10 -5.93
CA ASN B 1119 82.29 23.62 -4.97
C ASN B 1119 81.31 24.66 -4.53
N THR B 1120 81.64 25.94 -4.68
CA THR B 1120 80.98 27.03 -3.99
C THR B 1120 80.67 28.13 -4.98
N PHE B 1121 79.92 29.11 -4.52
CA PHE B 1121 79.83 30.37 -5.22
C PHE B 1121 79.95 31.51 -4.22
N VAL B 1122 80.23 32.69 -4.72
CA VAL B 1122 80.52 33.87 -3.91
C VAL B 1122 79.34 34.81 -3.99
N SER B 1123 79.07 35.50 -2.90
CA SER B 1123 78.10 36.58 -2.91
C SER B 1123 78.33 37.50 -1.71
N GLY B 1124 78.66 38.74 -1.96
CA GLY B 1124 78.80 39.72 -0.89
C GLY B 1124 80.05 39.52 -0.06
N ASN B 1125 80.12 40.28 1.03
CA ASN B 1125 81.22 40.25 1.95
C ASN B 1125 80.76 39.61 3.25
N CYS B 1126 81.70 39.15 4.07
CA CYS B 1126 81.34 38.42 5.27
C CYS B 1126 81.10 39.34 6.45
N ASP B 1127 79.98 40.07 6.41
CA ASP B 1127 79.58 40.96 7.50
C ASP B 1127 78.10 40.85 7.78
N VAL B 1128 77.36 40.19 6.89
CA VAL B 1128 75.91 40.21 6.89
C VAL B 1128 75.30 38.86 7.26
N VAL B 1129 76.03 37.77 7.13
CA VAL B 1129 75.50 36.44 7.39
C VAL B 1129 75.71 36.11 8.86
N ILE B 1130 74.67 35.58 9.50
CA ILE B 1130 74.71 35.23 10.91
C ILE B 1130 75.28 33.82 11.01
N GLY B 1131 76.41 33.68 11.67
CA GLY B 1131 77.04 32.41 11.86
C GLY B 1131 78.10 32.05 10.86
N ILE B 1132 78.65 33.02 10.13
CA ILE B 1132 79.70 32.76 9.15
C ILE B 1132 80.98 32.35 9.85
N VAL B 1133 81.78 31.54 9.17
CA VAL B 1133 82.95 30.91 9.76
C VAL B 1133 84.16 31.14 8.85
N ASN B 1134 85.34 31.22 9.46
CA ASN B 1134 86.57 31.44 8.73
C ASN B 1134 87.17 30.13 8.27
N ASN B 1135 87.53 30.05 7.00
CA ASN B 1135 88.29 28.93 6.48
C ASN B 1135 88.87 29.34 5.14
N THR B 1136 89.67 28.46 4.57
CA THR B 1136 90.34 28.72 3.30
C THR B 1136 89.62 27.98 2.19
N VAL B 1137 89.41 28.68 1.07
CA VAL B 1137 88.75 28.13 -0.11
C VAL B 1137 89.81 27.96 -1.18
N TYR B 1138 89.97 26.74 -1.65
CA TYR B 1138 91.12 26.37 -2.46
C TYR B 1138 90.83 26.60 -3.94
N ASP B 1139 91.74 27.24 -4.62
CA ASP B 1139 91.73 27.50 -6.05
C ASP B 1139 92.63 26.50 -6.75
N PRO B 1140 92.20 25.84 -7.81
CA PRO B 1140 93.09 24.86 -8.47
C PRO B 1140 94.07 25.48 -9.44
N LEU B 1141 93.64 26.58 -10.07
CA LEU B 1141 94.41 27.14 -11.18
C LEU B 1141 95.78 27.62 -10.73
N GLN B 1142 95.83 28.45 -9.69
CA GLN B 1142 97.11 29.07 -9.33
C GLN B 1142 98.12 28.07 -8.75
N PRO B 1143 97.72 26.99 -8.06
CA PRO B 1143 98.70 25.94 -7.77
C PRO B 1143 98.94 25.02 -8.93
N GLU B 1144 98.19 25.15 -10.02
CA GLU B 1144 98.66 24.56 -11.27
C GLU B 1144 99.74 25.42 -11.88
N LEU B 1145 99.63 26.73 -11.73
CA LEU B 1145 100.59 27.65 -12.35
C LEU B 1145 101.85 27.81 -11.51
N ASP B 1146 102.08 26.90 -10.56
CA ASP B 1146 103.22 26.95 -9.65
C ASP B 1146 103.42 28.32 -9.00
N THR C 3 -90.14 -0.82 -24.67
CA THR C 3 -91.20 -0.42 -25.58
C THR C 3 -92.09 -1.60 -25.97
N LEU C 4 -91.83 -2.74 -25.34
CA LEU C 4 -92.60 -3.95 -25.61
C LEU C 4 -94.09 -3.72 -25.34
N LYS C 5 -94.94 -4.50 -26.02
CA LYS C 5 -96.37 -4.55 -25.73
C LYS C 5 -96.92 -5.90 -26.15
N GLU C 6 -97.62 -6.54 -25.23
CA GLU C 6 -98.20 -7.86 -25.43
C GLU C 6 -99.61 -7.73 -25.97
N SER C 7 -99.78 -8.06 -27.24
CA SER C 7 -101.10 -8.08 -27.84
C SER C 7 -101.65 -9.49 -27.74
N GLY C 8 -102.97 -9.59 -27.69
CA GLY C 8 -103.62 -10.86 -27.59
C GLY C 8 -105.08 -10.74 -27.16
N PRO C 9 -105.82 -11.84 -27.26
CA PRO C 9 -107.24 -11.81 -26.92
C PRO C 9 -107.44 -11.78 -25.41
N THR C 10 -108.61 -11.26 -25.00
CA THR C 10 -108.85 -10.99 -23.59
C THR C 10 -109.51 -12.16 -22.88
N LEU C 11 -110.59 -12.72 -23.44
CA LEU C 11 -111.23 -13.88 -22.84
C LEU C 11 -111.01 -15.09 -23.74
N VAL C 12 -110.68 -16.22 -23.12
CA VAL C 12 -110.35 -17.43 -23.85
C VAL C 12 -111.28 -18.55 -23.42
N LYS C 13 -111.24 -19.63 -24.18
CA LYS C 13 -111.92 -20.88 -23.95
C LYS C 13 -110.89 -22.01 -23.82
N PRO C 14 -111.21 -23.09 -23.08
CA PRO C 14 -110.16 -24.04 -22.70
C PRO C 14 -109.58 -24.89 -23.84
N THR C 15 -108.46 -25.54 -23.51
CA THR C 15 -107.79 -26.71 -24.12
C THR C 15 -107.16 -26.51 -25.50
N GLN C 16 -107.33 -25.34 -26.11
CA GLN C 16 -106.80 -25.18 -27.44
C GLN C 16 -105.47 -24.42 -27.42
N THR C 17 -104.75 -24.49 -28.53
CA THR C 17 -103.47 -23.83 -28.66
C THR C 17 -103.68 -22.35 -28.95
N LEU C 18 -102.75 -21.52 -28.48
CA LEU C 18 -102.94 -20.08 -28.49
C LEU C 18 -101.62 -19.36 -28.70
N THR C 19 -101.44 -18.78 -29.88
CA THR C 19 -100.32 -17.90 -30.14
C THR C 19 -100.42 -16.62 -29.32
N LEU C 20 -99.26 -16.02 -29.05
CA LEU C 20 -99.20 -14.81 -28.22
C LEU C 20 -98.17 -13.87 -28.80
N THR C 21 -98.52 -12.59 -28.88
CA THR C 21 -97.74 -11.60 -29.61
C THR C 21 -97.33 -10.46 -28.70
N CYS C 22 -96.04 -10.40 -28.37
CA CYS C 22 -95.43 -9.24 -27.73
C CYS C 22 -94.85 -8.35 -28.83
N THR C 23 -95.65 -7.39 -29.29
CA THR C 23 -95.18 -6.46 -30.30
C THR C 23 -94.33 -5.38 -29.65
N PHE C 24 -93.08 -5.25 -30.07
CA PHE C 24 -92.23 -4.19 -29.57
C PHE C 24 -91.75 -3.29 -30.69
N SER C 25 -90.79 -2.45 -30.30
CA SER C 25 -89.97 -1.66 -31.20
C SER C 25 -88.76 -1.20 -30.39
N GLY C 26 -88.02 -0.25 -30.94
CA GLY C 26 -86.91 0.34 -30.23
C GLY C 26 -85.64 -0.48 -30.20
N PHE C 27 -85.70 -1.75 -30.58
CA PHE C 27 -84.53 -2.61 -30.64
C PHE C 27 -84.85 -3.80 -31.53
N SER C 28 -83.79 -4.47 -31.99
CA SER C 28 -83.91 -5.75 -32.66
C SER C 28 -83.71 -6.85 -31.65
N LEU C 29 -83.61 -8.10 -32.13
CA LEU C 29 -83.52 -9.20 -31.19
C LEU C 29 -82.56 -10.31 -31.66
N SER C 30 -81.59 -10.00 -32.51
CA SER C 30 -80.61 -11.02 -32.88
C SER C 30 -79.15 -10.60 -32.75
N THR C 31 -78.74 -9.99 -31.64
CA THR C 31 -77.32 -9.72 -31.43
C THR C 31 -76.89 -10.17 -30.04
N SER C 32 -75.58 -10.48 -29.92
CA SER C 32 -75.07 -11.24 -28.78
C SER C 32 -75.26 -10.51 -27.46
N GLY C 33 -76.25 -10.98 -26.69
CA GLY C 33 -76.66 -10.36 -25.45
C GLY C 33 -78.08 -9.84 -25.40
N VAL C 34 -79.00 -10.36 -26.22
CA VAL C 34 -80.37 -9.83 -26.25
C VAL C 34 -81.37 -10.98 -26.17
N GLY C 35 -82.50 -10.74 -25.47
CA GLY C 35 -83.58 -11.69 -25.42
C GLY C 35 -84.87 -11.03 -24.95
N VAL C 36 -85.93 -11.84 -24.90
CA VAL C 36 -87.24 -11.43 -24.38
C VAL C 36 -87.85 -12.60 -23.62
N GLY C 37 -88.20 -12.38 -22.35
CA GLY C 37 -88.82 -13.41 -21.51
C GLY C 37 -90.30 -13.15 -21.31
N TRP C 38 -91.10 -14.21 -21.43
CA TRP C 38 -92.57 -14.14 -21.33
C TRP C 38 -93.05 -14.53 -19.94
N ILE C 39 -94.03 -13.78 -19.41
CA ILE C 39 -94.43 -13.86 -18.00
C ILE C 39 -95.95 -13.96 -17.94
N ARG C 40 -96.45 -14.66 -16.91
CA ARG C 40 -97.84 -14.55 -16.48
C ARG C 40 -97.91 -14.17 -15.01
N GLN C 41 -99.11 -13.75 -14.57
CA GLN C 41 -99.44 -13.68 -13.15
C GLN C 41 -100.93 -13.85 -12.95
N PRO C 42 -101.36 -14.92 -12.31
CA PRO C 42 -102.73 -14.98 -11.81
C PRO C 42 -102.94 -13.98 -10.70
N PRO C 43 -104.18 -13.52 -10.49
CA PRO C 43 -104.43 -12.42 -9.53
C PRO C 43 -104.18 -12.84 -8.09
N GLY C 44 -103.51 -11.97 -7.34
CA GLY C 44 -103.12 -12.24 -5.98
C GLY C 44 -101.83 -13.03 -5.83
N LYS C 45 -101.40 -13.71 -6.87
CA LYS C 45 -100.21 -14.53 -6.87
C LYS C 45 -99.01 -13.62 -7.17
N ALA C 46 -97.81 -14.12 -6.87
CA ALA C 46 -96.61 -13.55 -7.47
C ALA C 46 -96.54 -13.94 -8.94
N LEU C 47 -95.60 -13.37 -9.68
CA LEU C 47 -95.63 -13.54 -11.13
C LEU C 47 -95.02 -14.89 -11.49
N GLU C 48 -95.20 -15.29 -12.74
CA GLU C 48 -94.61 -16.51 -13.25
C GLU C 48 -94.14 -16.25 -14.67
N TRP C 49 -92.83 -16.24 -14.87
CA TRP C 49 -92.29 -16.25 -16.23
C TRP C 49 -92.58 -17.58 -16.88
N LEU C 50 -92.80 -17.55 -18.19
CA LEU C 50 -93.21 -18.72 -18.95
C LEU C 50 -92.16 -19.16 -19.96
N ALA C 51 -91.73 -18.24 -20.83
CA ALA C 51 -90.90 -18.60 -21.98
C ALA C 51 -89.90 -17.48 -22.24
N LEU C 52 -88.89 -17.80 -23.04
CA LEU C 52 -87.77 -16.91 -23.30
C LEU C 52 -87.08 -17.36 -24.57
N ILE C 53 -86.53 -16.41 -25.33
CA ILE C 53 -85.76 -16.70 -26.53
C ILE C 53 -84.67 -15.65 -26.69
N TYR C 54 -83.44 -16.09 -26.95
CA TYR C 54 -82.30 -15.20 -27.06
C TYR C 54 -82.02 -14.85 -28.53
N TRP C 55 -80.82 -14.30 -28.79
CA TRP C 55 -80.52 -13.63 -30.05
C TRP C 55 -80.32 -14.57 -31.23
N ASP C 56 -79.66 -15.69 -31.02
CA ASP C 56 -79.54 -16.74 -32.00
C ASP C 56 -80.54 -17.82 -31.67
N ASP C 57 -81.69 -17.35 -31.15
CA ASP C 57 -82.90 -18.13 -30.90
C ASP C 57 -82.66 -19.23 -29.88
N ASP C 58 -82.09 -18.85 -28.74
CA ASP C 58 -81.86 -19.77 -27.64
C ASP C 58 -83.11 -19.75 -26.77
N LYS C 59 -83.95 -20.77 -26.94
CA LYS C 59 -85.29 -20.75 -26.35
C LYS C 59 -85.27 -21.36 -24.96
N ARG C 60 -85.97 -20.72 -24.04
CA ARG C 60 -86.21 -21.24 -22.71
C ARG C 60 -87.70 -21.33 -22.47
N TYR C 61 -88.09 -22.28 -21.64
CA TYR C 61 -89.47 -22.39 -21.18
C TYR C 61 -89.48 -22.89 -19.74
N SER C 62 -90.63 -22.73 -19.10
CA SER C 62 -90.84 -23.38 -17.82
C SER C 62 -90.95 -24.89 -18.03
N PRO C 63 -90.31 -25.69 -17.19
CA PRO C 63 -90.34 -27.15 -17.38
C PRO C 63 -91.71 -27.76 -17.14
N SER C 64 -92.57 -27.09 -16.35
CA SER C 64 -93.92 -27.58 -16.13
C SER C 64 -94.79 -27.52 -17.37
N LEU C 65 -94.76 -26.41 -18.10
CA LEU C 65 -95.54 -26.27 -19.33
C LEU C 65 -94.60 -26.22 -20.52
N LYS C 66 -93.44 -26.90 -20.38
CA LYS C 66 -92.56 -27.15 -21.50
C LYS C 66 -93.27 -27.92 -22.59
N SER C 67 -94.19 -28.81 -22.19
CA SER C 67 -95.07 -29.51 -23.11
C SER C 67 -95.95 -28.56 -23.91
N ARG C 68 -96.38 -27.46 -23.31
CA ARG C 68 -97.43 -26.66 -23.95
C ARG C 68 -96.90 -25.35 -24.50
N LEU C 69 -95.89 -24.76 -23.87
CA LEU C 69 -95.31 -23.49 -24.32
C LEU C 69 -94.44 -23.73 -25.54
N THR C 70 -94.57 -22.85 -26.55
CA THR C 70 -93.74 -22.92 -27.77
C THR C 70 -93.57 -21.50 -28.30
N ILE C 71 -92.36 -20.97 -28.18
CA ILE C 71 -92.06 -19.57 -28.47
C ILE C 71 -91.32 -19.47 -29.80
N THR C 72 -91.38 -18.29 -30.42
CA THR C 72 -90.46 -17.89 -31.48
C THR C 72 -90.41 -16.37 -31.56
N LYS C 73 -89.21 -15.85 -31.74
CA LYS C 73 -88.99 -14.42 -31.78
C LYS C 73 -89.14 -13.90 -33.20
N ASP C 74 -89.53 -12.64 -33.31
CA ASP C 74 -89.77 -11.98 -34.59
C ASP C 74 -88.97 -10.68 -34.53
N THR C 75 -87.68 -10.76 -34.86
CA THR C 75 -86.84 -9.55 -34.89
C THR C 75 -87.30 -8.59 -35.96
N SER C 76 -87.81 -9.12 -37.08
CA SER C 76 -88.23 -8.30 -38.20
C SER C 76 -89.49 -7.50 -37.88
N LYS C 77 -90.53 -8.16 -37.36
CA LYS C 77 -91.75 -7.51 -36.95
C LYS C 77 -91.59 -6.69 -35.68
N ASN C 78 -90.42 -6.80 -35.03
CA ASN C 78 -90.23 -6.43 -33.63
C ASN C 78 -91.35 -7.03 -32.78
N GLN C 79 -91.49 -8.35 -32.88
CA GLN C 79 -92.49 -9.12 -32.15
C GLN C 79 -91.85 -10.39 -31.59
N VAL C 80 -92.67 -11.18 -30.91
CA VAL C 80 -92.35 -12.55 -30.52
C VAL C 80 -93.67 -13.32 -30.62
N VAL C 81 -93.66 -14.47 -31.29
CA VAL C 81 -94.81 -15.36 -31.32
C VAL C 81 -94.57 -16.49 -30.32
N LEU C 82 -95.48 -16.66 -29.38
CA LEU C 82 -95.43 -17.76 -28.44
C LEU C 82 -96.77 -18.50 -28.50
N THR C 83 -96.76 -19.71 -29.04
CA THR C 83 -98.00 -20.48 -28.98
C THR C 83 -97.98 -21.41 -27.77
N MET C 84 -99.19 -21.73 -27.31
CA MET C 84 -99.36 -22.23 -25.95
C MET C 84 -100.68 -22.99 -25.92
N THR C 85 -100.61 -24.25 -25.48
CA THR C 85 -101.76 -25.14 -25.57
C THR C 85 -102.32 -25.47 -24.19
N ASN C 86 -103.45 -26.19 -24.19
CA ASN C 86 -104.07 -26.81 -23.01
C ASN C 86 -104.49 -25.77 -21.96
N MET C 87 -105.44 -24.93 -22.36
CA MET C 87 -105.94 -23.86 -21.48
C MET C 87 -106.77 -24.48 -20.36
N ASP C 88 -106.67 -23.91 -19.15
CA ASP C 88 -107.37 -24.32 -17.94
C ASP C 88 -107.58 -23.12 -17.00
N PRO C 89 -108.62 -23.15 -16.16
CA PRO C 89 -108.98 -21.93 -15.39
C PRO C 89 -107.97 -21.49 -14.34
N VAL C 90 -107.01 -22.33 -13.96
CA VAL C 90 -105.95 -21.84 -13.07
C VAL C 90 -104.88 -21.07 -13.85
N ASP C 91 -104.93 -21.09 -15.18
CA ASP C 91 -104.12 -20.20 -16.01
C ASP C 91 -104.80 -18.87 -16.28
N THR C 92 -105.77 -18.48 -15.45
CA THR C 92 -106.39 -17.17 -15.57
C THR C 92 -105.37 -16.13 -15.12
N ALA C 93 -104.62 -15.60 -16.07
CA ALA C 93 -103.51 -14.70 -15.77
C ALA C 93 -103.47 -13.62 -16.83
N THR C 94 -102.69 -12.59 -16.57
CA THR C 94 -102.39 -11.59 -17.58
C THR C 94 -100.96 -11.86 -18.01
N TYR C 95 -100.70 -11.77 -19.30
CA TYR C 95 -99.55 -12.45 -19.89
C TYR C 95 -98.56 -11.41 -20.41
N TYR C 96 -97.37 -11.39 -19.81
CA TYR C 96 -96.41 -10.33 -20.01
C TYR C 96 -95.23 -10.83 -20.82
N CYS C 97 -94.48 -9.90 -21.40
CA CYS C 97 -93.17 -10.14 -21.97
C CYS C 97 -92.18 -9.14 -21.37
N ALA C 98 -90.92 -9.55 -21.24
CA ALA C 98 -89.90 -8.63 -20.73
C ALA C 98 -88.59 -8.85 -21.46
N HIS C 99 -87.97 -7.76 -21.85
CA HIS C 99 -86.82 -7.77 -22.75
C HIS C 99 -85.54 -8.04 -21.96
N SER C 100 -84.87 -9.14 -22.27
CA SER C 100 -83.60 -9.50 -21.65
C SER C 100 -82.51 -8.64 -22.26
N LEU C 101 -81.46 -8.38 -21.48
CA LEU C 101 -80.31 -7.64 -21.98
C LEU C 101 -79.09 -7.96 -21.14
N PHE C 102 -78.11 -8.62 -21.76
CA PHE C 102 -76.78 -8.90 -21.19
C PHE C 102 -76.86 -9.70 -19.88
N LEU C 103 -77.21 -10.99 -20.05
CA LEU C 103 -77.33 -12.00 -18.99
C LEU C 103 -76.12 -12.12 -18.04
N THR C 104 -74.99 -11.52 -18.40
CA THR C 104 -73.94 -11.17 -17.45
C THR C 104 -74.48 -10.43 -16.22
N VAL C 105 -75.53 -9.61 -16.36
CA VAL C 105 -76.19 -9.01 -15.20
C VAL C 105 -77.12 -9.98 -14.48
N GLY C 106 -77.22 -11.22 -14.95
CA GLY C 106 -78.25 -12.12 -14.50
C GLY C 106 -78.09 -12.72 -13.12
N TYR C 107 -78.09 -11.89 -12.06
CA TYR C 107 -78.17 -12.38 -10.69
C TYR C 107 -79.06 -11.49 -9.80
N SER C 108 -80.20 -11.02 -10.32
CA SER C 108 -80.94 -9.89 -9.79
C SER C 108 -82.46 -10.02 -9.79
N SER C 109 -83.07 -10.97 -10.52
CA SER C 109 -84.52 -10.90 -10.71
C SER C 109 -85.30 -12.21 -10.63
N SER C 110 -84.64 -13.37 -10.68
CA SER C 110 -85.27 -14.71 -10.76
C SER C 110 -86.09 -14.84 -12.04
N TRP C 111 -85.66 -14.14 -13.08
CA TRP C 111 -86.32 -14.19 -14.38
C TRP C 111 -87.69 -13.52 -14.40
N SER C 112 -88.25 -13.37 -13.21
CA SER C 112 -89.55 -12.73 -13.02
C SER C 112 -89.64 -11.45 -13.84
N PRO C 113 -88.60 -10.62 -13.82
CA PRO C 113 -88.69 -9.39 -14.60
C PRO C 113 -87.76 -9.33 -15.82
N PHE C 114 -86.72 -8.53 -15.68
CA PHE C 114 -85.73 -8.30 -16.74
C PHE C 114 -85.35 -6.83 -16.74
N ASP C 115 -85.85 -6.10 -17.73
CA ASP C 115 -85.58 -4.67 -17.83
C ASP C 115 -86.68 -3.95 -18.61
N TYR C 116 -86.73 -4.22 -19.91
CA TYR C 116 -87.74 -3.59 -20.77
C TYR C 116 -89.13 -3.74 -20.18
N TRP C 117 -89.83 -4.81 -20.56
CA TRP C 117 -91.18 -5.06 -20.06
C TRP C 117 -92.20 -4.18 -20.78
N GLY C 118 -93.14 -4.80 -21.47
CA GLY C 118 -94.17 -4.08 -22.19
C GLY C 118 -95.32 -3.69 -21.29
N GLN C 119 -96.38 -4.49 -21.33
CA GLN C 119 -97.58 -4.23 -20.55
C GLN C 119 -98.34 -5.49 -20.23
N GLY C 120 -98.85 -6.18 -21.25
CA GLY C 120 -99.59 -7.40 -21.01
C GLY C 120 -100.95 -7.51 -21.66
N THR C 121 -101.22 -8.64 -22.28
CA THR C 121 -102.57 -8.99 -22.68
C THR C 121 -103.21 -9.91 -21.65
N LEU C 122 -104.41 -9.53 -21.22
CA LEU C 122 -105.14 -10.25 -20.20
C LEU C 122 -105.69 -11.53 -20.81
N VAL C 123 -105.79 -12.58 -20.00
CA VAL C 123 -106.42 -13.83 -20.41
C VAL C 123 -107.31 -14.29 -19.26
N THR C 124 -108.59 -14.52 -19.55
CA THR C 124 -109.48 -15.16 -18.60
C THR C 124 -110.12 -16.37 -19.26
N VAL C 125 -110.19 -17.47 -18.52
CA VAL C 125 -110.65 -18.75 -19.04
C VAL C 125 -112.13 -18.88 -18.63
N SER C 126 -113.02 -18.61 -19.57
CA SER C 126 -114.45 -18.73 -19.29
C SER C 126 -115.17 -19.11 -20.57
N SER C 127 -116.13 -20.01 -20.45
CA SER C 127 -116.96 -20.38 -21.58
C SER C 127 -118.01 -19.31 -21.80
N ASP D 1 -83.08 -22.27 -3.10
CA ASP D 1 -84.07 -21.20 -3.19
C ASP D 1 -83.81 -20.13 -2.13
N ILE D 2 -83.84 -18.88 -2.57
CA ILE D 2 -83.52 -17.75 -1.70
C ILE D 2 -84.73 -16.83 -1.64
N VAL D 3 -85.49 -16.91 -0.55
CA VAL D 3 -86.73 -16.14 -0.45
C VAL D 3 -86.42 -14.68 -0.12
N MET D 4 -87.15 -13.78 -0.77
CA MET D 4 -86.98 -12.34 -0.62
C MET D 4 -88.11 -11.81 0.25
N THR D 5 -87.80 -11.49 1.50
CA THR D 5 -88.81 -11.01 2.42
C THR D 5 -88.73 -9.50 2.47
N GLN D 6 -89.83 -8.84 2.12
CA GLN D 6 -89.89 -7.39 2.11
C GLN D 6 -89.54 -6.78 3.47
N SER D 7 -89.83 -5.48 3.59
CA SER D 7 -89.54 -4.72 4.79
C SER D 7 -90.81 -4.15 5.41
N PRO D 8 -91.26 -2.99 4.92
CA PRO D 8 -92.48 -2.38 5.46
C PRO D 8 -93.73 -2.67 4.63
N ASP D 9 -94.72 -3.34 5.23
CA ASP D 9 -95.95 -3.65 4.50
C ASP D 9 -96.80 -2.40 4.35
N SER D 10 -97.93 -2.36 5.05
CA SER D 10 -98.83 -1.21 4.98
C SER D 10 -98.06 0.01 5.44
N LEU D 11 -97.23 0.55 4.55
CA LEU D 11 -96.36 1.68 4.85
C LEU D 11 -97.20 2.94 4.85
N ALA D 12 -97.32 3.57 6.02
CA ALA D 12 -97.97 4.88 6.14
C ALA D 12 -96.89 5.94 6.25
N VAL D 13 -96.23 6.20 5.13
CA VAL D 13 -95.16 7.19 5.02
C VAL D 13 -95.80 8.51 4.59
N SER D 14 -95.35 9.61 5.19
CA SER D 14 -95.93 10.91 4.84
C SER D 14 -95.41 11.37 3.47
N LEU D 15 -95.98 12.47 3.00
CA LEU D 15 -95.70 12.96 1.66
C LEU D 15 -94.32 13.61 1.61
N GLY D 16 -93.55 13.30 0.57
CA GLY D 16 -92.20 13.81 0.44
C GLY D 16 -91.22 13.23 1.42
N GLU D 17 -91.55 12.14 2.09
CA GLU D 17 -90.78 11.60 3.18
C GLU D 17 -90.02 10.36 2.75
N ARG D 18 -88.98 10.03 3.50
CA ARG D 18 -88.23 8.81 3.29
C ARG D 18 -89.11 7.60 3.54
N ALA D 19 -89.50 6.92 2.46
CA ALA D 19 -90.11 5.61 2.59
C ALA D 19 -89.01 4.55 2.51
N THR D 20 -89.03 3.61 3.43
CA THR D 20 -88.04 2.55 3.45
C THR D 20 -88.70 1.20 3.15
N ILE D 21 -88.01 0.40 2.33
CA ILE D 21 -88.38 -0.98 2.07
C ILE D 21 -87.09 -1.79 2.16
N ASN D 22 -87.07 -2.76 3.06
CA ASN D 22 -85.95 -3.69 3.12
C ASN D 22 -86.29 -4.94 2.32
N CYS D 23 -85.25 -5.64 1.90
CA CYS D 23 -85.41 -6.94 1.28
C CYS D 23 -84.41 -7.86 1.94
N LYS D 24 -84.88 -8.94 2.54
CA LYS D 24 -84.01 -9.90 3.19
C LYS D 24 -84.00 -11.16 2.37
N SER D 25 -82.95 -11.32 1.56
CA SER D 25 -82.65 -12.60 0.95
C SER D 25 -82.26 -13.59 2.04
N SER D 26 -82.78 -14.81 1.93
CA SER D 26 -82.48 -15.83 2.92
C SER D 26 -81.04 -16.30 2.86
N GLN D 27 -80.39 -16.19 1.71
CA GLN D 27 -78.99 -16.53 1.54
C GLN D 27 -78.28 -15.30 0.98
N SER D 28 -76.95 -15.30 1.09
CA SER D 28 -76.14 -14.23 0.53
C SER D 28 -76.17 -14.38 -0.99
N VAL D 29 -76.84 -13.46 -1.66
CA VAL D 29 -77.08 -13.56 -3.09
C VAL D 29 -75.95 -12.96 -3.90
N LEU D 30 -74.86 -12.55 -3.25
CA LEU D 30 -73.79 -11.85 -3.94
C LEU D 30 -73.01 -12.80 -4.83
N TYR D 31 -73.07 -12.54 -6.12
CA TYR D 31 -72.09 -13.07 -7.05
C TYR D 31 -70.81 -12.33 -6.79
N SER D 32 -69.87 -13.02 -6.16
CA SER D 32 -68.67 -12.36 -5.64
C SER D 32 -67.71 -11.97 -6.75
N SER D 33 -67.98 -12.40 -7.98
CA SER D 33 -67.18 -12.07 -9.15
C SER D 33 -67.61 -10.76 -9.79
N ASN D 34 -68.23 -9.87 -9.02
CA ASN D 34 -68.69 -8.61 -9.57
C ASN D 34 -68.22 -7.44 -8.73
N ASN D 35 -68.02 -7.70 -7.43
CA ASN D 35 -67.72 -6.69 -6.40
C ASN D 35 -68.82 -5.62 -6.37
N LYS D 36 -70.04 -6.06 -6.66
CA LYS D 36 -71.15 -5.17 -6.93
C LYS D 36 -72.42 -6.00 -6.89
N ASN D 37 -73.38 -5.58 -6.08
CA ASN D 37 -74.68 -6.25 -6.02
C ASN D 37 -75.47 -6.03 -7.32
N TYR D 38 -76.57 -6.77 -7.46
CA TYR D 38 -77.22 -6.91 -8.77
C TYR D 38 -78.65 -6.35 -8.75
N LEU D 39 -79.23 -6.35 -7.56
CA LEU D 39 -80.65 -6.45 -7.27
C LEU D 39 -81.52 -5.46 -8.05
N ALA D 40 -82.67 -5.95 -8.49
CA ALA D 40 -83.60 -5.22 -9.33
C ALA D 40 -84.84 -4.87 -8.52
N TRP D 41 -85.05 -3.59 -8.27
CA TRP D 41 -86.21 -3.10 -7.54
C TRP D 41 -87.31 -2.74 -8.52
N TYR D 42 -88.57 -2.93 -8.11
CA TYR D 42 -89.68 -2.89 -9.04
C TYR D 42 -90.85 -2.16 -8.41
N GLN D 43 -91.69 -1.57 -9.27
CA GLN D 43 -92.81 -0.76 -8.81
C GLN D 43 -94.07 -1.16 -9.57
N GLN D 44 -94.88 -2.03 -8.97
CA GLN D 44 -96.21 -2.29 -9.51
C GLN D 44 -97.09 -1.12 -9.12
N LYS D 45 -97.45 -0.31 -10.10
CA LYS D 45 -98.59 0.54 -9.93
C LYS D 45 -99.85 -0.33 -10.01
N PRO D 46 -100.87 -0.04 -9.20
CA PRO D 46 -102.10 -0.85 -9.25
C PRO D 46 -102.79 -0.85 -10.60
N GLY D 47 -103.08 -2.05 -11.10
CA GLY D 47 -103.56 -2.25 -12.45
C GLY D 47 -102.48 -2.18 -13.51
N GLN D 48 -101.22 -2.05 -13.11
CA GLN D 48 -100.09 -1.84 -14.01
C GLN D 48 -98.97 -2.79 -13.65
N PRO D 49 -98.06 -3.08 -14.58
CA PRO D 49 -96.94 -3.98 -14.28
C PRO D 49 -95.92 -3.32 -13.36
N PRO D 50 -95.08 -4.11 -12.71
CA PRO D 50 -93.89 -3.56 -12.07
C PRO D 50 -92.83 -3.20 -13.09
N LYS D 51 -92.23 -2.03 -12.90
CA LYS D 51 -91.24 -1.53 -13.83
C LYS D 51 -89.91 -1.40 -13.11
N LEU D 52 -88.82 -1.62 -13.84
CA LEU D 52 -87.50 -1.69 -13.23
C LEU D 52 -87.06 -0.30 -12.80
N LEU D 53 -86.72 -0.18 -11.51
CA LEU D 53 -86.34 1.10 -10.93
C LEU D 53 -84.83 1.23 -10.85
N ILE D 54 -84.18 0.30 -10.14
CA ILE D 54 -82.74 0.29 -9.98
C ILE D 54 -82.26 -1.13 -10.21
N TYR D 55 -81.42 -1.30 -11.22
CA TYR D 55 -80.62 -2.49 -11.42
C TYR D 55 -79.21 -2.23 -10.88
N TRP D 56 -78.47 -3.32 -10.64
CA TRP D 56 -77.20 -3.36 -9.89
C TRP D 56 -77.33 -2.92 -8.43
N ALA D 57 -78.55 -2.64 -7.96
CA ALA D 57 -78.89 -2.08 -6.64
C ALA D 57 -78.24 -0.73 -6.35
N SER D 58 -77.54 -0.15 -7.32
CA SER D 58 -76.94 1.17 -7.21
C SER D 58 -77.01 1.96 -8.50
N THR D 59 -77.48 1.37 -9.60
CA THR D 59 -77.52 2.02 -10.90
C THR D 59 -78.98 2.23 -11.28
N ARG D 60 -79.49 3.42 -11.00
CA ARG D 60 -80.88 3.75 -11.25
C ARG D 60 -81.18 3.76 -12.75
N GLU D 61 -82.36 3.29 -13.11
CA GLU D 61 -82.79 3.26 -14.50
C GLU D 61 -83.00 4.67 -15.05
N SER D 62 -83.18 4.72 -16.37
CA SER D 62 -83.32 5.99 -17.07
C SER D 62 -84.66 6.63 -16.79
N GLY D 63 -84.67 7.95 -16.72
CA GLY D 63 -85.89 8.71 -16.49
C GLY D 63 -86.46 8.59 -15.09
N VAL D 64 -85.75 7.95 -14.18
CA VAL D 64 -86.22 7.72 -12.82
C VAL D 64 -85.64 8.81 -11.94
N PRO D 65 -86.41 9.35 -10.99
CA PRO D 65 -85.83 10.30 -10.03
C PRO D 65 -84.77 9.66 -9.15
N ASP D 66 -83.67 10.39 -8.98
CA ASP D 66 -82.59 9.98 -8.10
C ASP D 66 -82.93 10.15 -6.63
N ARG D 67 -84.11 10.68 -6.30
CA ARG D 67 -84.60 10.66 -4.93
C ARG D 67 -84.84 9.23 -4.46
N PHE D 68 -85.05 8.31 -5.40
CA PHE D 68 -84.97 6.88 -5.13
C PHE D 68 -83.52 6.46 -5.35
N SER D 69 -82.98 5.65 -4.45
CA SER D 69 -81.64 5.12 -4.58
C SER D 69 -81.56 3.80 -3.82
N GLY D 70 -80.74 2.88 -4.30
CA GLY D 70 -80.70 1.55 -3.71
C GLY D 70 -79.51 1.35 -2.79
N SER D 71 -79.67 0.42 -1.84
CA SER D 71 -78.62 0.09 -0.89
C SER D 71 -78.76 -1.37 -0.48
N GLY D 72 -77.94 -1.77 0.49
CA GLY D 72 -78.00 -3.11 1.03
C GLY D 72 -76.70 -3.88 1.04
N SER D 73 -76.61 -4.93 1.86
CA SER D 73 -75.36 -5.66 2.02
C SER D 73 -75.60 -7.07 2.50
N GLY D 74 -74.99 -8.04 1.82
CA GLY D 74 -74.88 -9.40 2.31
C GLY D 74 -76.16 -10.19 2.14
N THR D 75 -77.11 -9.96 3.05
CA THR D 75 -78.45 -10.51 2.99
C THR D 75 -79.51 -9.44 3.24
N ASP D 76 -79.13 -8.35 3.88
CA ASP D 76 -80.03 -7.23 4.10
C ASP D 76 -79.94 -6.26 2.93
N PHE D 77 -81.10 -5.88 2.38
CA PHE D 77 -81.11 -5.02 1.19
C PHE D 77 -82.20 -3.97 1.32
N THR D 78 -81.79 -2.73 1.59
CA THR D 78 -82.70 -1.63 1.83
C THR D 78 -82.91 -0.82 0.57
N LEU D 79 -83.73 0.21 0.66
CA LEU D 79 -84.05 1.08 -0.46
C LEU D 79 -84.15 2.50 0.07
N THR D 80 -83.27 3.38 -0.41
CA THR D 80 -83.21 4.75 0.08
C THR D 80 -83.97 5.67 -0.87
N ILE D 81 -85.29 5.54 -0.83
CA ILE D 81 -86.20 6.52 -1.40
C ILE D 81 -86.20 7.71 -0.43
N SER D 82 -85.71 8.86 -0.86
CA SER D 82 -85.61 9.97 0.07
C SER D 82 -86.93 10.70 0.23
N SER D 83 -87.81 10.66 -0.77
CA SER D 83 -89.05 11.41 -0.68
C SER D 83 -90.18 10.60 -1.28
N LEU D 84 -91.29 10.54 -0.56
CA LEU D 84 -92.49 9.82 -0.97
C LEU D 84 -93.46 10.81 -1.58
N GLN D 85 -93.56 10.81 -2.90
CA GLN D 85 -94.45 11.77 -3.52
C GLN D 85 -95.85 11.19 -3.63
N ALA D 86 -96.79 12.00 -4.15
CA ALA D 86 -98.17 11.58 -4.31
C ALA D 86 -98.34 10.51 -5.39
N GLU D 87 -97.35 10.37 -6.26
CA GLU D 87 -97.35 9.38 -7.33
C GLU D 87 -96.92 7.99 -6.86
N ASP D 88 -96.70 7.82 -5.56
CA ASP D 88 -95.99 6.65 -5.05
C ASP D 88 -96.93 5.65 -4.36
N VAL D 89 -98.22 5.71 -4.66
CA VAL D 89 -99.17 4.71 -4.19
C VAL D 89 -99.03 3.47 -5.06
N ALA D 90 -98.19 2.53 -4.64
CA ALA D 90 -97.78 1.46 -5.55
C ALA D 90 -97.36 0.23 -4.75
N VAL D 91 -97.03 -0.84 -5.48
CA VAL D 91 -96.65 -2.12 -4.93
C VAL D 91 -95.25 -2.43 -5.42
N TYR D 92 -94.41 -3.03 -4.57
CA TYR D 92 -92.98 -3.06 -4.80
C TYR D 92 -92.44 -4.47 -4.62
N TYR D 93 -91.37 -4.80 -5.37
CA TYR D 93 -90.86 -6.15 -5.46
C TYR D 93 -89.34 -6.18 -5.46
N CYS D 94 -88.76 -7.27 -4.91
CA CYS D 94 -87.33 -7.52 -4.88
C CYS D 94 -87.08 -9.01 -5.09
N GLN D 95 -86.06 -9.33 -5.89
CA GLN D 95 -85.87 -10.67 -6.43
C GLN D 95 -84.38 -10.93 -6.69
N GLN D 96 -84.05 -12.13 -7.22
CA GLN D 96 -82.66 -12.53 -7.48
C GLN D 96 -82.56 -13.71 -8.47
N TYR D 97 -81.79 -13.49 -9.53
CA TYR D 97 -81.57 -14.54 -10.53
C TYR D 97 -80.52 -15.51 -9.99
N TYR D 98 -79.88 -15.12 -8.89
CA TYR D 98 -78.86 -15.93 -8.24
C TYR D 98 -79.48 -17.15 -7.57
N SER D 99 -80.66 -17.55 -8.06
CA SER D 99 -81.37 -18.70 -7.50
C SER D 99 -81.80 -19.67 -8.60
N THR D 100 -82.89 -20.39 -8.36
CA THR D 100 -83.40 -21.36 -9.33
C THR D 100 -84.86 -21.09 -9.69
N PRO D 101 -85.72 -20.89 -8.61
CA PRO D 101 -87.12 -20.64 -9.01
C PRO D 101 -87.42 -19.14 -9.02
N HIS D 102 -88.68 -18.78 -9.24
CA HIS D 102 -89.06 -17.37 -9.28
C HIS D 102 -89.28 -16.78 -7.90
N THR D 103 -88.20 -16.51 -7.17
CA THR D 103 -88.31 -15.93 -5.84
C THR D 103 -88.93 -14.56 -6.01
N PHE D 104 -89.52 -14.05 -4.95
CA PHE D 104 -90.28 -12.82 -5.04
C PHE D 104 -90.26 -12.07 -3.72
N GLY D 105 -90.28 -10.75 -3.82
CA GLY D 105 -90.82 -9.95 -2.76
C GLY D 105 -92.32 -10.12 -2.72
N GLN D 106 -92.94 -9.69 -1.64
CA GLN D 106 -94.36 -10.01 -1.51
C GLN D 106 -95.26 -8.83 -1.90
N GLY D 107 -94.78 -7.60 -1.76
CA GLY D 107 -95.60 -6.47 -2.16
C GLY D 107 -96.11 -5.65 -0.99
N THR D 108 -95.94 -4.35 -1.07
CA THR D 108 -96.26 -3.47 0.05
C THR D 108 -97.32 -2.42 -0.29
N LYS D 109 -98.24 -2.21 0.64
CA LYS D 109 -99.23 -1.15 0.57
C LYS D 109 -98.58 0.18 0.90
N LEU D 110 -98.69 1.13 -0.01
CA LEU D 110 -98.09 2.44 0.20
C LEU D 110 -99.21 3.44 0.46
N GLU D 111 -99.60 3.55 1.72
CA GLU D 111 -100.48 4.61 2.16
C GLU D 111 -99.66 5.88 2.37
N ILE D 112 -100.13 6.99 1.82
CA ILE D 112 -99.42 8.26 1.92
C ILE D 112 -100.02 9.04 3.06
N LYS D 113 -99.23 9.26 4.11
CA LYS D 113 -99.72 9.92 5.30
C LYS D 113 -99.69 11.43 5.09
N THR E 3 -65.44 -57.83 18.93
CA THR E 3 -66.02 -59.16 19.06
C THR E 3 -66.92 -59.26 20.28
N LEU E 4 -67.13 -58.12 20.94
CA LEU E 4 -67.97 -58.08 22.12
C LEU E 4 -69.39 -58.56 21.81
N LYS E 5 -70.09 -59.06 22.83
CA LYS E 5 -71.51 -59.37 22.75
C LYS E 5 -72.13 -59.28 24.14
N GLU E 6 -73.22 -58.54 24.23
CA GLU E 6 -73.93 -58.30 25.47
C GLU E 6 -75.01 -59.35 25.64
N SER E 7 -74.79 -60.26 26.57
CA SER E 7 -75.80 -61.25 26.93
C SER E 7 -76.61 -60.72 28.09
N GLY E 8 -77.86 -61.16 28.16
CA GLY E 8 -78.74 -60.74 29.21
C GLY E 8 -80.19 -61.04 28.91
N PRO E 9 -81.05 -60.89 29.92
CA PRO E 9 -82.48 -61.20 29.73
C PRO E 9 -83.17 -60.12 28.94
N THR E 10 -84.28 -60.50 28.31
CA THR E 10 -84.94 -59.62 27.34
C THR E 10 -86.04 -58.77 28.00
N LEU E 11 -86.93 -59.37 28.77
CA LEU E 11 -87.95 -58.62 29.48
C LEU E 11 -87.67 -58.66 30.97
N VAL E 12 -87.80 -57.51 31.62
CA VAL E 12 -87.48 -57.36 33.02
C VAL E 12 -88.70 -56.87 33.78
N LYS E 13 -88.61 -56.94 35.10
CA LYS E 13 -89.57 -56.43 36.07
C LYS E 13 -88.88 -55.39 36.95
N PRO E 14 -89.63 -54.42 37.51
CA PRO E 14 -88.99 -53.25 38.11
C PRO E 14 -88.23 -53.52 39.41
N THR E 15 -87.44 -52.51 39.81
CA THR E 15 -86.84 -52.16 41.10
C THR E 15 -85.75 -53.09 41.62
N GLN E 16 -85.47 -54.18 40.94
CA GLN E 16 -84.47 -55.11 41.47
C GLN E 16 -83.12 -54.91 40.79
N THR E 17 -82.09 -55.47 41.43
CA THR E 17 -80.73 -55.37 40.89
C THR E 17 -80.55 -56.38 39.78
N LEU E 18 -79.70 -56.04 38.82
CA LEU E 18 -79.59 -56.81 37.59
C LEU E 18 -78.16 -56.79 37.06
N THR E 19 -77.48 -57.92 37.15
CA THR E 19 -76.18 -58.09 36.53
C THR E 19 -76.31 -58.08 35.01
N LEU E 20 -75.23 -57.70 34.34
CA LEU E 20 -75.23 -57.60 32.88
C LEU E 20 -73.90 -58.09 32.35
N THR E 21 -73.94 -58.90 31.30
CA THR E 21 -72.79 -59.63 30.81
C THR E 21 -72.50 -59.29 29.36
N CYS E 22 -71.42 -58.54 29.12
CA CYS E 22 -70.86 -58.36 27.78
C CYS E 22 -69.78 -59.40 27.58
N THR E 23 -70.16 -60.53 27.01
CA THR E 23 -69.20 -61.59 26.72
C THR E 23 -68.44 -61.25 25.44
N PHE E 24 -67.12 -61.15 25.54
CA PHE E 24 -66.31 -60.91 24.35
C PHE E 24 -65.30 -62.02 24.14
N SER E 25 -64.39 -61.74 23.22
CA SER E 25 -63.17 -62.49 22.98
C SER E 25 -62.26 -61.60 22.16
N GLY E 26 -61.20 -62.18 21.62
CA GLY E 26 -60.32 -61.47 20.73
C GLY E 26 -59.32 -60.55 21.40
N PHE E 27 -59.50 -60.26 22.69
CA PHE E 27 -58.57 -59.44 23.45
C PHE E 27 -58.78 -59.71 24.93
N SER E 28 -57.78 -59.32 25.72
CA SER E 28 -57.90 -59.30 27.18
C SER E 28 -58.29 -57.90 27.60
N LEU E 29 -58.26 -57.64 28.92
CA LEU E 29 -58.73 -56.34 29.38
C LEU E 29 -57.90 -55.81 30.55
N SER E 30 -56.65 -56.23 30.71
CA SER E 30 -55.83 -55.65 31.77
C SER E 30 -54.44 -55.17 31.32
N THR E 31 -54.34 -54.42 30.23
CA THR E 31 -53.07 -53.82 29.87
C THR E 31 -53.22 -52.33 29.54
N SER E 32 -52.14 -51.58 29.73
CA SER E 32 -52.21 -50.12 29.79
C SER E 32 -52.71 -49.50 28.49
N GLY E 33 -53.97 -49.07 28.51
CA GLY E 33 -54.65 -48.55 27.34
C GLY E 33 -55.88 -49.34 26.89
N VAL E 34 -56.54 -50.09 27.77
CA VAL E 34 -57.67 -50.91 27.35
C VAL E 34 -58.84 -50.70 28.31
N GLY E 35 -60.07 -50.71 27.76
CA GLY E 35 -61.27 -50.66 28.57
C GLY E 35 -62.49 -51.11 27.78
N VAL E 36 -63.64 -51.11 28.45
CA VAL E 36 -64.94 -51.42 27.85
C VAL E 36 -65.99 -50.50 28.48
N GLY E 37 -66.71 -49.75 27.65
CA GLY E 37 -67.77 -48.86 28.11
C GLY E 37 -69.15 -49.41 27.79
N TRP E 38 -70.06 -49.32 28.78
CA TRP E 38 -71.41 -49.87 28.69
C TRP E 38 -72.42 -48.79 28.32
N ILE E 39 -73.34 -49.11 27.41
CA ILE E 39 -74.23 -48.13 26.77
C ILE E 39 -75.67 -48.63 26.84
N ARG E 40 -76.62 -47.70 26.91
CA ARG E 40 -78.02 -47.96 26.63
C ARG E 40 -78.52 -47.02 25.54
N GLN E 41 -79.69 -47.34 24.98
CA GLN E 41 -80.46 -46.38 24.20
C GLN E 41 -81.94 -46.75 24.25
N PRO E 42 -82.77 -45.90 24.85
CA PRO E 42 -84.21 -46.04 24.67
C PRO E 42 -84.59 -45.73 23.23
N PRO E 43 -85.72 -46.27 22.75
CA PRO E 43 -86.07 -46.14 21.33
C PRO E 43 -86.42 -44.70 20.94
N GLY E 44 -85.89 -44.26 19.80
CA GLY E 44 -86.07 -42.91 19.33
C GLY E 44 -85.09 -41.91 19.91
N LYS E 45 -84.47 -42.23 21.03
CA LYS E 45 -83.53 -41.36 21.72
C LYS E 45 -82.15 -41.55 21.08
N ALA E 46 -81.24 -40.62 21.34
CA ALA E 46 -79.82 -40.86 21.14
C ALA E 46 -79.33 -41.82 22.22
N LEU E 47 -78.10 -42.29 22.10
CA LEU E 47 -77.65 -43.36 23.00
C LEU E 47 -77.23 -42.76 24.33
N GLU E 48 -77.04 -43.63 25.31
CA GLU E 48 -76.55 -43.21 26.62
C GLU E 48 -75.58 -44.26 27.11
N TRP E 49 -74.30 -43.90 27.19
CA TRP E 49 -73.35 -44.75 27.88
C TRP E 49 -73.64 -44.74 29.37
N LEU E 50 -73.39 -45.87 30.01
CA LEU E 50 -73.72 -46.08 31.42
C LEU E 50 -72.48 -46.25 32.29
N ALA E 51 -71.61 -47.20 31.94
CA ALA E 51 -70.53 -47.59 32.83
C ALA E 51 -69.30 -47.93 31.99
N LEU E 52 -68.15 -48.00 32.66
CA LEU E 52 -66.86 -48.19 32.02
C LEU E 52 -65.88 -48.71 33.05
N ILE E 53 -64.92 -49.53 32.61
CA ILE E 53 -63.85 -50.03 33.47
C ILE E 53 -62.60 -50.21 32.63
N TYR E 54 -61.46 -49.72 33.12
CA TYR E 54 -60.20 -49.78 32.39
C TYR E 54 -59.37 -50.98 32.84
N TRP E 55 -58.08 -50.98 32.49
CA TRP E 55 -57.23 -52.16 32.56
C TRP E 55 -56.82 -52.55 33.96
N ASP E 56 -56.50 -51.60 34.82
CA ASP E 56 -56.25 -51.83 36.22
C ASP E 56 -57.50 -51.45 36.99
N ASP E 57 -58.63 -51.72 36.34
CA ASP E 57 -59.99 -51.64 36.89
C ASP E 57 -60.34 -50.22 37.31
N ASP E 58 -60.14 -49.28 36.40
CA ASP E 58 -60.48 -47.89 36.62
C ASP E 58 -61.93 -47.71 36.18
N LYS E 59 -62.84 -47.70 37.15
CA LYS E 59 -64.27 -47.78 36.85
C LYS E 59 -64.86 -46.39 36.66
N ARG E 60 -65.69 -46.25 35.64
CA ARG E 60 -66.47 -45.05 35.41
C ARG E 60 -67.95 -45.42 35.39
N TYR E 61 -68.79 -44.46 35.78
CA TYR E 61 -70.23 -44.61 35.66
C TYR E 61 -70.83 -43.25 35.34
N SER E 62 -72.08 -43.26 34.90
CA SER E 62 -72.84 -42.04 34.80
C SER E 62 -73.17 -41.54 36.21
N PRO E 63 -73.02 -40.23 36.46
CA PRO E 63 -73.27 -39.71 37.81
C PRO E 63 -74.73 -39.78 38.23
N SER E 64 -75.66 -39.82 37.27
CA SER E 64 -77.08 -39.95 37.58
C SER E 64 -77.42 -41.31 38.19
N LEU E 65 -76.93 -42.39 37.60
CA LEU E 65 -77.18 -43.73 38.12
C LEU E 65 -75.89 -44.31 38.67
N LYS E 66 -75.03 -43.42 39.17
CA LYS E 66 -73.87 -43.83 39.95
C LYS E 66 -74.29 -44.61 41.18
N SER E 67 -75.44 -44.23 41.75
CA SER E 67 -76.07 -44.98 42.84
C SER E 67 -76.41 -46.40 42.44
N ARG E 68 -76.80 -46.63 41.18
CA ARG E 68 -77.39 -47.92 40.86
C ARG E 68 -76.46 -48.77 39.99
N LEU E 69 -75.63 -48.15 39.16
CA LEU E 69 -74.71 -48.88 38.29
C LEU E 69 -73.52 -49.38 39.10
N THR E 70 -73.12 -50.63 38.87
CA THR E 70 -71.96 -51.23 39.53
C THR E 70 -71.34 -52.26 38.58
N ILE E 71 -70.16 -51.93 38.05
CA ILE E 71 -69.51 -52.70 37.00
C ILE E 71 -68.34 -53.49 37.58
N THR E 72 -67.97 -54.56 36.89
CA THR E 72 -66.67 -55.23 37.07
C THR E 72 -66.30 -55.98 35.81
N LYS E 73 -65.04 -55.90 35.44
CA LYS E 73 -64.54 -56.52 34.22
C LYS E 73 -64.09 -57.94 34.52
N ASP E 74 -64.17 -58.78 33.49
CA ASP E 74 -63.81 -60.18 33.59
C ASP E 74 -62.84 -60.44 32.43
N THR E 75 -61.56 -60.14 32.64
CA THR E 75 -60.55 -60.40 31.61
C THR E 75 -60.41 -61.90 31.34
N SER E 76 -60.60 -62.71 32.38
CA SER E 76 -60.44 -64.15 32.26
C SER E 76 -61.54 -64.78 31.41
N LYS E 77 -62.79 -64.47 31.74
CA LYS E 77 -63.94 -64.95 30.97
C LYS E 77 -64.07 -64.28 29.62
N ASN E 78 -63.26 -63.24 29.37
CA ASN E 78 -63.50 -62.26 28.33
C ASN E 78 -64.93 -61.74 28.42
N GLN E 79 -65.28 -61.25 29.61
CA GLN E 79 -66.59 -60.71 29.92
C GLN E 79 -66.45 -59.42 30.71
N VAL E 80 -67.60 -58.82 31.04
CA VAL E 80 -67.71 -57.75 32.03
C VAL E 80 -69.03 -57.98 32.76
N VAL E 81 -69.01 -57.96 34.08
CA VAL E 81 -70.23 -58.03 34.88
C VAL E 81 -70.57 -56.61 35.34
N LEU E 82 -71.78 -56.15 35.01
CA LEU E 82 -72.26 -54.87 35.48
C LEU E 82 -73.61 -55.10 36.15
N THR E 83 -73.66 -54.94 37.47
CA THR E 83 -74.95 -55.03 38.11
C THR E 83 -75.55 -53.64 38.30
N MET E 84 -76.87 -53.60 38.35
CA MET E 84 -77.61 -52.37 38.09
C MET E 84 -78.97 -52.50 38.74
N THR E 85 -79.31 -51.53 39.59
CA THR E 85 -80.50 -51.64 40.43
C THR E 85 -81.56 -50.63 40.01
N ASN E 86 -82.73 -50.73 40.64
CA ASN E 86 -83.83 -49.76 40.57
C ASN E 86 -84.38 -49.60 39.15
N MET E 87 -84.96 -50.69 38.64
CA MET E 87 -85.50 -50.70 37.29
C MET E 87 -86.78 -49.86 37.25
N ASP E 88 -86.99 -49.14 36.14
CA ASP E 88 -88.14 -48.27 35.88
C ASP E 88 -88.43 -48.20 34.38
N PRO E 89 -89.69 -47.93 33.98
CA PRO E 89 -90.05 -48.05 32.55
C PRO E 89 -89.40 -47.03 31.62
N VAL E 90 -88.80 -45.95 32.13
CA VAL E 90 -88.05 -45.07 31.25
C VAL E 90 -86.66 -45.60 30.98
N ASP E 91 -86.25 -46.67 31.66
CA ASP E 91 -85.04 -47.42 31.32
C ASP E 91 -85.31 -48.53 30.31
N THR E 92 -86.42 -48.45 29.58
CA THR E 92 -86.68 -49.41 28.52
C THR E 92 -85.70 -49.14 27.38
N ALA E 93 -84.57 -49.85 27.41
CA ALA E 93 -83.50 -49.60 26.47
C ALA E 93 -82.88 -50.93 26.07
N THR E 94 -82.05 -50.89 25.05
CA THR E 94 -81.22 -52.04 24.71
C THR E 94 -79.82 -51.68 25.14
N TYR E 95 -79.11 -52.64 25.72
CA TYR E 95 -77.98 -52.32 26.58
C TYR E 95 -76.71 -52.82 25.95
N TYR E 96 -75.82 -51.88 25.61
CA TYR E 96 -74.65 -52.17 24.79
C TYR E 96 -73.38 -52.10 25.62
N CYS E 97 -72.31 -52.70 25.10
CA CYS E 97 -70.97 -52.51 25.59
C CYS E 97 -70.08 -52.11 24.41
N ALA E 98 -69.04 -51.32 24.67
CA ALA E 98 -68.11 -50.94 23.61
C ALA E 98 -66.70 -50.88 24.16
N HIS E 99 -65.77 -51.47 23.41
CA HIS E 99 -64.41 -51.70 23.87
C HIS E 99 -63.56 -50.46 23.68
N SER E 100 -63.06 -49.91 24.77
CA SER E 100 -62.17 -48.75 24.74
C SER E 100 -60.79 -49.19 24.31
N LEU E 101 -60.05 -48.29 23.67
CA LEU E 101 -58.68 -48.58 23.28
C LEU E 101 -57.92 -47.27 23.10
N PHE E 102 -56.93 -47.06 23.99
CA PHE E 102 -55.97 -45.95 23.92
C PHE E 102 -56.65 -44.58 23.94
N LEU E 103 -57.16 -44.23 25.12
CA LEU E 103 -57.84 -42.97 25.46
C LEU E 103 -57.09 -41.69 25.05
N THR E 104 -55.80 -41.79 24.72
CA THR E 104 -55.11 -40.81 23.91
C THR E 104 -55.89 -40.40 22.66
N VAL E 105 -56.63 -41.32 22.04
CA VAL E 105 -57.54 -40.96 20.94
C VAL E 105 -58.82 -40.31 21.41
N GLY E 106 -58.98 -40.12 22.72
CA GLY E 106 -60.27 -39.75 23.27
C GLY E 106 -60.71 -38.32 23.08
N TYR E 107 -60.92 -37.89 21.82
CA TYR E 107 -61.56 -36.60 21.55
C TYR E 107 -62.52 -36.69 20.35
N SER E 108 -63.29 -37.77 20.22
CA SER E 108 -63.94 -38.19 18.98
C SER E 108 -65.37 -38.73 19.11
N SER E 109 -65.86 -39.10 20.31
CA SER E 109 -67.10 -39.85 20.37
C SER E 109 -68.09 -39.48 21.46
N SER E 110 -67.70 -38.70 22.48
CA SER E 110 -68.50 -38.39 23.67
C SER E 110 -68.85 -39.66 24.46
N TRP E 111 -67.95 -40.63 24.38
CA TRP E 111 -68.11 -41.90 25.10
C TRP E 111 -69.22 -42.77 24.55
N SER E 112 -70.13 -42.14 23.82
CA SER E 112 -71.26 -42.81 23.19
C SER E 112 -70.82 -44.09 22.50
N PRO E 113 -69.71 -44.05 21.76
CA PRO E 113 -69.28 -45.29 21.11
C PRO E 113 -68.00 -45.89 21.67
N PHE E 114 -66.92 -45.77 20.90
CA PHE E 114 -65.61 -46.30 21.23
C PHE E 114 -64.98 -46.85 19.96
N ASP E 115 -64.94 -48.18 19.86
CA ASP E 115 -64.39 -48.82 18.67
C ASP E 115 -64.98 -50.21 18.47
N TYR E 116 -64.64 -51.13 19.36
CA TYR E 116 -65.13 -52.49 19.28
C TYR E 116 -66.65 -52.53 19.11
N TRP E 117 -67.36 -52.59 20.24
CA TRP E 117 -68.82 -52.62 20.23
C TRP E 117 -69.33 -54.00 19.84
N GLY E 118 -70.08 -54.63 20.74
CA GLY E 118 -70.63 -55.95 20.51
C GLY E 118 -71.93 -55.89 19.73
N GLN E 119 -73.04 -55.96 20.45
CA GLN E 119 -74.36 -55.95 19.83
C GLN E 119 -75.42 -55.40 20.77
N GLY E 120 -75.65 -56.08 21.89
CA GLY E 120 -76.66 -55.59 22.82
C GLY E 120 -77.70 -56.60 23.26
N THR E 121 -77.95 -56.66 24.57
CA THR E 121 -79.11 -57.35 25.08
C THR E 121 -80.24 -56.36 25.35
N LEU E 122 -81.42 -56.69 24.81
CA LEU E 122 -82.59 -55.83 24.92
C LEU E 122 -83.13 -55.92 26.33
N VAL E 123 -83.70 -54.83 26.83
CA VAL E 123 -84.38 -54.81 28.13
C VAL E 123 -85.68 -54.05 27.95
N THR E 124 -86.80 -54.67 28.30
CA THR E 124 -88.07 -53.98 28.38
C THR E 124 -88.67 -54.18 29.76
N VAL E 125 -89.20 -53.10 30.33
CA VAL E 125 -89.70 -53.08 31.70
C VAL E 125 -91.21 -53.28 31.63
N SER E 126 -91.66 -54.51 31.89
CA SER E 126 -93.08 -54.80 31.87
C SER E 126 -93.37 -55.91 32.85
N SER E 127 -94.47 -55.76 33.58
CA SER E 127 -94.91 -56.82 34.48
C SER E 127 -95.59 -57.92 33.68
N ASP F 1 -70.63 -27.92 26.22
CA ASP F 1 -71.30 -28.88 25.36
C ASP F 1 -71.22 -28.47 23.90
N ILE F 2 -70.86 -29.41 23.03
CA ILE F 2 -70.64 -29.13 21.62
C ILE F 2 -71.59 -30.01 20.82
N VAL F 3 -72.70 -29.42 20.34
CA VAL F 3 -73.72 -30.20 19.65
C VAL F 3 -73.27 -30.50 18.22
N MET F 4 -73.52 -31.74 17.78
CA MET F 4 -73.14 -32.23 16.46
C MET F 4 -74.38 -32.24 15.59
N THR F 5 -74.48 -31.29 14.67
CA THR F 5 -75.63 -31.19 13.79
C THR F 5 -75.28 -31.84 12.47
N GLN F 6 -76.04 -32.87 12.10
CA GLN F 6 -75.80 -33.59 10.85
C GLN F 6 -75.84 -32.68 9.64
N SER F 7 -75.89 -33.30 8.47
CA SER F 7 -75.90 -32.61 7.19
C SER F 7 -77.17 -32.90 6.40
N PRO F 8 -77.19 -34.01 5.66
CA PRO F 8 -78.38 -34.36 4.87
C PRO F 8 -79.30 -35.37 5.56
N ASP F 9 -80.54 -34.98 5.85
CA ASP F 9 -81.47 -35.89 6.50
C ASP F 9 -81.96 -36.95 5.51
N SER F 10 -83.23 -36.87 5.14
CA SER F 10 -83.81 -37.82 4.20
C SER F 10 -83.02 -37.74 2.90
N LEU F 11 -81.85 -38.35 2.88
CA LEU F 11 -80.94 -38.31 1.74
C LEU F 11 -81.47 -39.23 0.67
N ALA F 12 -81.86 -38.67 -0.47
CA ALA F 12 -82.25 -39.45 -1.64
C ALA F 12 -81.08 -39.44 -2.62
N VAL F 13 -80.03 -40.19 -2.28
CA VAL F 13 -78.83 -40.31 -3.10
C VAL F 13 -79.01 -41.52 -3.99
N SER F 14 -78.59 -41.40 -5.26
CA SER F 14 -78.75 -42.52 -6.18
C SER F 14 -77.71 -43.60 -5.88
N LEU F 15 -77.85 -44.73 -6.59
CA LEU F 15 -77.04 -45.90 -6.32
C LEU F 15 -75.62 -45.70 -6.88
N GLY F 16 -74.61 -46.05 -6.08
CA GLY F 16 -73.23 -45.86 -6.47
C GLY F 16 -72.79 -44.43 -6.49
N GLU F 17 -73.54 -43.53 -5.88
CA GLU F 17 -73.31 -42.10 -5.99
C GLU F 17 -72.71 -41.55 -4.71
N ARG F 18 -72.08 -40.38 -4.83
CA ARG F 18 -71.55 -39.68 -3.68
C ARG F 18 -72.68 -39.26 -2.76
N ALA F 19 -72.80 -39.94 -1.62
CA ALA F 19 -73.65 -39.45 -0.55
C ALA F 19 -72.83 -38.59 0.39
N THR F 20 -73.35 -37.42 0.73
CA THR F 20 -72.65 -36.50 1.62
C THR F 20 -73.41 -36.38 2.93
N ILE F 21 -72.66 -36.35 4.02
CA ILE F 21 -73.16 -36.04 5.35
C ILE F 21 -72.18 -35.09 5.98
N ASN F 22 -72.65 -33.91 6.36
CA ASN F 22 -71.83 -32.99 7.10
C ASN F 22 -72.11 -33.15 8.59
N CYS F 23 -71.14 -32.74 9.40
CA CYS F 23 -71.32 -32.67 10.84
C CYS F 23 -70.81 -31.31 11.28
N LYS F 24 -71.67 -30.52 11.90
CA LYS F 24 -71.28 -29.21 12.38
C LYS F 24 -71.22 -29.25 13.90
N SER F 25 -70.02 -29.40 14.42
CA SER F 25 -69.77 -29.15 15.83
C SER F 25 -69.99 -27.67 16.12
N SER F 26 -70.65 -27.39 17.23
CA SER F 26 -70.93 -26.00 17.60
C SER F 26 -69.68 -25.25 18.02
N GLN F 27 -68.66 -25.95 18.50
CA GLN F 27 -67.38 -25.36 18.86
C GLN F 27 -66.30 -26.10 18.09
N SER F 28 -65.12 -25.48 18.01
CA SER F 28 -63.98 -26.12 17.36
C SER F 28 -63.50 -27.25 18.27
N VAL F 29 -63.71 -28.49 17.83
CA VAL F 29 -63.45 -29.66 18.66
C VAL F 29 -62.01 -30.12 18.54
N LEU F 30 -61.16 -29.36 17.85
CA LEU F 30 -59.80 -29.82 17.59
C LEU F 30 -58.97 -29.75 18.84
N TYR F 31 -58.52 -30.92 19.29
CA TYR F 31 -57.41 -31.01 20.20
C TYR F 31 -56.16 -30.63 19.41
N SER F 32 -55.65 -29.43 19.67
CA SER F 32 -54.61 -28.86 18.83
C SER F 32 -53.27 -29.56 19.04
N SER F 33 -53.17 -30.41 20.06
CA SER F 33 -51.97 -31.17 20.36
C SER F 33 -51.88 -32.46 19.56
N ASN F 34 -52.55 -32.53 18.41
CA ASN F 34 -52.53 -33.74 17.61
C ASN F 34 -52.17 -33.45 16.17
N ASN F 35 -52.48 -32.23 15.73
CA ASN F 35 -52.38 -31.78 14.33
C ASN F 35 -53.19 -32.69 13.41
N LYS F 36 -54.29 -33.19 13.96
CA LYS F 36 -55.04 -34.28 13.34
C LYS F 36 -56.37 -34.36 14.06
N ASN F 37 -57.46 -34.31 13.29
CA ASN F 37 -58.81 -34.47 13.85
C ASN F 37 -59.04 -35.90 14.33
N TYR F 38 -60.14 -36.09 15.05
CA TYR F 38 -60.31 -37.32 15.85
C TYR F 38 -61.51 -38.13 15.39
N LEU F 39 -62.46 -37.43 14.78
CA LEU F 39 -63.89 -37.72 14.73
C LEU F 39 -64.22 -39.15 14.29
N ALA F 40 -65.22 -39.71 14.95
CA ALA F 40 -65.64 -41.09 14.77
C ALA F 40 -66.99 -41.12 14.07
N TRP F 41 -67.01 -41.61 12.84
CA TRP F 41 -68.25 -41.73 12.07
C TRP F 41 -68.84 -43.12 12.27
N TYR F 42 -70.17 -43.20 12.25
CA TYR F 42 -70.86 -44.40 12.70
C TYR F 42 -72.02 -44.72 11.76
N GLN F 43 -72.37 -45.99 11.71
CA GLN F 43 -73.40 -46.47 10.79
C GLN F 43 -74.37 -47.38 11.54
N GLN F 44 -75.49 -46.82 11.99
CA GLN F 44 -76.57 -47.64 12.51
C GLN F 44 -77.28 -48.25 11.31
N LYS F 45 -77.11 -49.54 11.12
CA LYS F 45 -78.07 -50.26 10.32
C LYS F 45 -79.35 -50.42 11.13
N PRO F 46 -80.51 -50.33 10.47
CA PRO F 46 -81.78 -50.48 11.20
C PRO F 46 -81.95 -51.81 11.91
N GLY F 47 -82.27 -51.75 13.20
CA GLY F 47 -82.28 -52.90 14.06
C GLY F 47 -80.91 -53.34 14.54
N GLN F 48 -79.86 -52.58 14.21
CA GLN F 48 -78.48 -52.94 14.46
C GLN F 48 -77.76 -51.76 15.10
N PRO F 49 -76.66 -52.00 15.80
CA PRO F 49 -75.91 -50.88 16.40
C PRO F 49 -75.17 -50.08 15.36
N PRO F 50 -74.77 -48.85 15.70
CA PRO F 50 -73.80 -48.13 14.87
C PRO F 50 -72.41 -48.68 15.07
N LYS F 51 -71.69 -48.85 13.97
CA LYS F 51 -70.36 -49.42 14.00
C LYS F 51 -69.36 -48.39 13.51
N LEU F 52 -68.15 -48.43 14.05
CA LEU F 52 -67.17 -47.38 13.78
C LEU F 52 -66.64 -47.53 12.36
N LEU F 53 -66.76 -46.44 11.60
CA LEU F 53 -66.36 -46.44 10.20
C LEU F 53 -64.98 -45.83 10.03
N ILE F 54 -64.82 -44.58 10.45
CA ILE F 54 -63.55 -43.88 10.36
C ILE F 54 -63.30 -43.19 11.69
N TYR F 55 -62.21 -43.56 12.34
CA TYR F 55 -61.64 -42.84 13.46
C TYR F 55 -60.50 -41.98 12.93
N TRP F 56 -60.11 -40.98 13.74
CA TRP F 56 -59.21 -39.87 13.38
C TRP F 56 -59.75 -38.98 12.25
N ALA F 57 -60.98 -39.22 11.78
CA ALA F 57 -61.65 -38.60 10.64
C ALA F 57 -60.88 -38.75 9.32
N SER F 58 -59.79 -39.51 9.31
CA SER F 58 -59.03 -39.80 8.12
C SER F 58 -58.49 -41.22 8.09
N THR F 59 -58.65 -41.99 9.18
CA THR F 59 -58.11 -43.34 9.27
C THR F 59 -59.27 -44.32 9.31
N ARG F 60 -59.61 -44.86 8.15
CA ARG F 60 -60.74 -45.77 8.01
C ARG F 60 -60.48 -47.08 8.77
N GLU F 61 -61.53 -47.60 9.39
CA GLU F 61 -61.45 -48.86 10.12
C GLU F 61 -61.17 -50.04 9.20
N SER F 62 -60.87 -51.16 9.82
CA SER F 62 -60.51 -52.37 9.11
C SER F 62 -61.72 -52.99 8.43
N GLY F 63 -61.49 -53.57 7.25
CA GLY F 63 -62.54 -54.23 6.49
C GLY F 63 -63.58 -53.30 5.89
N VAL F 64 -63.36 -52.00 5.97
CA VAL F 64 -64.31 -51.01 5.48
C VAL F 64 -63.88 -50.60 4.08
N PRO F 65 -64.81 -50.42 3.14
CA PRO F 65 -64.43 -49.89 1.82
C PRO F 65 -63.89 -48.47 1.91
N ASP F 66 -62.80 -48.25 1.19
CA ASP F 66 -62.19 -46.93 1.07
C ASP F 66 -62.98 -45.99 0.18
N ARG F 67 -64.07 -46.46 -0.44
CA ARG F 67 -65.01 -45.57 -1.11
C ARG F 67 -65.67 -44.61 -0.12
N PHE F 68 -65.71 -44.99 1.15
CA PHE F 68 -66.01 -44.08 2.25
C PHE F 68 -64.68 -43.47 2.69
N SER F 69 -64.66 -42.17 2.93
CA SER F 69 -63.49 -41.48 3.44
C SER F 69 -63.94 -40.23 4.17
N GLY F 70 -63.20 -39.84 5.21
CA GLY F 70 -63.62 -38.73 6.04
C GLY F 70 -62.89 -37.45 5.73
N SER F 71 -63.55 -36.33 6.04
CA SER F 71 -62.97 -35.00 5.83
C SER F 71 -63.54 -34.04 6.87
N GLY F 72 -63.20 -32.77 6.71
CA GLY F 72 -63.70 -31.72 7.59
C GLY F 72 -62.65 -30.83 8.21
N SER F 73 -63.06 -29.67 8.71
CA SER F 73 -62.11 -28.70 9.24
C SER F 73 -62.77 -27.73 10.21
N GLY F 74 -62.16 -27.57 11.38
CA GLY F 74 -62.50 -26.50 12.30
C GLY F 74 -63.77 -26.76 13.07
N THR F 75 -64.90 -26.55 12.42
CA THR F 75 -66.22 -26.86 12.94
C THR F 75 -67.08 -27.59 11.92
N ASP F 76 -66.73 -27.46 10.64
CA ASP F 76 -67.43 -28.17 9.58
C ASP F 76 -66.75 -29.52 9.34
N PHE F 77 -67.54 -30.59 9.30
CA PHE F 77 -66.98 -31.94 9.18
C PHE F 77 -67.82 -32.76 8.22
N THR F 78 -67.30 -32.97 7.02
CA THR F 78 -68.00 -33.67 5.96
C THR F 78 -67.59 -35.13 5.92
N LEU F 79 -68.19 -35.87 5.00
CA LEU F 79 -67.92 -37.30 4.83
C LEU F 79 -67.92 -37.60 3.33
N THR F 80 -66.77 -38.04 2.82
CA THR F 80 -66.61 -38.28 1.38
C THR F 80 -66.81 -39.76 1.09
N ILE F 81 -68.07 -40.19 1.20
CA ILE F 81 -68.51 -41.47 0.66
C ILE F 81 -68.62 -41.27 -0.85
N SER F 82 -67.79 -41.96 -1.62
CA SER F 82 -67.80 -41.71 -3.06
C SER F 82 -68.94 -42.45 -3.76
N SER F 83 -69.39 -43.57 -3.20
CA SER F 83 -70.42 -44.35 -3.87
C SER F 83 -71.41 -44.89 -2.84
N LEU F 84 -72.69 -44.73 -3.16
CA LEU F 84 -73.79 -45.20 -2.31
C LEU F 84 -74.27 -46.53 -2.84
N GLN F 85 -73.90 -47.61 -2.17
CA GLN F 85 -74.31 -48.91 -2.67
C GLN F 85 -75.68 -49.28 -2.09
N ALA F 86 -76.19 -50.44 -2.50
CA ALA F 86 -77.50 -50.92 -2.05
C ALA F 86 -77.48 -51.33 -0.58
N GLU F 87 -76.29 -51.56 -0.01
CA GLU F 87 -76.12 -51.92 1.39
C GLU F 87 -76.16 -50.72 2.32
N ASP F 88 -76.44 -49.53 1.80
CA ASP F 88 -76.20 -48.30 2.55
C ASP F 88 -77.48 -47.66 3.05
N VAL F 89 -78.56 -48.43 3.17
CA VAL F 89 -79.78 -47.96 3.81
C VAL F 89 -79.59 -48.01 5.32
N ALA F 90 -79.15 -46.90 5.90
CA ALA F 90 -78.67 -46.94 7.27
C ALA F 90 -78.78 -45.56 7.91
N VAL F 91 -78.44 -45.49 9.20
CA VAL F 91 -78.54 -44.30 10.02
C VAL F 91 -77.13 -43.99 10.52
N TYR F 92 -76.79 -42.71 10.60
CA TYR F 92 -75.39 -42.29 10.72
C TYR F 92 -75.23 -41.27 11.83
N TYR F 93 -74.06 -41.28 12.48
CA TYR F 93 -73.82 -40.50 13.69
C TYR F 93 -72.42 -39.89 13.69
N CYS F 94 -72.32 -38.71 14.33
CA CYS F 94 -71.05 -38.00 14.51
C CYS F 94 -71.03 -37.36 15.90
N GLN F 95 -69.88 -37.42 16.56
CA GLN F 95 -69.79 -37.15 18.01
C GLN F 95 -68.38 -36.63 18.34
N GLN F 96 -68.13 -36.35 19.63
CA GLN F 96 -66.84 -35.80 20.10
C GLN F 96 -66.62 -35.99 21.60
N TYR F 97 -65.50 -36.61 21.96
CA TYR F 97 -65.16 -36.81 23.36
C TYR F 97 -64.57 -35.51 23.91
N TYR F 98 -64.30 -34.58 23.00
CA TYR F 98 -63.74 -33.28 23.35
C TYR F 98 -64.79 -32.42 24.07
N SER F 99 -65.77 -33.08 24.67
CA SER F 99 -66.84 -32.39 25.38
C SER F 99 -67.03 -32.95 26.79
N THR F 100 -68.26 -32.86 27.30
CA THR F 100 -68.58 -33.37 28.63
C THR F 100 -69.74 -34.35 28.60
N PRO F 101 -70.87 -33.95 27.90
CA PRO F 101 -71.96 -34.93 27.89
C PRO F 101 -71.94 -35.77 26.61
N HIS F 102 -72.94 -36.62 26.44
CA HIS F 102 -73.01 -37.47 25.25
C HIS F 102 -73.60 -36.76 24.04
N THR F 103 -72.79 -35.88 23.42
CA THR F 103 -73.25 -35.16 22.25
C THR F 103 -73.50 -36.18 21.16
N PHE F 104 -74.31 -35.83 20.18
CA PHE F 104 -74.74 -36.79 19.18
C PHE F 104 -75.03 -36.10 17.86
N GLY F 105 -74.74 -36.81 16.79
CA GLY F 105 -75.46 -36.57 15.56
C GLY F 105 -76.89 -37.06 15.72
N GLN F 106 -77.74 -36.66 14.79
CA GLN F 106 -79.14 -36.97 15.01
C GLN F 106 -79.62 -38.19 14.22
N GLY F 107 -78.98 -38.48 13.09
CA GLY F 107 -79.38 -39.65 12.32
C GLY F 107 -80.09 -39.32 11.03
N THR F 108 -79.66 -39.94 9.94
CA THR F 108 -80.17 -39.60 8.62
C THR F 108 -80.82 -40.79 7.92
N LYS F 109 -81.95 -40.52 7.27
CA LYS F 109 -82.63 -41.47 6.41
C LYS F 109 -81.89 -41.59 5.08
N LEU F 110 -81.49 -42.80 4.73
CA LEU F 110 -80.76 -43.02 3.50
C LEU F 110 -81.67 -43.73 2.51
N GLU F 111 -82.46 -42.95 1.79
CA GLU F 111 -83.21 -43.45 0.66
C GLU F 111 -82.29 -43.56 -0.56
N ILE F 112 -82.31 -44.70 -1.22
CA ILE F 112 -81.43 -44.94 -2.36
C ILE F 112 -82.25 -44.66 -3.62
N LYS F 113 -81.84 -43.63 -4.35
CA LYS F 113 -82.58 -43.20 -5.52
C LYS F 113 -82.18 -44.07 -6.71
N ALA G 27 -7.38 -20.54 -50.90
CA ALA G 27 -6.08 -19.92 -50.91
C ALA G 27 -5.82 -19.17 -49.62
N TYR G 28 -4.54 -18.91 -49.34
CA TYR G 28 -4.13 -18.09 -48.21
C TYR G 28 -3.09 -17.12 -48.72
N THR G 29 -2.98 -15.98 -48.06
CA THR G 29 -2.05 -14.95 -48.48
C THR G 29 -1.43 -14.33 -47.24
N ASN G 30 -0.45 -13.47 -47.48
CA ASN G 30 0.36 -12.86 -46.44
C ASN G 30 0.11 -11.36 -46.45
N SER G 31 -0.43 -10.85 -45.35
CA SER G 31 -0.46 -9.42 -45.11
C SER G 31 0.98 -8.95 -44.94
N PHE G 32 1.25 -7.67 -45.11
CA PHE G 32 2.61 -7.29 -44.76
C PHE G 32 2.60 -6.36 -43.56
N THR G 33 2.01 -5.19 -43.70
CA THR G 33 1.80 -4.26 -42.59
C THR G 33 0.42 -3.66 -42.84
N ARG G 34 -0.60 -4.30 -42.30
CA ARG G 34 -1.97 -3.99 -42.65
C ARG G 34 -2.84 -4.15 -41.42
N GLY G 35 -3.86 -3.31 -41.30
CA GLY G 35 -4.79 -3.44 -40.19
C GLY G 35 -4.37 -2.66 -38.97
N VAL G 36 -3.87 -1.45 -39.18
CA VAL G 36 -3.53 -0.53 -38.10
C VAL G 36 -4.61 0.54 -38.04
N TYR G 37 -5.19 0.73 -36.87
CA TYR G 37 -6.23 1.72 -36.67
C TYR G 37 -5.85 2.63 -35.51
N TYR G 38 -6.39 3.84 -35.53
CA TYR G 38 -6.20 4.77 -34.44
C TYR G 38 -6.95 4.26 -33.22
N PRO G 39 -6.28 3.95 -32.13
CA PRO G 39 -6.96 3.27 -31.04
C PRO G 39 -7.63 4.22 -30.05
N ASP G 40 -7.61 5.51 -30.32
CA ASP G 40 -8.27 6.48 -29.46
C ASP G 40 -8.41 7.80 -30.21
N LYS G 41 -9.07 8.75 -29.56
CA LYS G 41 -9.36 10.05 -30.15
C LYS G 41 -8.24 11.05 -29.94
N VAL G 42 -7.12 10.64 -29.37
CA VAL G 42 -6.11 11.58 -28.90
C VAL G 42 -5.20 11.97 -30.05
N PHE G 43 -5.04 13.27 -30.25
CA PHE G 43 -4.06 13.81 -31.18
C PHE G 43 -2.66 13.68 -30.59
N ARG G 44 -1.68 13.48 -31.46
CA ARG G 44 -0.29 13.41 -31.06
C ARG G 44 0.56 13.99 -32.18
N SER G 45 1.49 14.86 -31.81
CA SER G 45 2.44 15.42 -32.77
C SER G 45 3.61 14.47 -32.90
N SER G 46 4.75 14.94 -33.37
CA SER G 46 5.83 14.06 -33.80
C SER G 46 6.38 13.28 -32.61
N VAL G 47 5.87 12.08 -32.38
CA VAL G 47 6.27 11.23 -31.27
C VAL G 47 6.21 9.77 -31.70
N LEU G 48 6.64 8.90 -30.78
CA LEU G 48 6.55 7.46 -30.92
C LEU G 48 5.79 6.95 -29.71
N HIS G 49 4.57 6.48 -29.90
CA HIS G 49 3.69 6.10 -28.80
C HIS G 49 3.45 4.60 -28.79
N SER G 50 3.44 4.02 -27.60
CA SER G 50 3.33 2.58 -27.43
C SER G 50 1.95 2.21 -26.90
N THR G 51 1.32 1.22 -27.53
CA THR G 51 -0.02 0.80 -27.14
C THR G 51 -0.12 -0.71 -27.00
N GLN G 52 -1.06 -1.12 -26.15
CA GLN G 52 -1.49 -2.50 -26.03
C GLN G 52 -2.96 -2.57 -26.45
N ASP G 53 -3.27 -3.42 -27.43
CA ASP G 53 -4.64 -3.48 -27.93
C ASP G 53 -4.81 -4.75 -28.75
N LEU G 54 -5.91 -4.83 -29.50
CA LEU G 54 -6.19 -5.95 -30.39
C LEU G 54 -5.82 -5.54 -31.81
N PHE G 55 -4.80 -6.16 -32.36
CA PHE G 55 -4.30 -5.81 -33.67
C PHE G 55 -4.20 -7.07 -34.52
N LEU G 56 -4.01 -6.86 -35.82
CA LEU G 56 -3.70 -7.92 -36.75
C LEU G 56 -2.18 -8.03 -36.86
N PRO G 57 -1.58 -9.11 -36.34
CA PRO G 57 -0.11 -9.21 -36.34
C PRO G 57 0.51 -9.05 -37.71
N PHE G 58 1.71 -8.52 -37.77
CA PHE G 58 2.36 -8.30 -39.06
C PHE G 58 2.71 -9.64 -39.69
N PHE G 59 2.66 -9.68 -41.01
CA PHE G 59 2.99 -10.89 -41.77
C PHE G 59 2.15 -12.06 -41.28
N SER G 60 0.84 -11.98 -41.49
CA SER G 60 -0.10 -12.97 -40.97
C SER G 60 -0.63 -13.81 -42.12
N ASN G 61 -1.43 -14.80 -41.73
CA ASN G 61 -1.97 -15.81 -42.62
C ASN G 61 -3.45 -15.52 -42.85
N VAL G 62 -3.76 -14.76 -43.91
CA VAL G 62 -5.12 -14.28 -44.14
C VAL G 62 -5.76 -15.15 -45.21
N THR G 63 -6.95 -15.66 -44.91
CA THR G 63 -7.70 -16.46 -45.87
C THR G 63 -7.96 -15.66 -47.14
N TRP G 64 -8.17 -16.38 -48.23
CA TRP G 64 -8.50 -15.75 -49.49
C TRP G 64 -9.82 -16.35 -49.97
N PHE G 65 -10.70 -15.48 -50.46
CA PHE G 65 -11.98 -15.92 -50.99
C PHE G 65 -12.17 -15.31 -52.37
N HIS G 66 -12.76 -16.09 -53.25
CA HIS G 66 -13.10 -15.65 -54.60
C HIS G 66 -14.60 -15.69 -54.78
N ALA G 67 -15.06 -15.03 -55.83
CA ALA G 67 -16.45 -15.04 -56.24
C ALA G 67 -16.54 -14.61 -57.69
N ASN G 81 -21.01 -16.33 -49.86
CA ASN G 81 -19.85 -17.06 -49.39
C ASN G 81 -20.06 -17.40 -47.89
N PRO G 82 -19.22 -18.27 -47.31
CA PRO G 82 -19.66 -19.05 -46.14
C PRO G 82 -19.71 -18.28 -44.82
N VAL G 83 -20.27 -18.96 -43.82
CA VAL G 83 -20.35 -18.47 -42.44
C VAL G 83 -18.98 -18.62 -41.81
N LEU G 84 -18.43 -17.52 -41.32
CA LEU G 84 -17.13 -17.50 -40.70
C LEU G 84 -17.26 -17.34 -39.19
N PRO G 85 -16.18 -17.44 -38.43
CA PRO G 85 -16.26 -17.05 -37.01
C PRO G 85 -15.93 -15.58 -36.79
N PHE G 86 -16.08 -15.10 -35.56
CA PHE G 86 -15.66 -13.75 -35.17
C PHE G 86 -14.56 -13.74 -34.14
N ASN G 87 -14.87 -14.28 -32.96
CA ASN G 87 -14.06 -14.73 -31.83
C ASN G 87 -13.22 -13.63 -31.19
N ASP G 88 -12.76 -12.65 -31.97
CA ASP G 88 -12.18 -11.41 -31.46
C ASP G 88 -11.92 -10.49 -32.65
N GLY G 89 -12.85 -9.60 -32.98
CA GLY G 89 -12.60 -8.67 -34.06
C GLY G 89 -12.26 -9.30 -35.40
N VAL G 90 -12.17 -8.48 -36.44
CA VAL G 90 -11.95 -8.97 -37.80
C VAL G 90 -11.36 -7.85 -38.63
N TYR G 91 -10.31 -8.18 -39.38
CA TYR G 91 -9.86 -7.37 -40.50
C TYR G 91 -10.54 -7.88 -41.77
N PHE G 92 -10.79 -6.98 -42.70
CA PHE G 92 -11.55 -7.38 -43.87
C PHE G 92 -11.25 -6.40 -45.00
N ALA G 93 -10.50 -6.83 -46.01
CA ALA G 93 -10.26 -6.00 -47.17
C ALA G 93 -11.04 -6.55 -48.36
N SER G 94 -11.06 -5.78 -49.45
CA SER G 94 -11.83 -6.14 -50.63
C SER G 94 -11.38 -5.26 -51.79
N THR G 95 -11.50 -5.78 -53.01
CA THR G 95 -10.99 -5.10 -54.19
C THR G 95 -11.95 -5.24 -55.36
N GLU G 96 -12.29 -4.10 -55.99
CA GLU G 96 -13.06 -4.07 -57.23
C GLU G 96 -13.28 -2.64 -57.72
N LYS G 97 -13.86 -2.50 -58.93
CA LYS G 97 -14.38 -1.22 -59.40
C LYS G 97 -15.89 -1.17 -59.36
N SER G 98 -16.58 -2.22 -59.78
CA SER G 98 -17.99 -2.41 -59.48
C SER G 98 -18.14 -2.64 -57.98
N ASN G 99 -19.36 -2.91 -57.51
CA ASN G 99 -19.58 -3.09 -56.08
C ASN G 99 -20.28 -4.43 -55.85
N ILE G 100 -19.49 -5.48 -55.68
CA ILE G 100 -20.01 -6.82 -55.47
C ILE G 100 -20.18 -7.05 -53.97
N ILE G 101 -19.28 -6.48 -53.19
CA ILE G 101 -19.36 -6.58 -51.73
C ILE G 101 -20.35 -5.54 -51.24
N ARG G 102 -21.47 -6.01 -50.70
CA ARG G 102 -22.59 -5.17 -50.33
C ARG G 102 -22.93 -5.39 -48.87
N GLY G 103 -21.91 -5.37 -48.02
CA GLY G 103 -22.13 -5.41 -46.60
C GLY G 103 -22.05 -6.81 -46.03
N TRP G 104 -22.16 -6.88 -44.74
CA TRP G 104 -21.93 -8.08 -43.95
C TRP G 104 -23.18 -8.33 -43.13
N ILE G 105 -23.23 -9.48 -42.48
CA ILE G 105 -24.28 -9.76 -41.50
C ILE G 105 -23.61 -10.45 -40.33
N PHE G 106 -24.05 -10.14 -39.12
CA PHE G 106 -23.32 -10.57 -37.94
C PHE G 106 -24.25 -11.34 -37.01
N GLY G 107 -23.70 -11.83 -35.92
CA GLY G 107 -24.52 -12.38 -34.86
C GLY G 107 -24.01 -13.68 -34.29
N THR G 108 -24.89 -14.40 -33.59
CA THR G 108 -24.51 -15.71 -33.05
C THR G 108 -25.16 -16.83 -33.86
N THR G 109 -26.45 -16.71 -34.18
CA THR G 109 -27.17 -17.75 -34.90
C THR G 109 -27.61 -17.36 -36.30
N LEU G 110 -27.61 -16.07 -36.63
CA LEU G 110 -27.98 -15.59 -37.96
C LEU G 110 -29.40 -16.02 -38.32
N ASP G 111 -30.29 -15.99 -37.33
CA ASP G 111 -31.67 -16.36 -37.53
C ASP G 111 -32.52 -15.73 -36.44
N SER G 112 -33.75 -16.21 -36.32
CA SER G 112 -34.60 -15.82 -35.21
C SER G 112 -34.18 -16.57 -33.94
N LYS G 113 -34.92 -16.33 -32.86
CA LYS G 113 -34.67 -16.89 -31.53
C LYS G 113 -33.49 -16.18 -30.85
N THR G 114 -32.73 -15.37 -31.59
CA THR G 114 -31.72 -14.50 -31.00
C THR G 114 -31.45 -13.36 -31.97
N GLN G 115 -30.99 -12.24 -31.43
CA GLN G 115 -30.85 -11.00 -32.17
C GLN G 115 -29.53 -10.95 -32.95
N SER G 116 -29.53 -10.16 -34.02
CA SER G 116 -28.37 -10.03 -34.88
C SER G 116 -28.38 -8.65 -35.55
N LEU G 117 -27.21 -8.27 -36.08
CA LEU G 117 -27.05 -7.02 -36.83
C LEU G 117 -27.14 -7.32 -38.32
N LEU G 118 -27.44 -6.30 -39.11
CA LEU G 118 -27.48 -6.41 -40.56
C LEU G 118 -27.06 -5.09 -41.18
N ILE G 119 -26.00 -5.12 -41.98
CA ILE G 119 -25.46 -3.93 -42.60
C ILE G 119 -25.47 -4.11 -44.11
N VAL G 120 -26.25 -3.27 -44.78
CA VAL G 120 -26.54 -3.50 -46.19
C VAL G 120 -26.27 -2.22 -46.97
N ASN G 121 -26.11 -2.35 -48.28
CA ASN G 121 -25.99 -1.20 -49.17
C ASN G 121 -26.55 -1.57 -50.54
N ASN G 122 -27.76 -1.12 -50.86
CA ASN G 122 -28.23 -1.22 -52.25
C ASN G 122 -27.58 -0.10 -53.03
N ALA G 123 -28.00 0.14 -54.27
CA ALA G 123 -27.37 1.18 -55.07
C ALA G 123 -27.70 2.57 -54.53
N THR G 124 -28.42 2.64 -53.41
CA THR G 124 -28.81 3.91 -52.83
C THR G 124 -27.83 4.39 -51.78
N ASN G 125 -27.73 3.66 -50.67
CA ASN G 125 -26.85 3.98 -49.55
C ASN G 125 -27.04 2.96 -48.43
N VAL G 126 -26.18 3.08 -47.44
CA VAL G 126 -26.06 2.14 -46.33
C VAL G 126 -27.37 2.01 -45.55
N VAL G 127 -27.65 0.81 -45.05
CA VAL G 127 -28.81 0.56 -44.22
C VAL G 127 -28.41 -0.31 -43.02
N ILE G 128 -28.04 0.31 -41.91
CA ILE G 128 -27.80 -0.50 -40.71
C ILE G 128 -29.15 -0.88 -40.14
N LYS G 129 -29.22 -2.02 -39.46
CA LYS G 129 -30.49 -2.51 -38.95
C LYS G 129 -30.21 -3.56 -37.89
N VAL G 130 -31.02 -3.55 -36.83
CA VAL G 130 -30.90 -4.58 -35.81
C VAL G 130 -32.29 -5.08 -35.43
N CYS G 131 -32.67 -6.23 -35.96
CA CYS G 131 -33.89 -6.93 -35.57
C CYS G 131 -33.54 -8.38 -35.22
N GLU G 132 -34.58 -9.18 -35.05
CA GLU G 132 -34.47 -10.62 -35.17
C GLU G 132 -34.91 -11.00 -36.58
N PHE G 133 -34.06 -11.73 -37.28
CA PHE G 133 -34.29 -11.98 -38.69
C PHE G 133 -34.56 -13.46 -38.93
N GLN G 134 -34.83 -13.78 -40.19
CA GLN G 134 -34.73 -15.14 -40.70
C GLN G 134 -33.89 -15.04 -41.95
N PHE G 135 -32.64 -15.47 -41.85
CA PHE G 135 -31.68 -15.28 -42.92
C PHE G 135 -31.64 -16.51 -43.81
N CYS G 136 -31.65 -16.26 -45.12
CA CYS G 136 -31.34 -17.31 -46.07
C CYS G 136 -29.98 -17.92 -45.73
N ASN G 137 -29.90 -19.25 -45.78
CA ASN G 137 -28.60 -19.87 -45.56
C ASN G 137 -27.60 -19.49 -46.63
N ASP G 138 -28.06 -19.08 -47.81
CA ASP G 138 -27.22 -18.47 -48.83
C ASP G 138 -27.86 -17.14 -49.23
N PRO G 139 -27.68 -16.09 -48.44
CA PRO G 139 -28.37 -14.84 -48.69
C PRO G 139 -27.55 -13.92 -49.58
N PHE G 140 -28.22 -13.19 -50.46
CA PHE G 140 -27.54 -12.31 -51.40
C PHE G 140 -28.55 -11.32 -51.95
N LEU G 141 -28.10 -10.54 -52.93
CA LEU G 141 -28.97 -9.62 -53.64
C LEU G 141 -28.60 -9.65 -55.13
N GLY G 142 -29.62 -9.48 -55.97
CA GLY G 142 -29.46 -9.62 -57.40
C GLY G 142 -28.93 -8.38 -58.08
N VAL G 143 -29.18 -8.30 -59.38
CA VAL G 143 -28.84 -7.15 -60.20
C VAL G 143 -29.53 -7.32 -61.55
N MET G 153 -34.56 -3.94 -64.72
CA MET G 153 -34.76 -4.95 -63.70
C MET G 153 -34.10 -4.53 -62.39
N GLU G 154 -32.87 -5.03 -62.17
CA GLU G 154 -32.04 -4.65 -61.03
C GLU G 154 -32.80 -4.86 -59.73
N SER G 155 -33.46 -6.01 -59.60
CA SER G 155 -34.25 -6.39 -58.44
C SER G 155 -33.55 -7.49 -57.67
N GLU G 156 -33.66 -7.43 -56.35
CA GLU G 156 -32.63 -8.00 -55.49
C GLU G 156 -33.17 -8.42 -54.12
N PHE G 157 -32.26 -8.55 -53.16
CA PHE G 157 -32.59 -8.73 -51.75
C PHE G 157 -33.35 -10.02 -51.48
N ARG G 158 -32.71 -11.15 -51.77
CA ARG G 158 -33.20 -12.43 -51.24
C ARG G 158 -32.48 -12.72 -49.93
N VAL G 159 -32.13 -11.67 -49.19
CA VAL G 159 -31.25 -11.82 -48.04
C VAL G 159 -31.97 -12.52 -46.89
N TYR G 160 -33.01 -11.88 -46.36
CA TYR G 160 -33.75 -12.49 -45.26
C TYR G 160 -35.21 -12.73 -45.64
N SER G 161 -36.02 -13.17 -44.68
CA SER G 161 -37.46 -13.26 -44.87
C SER G 161 -38.22 -12.86 -43.61
N SER G 162 -37.57 -12.11 -42.71
CA SER G 162 -38.16 -11.74 -41.44
C SER G 162 -37.43 -10.52 -40.90
N ALA G 163 -38.19 -9.63 -40.25
CA ALA G 163 -37.65 -8.41 -39.69
C ALA G 163 -38.30 -8.06 -38.36
N ASN G 164 -38.40 -9.02 -37.45
CA ASN G 164 -39.22 -8.87 -36.26
C ASN G 164 -38.47 -8.14 -35.14
N ASN G 165 -39.22 -7.46 -34.28
CA ASN G 165 -38.71 -6.95 -33.01
C ASN G 165 -37.56 -5.96 -33.13
N CYS G 166 -37.51 -5.18 -34.21
CA CYS G 166 -36.37 -4.31 -34.48
C CYS G 166 -36.08 -3.35 -33.33
N THR G 167 -34.83 -3.34 -32.89
CA THR G 167 -34.39 -2.59 -31.72
C THR G 167 -33.44 -1.46 -32.11
N PHE G 168 -33.20 -1.31 -33.40
CA PHE G 168 -32.33 -0.26 -33.92
C PHE G 168 -32.52 -0.21 -35.42
N GLU G 169 -32.73 0.98 -35.98
CA GLU G 169 -32.79 1.13 -37.41
C GLU G 169 -31.84 2.25 -37.82
N TYR G 170 -31.63 2.35 -39.12
CA TYR G 170 -30.92 3.48 -39.73
C TYR G 170 -31.08 3.34 -41.23
N VAL G 171 -31.33 4.44 -41.93
CA VAL G 171 -31.27 4.45 -43.38
C VAL G 171 -30.65 5.77 -43.78
N SER G 172 -30.60 6.04 -45.09
CA SER G 172 -30.15 7.35 -45.57
C SER G 172 -30.67 7.59 -46.98
N LYS G 187 -8.01 -0.71 -59.13
CA LYS G 187 -9.40 -0.37 -58.84
C LYS G 187 -9.53 0.30 -57.49
N ASN G 188 -10.11 -0.43 -56.53
CA ASN G 188 -10.35 0.10 -55.20
C ASN G 188 -9.93 -0.94 -54.17
N LEU G 189 -9.44 -0.47 -53.04
CA LEU G 189 -9.19 -1.30 -51.88
C LEU G 189 -9.91 -0.69 -50.69
N ARG G 190 -10.75 -1.49 -50.03
CA ARG G 190 -11.62 -1.00 -48.97
C ARG G 190 -11.44 -1.89 -47.75
N GLU G 191 -10.68 -1.39 -46.77
CA GLU G 191 -10.40 -2.14 -45.56
C GLU G 191 -11.36 -1.76 -44.44
N PHE G 192 -11.61 -2.73 -43.56
CA PHE G 192 -12.50 -2.54 -42.43
C PHE G 192 -11.99 -3.34 -41.26
N VAL G 193 -12.13 -2.77 -40.06
CA VAL G 193 -11.83 -3.48 -38.82
C VAL G 193 -13.09 -3.44 -37.98
N PHE G 194 -13.60 -4.62 -37.61
CA PHE G 194 -14.82 -4.73 -36.81
C PHE G 194 -14.45 -5.27 -35.45
N LYS G 195 -14.93 -4.60 -34.40
CA LYS G 195 -14.74 -5.13 -33.06
C LYS G 195 -15.97 -4.83 -32.22
N ASN G 196 -16.07 -5.49 -31.07
CA ASN G 196 -17.29 -5.52 -30.28
C ASN G 196 -16.95 -5.61 -28.81
N ILE G 197 -16.96 -4.48 -28.10
CA ILE G 197 -16.54 -4.41 -26.70
C ILE G 197 -17.59 -3.66 -25.90
N ASP G 198 -17.96 -4.22 -24.75
CA ASP G 198 -18.88 -3.60 -23.80
C ASP G 198 -20.14 -3.08 -24.47
N GLY G 199 -20.80 -3.93 -25.24
CA GLY G 199 -22.05 -3.55 -25.89
C GLY G 199 -21.93 -2.50 -26.96
N TYR G 200 -20.70 -2.13 -27.32
CA TYR G 200 -20.48 -1.21 -28.42
C TYR G 200 -19.85 -1.98 -29.56
N PHE G 201 -20.33 -1.72 -30.78
CA PHE G 201 -19.81 -2.39 -31.96
C PHE G 201 -19.09 -1.34 -32.78
N LYS G 202 -17.76 -1.34 -32.70
CA LYS G 202 -16.94 -0.34 -33.34
C LYS G 202 -16.52 -0.79 -34.72
N ILE G 203 -16.42 0.16 -35.63
CA ILE G 203 -16.10 -0.08 -37.02
C ILE G 203 -15.09 0.97 -37.46
N TYR G 204 -13.90 0.52 -37.85
CA TYR G 204 -12.91 1.39 -38.46
C TYR G 204 -12.84 1.04 -39.93
N SER G 205 -12.38 1.99 -40.73
CA SER G 205 -12.41 1.76 -42.16
C SER G 205 -11.40 2.66 -42.85
N LYS G 206 -11.08 2.31 -44.09
CA LYS G 206 -10.21 3.12 -44.94
C LYS G 206 -10.43 2.71 -46.38
N HIS G 207 -10.35 3.68 -47.28
CA HIS G 207 -10.53 3.45 -48.71
C HIS G 207 -9.29 3.96 -49.42
N THR G 208 -8.44 3.04 -49.81
CA THR G 208 -7.28 3.39 -50.60
C THR G 208 -7.50 2.99 -52.05
N PRO G 209 -6.96 3.74 -53.00
CA PRO G 209 -7.02 3.31 -54.40
C PRO G 209 -5.85 2.43 -54.79
N ILE G 210 -6.11 1.20 -55.24
CA ILE G 210 -5.03 0.36 -55.77
C ILE G 210 -4.76 0.77 -57.21
N ASN G 211 -3.63 0.33 -57.75
CA ASN G 211 -3.41 0.44 -59.18
C ASN G 211 -3.39 -0.94 -59.80
N LEU G 212 -3.94 -1.90 -59.08
CA LEU G 212 -4.27 -3.24 -59.56
C LEU G 212 -5.80 -3.35 -59.58
N VAL G 213 -6.30 -4.55 -59.86
CA VAL G 213 -7.74 -4.74 -59.81
C VAL G 213 -8.14 -5.52 -58.56
N ARG G 214 -7.61 -6.74 -58.35
CA ARG G 214 -8.08 -7.58 -57.25
C ARG G 214 -7.03 -8.44 -56.56
N ASP G 215 -5.85 -7.90 -56.23
CA ASP G 215 -4.86 -8.61 -55.42
C ASP G 215 -4.43 -7.75 -54.24
N LEU G 216 -4.10 -8.40 -53.12
CA LEU G 216 -3.74 -7.68 -51.90
C LEU G 216 -2.37 -7.02 -52.05
N PRO G 217 -2.29 -5.70 -51.99
CA PRO G 217 -1.01 -5.03 -52.19
C PRO G 217 -0.15 -4.96 -50.94
N GLN G 218 0.91 -4.18 -51.00
CA GLN G 218 1.80 -3.97 -49.87
C GLN G 218 1.85 -2.47 -49.55
N GLY G 219 2.06 -2.16 -48.27
CA GLY G 219 2.17 -0.78 -47.86
C GLY G 219 1.61 -0.51 -46.49
N PHE G 220 1.61 0.75 -46.06
CA PHE G 220 1.10 1.14 -44.76
C PHE G 220 0.00 2.17 -44.92
N SER G 221 -1.13 1.94 -44.22
CA SER G 221 -2.26 2.85 -44.26
C SER G 221 -3.14 2.64 -43.05
N ALA G 222 -3.18 3.62 -42.14
CA ALA G 222 -3.92 3.48 -40.88
C ALA G 222 -5.40 3.74 -41.07
N LEU G 223 -6.22 3.00 -40.32
CA LEU G 223 -7.66 3.00 -40.49
C LEU G 223 -8.31 3.90 -39.43
N GLU G 224 -9.24 4.82 -39.87
CA GLU G 224 -9.87 5.83 -39.06
C GLU G 224 -11.27 5.42 -38.61
N PRO G 225 -11.62 5.68 -37.36
CA PRO G 225 -12.90 5.19 -36.83
C PRO G 225 -14.09 5.80 -37.56
N LEU G 226 -15.13 4.98 -37.76
CA LEU G 226 -16.28 5.38 -38.55
C LEU G 226 -17.53 5.51 -37.70
N VAL G 227 -17.87 4.45 -36.99
CA VAL G 227 -19.18 4.28 -36.38
C VAL G 227 -18.95 3.84 -34.94
N ASP G 228 -20.06 3.82 -34.19
CA ASP G 228 -20.13 3.36 -32.80
C ASP G 228 -21.60 3.01 -32.56
N LEU G 229 -21.92 1.75 -32.19
CA LEU G 229 -23.32 1.41 -32.00
C LEU G 229 -23.52 0.80 -30.62
N PRO G 230 -24.26 1.45 -29.72
CA PRO G 230 -24.53 0.87 -28.39
C PRO G 230 -25.66 -0.16 -28.46
N ILE G 231 -25.33 -1.36 -28.93
CA ILE G 231 -26.34 -2.38 -29.18
C ILE G 231 -26.52 -3.25 -27.95
N GLY G 232 -25.49 -4.01 -27.60
CA GLY G 232 -25.58 -4.98 -26.52
C GLY G 232 -25.56 -6.41 -27.04
N ILE G 233 -25.77 -6.52 -28.35
CA ILE G 233 -25.78 -7.76 -29.12
C ILE G 233 -24.57 -8.65 -28.81
N ASN G 234 -24.79 -9.96 -28.75
CA ASN G 234 -23.72 -10.95 -28.72
C ASN G 234 -23.37 -11.33 -30.16
N ILE G 235 -22.09 -11.59 -30.42
CA ILE G 235 -21.65 -11.98 -31.75
C ILE G 235 -20.71 -13.15 -31.67
N THR G 236 -20.91 -14.13 -32.55
CA THR G 236 -20.02 -15.28 -32.66
C THR G 236 -19.77 -15.65 -34.11
N ARG G 237 -20.54 -15.09 -35.04
CA ARG G 237 -20.42 -15.49 -36.43
C ARG G 237 -20.74 -14.30 -37.33
N PHE G 238 -20.32 -14.39 -38.59
CA PHE G 238 -20.61 -13.34 -39.55
C PHE G 238 -20.51 -13.91 -40.96
N GLN G 239 -20.97 -13.12 -41.93
CA GLN G 239 -21.04 -13.55 -43.32
C GLN G 239 -20.69 -12.39 -44.24
N THR G 240 -21.01 -12.53 -45.51
CA THR G 240 -20.84 -11.49 -46.49
C THR G 240 -22.04 -11.49 -47.44
N LEU G 241 -22.17 -10.42 -48.23
CA LEU G 241 -23.28 -10.24 -49.16
C LEU G 241 -22.75 -9.81 -50.51
N LEU G 242 -23.26 -10.42 -51.58
CA LEU G 242 -22.73 -10.18 -52.91
C LEU G 242 -23.87 -9.95 -53.89
N ALA G 243 -23.58 -9.16 -54.93
CA ALA G 243 -24.54 -8.85 -55.99
C ALA G 243 -24.32 -9.81 -57.15
N LEU G 244 -25.32 -10.65 -57.41
CA LEU G 244 -25.22 -11.74 -58.39
C LEU G 244 -25.00 -11.26 -59.80
N HIS G 245 -24.85 -12.23 -60.70
CA HIS G 245 -24.83 -12.03 -62.14
C HIS G 245 -26.17 -12.43 -62.75
N ARG G 246 -26.86 -11.46 -63.36
CA ARG G 246 -28.12 -11.80 -64.00
C ARG G 246 -28.27 -11.17 -65.37
N SER G 247 -27.55 -10.09 -65.63
CA SER G 247 -27.66 -9.40 -66.92
C SER G 247 -26.30 -9.26 -67.59
N ALA G 264 -13.22 -11.12 -54.67
CA ALA G 264 -11.95 -11.26 -53.98
C ALA G 264 -11.97 -10.53 -52.65
N TYR G 265 -11.82 -11.28 -51.56
CA TYR G 265 -11.80 -10.66 -50.24
C TYR G 265 -11.10 -11.58 -49.25
N TYR G 266 -10.61 -10.98 -48.18
CA TYR G 266 -9.75 -11.60 -47.19
C TYR G 266 -10.36 -11.47 -45.81
N VAL G 267 -9.93 -12.32 -44.88
CA VAL G 267 -10.41 -12.25 -43.51
C VAL G 267 -9.27 -12.55 -42.54
N GLY G 268 -8.80 -11.52 -41.82
CA GLY G 268 -7.86 -11.71 -40.74
C GLY G 268 -8.58 -11.70 -39.40
N TYR G 269 -7.83 -12.03 -38.36
CA TYR G 269 -8.36 -12.00 -37.01
C TYR G 269 -7.40 -11.19 -36.14
N LEU G 270 -7.91 -10.70 -35.03
CA LEU G 270 -7.19 -9.77 -34.18
C LEU G 270 -6.84 -10.44 -32.86
N GLN G 271 -5.65 -10.16 -32.36
CA GLN G 271 -5.17 -10.71 -31.09
C GLN G 271 -4.61 -9.58 -30.26
N PRO G 272 -4.47 -9.78 -28.97
CA PRO G 272 -3.88 -8.73 -28.11
C PRO G 272 -2.37 -8.64 -28.32
N ARG G 273 -1.94 -7.59 -28.99
CA ARG G 273 -0.54 -7.30 -29.24
C ARG G 273 -0.15 -5.95 -28.62
N THR G 274 1.13 -5.63 -28.73
CA THR G 274 1.71 -4.36 -28.30
C THR G 274 2.45 -3.78 -29.49
N PHE G 275 2.10 -2.56 -29.86
CA PHE G 275 2.69 -1.92 -31.03
C PHE G 275 3.34 -0.60 -30.64
N LEU G 276 4.19 -0.11 -31.55
CA LEU G 276 4.86 1.18 -31.42
C LEU G 276 4.50 1.99 -32.65
N LEU G 277 3.66 3.01 -32.48
CA LEU G 277 3.17 3.81 -33.59
C LEU G 277 3.95 5.10 -33.70
N LYS G 278 4.33 5.45 -34.92
CA LYS G 278 5.04 6.68 -35.20
C LYS G 278 4.04 7.71 -35.69
N TYR G 279 3.96 8.84 -35.01
CA TYR G 279 3.00 9.88 -35.35
C TYR G 279 3.68 11.00 -36.10
N ASN G 280 3.04 11.44 -37.18
CA ASN G 280 3.48 12.57 -37.96
C ASN G 280 3.30 13.87 -37.17
N GLU G 281 3.71 14.98 -37.76
CA GLU G 281 3.47 16.29 -37.16
C GLU G 281 2.06 16.80 -37.37
N ASN G 282 1.34 16.32 -38.38
CA ASN G 282 -0.08 16.56 -38.48
C ASN G 282 -0.90 15.64 -37.59
N GLY G 283 -0.30 14.59 -37.07
CA GLY G 283 -0.99 13.71 -36.16
C GLY G 283 -1.46 12.42 -36.77
N THR G 284 -0.94 12.03 -37.93
CA THR G 284 -1.32 10.78 -38.55
C THR G 284 -0.24 9.73 -38.31
N ILE G 285 -0.69 8.47 -38.25
CA ILE G 285 0.22 7.35 -38.05
C ILE G 285 0.83 7.01 -39.40
N THR G 286 2.15 7.13 -39.50
CA THR G 286 2.84 6.90 -40.76
C THR G 286 3.58 5.57 -40.79
N ASP G 287 4.03 5.08 -39.63
CA ASP G 287 4.72 3.81 -39.53
C ASP G 287 4.41 3.15 -38.21
N ALA G 288 4.74 1.87 -38.10
CA ALA G 288 4.51 1.13 -36.88
C ALA G 288 5.54 0.02 -36.73
N VAL G 289 5.62 -0.52 -35.53
CA VAL G 289 6.49 -1.65 -35.21
C VAL G 289 5.67 -2.64 -34.39
N ASP G 290 5.64 -3.88 -34.85
CA ASP G 290 5.06 -4.99 -34.09
C ASP G 290 6.15 -5.57 -33.23
N CYS G 291 5.95 -5.55 -31.92
CA CYS G 291 7.05 -5.74 -30.97
C CYS G 291 7.20 -7.19 -30.55
N ALA G 292 6.61 -8.09 -31.33
CA ALA G 292 6.67 -9.50 -31.00
C ALA G 292 6.98 -10.31 -32.24
N LEU G 293 7.34 -9.62 -33.32
CA LEU G 293 7.75 -10.32 -34.52
C LEU G 293 9.09 -11.02 -34.34
N ASP G 294 10.16 -10.26 -34.09
CA ASP G 294 11.50 -10.82 -34.09
C ASP G 294 12.34 -10.09 -33.05
N PRO G 295 13.59 -10.52 -32.79
CA PRO G 295 14.40 -9.83 -31.78
C PRO G 295 14.67 -8.37 -32.09
N LEU G 296 14.89 -8.01 -33.35
CA LEU G 296 15.09 -6.60 -33.70
C LEU G 296 13.90 -5.73 -33.29
N SER G 297 12.68 -6.22 -33.49
CA SER G 297 11.50 -5.43 -33.16
C SER G 297 11.31 -5.30 -31.66
N GLU G 298 11.58 -6.36 -30.91
CA GLU G 298 11.56 -6.28 -29.47
C GLU G 298 12.62 -5.32 -28.94
N THR G 299 13.77 -5.23 -29.57
CA THR G 299 14.76 -4.23 -29.19
C THR G 299 14.27 -2.82 -29.48
N LYS G 300 13.72 -2.60 -30.67
CA LYS G 300 13.17 -1.29 -31.01
C LYS G 300 12.11 -0.85 -30.03
N CYS G 301 11.31 -1.81 -29.56
CA CYS G 301 10.26 -1.50 -28.60
C CYS G 301 10.85 -1.21 -27.23
N THR G 302 11.87 -1.96 -26.82
CA THR G 302 12.53 -1.70 -25.54
C THR G 302 13.19 -0.34 -25.49
N LEU G 303 13.81 0.10 -26.60
CA LEU G 303 14.44 1.41 -26.65
C LEU G 303 13.49 2.54 -26.98
N LYS G 304 12.30 2.25 -27.50
CA LYS G 304 11.34 3.24 -27.98
C LYS G 304 11.95 4.09 -29.10
N SER G 305 12.39 3.41 -30.16
CA SER G 305 12.99 4.09 -31.28
C SER G 305 12.86 3.24 -32.52
N PHE G 306 13.17 3.84 -33.66
CA PHE G 306 13.15 3.14 -34.93
C PHE G 306 14.55 2.89 -35.47
N THR G 307 15.57 3.45 -34.85
CA THR G 307 16.96 3.18 -35.20
C THR G 307 17.71 2.80 -33.93
N VAL G 308 18.22 1.59 -33.89
CA VAL G 308 19.09 1.12 -32.81
C VAL G 308 20.53 1.19 -33.30
N GLU G 309 21.40 1.78 -32.49
CA GLU G 309 22.83 1.80 -32.76
C GLU G 309 23.48 0.56 -32.19
N LYS G 310 24.68 0.27 -32.69
CA LYS G 310 25.33 -0.97 -32.32
C LYS G 310 25.53 -1.05 -30.82
N GLY G 311 25.41 -2.25 -30.30
CA GLY G 311 25.51 -2.45 -28.86
C GLY G 311 25.02 -3.84 -28.53
N ILE G 312 24.63 -4.00 -27.27
CA ILE G 312 23.98 -5.21 -26.83
C ILE G 312 22.94 -4.78 -25.80
N TYR G 313 21.72 -5.26 -25.96
CA TYR G 313 20.58 -4.76 -25.22
C TYR G 313 19.85 -5.90 -24.55
N GLN G 314 19.50 -5.71 -23.29
CA GLN G 314 18.67 -6.67 -22.58
C GLN G 314 17.22 -6.40 -22.96
N THR G 315 16.54 -7.44 -23.40
CA THR G 315 15.29 -7.22 -24.11
C THR G 315 14.13 -7.87 -23.37
N SER G 316 14.38 -8.97 -22.69
CA SER G 316 13.35 -9.72 -22.00
C SER G 316 14.01 -10.78 -21.14
N ASN G 317 13.20 -11.61 -20.50
CA ASN G 317 13.69 -12.78 -19.80
C ASN G 317 13.18 -14.02 -20.52
N PHE G 318 13.70 -15.16 -20.11
CA PHE G 318 13.37 -16.45 -20.67
C PHE G 318 13.29 -17.43 -19.52
N ARG G 319 12.35 -18.37 -19.61
CA ARG G 319 12.17 -19.34 -18.56
C ARG G 319 11.49 -20.59 -19.13
N VAL G 320 11.99 -21.74 -18.72
CA VAL G 320 11.40 -23.00 -19.12
C VAL G 320 10.14 -23.25 -18.31
N GLN G 321 9.15 -23.87 -18.94
CA GLN G 321 7.85 -24.03 -18.30
C GLN G 321 7.68 -25.45 -17.77
N PRO G 322 6.97 -25.61 -16.66
CA PRO G 322 6.77 -26.94 -16.09
C PRO G 322 5.65 -27.69 -16.78
N THR G 323 5.81 -29.00 -16.90
CA THR G 323 4.79 -29.83 -17.56
C THR G 323 4.08 -30.75 -16.56
N GLU G 324 2.76 -30.80 -16.67
CA GLU G 324 1.95 -31.65 -15.79
C GLU G 324 1.77 -31.02 -14.41
N SER G 325 1.59 -31.86 -13.40
CA SER G 325 1.41 -31.41 -12.03
C SER G 325 1.46 -32.58 -11.07
N ILE G 326 2.40 -33.49 -11.31
CA ILE G 326 2.54 -34.67 -10.47
C ILE G 326 2.41 -34.36 -8.98
N VAL G 327 1.53 -35.09 -8.31
CA VAL G 327 1.30 -34.91 -6.89
C VAL G 327 1.62 -36.21 -6.17
N ARG G 328 1.66 -36.15 -4.84
CA ARG G 328 1.97 -37.35 -4.06
C ARG G 328 1.44 -37.27 -2.63
N PHE G 329 0.99 -38.40 -2.12
CA PHE G 329 0.46 -38.48 -0.77
C PHE G 329 0.89 -39.79 -0.11
N PRO G 330 0.44 -40.03 1.11
CA PRO G 330 0.81 -41.26 1.82
C PRO G 330 -0.24 -42.36 1.70
N ASN G 331 0.21 -43.61 1.53
CA ASN G 331 -0.73 -44.73 1.41
C ASN G 331 -1.88 -44.61 2.40
N ILE G 332 -3.10 -44.56 1.88
CA ILE G 332 -4.29 -44.45 2.72
C ILE G 332 -4.65 -45.79 3.36
N THR G 333 -4.46 -45.89 4.67
CA THR G 333 -4.76 -47.11 5.39
C THR G 333 -5.99 -46.93 6.30
N ASN G 334 -6.37 -45.68 6.52
CA ASN G 334 -7.51 -45.37 7.37
C ASN G 334 -8.84 -45.63 6.66
N LEU G 335 -9.23 -46.90 6.60
CA LEU G 335 -10.48 -47.29 5.94
C LEU G 335 -11.65 -47.21 6.91
N CYS G 336 -11.99 -46.00 7.33
CA CYS G 336 -13.10 -45.79 8.25
C CYS G 336 -14.39 -46.39 7.72
N PRO G 337 -14.76 -47.55 8.25
CA PRO G 337 -15.99 -48.24 7.81
C PRO G 337 -17.29 -47.52 8.15
N PHE G 338 -18.00 -47.11 7.10
CA PHE G 338 -19.37 -46.66 7.21
C PHE G 338 -20.37 -47.75 6.87
N GLY G 339 -19.89 -48.95 6.53
CA GLY G 339 -20.70 -50.13 6.38
C GLY G 339 -21.09 -50.81 7.67
N GLU G 340 -21.10 -50.07 8.78
CA GLU G 340 -21.72 -50.54 10.01
C GLU G 340 -22.91 -49.69 10.39
N VAL G 341 -22.85 -48.38 10.18
CA VAL G 341 -23.97 -47.51 10.49
C VAL G 341 -24.93 -47.44 9.32
N PHE G 342 -24.38 -47.48 8.10
CA PHE G 342 -25.22 -47.51 6.90
C PHE G 342 -25.52 -48.94 6.46
N ASN G 343 -25.07 -49.94 7.21
CA ASN G 343 -25.30 -51.34 6.87
C ASN G 343 -25.65 -52.19 8.08
N ALA G 344 -26.49 -51.65 8.97
CA ALA G 344 -26.87 -52.40 10.16
C ALA G 344 -28.07 -53.29 9.89
N THR G 345 -28.17 -54.38 10.66
CA THR G 345 -29.29 -55.29 10.53
C THR G 345 -30.52 -54.82 11.29
N ARG G 346 -30.33 -54.02 12.34
CA ARG G 346 -31.43 -53.51 13.14
C ARG G 346 -31.11 -52.09 13.57
N PHE G 347 -31.92 -51.14 13.14
CA PHE G 347 -31.71 -49.73 13.48
C PHE G 347 -32.13 -49.45 14.92
N ALA G 348 -32.23 -48.17 15.25
CA ALA G 348 -32.62 -47.76 16.60
C ALA G 348 -33.92 -46.95 16.58
N SER G 349 -34.68 -47.02 17.67
CA SER G 349 -35.93 -46.29 17.77
C SER G 349 -35.73 -44.81 17.45
N VAL G 350 -36.84 -44.08 17.41
CA VAL G 350 -36.80 -42.65 17.11
C VAL G 350 -36.71 -41.82 18.39
N TYR G 351 -37.20 -42.40 19.49
CA TYR G 351 -37.18 -41.71 20.77
C TYR G 351 -35.94 -41.99 21.57
N ALA G 352 -35.18 -43.03 21.24
CA ALA G 352 -33.85 -43.24 21.77
C ALA G 352 -32.93 -43.50 20.60
N TRP G 353 -32.51 -42.45 19.91
CA TRP G 353 -31.71 -42.61 18.73
C TRP G 353 -30.33 -43.10 19.13
N ASN G 354 -29.57 -43.57 18.16
CA ASN G 354 -28.24 -43.95 18.58
C ASN G 354 -27.29 -42.78 18.43
N ARG G 355 -26.04 -42.98 18.82
CA ARG G 355 -25.06 -41.90 18.69
C ARG G 355 -23.68 -42.52 18.58
N LYS G 356 -23.16 -42.60 17.35
CA LYS G 356 -21.83 -43.14 17.12
C LYS G 356 -20.90 -41.94 16.92
N ARG G 357 -19.73 -41.96 17.54
CA ARG G 357 -18.81 -40.85 17.42
C ARG G 357 -17.68 -41.26 16.51
N ILE G 358 -17.86 -41.11 15.21
CA ILE G 358 -16.79 -41.34 14.28
C ILE G 358 -15.60 -40.48 14.68
N SER G 359 -14.40 -40.99 14.47
CA SER G 359 -13.20 -40.34 15.00
C SER G 359 -12.12 -40.42 13.92
N ASN G 360 -10.88 -40.16 14.33
CA ASN G 360 -9.73 -40.11 13.42
C ASN G 360 -9.71 -41.27 12.43
N CYS G 361 -9.79 -40.95 11.15
CA CYS G 361 -10.03 -41.92 10.09
C CYS G 361 -9.86 -41.20 8.76
N VAL G 362 -10.17 -41.92 7.68
CA VAL G 362 -10.15 -41.39 6.33
C VAL G 362 -11.59 -41.54 5.84
N ALA G 363 -12.35 -40.44 5.84
CA ALA G 363 -13.75 -40.48 5.47
C ALA G 363 -13.91 -40.12 4.00
N ASP G 364 -14.67 -40.95 3.28
CA ASP G 364 -14.90 -40.76 1.86
C ASP G 364 -16.39 -40.56 1.62
N TYR G 365 -16.83 -39.31 1.74
CA TYR G 365 -18.23 -39.01 1.54
C TYR G 365 -18.66 -39.13 0.08
N SER G 366 -17.75 -39.49 -0.82
CA SER G 366 -18.17 -39.67 -2.20
C SER G 366 -18.93 -40.97 -2.39
N VAL G 367 -18.48 -42.06 -1.76
CA VAL G 367 -19.20 -43.32 -1.83
C VAL G 367 -20.61 -43.15 -1.29
N LEU G 368 -20.79 -42.22 -0.35
CA LEU G 368 -22.12 -41.88 0.08
C LEU G 368 -22.83 -41.05 -0.96
N TYR G 369 -22.24 -39.94 -1.37
CA TYR G 369 -22.94 -38.95 -2.16
C TYR G 369 -23.44 -39.51 -3.48
N ASN G 370 -22.69 -40.42 -4.08
CA ASN G 370 -23.06 -40.90 -5.41
C ASN G 370 -23.72 -42.27 -5.39
N SER G 371 -24.09 -42.77 -4.22
CA SER G 371 -24.57 -44.13 -4.17
C SER G 371 -25.96 -44.27 -4.76
N ALA G 372 -26.68 -43.18 -4.96
CA ALA G 372 -27.96 -43.17 -5.66
C ALA G 372 -29.00 -44.05 -5.00
N SER G 373 -28.66 -44.67 -3.89
CA SER G 373 -29.61 -45.47 -3.15
C SER G 373 -30.35 -44.67 -2.09
N PHE G 374 -29.95 -43.42 -1.87
CA PHE G 374 -30.52 -42.58 -0.86
C PHE G 374 -31.63 -41.75 -1.45
N SER G 375 -32.77 -41.75 -0.78
CA SER G 375 -33.87 -40.94 -1.24
C SER G 375 -33.75 -39.49 -0.82
N THR G 376 -32.93 -39.19 0.17
CA THR G 376 -32.78 -37.82 0.62
C THR G 376 -31.35 -37.61 1.07
N PHE G 377 -30.65 -36.64 0.49
CA PHE G 377 -29.29 -36.33 0.91
C PHE G 377 -29.14 -34.81 0.91
N LYS G 378 -29.44 -34.19 2.04
CA LYS G 378 -29.36 -32.74 2.13
C LYS G 378 -28.15 -32.38 2.96
N CYS G 379 -27.39 -31.38 2.53
CA CYS G 379 -26.29 -30.87 3.31
C CYS G 379 -26.53 -29.41 3.62
N TYR G 380 -26.27 -29.01 4.85
CA TYR G 380 -26.65 -27.68 5.30
C TYR G 380 -25.49 -26.75 5.54
N GLY G 381 -24.57 -27.10 6.42
CA GLY G 381 -23.47 -26.22 6.65
C GLY G 381 -22.59 -26.12 5.42
N VAL G 382 -22.57 -27.16 4.61
CA VAL G 382 -21.58 -27.32 3.57
C VAL G 382 -22.12 -28.18 2.44
N SER G 383 -22.04 -27.69 1.22
CA SER G 383 -22.52 -28.43 0.07
C SER G 383 -21.78 -29.75 -0.07
N PRO G 384 -22.41 -30.77 -0.66
CA PRO G 384 -21.89 -32.14 -0.52
C PRO G 384 -20.56 -32.39 -1.20
N THR G 385 -20.31 -31.81 -2.38
CA THR G 385 -19.12 -32.19 -3.12
C THR G 385 -17.83 -31.75 -2.47
N LYS G 386 -17.88 -30.77 -1.57
CA LYS G 386 -16.70 -30.25 -0.91
C LYS G 386 -16.44 -30.93 0.43
N LEU G 387 -17.08 -32.07 0.69
CA LEU G 387 -16.83 -32.77 1.94
C LEU G 387 -15.51 -33.52 1.92
N ASN G 388 -15.19 -34.09 0.75
CA ASN G 388 -13.93 -34.83 0.59
C ASN G 388 -12.74 -33.92 0.37
N ASP G 389 -12.79 -32.73 0.96
CA ASP G 389 -11.71 -31.75 0.82
C ASP G 389 -11.59 -30.89 2.08
N LEU G 390 -12.25 -31.31 3.15
CA LEU G 390 -12.21 -30.57 4.40
C LEU G 390 -11.88 -31.50 5.57
N CYS G 391 -11.49 -30.90 6.69
CA CYS G 391 -11.14 -31.68 7.88
C CYS G 391 -11.74 -31.06 9.14
N PHE G 392 -12.28 -31.89 10.01
CA PHE G 392 -12.89 -31.42 11.25
C PHE G 392 -12.26 -32.10 12.47
N THR G 393 -12.91 -31.96 13.62
CA THR G 393 -12.42 -32.56 14.85
C THR G 393 -13.16 -33.85 15.17
N ASN G 394 -14.47 -33.83 15.00
CA ASN G 394 -15.30 -34.99 15.28
C ASN G 394 -16.44 -35.02 14.30
N VAL G 395 -16.88 -36.22 13.94
CA VAL G 395 -18.10 -36.44 13.20
C VAL G 395 -18.97 -37.29 14.08
N TYR G 396 -20.20 -36.91 14.27
CA TYR G 396 -21.12 -37.77 14.97
C TYR G 396 -22.12 -38.30 13.97
N ALA G 397 -22.60 -39.52 14.19
CA ALA G 397 -23.61 -40.09 13.33
C ALA G 397 -24.76 -40.58 14.19
N ASP G 398 -25.94 -40.03 13.98
CA ASP G 398 -27.12 -40.46 14.72
C ASP G 398 -28.01 -41.27 13.81
N SER G 399 -28.65 -42.30 14.35
CA SER G 399 -29.40 -43.24 13.54
C SER G 399 -30.76 -43.51 14.16
N PHE G 400 -31.79 -43.58 13.31
CA PHE G 400 -33.11 -43.97 13.80
C PHE G 400 -34.02 -44.29 12.63
N VAL G 401 -35.29 -44.55 12.94
CA VAL G 401 -36.30 -44.98 11.97
C VAL G 401 -37.58 -44.19 12.21
N ILE G 402 -38.13 -43.59 11.15
CA ILE G 402 -39.34 -42.80 11.27
C ILE G 402 -40.28 -43.17 10.13
N ARG G 403 -41.40 -42.46 10.07
CA ARG G 403 -42.34 -42.61 8.97
C ARG G 403 -41.74 -42.04 7.71
N GLY G 404 -42.47 -42.16 6.61
CA GLY G 404 -41.98 -41.64 5.37
C GLY G 404 -42.12 -40.15 5.25
N ASP G 405 -43.20 -39.60 5.77
CA ASP G 405 -43.44 -38.18 5.59
C ASP G 405 -43.04 -37.37 6.80
N GLU G 406 -42.30 -37.94 7.73
CA GLU G 406 -41.68 -37.17 8.79
C GLU G 406 -40.22 -36.92 8.55
N VAL G 407 -39.74 -37.17 7.34
CA VAL G 407 -38.35 -36.85 7.05
C VAL G 407 -38.17 -35.37 6.83
N ARG G 408 -39.26 -34.62 6.73
CA ARG G 408 -39.12 -33.20 6.56
C ARG G 408 -39.05 -32.46 7.88
N GLN G 409 -39.14 -33.15 8.99
CA GLN G 409 -38.91 -32.50 10.27
C GLN G 409 -37.49 -32.69 10.77
N ILE G 410 -36.67 -33.46 10.06
CA ILE G 410 -35.26 -33.59 10.40
C ILE G 410 -34.53 -32.52 9.58
N ALA G 411 -34.53 -31.32 10.12
CA ALA G 411 -33.96 -30.17 9.44
C ALA G 411 -33.90 -29.04 10.46
N PRO G 412 -33.02 -28.06 10.30
CA PRO G 412 -32.93 -27.01 11.31
C PRO G 412 -34.14 -26.10 11.25
N GLY G 413 -34.77 -25.89 12.39
CA GLY G 413 -35.94 -25.04 12.45
C GLY G 413 -37.20 -25.66 11.91
N GLN G 414 -37.70 -26.72 12.52
CA GLN G 414 -38.99 -27.32 12.19
C GLN G 414 -39.77 -27.57 13.47
N THR G 415 -41.02 -27.97 13.30
CA THR G 415 -41.88 -28.33 14.41
C THR G 415 -42.70 -29.56 14.03
N GLY G 416 -43.28 -30.19 15.03
CA GLY G 416 -43.95 -31.46 14.86
C GLY G 416 -43.53 -32.45 15.93
N LYS G 417 -44.31 -33.52 16.02
CA LYS G 417 -44.13 -34.45 17.13
C LYS G 417 -42.73 -35.04 17.15
N ILE G 418 -42.07 -35.09 16.00
CA ILE G 418 -40.72 -35.65 15.96
C ILE G 418 -39.70 -34.61 16.39
N ALA G 419 -39.73 -33.45 15.77
CA ALA G 419 -38.71 -32.45 16.07
C ALA G 419 -38.98 -31.77 17.40
N ASP G 420 -40.23 -31.77 17.86
CA ASP G 420 -40.51 -31.15 19.15
C ASP G 420 -39.90 -31.96 20.27
N TYR G 421 -40.39 -33.17 20.48
CA TYR G 421 -39.78 -34.03 21.47
C TYR G 421 -39.59 -35.44 20.92
N ASN G 422 -38.65 -35.61 19.99
CA ASN G 422 -37.96 -36.87 19.84
C ASN G 422 -36.50 -36.63 19.49
N TYR G 423 -36.26 -35.68 18.60
CA TYR G 423 -34.92 -35.44 18.08
C TYR G 423 -34.88 -34.04 17.49
N LYS G 424 -34.15 -33.14 18.12
CA LYS G 424 -34.12 -31.74 17.71
C LYS G 424 -32.72 -31.39 17.24
N LEU G 425 -32.64 -30.75 16.07
CA LEU G 425 -31.45 -30.28 15.38
C LEU G 425 -31.22 -28.80 15.66
N PRO G 426 -30.02 -28.37 16.04
CA PRO G 426 -29.82 -26.97 16.37
C PRO G 426 -30.07 -26.09 15.18
N ASP G 427 -30.13 -24.80 15.42
CA ASP G 427 -30.53 -23.87 14.37
C ASP G 427 -29.38 -23.43 13.48
N ASP G 428 -28.15 -23.77 13.83
CA ASP G 428 -26.99 -23.54 12.96
C ASP G 428 -26.31 -24.84 12.62
N PHE G 429 -27.09 -25.85 12.26
CA PHE G 429 -26.57 -27.17 11.97
C PHE G 429 -25.46 -27.08 10.93
N THR G 430 -24.58 -28.07 10.93
CA THR G 430 -23.47 -28.08 10.00
C THR G 430 -23.38 -29.31 9.11
N GLY G 431 -23.95 -30.42 9.51
CA GLY G 431 -23.69 -31.67 8.83
C GLY G 431 -24.58 -31.91 7.64
N CYS G 432 -24.94 -33.16 7.44
CA CYS G 432 -25.85 -33.56 6.38
C CYS G 432 -26.81 -34.61 6.89
N VAL G 433 -27.96 -34.71 6.24
CA VAL G 433 -29.03 -35.60 6.62
C VAL G 433 -29.26 -36.55 5.47
N ILE G 434 -29.26 -37.85 5.74
CA ILE G 434 -29.41 -38.87 4.72
C ILE G 434 -30.55 -39.78 5.11
N ALA G 435 -31.35 -40.19 4.14
CA ALA G 435 -32.53 -40.99 4.44
C ALA G 435 -32.88 -41.88 3.28
N TRP G 436 -33.29 -43.11 3.58
CA TRP G 436 -33.69 -44.00 2.51
C TRP G 436 -34.81 -44.93 2.97
N ASN G 437 -35.64 -45.34 2.03
CA ASN G 437 -36.78 -46.17 2.35
C ASN G 437 -36.31 -47.58 2.73
N SER G 438 -37.01 -48.16 3.68
CA SER G 438 -36.65 -49.49 4.14
C SER G 438 -37.89 -50.32 4.39
N ASN G 439 -38.83 -50.32 3.46
CA ASN G 439 -40.08 -51.01 3.70
C ASN G 439 -39.89 -52.50 3.88
N ASN G 440 -38.98 -53.11 3.14
CA ASN G 440 -38.88 -54.56 3.15
C ASN G 440 -38.20 -55.10 4.38
N LEU G 441 -37.40 -54.28 5.06
CA LEU G 441 -36.66 -54.73 6.23
C LEU G 441 -37.42 -54.55 7.53
N ASP G 442 -38.15 -53.46 7.67
CA ASP G 442 -38.69 -53.07 8.96
C ASP G 442 -40.18 -53.31 9.10
N SER G 443 -40.89 -53.51 8.01
CA SER G 443 -42.33 -53.69 8.08
C SER G 443 -42.66 -55.16 7.90
N LYS G 444 -43.52 -55.67 8.78
CA LYS G 444 -43.82 -57.09 8.74
C LYS G 444 -45.32 -57.29 8.84
N VAL G 445 -45.82 -58.30 8.15
CA VAL G 445 -47.25 -58.57 8.08
C VAL G 445 -47.78 -58.73 9.50
N GLY G 446 -48.95 -58.17 9.75
CA GLY G 446 -49.51 -58.14 11.08
C GLY G 446 -49.09 -56.94 11.88
N GLY G 447 -48.11 -56.18 11.40
CA GLY G 447 -47.72 -54.97 12.08
C GLY G 447 -46.50 -55.12 12.93
N ASN G 448 -45.49 -54.32 12.68
CA ASN G 448 -44.26 -54.34 13.45
C ASN G 448 -44.41 -53.30 14.56
N TYR G 449 -44.76 -53.76 15.75
CA TYR G 449 -45.01 -52.86 16.87
C TYR G 449 -43.79 -52.66 17.75
N ASN G 450 -42.60 -52.75 17.20
CA ASN G 450 -41.40 -52.55 17.98
C ASN G 450 -40.75 -51.20 17.77
N TYR G 451 -41.35 -50.34 16.97
CA TYR G 451 -40.79 -49.04 16.66
C TYR G 451 -41.68 -47.98 17.26
N LEU G 452 -41.27 -47.42 18.39
CA LEU G 452 -42.08 -46.49 19.14
C LEU G 452 -41.59 -45.07 18.94
N TYR G 453 -42.40 -44.13 19.36
CA TYR G 453 -42.02 -42.73 19.40
C TYR G 453 -42.74 -42.07 20.55
N ARG G 454 -42.18 -40.96 21.02
CA ARG G 454 -42.77 -40.23 22.13
C ARG G 454 -43.72 -39.20 21.58
N LEU G 455 -44.90 -39.11 22.17
CA LEU G 455 -45.89 -38.19 21.67
C LEU G 455 -46.39 -37.19 22.70
N PHE G 456 -45.88 -37.23 23.93
CA PHE G 456 -46.21 -36.24 24.94
C PHE G 456 -44.95 -35.89 25.71
N ARG G 457 -44.70 -34.59 25.87
CA ARG G 457 -43.62 -34.17 26.75
C ARG G 457 -43.95 -32.81 27.33
N LYS G 458 -43.35 -32.52 28.49
CA LYS G 458 -43.58 -31.23 29.13
C LYS G 458 -43.09 -30.07 28.28
N SER G 459 -41.90 -30.19 27.70
CA SER G 459 -41.30 -29.08 26.98
C SER G 459 -40.43 -29.62 25.86
N ASN G 460 -40.38 -28.86 24.77
CA ASN G 460 -39.61 -29.27 23.62
C ASN G 460 -38.15 -29.47 23.98
N LEU G 461 -37.50 -30.33 23.22
CA LEU G 461 -36.13 -30.72 23.54
C LEU G 461 -35.15 -29.59 23.23
N LYS G 462 -34.08 -29.55 23.98
CA LYS G 462 -32.94 -28.78 23.55
C LYS G 462 -32.28 -29.53 22.40
N PRO G 463 -31.56 -28.84 21.52
CA PRO G 463 -30.94 -29.53 20.39
C PRO G 463 -29.99 -30.62 20.86
N PHE G 464 -30.13 -31.80 20.25
CA PHE G 464 -29.28 -32.95 20.53
C PHE G 464 -29.49 -33.49 21.93
N GLU G 465 -30.63 -33.19 22.53
CA GLU G 465 -30.96 -33.71 23.85
C GLU G 465 -31.78 -34.99 23.67
N ARG G 466 -31.73 -35.86 24.67
CA ARG G 466 -32.29 -37.20 24.57
C ARG G 466 -33.02 -37.56 25.85
N ASP G 467 -34.15 -38.26 25.71
CA ASP G 467 -35.06 -38.46 26.84
C ASP G 467 -35.70 -39.83 26.71
N ILE G 468 -35.23 -40.80 27.50
CA ILE G 468 -35.72 -42.17 27.43
C ILE G 468 -36.59 -42.51 28.64
N SER G 469 -37.04 -41.53 29.38
CA SER G 469 -37.86 -41.84 30.55
C SER G 469 -39.24 -42.33 30.10
N THR G 470 -39.97 -42.90 31.05
CA THR G 470 -41.26 -43.51 30.74
C THR G 470 -42.26 -43.19 31.83
N GLU G 471 -42.25 -41.95 32.30
CA GLU G 471 -43.20 -41.56 33.33
C GLU G 471 -44.55 -41.27 32.72
N ILE G 472 -45.61 -41.56 33.48
CA ILE G 472 -46.95 -41.30 33.01
C ILE G 472 -47.17 -39.82 32.86
N TYR G 473 -47.52 -39.39 31.66
CA TYR G 473 -47.72 -37.98 31.41
C TYR G 473 -49.01 -37.51 32.03
N GLN G 474 -49.07 -36.24 32.40
CA GLN G 474 -50.19 -35.67 33.13
C GLN G 474 -50.69 -34.47 32.36
N ALA G 475 -51.78 -34.65 31.63
CA ALA G 475 -52.30 -33.55 30.82
C ALA G 475 -53.05 -32.55 31.69
N GLY G 476 -54.11 -32.99 32.34
CA GLY G 476 -54.90 -32.14 33.19
C GLY G 476 -54.19 -31.82 34.49
N SER G 477 -54.88 -31.05 35.34
CA SER G 477 -54.31 -30.63 36.60
C SER G 477 -54.30 -31.74 37.64
N THR G 478 -55.15 -32.73 37.48
CA THR G 478 -55.25 -33.78 38.48
C THR G 478 -53.97 -34.61 38.50
N PRO G 479 -53.39 -34.88 39.66
CA PRO G 479 -52.20 -35.73 39.72
C PRO G 479 -52.52 -37.15 39.30
N CYS G 480 -51.49 -37.84 38.82
CA CYS G 480 -51.67 -39.13 38.17
C CYS G 480 -51.37 -40.33 39.06
N ASN G 481 -50.38 -40.24 39.94
CA ASN G 481 -50.02 -41.32 40.84
C ASN G 481 -49.68 -42.61 40.08
N GLY G 482 -49.02 -42.47 38.94
CA GLY G 482 -48.50 -43.64 38.26
C GLY G 482 -49.52 -44.59 37.69
N VAL G 483 -50.79 -44.20 37.60
CA VAL G 483 -51.78 -45.04 36.97
C VAL G 483 -52.42 -44.27 35.81
N GLU G 484 -52.86 -45.02 34.81
CA GLU G 484 -53.47 -44.43 33.63
C GLU G 484 -54.87 -43.92 33.96
N GLY G 485 -55.47 -43.29 32.96
CA GLY G 485 -56.81 -42.74 33.13
C GLY G 485 -56.95 -41.49 32.31
N PHE G 486 -58.09 -40.83 32.45
CA PHE G 486 -58.31 -39.58 31.75
C PHE G 486 -57.26 -38.57 32.15
N ASN G 487 -56.66 -37.92 31.16
CA ASN G 487 -55.63 -36.92 31.39
C ASN G 487 -54.42 -37.49 32.13
N CYS G 488 -54.24 -38.81 32.05
CA CYS G 488 -53.05 -39.48 32.55
C CYS G 488 -52.69 -40.54 31.53
N TYR G 489 -51.74 -40.23 30.66
CA TYR G 489 -51.48 -41.03 29.48
C TYR G 489 -50.07 -41.59 29.49
N PHE G 490 -49.95 -42.82 29.04
CA PHE G 490 -48.64 -43.38 28.73
C PHE G 490 -48.03 -42.57 27.60
N PRO G 491 -46.75 -42.23 27.67
CA PRO G 491 -46.19 -41.26 26.72
C PRO G 491 -45.62 -41.83 25.44
N LEU G 492 -45.68 -43.14 25.21
CA LEU G 492 -45.06 -43.72 24.02
C LEU G 492 -46.10 -44.43 23.18
N GLN G 493 -46.05 -44.22 21.87
CA GLN G 493 -46.93 -44.89 20.94
C GLN G 493 -46.05 -45.67 19.98
N SER G 494 -46.64 -46.58 19.22
CA SER G 494 -45.86 -47.42 18.32
C SER G 494 -46.43 -47.34 16.92
N TYR G 495 -45.57 -47.07 15.96
CA TYR G 495 -45.90 -47.24 14.56
C TYR G 495 -46.27 -48.70 14.36
N GLY G 496 -47.46 -48.98 13.86
CA GLY G 496 -47.66 -50.35 13.46
C GLY G 496 -47.39 -50.45 11.99
N PHE G 497 -46.18 -50.79 11.61
CA PHE G 497 -45.82 -50.80 10.20
C PHE G 497 -46.34 -52.06 9.54
N GLN G 498 -46.86 -51.92 8.34
CA GLN G 498 -47.35 -53.07 7.62
C GLN G 498 -46.97 -52.95 6.16
N PRO G 499 -46.67 -54.06 5.49
CA PRO G 499 -46.09 -53.95 4.15
C PRO G 499 -47.04 -53.38 3.13
N THR G 500 -48.34 -53.44 3.35
CA THR G 500 -49.28 -52.84 2.42
C THR G 500 -49.68 -51.44 2.86
N ASN G 501 -48.70 -50.59 3.15
CA ASN G 501 -48.96 -49.21 3.50
C ASN G 501 -48.55 -48.31 2.35
N GLY G 502 -49.38 -47.32 2.07
CA GLY G 502 -49.00 -46.33 1.09
C GLY G 502 -47.71 -45.64 1.46
N VAL G 503 -46.97 -45.20 0.46
CA VAL G 503 -45.74 -44.47 0.71
C VAL G 503 -46.07 -43.28 1.58
N GLY G 504 -45.13 -42.85 2.40
CA GLY G 504 -45.43 -41.88 3.41
C GLY G 504 -46.00 -42.48 4.66
N TYR G 505 -46.25 -43.78 4.68
CA TYR G 505 -46.45 -44.52 5.91
C TYR G 505 -45.53 -45.70 6.03
N GLN G 506 -44.61 -45.87 5.12
CA GLN G 506 -43.66 -46.95 5.23
C GLN G 506 -42.41 -46.47 5.93
N PRO G 507 -41.67 -47.35 6.57
CA PRO G 507 -40.57 -46.91 7.41
C PRO G 507 -39.40 -46.42 6.59
N TYR G 508 -38.81 -45.32 7.04
CA TYR G 508 -37.62 -44.77 6.42
C TYR G 508 -36.52 -44.81 7.46
N ARG G 509 -35.32 -45.17 7.06
CA ARG G 509 -34.20 -45.12 7.97
C ARG G 509 -33.42 -43.85 7.72
N VAL G 510 -32.98 -43.20 8.80
CA VAL G 510 -32.37 -41.89 8.74
C VAL G 510 -31.04 -41.92 9.49
N VAL G 511 -30.04 -41.26 8.91
CA VAL G 511 -28.73 -41.07 9.52
C VAL G 511 -28.39 -39.60 9.40
N VAL G 512 -28.04 -38.98 10.51
CA VAL G 512 -27.74 -37.56 10.56
C VAL G 512 -26.27 -37.43 10.91
N LEU G 513 -25.46 -36.97 9.97
CA LEU G 513 -24.06 -36.72 10.23
C LEU G 513 -23.87 -35.30 10.67
N SER G 514 -23.16 -35.11 11.76
CA SER G 514 -22.96 -33.78 12.31
C SER G 514 -21.48 -33.56 12.51
N PHE G 515 -20.89 -32.70 11.69
CA PHE G 515 -19.48 -32.40 11.81
C PHE G 515 -19.30 -31.31 12.82
N GLU G 516 -18.46 -31.53 13.81
CA GLU G 516 -18.22 -30.50 14.80
C GLU G 516 -16.74 -30.14 14.83
N LEU G 517 -16.46 -28.91 15.25
CA LEU G 517 -15.08 -28.43 15.33
C LEU G 517 -14.82 -27.73 16.66
N LEU G 518 -14.44 -28.49 17.67
CA LEU G 518 -14.16 -27.93 18.99
C LEU G 518 -12.98 -26.95 18.92
N HIS G 519 -11.82 -27.38 19.40
CA HIS G 519 -10.62 -26.55 19.39
C HIS G 519 -9.36 -27.39 19.53
N ALA G 520 -9.41 -28.60 19.00
CA ALA G 520 -8.28 -29.52 19.05
C ALA G 520 -7.21 -29.13 18.02
N PRO G 521 -6.32 -30.06 17.71
CA PRO G 521 -5.24 -29.79 16.75
C PRO G 521 -5.57 -30.29 15.34
N ALA G 522 -6.51 -31.23 15.25
CA ALA G 522 -6.93 -31.79 13.98
C ALA G 522 -7.71 -33.09 14.18
N THR G 523 -8.12 -33.70 13.08
CA THR G 523 -8.88 -34.95 13.13
C THR G 523 -9.20 -35.46 11.73
N VAL G 524 -10.16 -36.38 11.65
CA VAL G 524 -10.57 -36.95 10.36
C VAL G 524 -10.63 -35.95 9.21
N CYS G 525 -10.13 -36.36 8.04
CA CYS G 525 -10.31 -35.63 6.79
C CYS G 525 -10.45 -36.59 5.61
N GLY G 526 -10.75 -36.02 4.45
CA GLY G 526 -10.96 -36.78 3.24
C GLY G 526 -9.68 -37.28 2.62
N PRO G 527 -9.80 -38.31 1.80
CA PRO G 527 -8.63 -38.89 1.12
C PRO G 527 -8.11 -37.94 0.05
N LYS G 528 -7.07 -38.34 -0.66
CA LYS G 528 -6.49 -37.50 -1.71
C LYS G 528 -6.17 -38.31 -2.97
N LYS G 529 -5.26 -37.79 -3.78
CA LYS G 529 -4.85 -38.45 -5.01
C LYS G 529 -3.33 -38.52 -5.13
N SER G 530 -2.85 -39.22 -6.16
CA SER G 530 -1.42 -39.35 -6.38
C SER G 530 -1.13 -39.95 -7.76
N THR G 531 0.14 -39.88 -8.17
CA THR G 531 0.55 -40.42 -9.47
C THR G 531 1.98 -40.96 -9.41
N ASN G 532 2.66 -40.91 -10.55
CA ASN G 532 4.04 -41.39 -10.64
C ASN G 532 5.03 -40.23 -10.57
N LEU G 533 6.26 -40.52 -10.17
CA LEU G 533 7.27 -39.47 -10.07
C LEU G 533 8.11 -39.52 -11.33
N VAL G 534 8.26 -38.37 -11.97
CA VAL G 534 9.09 -38.25 -13.17
C VAL G 534 10.39 -37.58 -12.78
N LYS G 535 11.37 -37.62 -13.65
CA LYS G 535 12.66 -37.02 -13.35
C LYS G 535 13.19 -36.28 -14.57
N ASN G 536 14.12 -35.37 -14.31
CA ASN G 536 14.86 -34.64 -15.34
C ASN G 536 13.97 -33.78 -16.21
N LYS G 537 12.86 -33.28 -15.66
CA LYS G 537 11.97 -32.37 -16.38
C LYS G 537 11.43 -31.34 -15.39
N CYS G 538 11.41 -30.08 -15.80
CA CYS G 538 10.82 -29.05 -14.95
C CYS G 538 9.36 -29.42 -14.73
N VAL G 539 9.00 -29.66 -13.47
CA VAL G 539 7.74 -30.26 -13.11
C VAL G 539 7.15 -29.48 -11.95
N ASN G 540 5.87 -29.67 -11.73
CA ASN G 540 5.14 -29.06 -10.63
C ASN G 540 4.81 -30.21 -9.67
N PHE G 541 5.43 -30.20 -8.50
CA PHE G 541 5.36 -31.37 -7.62
C PHE G 541 4.73 -31.04 -6.28
N ASN G 542 4.22 -32.09 -5.64
CA ASN G 542 3.70 -32.04 -4.28
C ASN G 542 4.11 -33.34 -3.59
N PHE G 543 4.92 -33.22 -2.55
CA PHE G 543 5.40 -34.35 -1.75
C PHE G 543 4.78 -34.25 -0.36
N ASN G 544 3.65 -34.94 -0.17
CA ASN G 544 2.84 -34.96 1.04
C ASN G 544 2.84 -33.63 1.77
N GLY G 545 2.58 -32.55 1.04
CA GLY G 545 2.51 -31.25 1.67
C GLY G 545 3.47 -30.24 1.07
N LEU G 546 4.68 -30.68 0.74
CA LEU G 546 5.68 -29.81 0.12
C LEU G 546 5.25 -29.51 -1.31
N THR G 547 4.89 -28.27 -1.57
CA THR G 547 4.49 -27.86 -2.92
C THR G 547 5.64 -27.09 -3.54
N GLY G 548 6.04 -27.47 -4.76
CA GLY G 548 7.09 -26.75 -5.43
C GLY G 548 7.18 -26.96 -6.93
N THR G 549 8.23 -26.41 -7.54
CA THR G 549 8.48 -26.54 -8.96
C THR G 549 9.96 -26.78 -9.18
N GLY G 550 10.29 -27.58 -10.18
CA GLY G 550 11.68 -27.77 -10.52
C GLY G 550 11.93 -29.12 -11.15
N VAL G 551 13.19 -29.34 -11.45
CA VAL G 551 13.71 -30.60 -11.94
C VAL G 551 14.07 -31.48 -10.76
N LEU G 552 13.69 -32.75 -10.83
CA LEU G 552 13.97 -33.75 -9.80
C LEU G 552 15.08 -34.64 -10.29
N THR G 553 16.03 -34.96 -9.43
CA THR G 553 17.17 -35.77 -9.84
C THR G 553 17.56 -36.75 -8.73
N GLU G 554 18.09 -37.91 -9.15
CA GLU G 554 18.55 -38.90 -8.18
C GLU G 554 19.68 -38.33 -7.33
N SER G 555 19.60 -38.55 -6.03
CA SER G 555 20.55 -37.96 -5.10
C SER G 555 21.64 -38.94 -4.73
N ASN G 556 22.60 -38.44 -3.95
CA ASN G 556 23.59 -39.30 -3.32
C ASN G 556 23.89 -38.85 -1.90
N LYS G 557 23.01 -38.05 -1.29
CA LYS G 557 23.06 -37.73 0.12
C LYS G 557 22.29 -38.77 0.92
N LYS G 558 22.49 -38.76 2.23
CA LYS G 558 21.90 -39.75 3.13
C LYS G 558 21.28 -39.03 4.31
N PHE G 559 19.96 -38.92 4.33
CA PHE G 559 19.23 -38.33 5.44
C PHE G 559 19.36 -39.21 6.68
N LEU G 560 18.88 -38.74 7.81
CA LEU G 560 18.69 -39.68 8.90
C LEU G 560 17.30 -40.28 8.80
N PRO G 561 17.07 -41.50 9.25
CA PRO G 561 15.83 -42.18 8.89
C PRO G 561 14.62 -41.67 9.64
N PHE G 562 14.55 -40.37 9.83
CA PHE G 562 13.30 -39.72 10.22
C PHE G 562 13.15 -38.37 9.56
N GLN G 563 14.09 -37.97 8.70
CA GLN G 563 14.07 -36.66 8.08
C GLN G 563 13.44 -36.77 6.69
N GLN G 564 12.55 -35.83 6.38
CA GLN G 564 11.79 -35.85 5.15
C GLN G 564 12.46 -35.08 4.02
N PHE G 565 12.78 -33.81 4.26
CA PHE G 565 13.38 -32.98 3.23
C PHE G 565 14.57 -32.23 3.79
N GLY G 566 15.43 -31.78 2.89
CA GLY G 566 16.62 -31.05 3.26
C GLY G 566 16.54 -29.60 2.80
N ARG G 567 17.22 -28.74 3.54
CA ARG G 567 17.21 -27.32 3.27
C ARG G 567 18.63 -26.82 3.06
N ASP G 568 18.75 -25.69 2.38
CA ASP G 568 20.03 -25.04 2.15
C ASP G 568 20.25 -23.96 3.18
N ILE G 569 21.44 -23.37 3.16
CA ILE G 569 21.69 -22.12 3.85
C ILE G 569 20.94 -21.06 3.06
N ALA G 570 20.29 -20.13 3.77
CA ALA G 570 19.29 -19.20 3.25
C ALA G 570 17.94 -19.90 3.13
N ASP G 571 17.84 -21.13 3.60
CA ASP G 571 16.58 -21.78 3.88
C ASP G 571 15.67 -21.99 2.66
N THR G 572 16.12 -22.75 1.68
CA THR G 572 15.27 -23.17 0.58
C THR G 572 15.34 -24.68 0.46
N THR G 573 14.17 -25.30 0.25
CA THR G 573 14.10 -26.75 0.08
C THR G 573 14.91 -27.18 -1.12
N ASP G 574 15.84 -28.10 -0.93
CA ASP G 574 16.65 -28.55 -2.04
C ASP G 574 16.75 -30.05 -2.17
N ALA G 575 16.22 -30.82 -1.23
CA ALA G 575 16.12 -32.26 -1.36
C ALA G 575 14.82 -32.72 -0.73
N VAL G 576 14.29 -33.83 -1.21
CA VAL G 576 13.13 -34.46 -0.60
C VAL G 576 13.37 -35.96 -0.54
N ARG G 577 12.50 -36.64 0.17
CA ARG G 577 12.47 -38.10 0.23
C ARG G 577 11.12 -38.56 -0.27
N ASP G 578 11.11 -39.51 -1.20
CA ASP G 578 9.85 -39.98 -1.75
C ASP G 578 9.16 -40.87 -0.74
N PRO G 579 7.94 -40.57 -0.33
CA PRO G 579 7.31 -41.34 0.74
C PRO G 579 7.19 -42.83 0.43
N GLN G 580 6.86 -43.17 -0.81
CA GLN G 580 6.58 -44.57 -1.12
C GLN G 580 7.86 -45.40 -1.20
N THR G 581 8.84 -44.96 -1.98
CA THR G 581 10.06 -45.75 -2.16
C THR G 581 11.18 -45.34 -1.21
N LEU G 582 11.07 -44.17 -0.57
CA LEU G 582 12.02 -43.70 0.45
C LEU G 582 13.41 -43.49 -0.12
N GLU G 583 13.50 -42.73 -1.21
CA GLU G 583 14.78 -42.36 -1.79
C GLU G 583 14.89 -40.85 -1.89
N ILE G 584 16.10 -40.36 -1.75
CA ILE G 584 16.38 -38.93 -1.69
C ILE G 584 16.53 -38.41 -3.11
N LEU G 585 15.90 -37.27 -3.39
CA LEU G 585 15.92 -36.65 -4.71
C LEU G 585 16.23 -35.18 -4.55
N ASP G 586 17.19 -34.68 -5.32
CA ASP G 586 17.48 -33.26 -5.32
C ASP G 586 16.50 -32.48 -6.18
N ILE G 587 16.31 -31.23 -5.81
CA ILE G 587 15.37 -30.33 -6.45
C ILE G 587 16.15 -29.15 -6.98
N THR G 588 16.37 -29.12 -8.27
CA THR G 588 17.02 -27.96 -8.83
C THR G 588 16.00 -27.10 -9.57
N PRO G 589 16.14 -25.78 -9.56
CA PRO G 589 15.19 -24.96 -10.32
C PRO G 589 15.34 -25.18 -11.81
N CYS G 590 14.26 -24.94 -12.54
CA CYS G 590 14.33 -25.00 -13.99
C CYS G 590 14.70 -23.64 -14.55
N SER G 591 15.26 -23.65 -15.75
CA SER G 591 16.13 -22.58 -16.22
C SER G 591 15.40 -21.27 -16.43
N PHE G 592 16.04 -20.19 -15.98
CA PHE G 592 15.62 -18.84 -16.28
C PHE G 592 16.87 -18.03 -16.59
N GLY G 593 16.67 -16.92 -17.29
CA GLY G 593 17.79 -16.05 -17.60
C GLY G 593 17.43 -14.94 -18.54
N GLY G 594 18.24 -13.89 -18.60
CA GLY G 594 17.95 -12.80 -19.50
C GLY G 594 18.25 -13.14 -20.95
N VAL G 595 17.65 -12.37 -21.83
CA VAL G 595 17.90 -12.49 -23.26
C VAL G 595 18.41 -11.15 -23.76
N SER G 596 19.54 -11.18 -24.45
CA SER G 596 20.14 -9.96 -24.99
C SER G 596 20.23 -10.07 -26.50
N VAL G 597 20.13 -8.93 -27.16
CA VAL G 597 20.18 -8.86 -28.62
C VAL G 597 21.39 -8.04 -29.03
N ILE G 598 22.21 -8.62 -29.89
CA ILE G 598 23.43 -8.01 -30.39
C ILE G 598 23.17 -7.57 -31.82
N THR G 599 23.29 -6.28 -32.07
CA THR G 599 23.04 -5.71 -33.38
C THR G 599 24.17 -4.80 -33.82
N PRO G 600 24.59 -4.89 -35.08
CA PRO G 600 25.58 -3.93 -35.61
C PRO G 600 25.02 -2.52 -35.81
N GLY G 601 23.74 -2.29 -35.60
CA GLY G 601 23.12 -0.99 -35.82
C GLY G 601 22.29 -1.06 -37.07
N THR G 602 21.08 -0.50 -37.00
CA THR G 602 20.12 -0.61 -38.10
C THR G 602 20.56 0.17 -39.32
N ASN G 603 21.55 1.04 -39.16
CA ASN G 603 22.15 1.82 -40.24
C ASN G 603 23.29 1.07 -40.91
N THR G 604 23.44 -0.21 -40.57
CA THR G 604 24.49 -1.03 -41.14
C THR G 604 23.87 -2.31 -41.69
N SER G 605 22.90 -2.84 -40.97
CA SER G 605 22.31 -4.13 -41.28
C SER G 605 21.14 -4.34 -40.34
N ASN G 606 20.32 -5.34 -40.65
CA ASN G 606 19.20 -5.72 -39.81
C ASN G 606 19.37 -7.14 -39.28
N GLN G 607 20.52 -7.75 -39.49
CA GLN G 607 20.83 -9.03 -38.87
C GLN G 607 21.05 -8.84 -37.37
N VAL G 608 20.94 -9.93 -36.64
CA VAL G 608 20.91 -9.88 -35.18
C VAL G 608 21.44 -11.20 -34.65
N ALA G 609 22.08 -11.14 -33.48
CA ALA G 609 22.46 -12.33 -32.74
C ALA G 609 21.84 -12.25 -31.35
N VAL G 610 21.70 -13.40 -30.70
CA VAL G 610 20.93 -13.48 -29.46
C VAL G 610 21.72 -14.25 -28.41
N LEU G 611 21.83 -13.67 -27.23
CA LEU G 611 22.51 -14.30 -26.10
C LEU G 611 21.47 -14.71 -25.07
N TYR G 612 21.44 -15.99 -24.73
CA TYR G 612 20.66 -16.50 -23.61
C TYR G 612 21.62 -16.62 -22.44
N GLN G 613 21.43 -15.80 -21.42
CA GLN G 613 22.46 -15.62 -20.43
C GLN G 613 22.47 -16.79 -19.46
N ASP G 614 23.66 -17.32 -19.22
CA ASP G 614 23.97 -18.50 -18.41
C ASP G 614 22.90 -19.58 -18.50
N VAL G 615 22.52 -19.87 -19.73
CA VAL G 615 21.65 -21.00 -20.03
C VAL G 615 22.44 -21.99 -20.86
N ASN G 616 22.30 -23.26 -20.50
CA ASN G 616 22.96 -24.29 -21.30
C ASN G 616 22.31 -24.37 -22.67
N CYS G 617 23.14 -24.41 -23.70
CA CYS G 617 22.66 -24.12 -25.04
C CYS G 617 21.90 -25.29 -25.64
N THR G 618 21.54 -26.29 -24.84
CA THR G 618 20.80 -27.46 -25.31
C THR G 618 19.32 -27.37 -24.94
N GLU G 619 18.98 -26.35 -24.16
CA GLU G 619 17.61 -26.20 -23.68
C GLU G 619 17.06 -24.83 -24.03
N VAL G 620 17.46 -24.31 -25.18
CA VAL G 620 17.07 -22.96 -25.60
C VAL G 620 15.64 -22.94 -26.10
N PRO G 621 15.24 -23.79 -27.06
CA PRO G 621 13.85 -23.66 -27.48
C PRO G 621 12.93 -24.66 -26.78
N SER G 640 22.67 -23.81 -38.65
CA SER G 640 22.84 -22.52 -37.98
C SER G 640 24.03 -22.51 -37.04
N ASN G 641 24.18 -21.42 -36.29
CA ASN G 641 25.32 -21.21 -35.43
C ASN G 641 24.86 -21.18 -33.97
N VAL G 642 25.10 -22.26 -33.25
CA VAL G 642 24.94 -22.26 -31.81
C VAL G 642 26.31 -22.42 -31.20
N PHE G 643 26.66 -21.52 -30.30
CA PHE G 643 28.00 -21.43 -29.76
C PHE G 643 27.85 -21.24 -28.25
N GLN G 644 28.59 -22.03 -27.48
CA GLN G 644 28.50 -21.99 -26.04
C GLN G 644 29.59 -21.13 -25.46
N THR G 645 29.21 -20.26 -24.54
CA THR G 645 30.11 -19.32 -23.91
C THR G 645 30.02 -19.51 -22.41
N ARG G 646 31.04 -19.05 -21.70
CA ARG G 646 30.97 -18.93 -20.26
C ARG G 646 29.90 -17.95 -19.82
N ALA G 647 29.34 -17.16 -20.75
CA ALA G 647 28.33 -16.17 -20.44
C ALA G 647 26.94 -16.57 -20.91
N GLY G 648 26.80 -17.74 -21.52
CA GLY G 648 25.51 -18.20 -22.01
C GLY G 648 25.62 -18.79 -23.40
N CYS G 649 24.45 -18.98 -24.02
CA CYS G 649 24.38 -19.56 -25.36
C CYS G 649 24.12 -18.49 -26.40
N LEU G 650 24.99 -18.42 -27.39
CA LEU G 650 24.95 -17.42 -28.44
C LEU G 650 24.42 -18.03 -29.72
N ILE G 651 23.42 -17.40 -30.34
CA ILE G 651 22.81 -17.91 -31.55
C ILE G 651 22.86 -16.82 -32.61
N GLY G 652 23.34 -17.16 -33.79
CA GLY G 652 23.36 -16.24 -34.91
C GLY G 652 24.69 -15.59 -35.19
N ALA G 653 25.76 -16.01 -34.53
CA ALA G 653 27.11 -15.54 -34.80
C ALA G 653 28.00 -16.76 -34.94
N GLU G 654 28.97 -16.68 -35.84
CA GLU G 654 29.92 -17.76 -36.02
C GLU G 654 31.20 -17.48 -35.24
N HIS G 655 31.80 -18.54 -34.73
CA HIS G 655 33.01 -18.46 -33.95
C HIS G 655 34.22 -18.59 -34.86
N VAL G 656 35.11 -17.60 -34.82
CA VAL G 656 36.33 -17.62 -35.60
C VAL G 656 37.52 -17.84 -34.67
N ASN G 657 38.70 -18.03 -35.27
CA ASN G 657 39.91 -18.31 -34.51
C ASN G 657 40.86 -17.12 -34.44
N ASN G 658 40.63 -16.09 -35.24
CA ASN G 658 41.39 -14.86 -35.17
C ASN G 658 41.16 -14.16 -33.83
N SER G 659 41.84 -13.04 -33.59
CA SER G 659 41.58 -12.23 -32.42
C SER G 659 41.76 -10.78 -32.78
N TYR G 660 40.73 -9.98 -32.56
CA TYR G 660 40.72 -8.58 -32.90
C TYR G 660 40.60 -7.75 -31.63
N GLU G 661 40.55 -6.44 -31.80
CA GLU G 661 40.20 -5.55 -30.71
C GLU G 661 38.72 -5.64 -30.44
N CYS G 662 38.34 -5.49 -29.17
CA CYS G 662 36.97 -5.75 -28.79
C CYS G 662 36.04 -4.71 -29.40
N ASP G 663 34.88 -5.17 -29.86
CA ASP G 663 33.92 -4.31 -30.52
C ASP G 663 32.63 -4.19 -29.71
N ILE G 664 31.96 -5.31 -29.53
CA ILE G 664 30.74 -5.40 -28.73
C ILE G 664 31.05 -6.43 -27.65
N PRO G 665 31.03 -6.07 -26.39
CA PRO G 665 31.47 -6.99 -25.35
C PRO G 665 30.41 -8.00 -24.97
N ILE G 666 30.70 -9.28 -25.13
CA ILE G 666 29.80 -10.33 -24.69
C ILE G 666 30.07 -10.71 -23.26
N GLY G 667 31.30 -11.08 -22.95
CA GLY G 667 31.67 -11.38 -21.59
C GLY G 667 32.67 -12.51 -21.52
N ALA G 668 33.32 -12.62 -20.37
CA ALA G 668 34.33 -13.65 -20.11
C ALA G 668 35.38 -13.72 -21.21
N GLY G 669 35.77 -12.56 -21.72
CA GLY G 669 36.79 -12.49 -22.74
C GLY G 669 36.30 -12.56 -24.17
N ILE G 670 35.00 -12.71 -24.39
CA ILE G 670 34.43 -12.88 -25.72
C ILE G 670 33.81 -11.57 -26.17
N CYS G 671 34.14 -11.17 -27.41
CA CYS G 671 33.45 -10.05 -28.07
C CYS G 671 32.86 -10.47 -29.41
N ALA G 672 32.05 -9.59 -29.99
CA ALA G 672 31.39 -9.85 -31.25
C ALA G 672 31.60 -8.67 -32.18
N SER G 673 31.52 -8.93 -33.47
CA SER G 673 31.63 -7.85 -34.44
C SER G 673 30.87 -8.23 -35.71
N TYR G 674 30.59 -7.23 -36.53
CA TYR G 674 29.93 -7.44 -37.82
C TYR G 674 30.98 -7.38 -38.92
N GLN G 675 31.68 -8.48 -39.12
CA GLN G 675 32.82 -8.37 -40.03
C GLN G 675 32.85 -9.40 -41.13
N THR G 676 32.71 -10.66 -40.76
CA THR G 676 33.07 -11.77 -41.63
C THR G 676 31.89 -12.69 -41.90
N GLN G 690 29.37 -8.77 -43.49
CA GLN G 690 28.81 -9.95 -44.13
C GLN G 690 28.01 -10.77 -43.12
N SER G 691 28.56 -10.93 -41.93
CA SER G 691 27.85 -11.60 -40.85
C SER G 691 28.51 -11.24 -39.51
N ILE G 692 27.90 -11.73 -38.44
CA ILE G 692 28.36 -11.53 -37.09
C ILE G 692 29.35 -12.64 -36.75
N ILE G 693 30.47 -12.24 -36.17
CA ILE G 693 31.47 -13.17 -35.68
C ILE G 693 31.67 -12.93 -34.20
N ALA G 694 32.03 -13.99 -33.50
CA ALA G 694 32.40 -13.93 -32.10
C ALA G 694 33.81 -14.46 -31.94
N TYR G 695 34.62 -13.78 -31.14
CA TYR G 695 36.02 -14.11 -31.05
C TYR G 695 36.53 -13.79 -29.65
N THR G 696 37.71 -14.33 -29.33
CA THR G 696 38.44 -13.95 -28.12
C THR G 696 39.24 -12.69 -28.37
N MET G 697 39.09 -11.70 -27.51
CA MET G 697 39.64 -10.40 -27.80
C MET G 697 41.16 -10.38 -27.65
N SER G 698 41.78 -9.46 -28.35
CA SER G 698 43.22 -9.22 -28.28
C SER G 698 43.47 -8.04 -27.37
N LEU G 699 44.49 -8.16 -26.53
CA LEU G 699 44.84 -7.07 -25.64
C LEU G 699 45.76 -6.05 -26.29
N GLY G 700 46.35 -6.39 -27.42
CA GLY G 700 47.29 -5.49 -28.06
C GLY G 700 48.29 -6.28 -28.88
N ALA G 701 49.27 -5.57 -29.40
CA ALA G 701 50.30 -6.14 -30.25
C ALA G 701 51.54 -6.42 -29.42
N GLU G 702 52.08 -7.63 -29.54
CA GLU G 702 53.25 -8.00 -28.77
C GLU G 702 54.49 -7.29 -29.28
N ASN G 703 55.43 -7.04 -28.39
CA ASN G 703 56.60 -6.24 -28.68
C ASN G 703 57.66 -6.58 -27.63
N SER G 704 58.71 -7.28 -28.04
CA SER G 704 59.83 -7.53 -27.17
C SER G 704 60.87 -6.45 -27.38
N VAL G 705 61.31 -5.85 -26.30
CA VAL G 705 62.23 -4.71 -26.34
C VAL G 705 63.64 -5.24 -26.43
N ALA G 706 64.47 -4.56 -27.23
CA ALA G 706 65.84 -5.00 -27.49
C ALA G 706 66.75 -4.65 -26.33
N TYR G 707 66.58 -5.38 -25.24
CA TYR G 707 67.32 -5.11 -24.02
C TYR G 707 68.66 -5.84 -24.02
N SER G 708 69.74 -5.10 -23.88
CA SER G 708 71.02 -5.67 -23.50
C SER G 708 71.57 -4.82 -22.36
N ASN G 709 72.74 -5.19 -21.87
CA ASN G 709 73.29 -4.51 -20.71
C ASN G 709 74.26 -3.40 -21.09
N ASN G 710 74.40 -3.09 -22.37
CA ASN G 710 75.12 -1.89 -22.77
C ASN G 710 74.50 -1.22 -23.98
N SER G 711 73.19 -1.33 -24.15
CA SER G 711 72.51 -0.70 -25.26
C SER G 711 71.53 0.35 -24.77
N ILE G 712 71.42 1.44 -25.52
CA ILE G 712 70.53 2.54 -25.18
C ILE G 712 69.91 3.07 -26.48
N ALA G 713 68.69 3.57 -26.36
CA ALA G 713 68.02 4.23 -27.45
C ALA G 713 67.76 5.67 -27.04
N ILE G 714 68.03 6.61 -27.94
CA ILE G 714 67.91 8.03 -27.67
C ILE G 714 67.12 8.66 -28.81
N PRO G 715 66.18 9.55 -28.52
CA PRO G 715 65.37 10.14 -29.60
C PRO G 715 66.11 11.25 -30.32
N THR G 716 65.84 11.37 -31.62
CA THR G 716 66.45 12.40 -32.42
C THR G 716 65.48 13.49 -32.87
N ASN G 717 64.19 13.35 -32.58
CA ASN G 717 63.21 14.34 -33.00
C ASN G 717 62.10 14.37 -31.95
N PHE G 718 61.08 15.16 -32.20
CA PHE G 718 59.93 15.21 -31.31
C PHE G 718 58.69 15.60 -32.11
N THR G 719 57.54 15.38 -31.50
CA THR G 719 56.29 15.93 -31.98
C THR G 719 55.60 16.69 -30.85
N ILE G 720 54.98 17.79 -31.23
CA ILE G 720 54.10 18.53 -30.34
C ILE G 720 52.69 18.00 -30.54
N SER G 721 52.10 17.45 -29.49
CA SER G 721 50.75 16.93 -29.60
C SER G 721 49.82 17.67 -28.66
N VAL G 722 48.55 17.74 -29.02
CA VAL G 722 47.55 18.38 -28.18
C VAL G 722 46.29 17.52 -28.17
N THR G 723 45.79 17.21 -26.98
CA THR G 723 44.62 16.37 -26.80
C THR G 723 43.59 17.08 -25.96
N THR G 724 42.38 16.53 -25.93
CA THR G 724 41.30 17.11 -25.14
C THR G 724 40.92 16.24 -23.95
N GLU G 725 40.34 16.88 -22.95
CA GLU G 725 39.76 16.18 -21.81
C GLU G 725 38.49 16.90 -21.39
N ILE G 726 37.39 16.18 -21.29
CA ILE G 726 36.07 16.76 -21.03
C ILE G 726 35.61 16.37 -19.64
N LEU G 727 35.12 17.34 -18.87
CA LEU G 727 34.68 17.04 -17.51
C LEU G 727 33.38 17.77 -17.18
N PRO G 728 32.40 17.06 -16.62
CA PRO G 728 31.20 17.72 -16.08
C PRO G 728 31.48 18.46 -14.77
N VAL G 729 30.93 19.66 -14.66
CA VAL G 729 31.09 20.38 -13.39
C VAL G 729 29.74 20.57 -12.71
N SER G 730 28.66 20.77 -13.46
CA SER G 730 27.37 21.02 -12.83
C SER G 730 26.28 20.16 -13.45
N MET G 731 25.11 20.19 -12.81
CA MET G 731 23.88 19.65 -13.34
C MET G 731 22.78 20.66 -13.07
N THR G 732 21.56 20.34 -13.50
CA THR G 732 20.48 21.31 -13.43
C THR G 732 19.84 21.37 -12.05
N LYS G 733 19.56 22.59 -11.62
CA LYS G 733 18.90 22.82 -10.35
C LYS G 733 17.40 22.74 -10.52
N THR G 734 16.79 21.76 -9.87
CA THR G 734 15.36 21.56 -9.95
C THR G 734 14.76 21.74 -8.57
N SER G 735 13.51 22.19 -8.54
CA SER G 735 12.76 22.28 -7.31
C SER G 735 11.43 21.59 -7.52
N VAL G 736 10.92 20.97 -6.46
CA VAL G 736 9.59 20.40 -6.47
C VAL G 736 8.80 21.06 -5.35
N ASP G 737 7.49 21.07 -5.53
CA ASP G 737 6.55 21.49 -4.50
C ASP G 737 5.75 20.26 -4.13
N CYS G 738 6.20 19.58 -3.06
CA CYS G 738 5.54 18.36 -2.57
C CYS G 738 4.02 18.41 -2.63
N THR G 739 3.42 19.45 -2.07
CA THR G 739 1.97 19.49 -1.98
C THR G 739 1.32 19.55 -3.35
N MET G 740 1.90 20.32 -4.27
CA MET G 740 1.29 20.47 -5.57
C MET G 740 1.52 19.23 -6.43
N TYR G 741 2.50 18.41 -6.08
CA TYR G 741 2.73 17.17 -6.83
C TYR G 741 1.84 16.06 -6.31
N ILE G 742 1.73 15.93 -4.99
CA ILE G 742 0.98 14.83 -4.41
C ILE G 742 -0.51 15.08 -4.50
N CYS G 743 -0.94 16.32 -4.27
CA CYS G 743 -2.37 16.61 -4.18
C CYS G 743 -2.88 17.41 -5.37
N GLY G 744 -2.11 18.37 -5.83
CA GLY G 744 -2.52 19.14 -6.98
C GLY G 744 -3.69 20.05 -6.68
N ASP G 745 -3.57 20.85 -5.61
CA ASP G 745 -4.55 21.88 -5.27
C ASP G 745 -5.94 21.29 -5.06
N SER G 746 -6.05 20.47 -4.01
CA SER G 746 -7.32 19.92 -3.57
C SER G 746 -7.26 19.76 -2.06
N THR G 747 -8.18 20.41 -1.36
CA THR G 747 -8.09 20.51 0.10
C THR G 747 -8.31 19.17 0.79
N GLU G 748 -8.99 18.24 0.14
CA GLU G 748 -9.20 16.94 0.76
C GLU G 748 -7.89 16.18 0.90
N CYS G 749 -7.12 16.07 -0.20
CA CYS G 749 -5.83 15.41 -0.14
C CYS G 749 -4.87 16.16 0.76
N SER G 750 -4.94 17.49 0.76
CA SER G 750 -3.97 18.28 1.50
C SER G 750 -4.14 18.14 3.00
N ASN G 751 -5.35 17.82 3.47
CA ASN G 751 -5.54 17.65 4.90
C ASN G 751 -5.10 16.27 5.35
N LEU G 752 -5.32 15.25 4.54
CA LEU G 752 -4.79 13.93 4.81
C LEU G 752 -3.27 13.91 4.85
N LEU G 753 -2.62 14.74 4.04
CA LEU G 753 -1.18 14.81 3.96
C LEU G 753 -0.53 15.32 5.24
N LEU G 754 -1.20 16.22 5.95
CA LEU G 754 -0.73 16.71 7.22
C LEU G 754 -0.46 15.61 8.23
N GLN G 755 -1.09 14.45 8.08
CA GLN G 755 -0.89 13.35 9.00
C GLN G 755 0.45 12.66 8.80
N TYR G 756 1.22 13.03 7.80
CA TYR G 756 2.48 12.36 7.54
C TYR G 756 3.66 13.12 8.12
N GLY G 757 3.43 14.21 8.77
CA GLY G 757 4.48 14.87 9.53
C GLY G 757 5.21 15.90 8.69
N SER G 758 6.51 15.73 8.54
CA SER G 758 7.36 16.72 7.90
C SER G 758 8.20 16.13 6.78
N PHE G 759 7.70 15.08 6.12
CA PHE G 759 8.47 14.48 5.03
C PHE G 759 8.74 15.47 3.92
N CYS G 760 7.80 16.39 3.70
CA CYS G 760 7.90 17.28 2.56
C CYS G 760 8.66 18.55 2.85
N THR G 761 9.05 18.77 4.10
CA THR G 761 10.02 19.80 4.37
C THR G 761 11.44 19.25 4.24
N GLN G 762 11.63 17.98 4.58
CA GLN G 762 12.90 17.32 4.35
C GLN G 762 13.22 17.21 2.88
N LEU G 763 12.26 16.81 2.05
CA LEU G 763 12.56 16.69 0.63
C LEU G 763 13.01 18.01 0.02
N ASN G 764 12.34 19.11 0.38
CA ASN G 764 12.73 20.42 -0.11
C ASN G 764 14.08 20.85 0.42
N ARG G 765 14.37 20.57 1.69
CA ARG G 765 15.69 20.88 2.22
C ARG G 765 16.78 20.16 1.42
N ALA G 766 16.55 18.89 1.08
CA ALA G 766 17.54 18.14 0.33
C ALA G 766 17.76 18.73 -1.06
N LEU G 767 16.67 19.04 -1.76
CA LEU G 767 16.82 19.60 -3.10
C LEU G 767 17.45 20.99 -3.09
N THR G 768 17.19 21.79 -2.07
CA THR G 768 17.83 23.08 -1.97
C THR G 768 19.32 22.96 -1.68
N GLY G 769 19.68 22.04 -0.80
CA GLY G 769 21.07 21.78 -0.54
C GLY G 769 21.85 21.32 -1.75
N ILE G 770 21.21 20.56 -2.66
CA ILE G 770 21.94 20.20 -3.86
C ILE G 770 21.84 21.24 -4.97
N ALA G 771 20.90 22.16 -4.91
CA ALA G 771 20.91 23.23 -5.90
C ALA G 771 21.87 24.36 -5.55
N VAL G 772 22.25 24.51 -4.29
CA VAL G 772 23.24 25.52 -3.95
C VAL G 772 24.66 25.04 -4.30
N GLU G 773 24.94 23.77 -4.10
CA GLU G 773 26.26 23.28 -4.41
C GLU G 773 26.53 23.18 -5.90
N GLN G 774 25.53 23.29 -6.77
CA GLN G 774 25.82 23.34 -8.19
C GLN G 774 26.48 24.64 -8.59
N ASP G 775 26.11 25.74 -7.95
CA ASP G 775 26.79 27.00 -8.15
C ASP G 775 28.13 27.06 -7.44
N LYS G 776 28.22 26.42 -6.28
CA LYS G 776 29.54 26.29 -5.67
C LYS G 776 30.50 25.48 -6.54
N ASN G 777 30.00 24.49 -7.27
CA ASN G 777 30.87 23.69 -8.14
C ASN G 777 31.50 24.54 -9.23
N THR G 778 30.71 25.41 -9.87
CA THR G 778 31.23 26.25 -10.95
C THR G 778 32.16 27.33 -10.45
N GLN G 779 31.84 27.90 -9.29
CA GLN G 779 32.66 28.97 -8.77
C GLN G 779 34.08 28.52 -8.51
N GLU G 780 34.29 27.27 -8.12
CA GLU G 780 35.63 26.82 -7.77
C GLU G 780 36.42 26.30 -8.95
N VAL G 781 35.79 26.04 -10.09
CA VAL G 781 36.54 25.70 -11.28
C VAL G 781 36.94 26.97 -12.04
N PHE G 782 36.06 27.96 -12.07
CA PHE G 782 36.31 29.03 -13.03
C PHE G 782 36.80 30.33 -12.41
N ALA G 783 36.41 30.66 -11.18
CA ALA G 783 36.87 31.90 -10.55
C ALA G 783 38.22 31.64 -9.91
N GLN G 784 39.22 31.39 -10.74
CA GLN G 784 40.59 31.15 -10.29
C GLN G 784 41.49 32.32 -10.66
N VAL G 785 40.90 33.49 -10.86
CA VAL G 785 41.61 34.71 -11.17
C VAL G 785 41.01 35.81 -10.32
N LYS G 786 41.85 36.80 -10.01
CA LYS G 786 41.37 38.03 -9.40
C LYS G 786 41.08 39.11 -10.44
N GLN G 787 42.00 39.32 -11.37
CA GLN G 787 41.82 40.27 -12.44
C GLN G 787 41.24 39.59 -13.67
N ILE G 788 40.58 40.38 -14.50
CA ILE G 788 40.18 39.95 -15.82
C ILE G 788 41.25 40.45 -16.78
N TYR G 789 42.11 39.56 -17.23
CA TYR G 789 43.21 39.94 -18.09
C TYR G 789 42.75 39.97 -19.54
N LYS G 790 43.25 40.95 -20.27
CA LYS G 790 42.99 41.08 -21.69
C LYS G 790 44.28 40.89 -22.46
N THR G 791 44.16 40.40 -23.67
CA THR G 791 45.33 40.15 -24.50
C THR G 791 45.65 41.39 -25.33
N PRO G 792 46.90 41.53 -25.79
CA PRO G 792 47.27 42.76 -26.50
C PRO G 792 46.65 42.81 -27.88
N PRO G 793 46.46 44.01 -28.42
CA PRO G 793 45.87 44.11 -29.77
C PRO G 793 46.75 43.52 -30.86
N ILE G 794 48.06 43.80 -30.86
CA ILE G 794 48.97 43.24 -31.83
C ILE G 794 49.57 41.96 -31.25
N LYS G 795 49.28 40.83 -31.89
CA LYS G 795 49.48 39.51 -31.33
C LYS G 795 50.60 38.79 -32.07
N ASP G 796 51.83 38.98 -31.64
CA ASP G 796 52.95 38.24 -32.21
C ASP G 796 53.57 37.39 -31.10
N PHE G 797 53.24 36.11 -31.11
CA PHE G 797 53.65 35.19 -30.07
C PHE G 797 54.71 34.21 -30.56
N GLY G 798 55.59 34.67 -31.43
CA GLY G 798 56.70 33.86 -31.90
C GLY G 798 56.38 32.86 -32.98
N GLY G 799 55.29 33.04 -33.70
CA GLY G 799 54.86 32.08 -34.68
C GLY G 799 53.70 31.23 -34.25
N PHE G 800 53.39 31.20 -32.97
CA PHE G 800 52.25 30.47 -32.45
C PHE G 800 50.98 31.27 -32.70
N ASN G 801 49.90 30.57 -33.01
CA ASN G 801 48.67 31.17 -33.47
C ASN G 801 47.53 30.63 -32.60
N PHE G 802 46.94 31.51 -31.80
CA PHE G 802 45.89 31.12 -30.87
C PHE G 802 44.52 31.62 -31.29
N SER G 803 44.30 31.81 -32.59
CA SER G 803 43.12 32.54 -33.02
C SER G 803 41.84 31.72 -32.90
N GLN G 804 41.91 30.40 -32.92
CA GLN G 804 40.74 29.56 -32.78
C GLN G 804 40.32 29.33 -31.35
N ILE G 805 41.09 29.80 -30.36
CA ILE G 805 40.72 29.67 -28.96
C ILE G 805 40.65 31.00 -28.25
N LEU G 806 40.88 32.02 -28.88
CA LEU G 806 40.70 33.33 -28.30
C LEU G 806 39.32 33.87 -28.61
N PRO G 807 38.77 34.75 -27.78
CA PRO G 807 37.39 35.19 -27.99
C PRO G 807 37.20 35.89 -29.32
N ASP G 808 35.99 35.76 -29.84
CA ASP G 808 35.60 36.29 -31.14
C ASP G 808 34.45 37.27 -30.96
N PRO G 809 34.63 38.56 -31.25
CA PRO G 809 33.57 39.54 -30.95
C PRO G 809 32.32 39.38 -31.81
N SER G 810 32.49 39.00 -33.08
CA SER G 810 31.35 38.83 -33.98
C SER G 810 30.55 37.55 -33.72
N LYS G 811 30.89 36.79 -32.68
CA LYS G 811 30.23 35.52 -32.38
C LYS G 811 29.21 35.71 -31.26
N PRO G 812 28.37 34.68 -30.99
CA PRO G 812 27.41 34.81 -29.88
C PRO G 812 28.07 34.63 -28.52
N SER G 813 27.79 35.56 -27.61
CA SER G 813 28.28 35.63 -26.24
C SER G 813 29.78 35.89 -26.18
N LYS G 814 30.41 36.33 -27.27
CA LYS G 814 31.85 36.61 -27.31
C LYS G 814 32.65 35.34 -27.02
N ARG G 815 32.23 34.22 -27.57
CA ARG G 815 32.92 32.97 -27.39
C ARG G 815 34.03 32.80 -28.41
N SER G 816 34.93 31.89 -28.13
CA SER G 816 35.94 31.48 -29.08
C SER G 816 35.32 30.60 -30.16
N PHE G 817 36.09 30.36 -31.22
CA PHE G 817 35.59 29.55 -32.32
C PHE G 817 35.35 28.11 -31.88
N ILE G 818 36.16 27.59 -30.97
CA ILE G 818 36.02 26.21 -30.54
C ILE G 818 34.99 26.10 -29.42
N GLU G 819 34.76 27.18 -28.67
CA GLU G 819 33.68 27.16 -27.69
C GLU G 819 32.31 27.13 -28.34
N ASP G 820 32.20 27.53 -29.60
CA ASP G 820 30.95 27.43 -30.34
C ASP G 820 30.66 26.03 -30.80
N LEU G 821 31.63 25.35 -31.41
CA LEU G 821 31.42 23.96 -31.80
C LEU G 821 30.97 23.11 -30.63
N LEU G 822 31.36 23.48 -29.42
CA LEU G 822 30.96 22.72 -28.24
C LEU G 822 29.54 23.01 -27.82
N PHE G 823 29.09 24.26 -27.94
CA PHE G 823 27.72 24.59 -27.57
C PHE G 823 26.72 24.21 -28.64
N ASN G 824 27.18 23.79 -29.81
CA ASN G 824 26.31 23.29 -30.85
C ASN G 824 26.19 21.78 -30.84
N LYS G 825 27.13 21.08 -30.22
CA LYS G 825 27.10 19.62 -30.27
C LYS G 825 26.27 19.04 -29.14
N VAL G 826 26.27 19.70 -27.98
CA VAL G 826 25.45 19.24 -26.87
C VAL G 826 24.54 20.35 -26.37
N PHE G 855 5.67 22.05 -14.62
CA PHE G 855 4.46 21.50 -15.19
C PHE G 855 3.42 21.22 -14.11
N ASN G 856 3.81 20.52 -13.05
CA ASN G 856 2.96 20.43 -11.88
C ASN G 856 3.78 20.33 -10.61
N GLY G 857 4.15 21.47 -10.05
CA GLY G 857 5.02 21.52 -8.91
C GLY G 857 6.48 21.34 -9.21
N LEU G 858 6.89 21.31 -10.47
CA LEU G 858 8.27 21.11 -10.87
C LEU G 858 8.80 22.36 -11.54
N THR G 859 9.92 22.88 -11.05
CA THR G 859 10.53 24.04 -11.66
C THR G 859 12.04 23.84 -11.80
N VAL G 860 12.63 24.64 -12.68
CA VAL G 860 14.05 24.63 -12.95
C VAL G 860 14.60 26.01 -12.64
N LEU G 861 15.57 26.08 -11.77
CA LEU G 861 16.18 27.33 -11.38
C LEU G 861 17.38 27.64 -12.25
N PRO G 862 17.61 28.89 -12.59
CA PRO G 862 18.73 29.24 -13.44
C PRO G 862 20.03 29.27 -12.67
N PRO G 863 21.15 29.01 -13.31
CA PRO G 863 22.45 29.12 -12.63
C PRO G 863 22.85 30.56 -12.39
N LEU G 864 23.65 30.76 -11.35
CA LEU G 864 24.01 32.10 -10.93
C LEU G 864 24.92 32.78 -11.94
N LEU G 865 25.91 32.06 -12.46
CA LEU G 865 26.75 32.55 -13.53
C LEU G 865 26.14 32.21 -14.87
N THR G 866 25.98 33.21 -15.71
CA THR G 866 25.50 32.99 -17.07
C THR G 866 26.60 32.34 -17.90
N ASP G 867 26.31 32.00 -19.14
CA ASP G 867 27.35 31.46 -20.01
C ASP G 867 28.32 32.53 -20.47
N GLU G 868 27.85 33.76 -20.55
CA GLU G 868 28.71 34.88 -20.90
C GLU G 868 29.77 35.11 -19.84
N MET G 869 29.39 35.04 -18.58
CA MET G 869 30.33 35.20 -17.48
C MET G 869 31.38 34.10 -17.47
N ILE G 870 31.00 32.86 -17.75
CA ILE G 870 31.97 31.79 -17.74
C ILE G 870 32.91 31.88 -18.94
N ALA G 871 32.42 32.33 -20.09
CA ALA G 871 33.33 32.55 -21.19
C ALA G 871 34.29 33.70 -20.92
N GLN G 872 33.84 34.73 -20.21
CA GLN G 872 34.72 35.76 -19.72
C GLN G 872 35.82 35.23 -18.79
N TYR G 873 35.47 34.34 -17.87
CA TYR G 873 36.45 33.74 -16.98
C TYR G 873 37.50 32.94 -17.75
N THR G 874 37.08 32.13 -18.72
CA THR G 874 38.08 31.36 -19.44
C THR G 874 38.93 32.24 -20.34
N SER G 875 38.41 33.33 -20.89
CA SER G 875 39.29 34.20 -21.66
C SER G 875 40.27 34.96 -20.76
N ALA G 876 39.90 35.28 -19.53
CA ALA G 876 40.90 35.84 -18.63
C ALA G 876 41.98 34.83 -18.24
N LEU G 877 41.63 33.57 -18.02
CA LEU G 877 42.67 32.57 -17.76
C LEU G 877 43.60 32.41 -18.96
N LEU G 878 43.02 32.38 -20.15
CA LEU G 878 43.79 32.15 -21.35
C LEU G 878 44.66 33.33 -21.72
N ALA G 879 44.24 34.55 -21.45
CA ALA G 879 45.10 35.69 -21.70
C ALA G 879 46.18 35.84 -20.63
N GLY G 880 45.93 35.37 -19.42
CA GLY G 880 46.95 35.33 -18.39
C GLY G 880 48.05 34.37 -18.71
N THR G 881 47.71 33.19 -19.25
CA THR G 881 48.76 32.22 -19.52
C THR G 881 49.52 32.51 -20.81
N ILE G 882 48.89 33.04 -21.85
CA ILE G 882 49.60 33.35 -23.09
C ILE G 882 50.63 34.45 -22.86
N THR G 883 50.49 35.20 -21.78
CA THR G 883 51.14 36.49 -21.70
C THR G 883 52.06 36.60 -20.49
N SER G 884 51.81 35.81 -19.44
CA SER G 884 52.60 35.87 -18.23
C SER G 884 53.14 34.53 -17.79
N GLY G 885 52.88 33.47 -18.54
CA GLY G 885 53.20 32.14 -18.05
C GLY G 885 52.45 31.80 -16.78
N TRP G 886 53.16 31.19 -15.85
CA TRP G 886 52.60 30.72 -14.58
C TRP G 886 52.75 31.75 -13.46
N THR G 887 53.13 32.98 -13.77
CA THR G 887 53.36 33.94 -12.72
C THR G 887 52.08 34.53 -12.15
N PHE G 888 50.99 34.54 -12.92
CA PHE G 888 49.78 35.18 -12.43
C PHE G 888 49.03 34.29 -11.45
N GLY G 889 49.32 33.01 -11.43
CA GLY G 889 48.71 32.13 -10.46
C GLY G 889 49.44 32.08 -9.14
N ALA G 890 50.49 32.88 -9.00
CA ALA G 890 51.24 32.97 -7.75
C ALA G 890 51.31 34.38 -7.21
N GLY G 891 50.79 35.37 -7.92
CA GLY G 891 50.93 36.76 -7.51
C GLY G 891 50.51 37.66 -8.63
N ALA G 892 51.20 38.79 -8.75
CA ALA G 892 50.98 39.68 -9.88
C ALA G 892 51.52 39.06 -11.16
N ALA G 893 50.81 39.29 -12.26
CA ALA G 893 51.23 38.82 -13.56
C ALA G 893 52.44 39.58 -14.05
N LEU G 894 53.48 38.86 -14.43
CA LEU G 894 54.69 39.45 -15.01
C LEU G 894 54.84 38.96 -16.44
N GLN G 895 54.88 39.89 -17.38
CA GLN G 895 54.96 39.51 -18.77
C GLN G 895 56.34 38.98 -19.12
N ILE G 896 56.36 38.11 -20.13
CA ILE G 896 57.56 37.48 -20.66
C ILE G 896 57.24 37.17 -22.12
N PRO G 897 58.19 37.28 -23.05
CA PRO G 897 57.90 36.91 -24.44
C PRO G 897 57.57 35.42 -24.54
N PHE G 898 56.71 35.07 -25.50
CA PHE G 898 56.13 33.74 -25.49
C PHE G 898 57.16 32.64 -25.77
N ALA G 899 58.15 32.89 -26.61
CA ALA G 899 59.13 31.87 -26.89
C ALA G 899 60.08 31.64 -25.73
N MET G 900 60.32 32.66 -24.91
CA MET G 900 61.13 32.46 -23.73
C MET G 900 60.36 31.68 -22.68
N GLN G 901 59.06 31.85 -22.61
CA GLN G 901 58.23 31.01 -21.77
C GLN G 901 58.26 29.56 -22.24
N MET G 902 58.14 29.35 -23.54
CA MET G 902 58.27 28.01 -24.12
C MET G 902 59.62 27.38 -23.80
N ALA G 903 60.70 28.16 -23.79
CA ALA G 903 62.00 27.65 -23.41
C ALA G 903 62.08 27.26 -21.93
N TYR G 904 61.48 28.04 -21.04
CA TYR G 904 61.38 27.62 -19.65
C TYR G 904 60.62 26.31 -19.49
N ARG G 905 59.52 26.15 -20.21
CA ARG G 905 58.78 24.89 -20.14
C ARG G 905 59.58 23.72 -20.70
N PHE G 906 60.39 23.94 -21.73
CA PHE G 906 61.28 22.87 -22.19
C PHE G 906 62.31 22.52 -21.14
N ASN G 907 62.85 23.51 -20.43
CA ASN G 907 63.71 23.22 -19.30
C ASN G 907 63.01 22.38 -18.26
N GLY G 908 61.72 22.60 -18.05
CA GLY G 908 61.01 21.87 -17.03
C GLY G 908 60.82 20.40 -17.31
N ILE G 909 60.93 19.99 -18.57
CA ILE G 909 60.90 18.57 -18.93
C ILE G 909 62.28 18.01 -19.19
N GLY G 910 63.34 18.75 -18.92
CA GLY G 910 64.67 18.24 -19.08
C GLY G 910 65.28 18.32 -20.47
N VAL G 911 64.84 19.25 -21.30
CA VAL G 911 65.50 19.53 -22.56
C VAL G 911 66.15 20.91 -22.43
N THR G 912 67.24 21.14 -23.15
CA THR G 912 67.87 22.43 -23.05
C THR G 912 67.18 23.46 -23.93
N GLN G 913 67.54 24.72 -23.72
CA GLN G 913 66.80 25.83 -24.33
C GLN G 913 67.17 26.05 -25.79
N ASN G 914 68.42 25.82 -26.14
CA ASN G 914 68.82 25.88 -27.53
C ASN G 914 68.03 24.94 -28.41
N VAL G 915 67.49 23.85 -27.88
CA VAL G 915 66.67 22.95 -28.67
C VAL G 915 65.35 23.60 -29.05
N LEU G 916 64.81 24.48 -28.21
CA LEU G 916 63.66 25.27 -28.63
C LEU G 916 64.05 26.38 -29.58
N TYR G 917 65.12 27.10 -29.26
CA TYR G 917 65.38 28.29 -30.06
C TYR G 917 65.87 27.95 -31.46
N GLU G 918 66.44 26.78 -31.66
CA GLU G 918 66.89 26.38 -32.98
C GLU G 918 65.83 25.66 -33.77
N ASN G 919 64.70 25.34 -33.16
CA ASN G 919 63.61 24.63 -33.80
C ASN G 919 62.31 25.39 -33.63
N GLN G 920 62.41 26.69 -33.42
CA GLN G 920 61.23 27.51 -33.16
C GLN G 920 60.18 27.40 -34.25
N LYS G 921 60.55 27.58 -35.51
CA LYS G 921 59.52 27.57 -36.55
C LYS G 921 58.90 26.19 -36.73
N LEU G 922 59.67 25.13 -36.54
CA LEU G 922 59.11 23.80 -36.66
C LEU G 922 58.16 23.50 -35.50
N ILE G 923 58.53 23.90 -34.29
CA ILE G 923 57.68 23.66 -33.12
C ILE G 923 56.40 24.47 -33.23
N ALA G 924 56.49 25.68 -33.75
CA ALA G 924 55.30 26.51 -33.95
C ALA G 924 54.40 25.97 -35.05
N ASN G 925 54.96 25.47 -36.15
CA ASN G 925 54.15 24.84 -37.18
C ASN G 925 53.46 23.59 -36.68
N GLN G 926 54.17 22.74 -35.95
CA GLN G 926 53.53 21.56 -35.37
C GLN G 926 52.39 21.93 -34.43
N PHE G 927 52.59 22.94 -33.59
CA PHE G 927 51.52 23.37 -32.70
C PHE G 927 50.31 23.88 -33.48
N ASN G 928 50.54 24.73 -34.49
CA ASN G 928 49.41 25.27 -35.27
C ASN G 928 48.67 24.18 -36.00
N SER G 929 49.39 23.26 -36.60
CA SER G 929 48.76 22.17 -37.32
C SER G 929 48.04 21.20 -36.40
N ALA G 930 48.43 21.09 -35.14
CA ALA G 930 47.74 20.22 -34.21
C ALA G 930 46.54 20.89 -33.55
N ILE G 931 46.55 22.21 -33.42
CA ILE G 931 45.33 22.91 -33.02
C ILE G 931 44.32 22.88 -34.14
N GLY G 932 44.78 22.88 -35.40
CA GLY G 932 43.86 22.77 -36.51
C GLY G 932 43.12 21.45 -36.61
N LYS G 933 43.61 20.40 -35.95
CA LYS G 933 42.94 19.11 -36.03
C LYS G 933 41.89 18.90 -34.95
N ILE G 934 42.07 19.50 -33.79
CA ILE G 934 41.00 19.53 -32.79
C ILE G 934 39.72 20.06 -33.43
N GLN G 935 39.87 21.12 -34.21
CA GLN G 935 38.71 21.80 -34.80
C GLN G 935 38.00 20.90 -35.80
N ASP G 936 38.75 20.12 -36.57
CA ASP G 936 38.13 19.16 -37.48
C ASP G 936 37.46 18.03 -36.72
N SER G 937 38.21 17.37 -35.83
CA SER G 937 37.65 16.23 -35.10
C SER G 937 36.41 16.60 -34.30
N LEU G 938 36.28 17.83 -33.82
CA LEU G 938 35.04 18.21 -33.17
C LEU G 938 33.98 18.65 -34.17
N SER G 939 34.35 19.44 -35.16
CA SER G 939 33.41 19.90 -36.17
C SER G 939 32.78 18.76 -36.96
N SER G 940 33.41 17.60 -36.98
CA SER G 940 32.90 16.49 -37.79
C SER G 940 31.97 15.59 -36.99
N ALA G 944 31.57 12.93 -29.30
CA ALA G 944 32.80 13.08 -28.52
C ALA G 944 32.53 13.71 -27.16
N LEU G 945 31.47 14.49 -27.06
CA LEU G 945 31.02 15.02 -25.77
C LEU G 945 29.99 14.11 -25.13
N GLY G 946 30.28 12.82 -25.08
CA GLY G 946 29.36 11.88 -24.47
C GLY G 946 29.25 12.00 -22.97
N LYS G 947 30.33 12.38 -22.30
CA LYS G 947 30.26 12.52 -20.85
C LYS G 947 29.39 13.69 -20.43
N LEU G 948 29.30 14.73 -21.26
CA LEU G 948 28.38 15.81 -20.96
C LEU G 948 26.95 15.48 -21.36
N GLN G 949 26.79 14.72 -22.44
CA GLN G 949 25.47 14.31 -22.88
C GLN G 949 24.82 13.34 -21.90
N ASP G 950 25.61 12.49 -21.25
CA ASP G 950 25.03 11.50 -20.36
C ASP G 950 24.43 12.12 -19.11
N VAL G 951 25.02 13.16 -18.56
CA VAL G 951 24.43 13.73 -17.36
C VAL G 951 23.15 14.49 -17.70
N VAL G 952 23.06 15.08 -18.89
CA VAL G 952 21.80 15.67 -19.31
C VAL G 952 20.73 14.59 -19.48
N ASN G 953 21.07 13.51 -20.18
CA ASN G 953 20.12 12.44 -20.41
C ASN G 953 19.62 11.81 -19.11
N GLN G 954 20.51 11.55 -18.16
CA GLN G 954 20.08 10.94 -16.91
C GLN G 954 19.08 11.79 -16.15
N ASN G 955 19.34 13.09 -16.07
CA ASN G 955 18.42 13.98 -15.37
C ASN G 955 17.06 14.05 -16.06
N ALA G 956 17.04 14.16 -17.39
CA ALA G 956 15.76 14.16 -18.09
C ALA G 956 15.01 12.85 -17.96
N GLN G 957 15.70 11.71 -18.05
CA GLN G 957 15.07 10.42 -17.86
C GLN G 957 14.49 10.26 -16.46
N ALA G 958 15.09 10.89 -15.46
CA ALA G 958 14.52 10.81 -14.13
C ALA G 958 13.33 11.75 -13.96
N LEU G 959 13.41 12.96 -14.49
CA LEU G 959 12.29 13.87 -14.39
C LEU G 959 11.07 13.35 -15.15
N ASN G 960 11.27 12.60 -16.24
CA ASN G 960 10.12 12.06 -16.94
C ASN G 960 9.49 10.92 -16.17
N THR G 961 10.29 10.04 -15.59
CA THR G 961 9.76 8.99 -14.74
C THR G 961 9.01 9.55 -13.54
N LEU G 962 9.39 10.71 -13.04
CA LEU G 962 8.64 11.30 -11.93
C LEU G 962 7.23 11.70 -12.36
N VAL G 963 7.10 12.32 -13.53
CA VAL G 963 5.79 12.76 -13.98
C VAL G 963 4.94 11.60 -14.44
N LYS G 964 5.54 10.60 -15.07
CA LYS G 964 4.79 9.44 -15.53
C LYS G 964 4.22 8.61 -14.39
N GLN G 965 4.58 8.89 -13.15
CA GLN G 965 4.02 8.19 -12.01
C GLN G 965 2.74 8.83 -11.52
N LEU G 966 2.39 10.01 -12.01
CA LEU G 966 1.15 10.68 -11.64
C LEU G 966 -0.04 10.05 -12.33
N SER G 967 0.17 8.94 -13.02
CA SER G 967 -0.90 8.25 -13.70
C SER G 967 -0.89 6.78 -13.40
N SER G 968 -0.56 6.41 -12.17
CA SER G 968 -0.69 5.04 -11.70
C SER G 968 -1.64 5.03 -10.52
N ASN G 969 -2.35 3.91 -10.35
CA ASN G 969 -3.36 3.78 -9.32
C ASN G 969 -2.76 3.44 -7.97
N PHE G 970 -1.72 2.62 -7.95
CA PHE G 970 -1.18 2.01 -6.75
C PHE G 970 -2.23 1.24 -5.96
N GLY G 971 -3.25 0.72 -6.65
CA GLY G 971 -4.32 0.02 -5.99
C GLY G 971 -5.46 0.92 -5.55
N ALA G 972 -5.97 1.69 -6.50
CA ALA G 972 -7.10 2.56 -6.24
C ALA G 972 -8.03 2.46 -7.44
N ILE G 973 -9.16 3.14 -7.37
CA ILE G 973 -10.12 3.03 -8.46
C ILE G 973 -9.73 3.86 -9.67
N SER G 974 -9.04 4.98 -9.47
CA SER G 974 -8.50 5.73 -10.61
C SER G 974 -7.23 6.43 -10.17
N SER G 975 -6.72 7.28 -11.05
CA SER G 975 -5.54 8.08 -10.80
C SER G 975 -5.88 9.55 -10.62
N VAL G 976 -7.15 9.91 -10.65
CA VAL G 976 -7.59 11.30 -10.62
C VAL G 976 -8.32 11.53 -9.31
N LEU G 977 -8.00 12.62 -8.63
CA LEU G 977 -8.70 12.93 -7.39
C LEU G 977 -10.10 13.47 -7.66
N ASN G 978 -10.34 14.06 -8.83
CA ASN G 978 -11.68 14.48 -9.20
C ASN G 978 -12.56 13.32 -9.61
N ASP G 979 -12.02 12.11 -9.66
CA ASP G 979 -12.83 10.92 -9.89
C ASP G 979 -13.09 10.13 -8.63
N ILE G 980 -12.22 10.22 -7.63
CA ILE G 980 -12.55 9.63 -6.35
C ILE G 980 -13.41 10.57 -5.53
N LEU G 981 -13.32 11.88 -5.76
CA LEU G 981 -14.20 12.83 -5.13
C LEU G 981 -15.51 13.04 -5.87
N SER G 982 -15.84 12.17 -6.82
CA SER G 982 -17.09 12.28 -7.56
C SER G 982 -17.93 11.02 -7.55
N ARG G 983 -17.32 9.85 -7.31
CA ARG G 983 -18.11 8.63 -7.19
C ARG G 983 -17.79 7.90 -5.90
N LEU G 984 -17.61 8.65 -4.82
CA LEU G 984 -17.41 8.05 -3.51
C LEU G 984 -17.77 9.10 -2.47
N ASP G 985 -18.39 8.65 -1.40
CA ASP G 985 -18.68 9.53 -0.28
C ASP G 985 -17.43 9.71 0.57
N PRO G 986 -17.35 10.81 1.30
CA PRO G 986 -16.10 11.16 2.01
C PRO G 986 -15.55 10.02 2.86
N PRO G 987 -16.38 9.22 3.54
CA PRO G 987 -15.79 8.11 4.31
C PRO G 987 -15.13 7.05 3.45
N GLU G 988 -15.54 6.91 2.19
CA GLU G 988 -14.95 5.90 1.32
C GLU G 988 -13.83 6.47 0.46
N ALA G 989 -13.79 7.78 0.27
CA ALA G 989 -12.75 8.37 -0.55
C ALA G 989 -11.46 8.59 0.24
N GLU G 990 -11.52 8.62 1.56
CA GLU G 990 -10.29 8.68 2.35
C GLU G 990 -9.41 7.47 2.10
N VAL G 991 -10.01 6.28 2.04
CA VAL G 991 -9.25 5.05 1.91
C VAL G 991 -8.60 4.98 0.54
N GLN G 992 -9.25 5.58 -0.45
CA GLN G 992 -8.72 5.56 -1.81
C GLN G 992 -7.72 6.67 -2.05
N ILE G 993 -7.85 7.78 -1.34
CA ILE G 993 -6.89 8.88 -1.47
C ILE G 993 -5.59 8.52 -0.76
N ASP G 994 -5.68 7.82 0.36
CA ASP G 994 -4.46 7.41 1.04
C ASP G 994 -3.62 6.46 0.22
N ARG G 995 -4.23 5.59 -0.59
CA ARG G 995 -3.45 4.70 -1.43
C ARG G 995 -2.66 5.46 -2.48
N LEU G 996 -3.19 6.57 -2.98
CA LEU G 996 -2.47 7.43 -3.90
C LEU G 996 -1.39 8.23 -3.19
N ILE G 997 -1.69 8.75 -2.01
CA ILE G 997 -0.72 9.53 -1.26
C ILE G 997 0.52 8.70 -0.97
N THR G 998 0.33 7.47 -0.51
CA THR G 998 1.47 6.63 -0.18
C THR G 998 2.36 6.37 -1.40
N GLY G 999 1.76 6.04 -2.53
CA GLY G 999 2.52 5.79 -3.74
C GLY G 999 3.26 7.01 -4.24
N ARG G 1000 2.60 8.15 -4.30
CA ARG G 1000 3.25 9.37 -4.75
C ARG G 1000 4.35 9.84 -3.81
N LEU G 1001 4.19 9.66 -2.51
CA LEU G 1001 5.27 9.97 -1.59
C LEU G 1001 6.47 9.07 -1.83
N GLN G 1002 6.22 7.78 -1.99
CA GLN G 1002 7.31 6.85 -2.30
C GLN G 1002 8.06 7.28 -3.55
N SER G 1003 7.34 7.66 -4.60
CA SER G 1003 8.00 7.99 -5.85
C SER G 1003 8.81 9.28 -5.75
N LEU G 1004 8.27 10.30 -5.08
CA LEU G 1004 9.01 11.52 -4.85
C LEU G 1004 10.26 11.29 -4.02
N GLN G 1005 10.19 10.44 -3.01
CA GLN G 1005 11.36 10.22 -2.18
C GLN G 1005 12.42 9.39 -2.88
N THR G 1006 12.01 8.47 -3.77
CA THR G 1006 12.98 7.79 -4.61
C THR G 1006 13.70 8.75 -5.53
N TYR G 1007 12.96 9.66 -6.16
CA TYR G 1007 13.58 10.71 -6.95
C TYR G 1007 14.60 11.50 -6.14
N VAL G 1008 14.27 11.83 -4.90
CA VAL G 1008 15.19 12.68 -4.15
C VAL G 1008 16.42 11.92 -3.67
N THR G 1009 16.32 10.62 -3.42
CA THR G 1009 17.52 9.85 -3.07
C THR G 1009 18.47 9.72 -4.26
N GLN G 1010 17.95 9.38 -5.42
CA GLN G 1010 18.84 9.18 -6.56
C GLN G 1010 19.52 10.46 -7.03
N GLN G 1011 18.92 11.62 -6.77
CA GLN G 1011 19.58 12.89 -7.03
C GLN G 1011 20.72 13.18 -6.07
N LEU G 1012 20.58 12.84 -4.81
CA LEU G 1012 21.70 12.95 -3.88
C LEU G 1012 22.87 12.10 -4.32
N ILE G 1013 22.57 10.88 -4.78
CA ILE G 1013 23.65 9.99 -5.18
C ILE G 1013 24.28 10.44 -6.49
N ARG G 1014 23.54 11.06 -7.38
CA ARG G 1014 24.10 11.59 -8.61
C ARG G 1014 24.85 12.90 -8.43
N ALA G 1015 24.41 13.73 -7.51
CA ALA G 1015 25.12 14.95 -7.19
C ALA G 1015 26.44 14.69 -6.48
N ALA G 1016 26.52 13.67 -5.62
CA ALA G 1016 27.80 13.33 -5.01
C ALA G 1016 28.84 12.89 -6.03
N GLU G 1017 28.42 12.44 -7.20
CA GLU G 1017 29.34 12.04 -8.24
C GLU G 1017 29.74 13.22 -9.12
N ILE G 1018 28.79 14.11 -9.42
CA ILE G 1018 29.15 15.34 -10.12
C ILE G 1018 30.10 16.20 -9.29
N ARG G 1019 29.99 16.11 -7.97
CA ARG G 1019 30.83 16.91 -7.09
C ARG G 1019 32.29 16.50 -7.17
N ALA G 1020 32.55 15.20 -7.26
CA ALA G 1020 33.92 14.71 -7.37
C ALA G 1020 34.54 15.05 -8.71
N SER G 1021 33.76 15.02 -9.78
CA SER G 1021 34.24 15.46 -11.08
C SER G 1021 34.60 16.93 -11.10
N ALA G 1022 33.76 17.78 -10.53
CA ALA G 1022 34.10 19.19 -10.42
C ALA G 1022 35.30 19.45 -9.51
N ASN G 1023 35.49 18.62 -8.49
CA ASN G 1023 36.68 18.75 -7.65
C ASN G 1023 37.95 18.36 -8.38
N LEU G 1024 37.87 17.39 -9.29
CA LEU G 1024 39.00 17.06 -10.16
C LEU G 1024 39.26 18.13 -11.20
N ALA G 1025 38.22 18.71 -11.78
CA ALA G 1025 38.37 19.81 -12.71
C ALA G 1025 39.00 21.04 -12.07
N ALA G 1026 38.67 21.32 -10.82
CA ALA G 1026 39.28 22.43 -10.13
C ALA G 1026 40.77 22.21 -9.85
N THR G 1027 41.18 20.98 -9.61
CA THR G 1027 42.58 20.63 -9.43
C THR G 1027 43.37 20.67 -10.73
N LYS G 1028 42.77 20.20 -11.82
CA LYS G 1028 43.41 20.33 -13.13
C LYS G 1028 43.53 21.77 -13.58
N MET G 1029 42.57 22.63 -13.29
CA MET G 1029 42.74 24.03 -13.62
C MET G 1029 43.91 24.66 -12.86
N SER G 1030 44.14 24.25 -11.62
CA SER G 1030 45.25 24.78 -10.84
C SER G 1030 46.59 24.22 -11.31
N GLU G 1031 46.63 22.94 -11.59
CA GLU G 1031 47.90 22.26 -11.79
C GLU G 1031 48.32 22.10 -13.24
N CYS G 1032 47.40 22.21 -14.19
CA CYS G 1032 47.75 22.14 -15.60
C CYS G 1032 47.63 23.46 -16.33
N VAL G 1033 46.77 24.37 -15.89
CA VAL G 1033 46.59 25.65 -16.55
C VAL G 1033 47.41 26.75 -15.89
N LEU G 1034 47.47 26.79 -14.56
CA LEU G 1034 48.30 27.78 -13.89
C LEU G 1034 49.67 27.24 -13.49
N GLY G 1035 50.04 26.07 -13.96
CA GLY G 1035 51.35 25.55 -13.70
C GLY G 1035 51.83 24.61 -14.78
N GLN G 1036 52.99 24.01 -14.56
CA GLN G 1036 53.46 22.86 -15.34
C GLN G 1036 53.53 21.66 -14.41
N SER G 1037 52.82 20.60 -14.74
CA SER G 1037 52.78 19.44 -13.88
C SER G 1037 53.86 18.44 -14.24
N LYS G 1038 54.41 17.79 -13.21
CA LYS G 1038 55.32 16.67 -13.37
C LYS G 1038 54.67 15.32 -13.15
N ARG G 1039 53.47 15.28 -12.57
CA ARG G 1039 52.73 14.05 -12.42
C ARG G 1039 52.51 13.38 -13.77
N VAL G 1040 52.71 12.08 -13.84
CA VAL G 1040 52.62 11.37 -15.10
C VAL G 1040 51.17 11.13 -15.46
N ASP G 1041 50.79 11.49 -16.70
CA ASP G 1041 49.45 11.26 -17.23
C ASP G 1041 48.37 11.98 -16.45
N PHE G 1042 48.66 13.16 -15.95
CA PHE G 1042 47.67 13.97 -15.28
C PHE G 1042 47.16 15.10 -16.14
N CYS G 1043 48.00 15.59 -17.04
CA CYS G 1043 47.68 16.69 -17.94
C CYS G 1043 48.02 16.26 -19.35
N GLY G 1044 47.52 15.11 -19.76
CA GLY G 1044 47.76 14.57 -21.07
C GLY G 1044 48.68 13.37 -21.04
N LYS G 1045 49.06 12.92 -22.23
CA LYS G 1045 49.96 11.78 -22.37
C LYS G 1045 51.17 12.23 -23.17
N GLY G 1046 52.33 12.15 -22.55
CA GLY G 1046 53.56 12.76 -22.99
C GLY G 1046 54.15 13.51 -21.83
N TYR G 1047 54.98 14.49 -22.14
CA TYR G 1047 55.54 15.37 -21.11
C TYR G 1047 54.79 16.70 -21.17
N HIS G 1048 54.14 17.06 -20.08
CA HIS G 1048 53.27 18.22 -20.08
C HIS G 1048 54.06 19.48 -20.37
N LEU G 1049 53.63 20.23 -21.38
CA LEU G 1049 54.11 21.58 -21.59
C LEU G 1049 53.12 22.61 -21.05
N MET G 1050 51.88 22.62 -21.54
CA MET G 1050 50.94 23.65 -21.10
C MET G 1050 49.52 23.19 -21.39
N SER G 1051 48.55 23.89 -20.81
CA SER G 1051 47.14 23.53 -20.96
C SER G 1051 46.32 24.78 -21.16
N PHE G 1052 45.22 24.64 -21.90
CA PHE G 1052 44.29 25.74 -22.19
C PHE G 1052 42.86 25.33 -21.86
N PRO G 1053 42.12 26.14 -21.09
CA PRO G 1053 40.72 25.81 -20.82
C PRO G 1053 39.74 26.39 -21.83
N GLN G 1054 38.64 25.66 -22.02
CA GLN G 1054 37.50 26.08 -22.82
C GLN G 1054 36.22 25.70 -22.11
N SER G 1055 35.24 26.58 -22.13
CA SER G 1055 33.99 26.28 -21.45
C SER G 1055 33.09 25.43 -22.35
N ALA G 1056 32.29 24.59 -21.71
CA ALA G 1056 31.33 23.72 -22.38
C ALA G 1056 30.00 23.89 -21.68
N PRO G 1057 28.92 23.35 -22.24
CA PRO G 1057 27.59 23.52 -21.62
C PRO G 1057 27.49 23.32 -20.11
N HIS G 1058 27.88 22.17 -19.57
CA HIS G 1058 27.87 22.02 -18.11
C HIS G 1058 29.22 21.52 -17.63
N GLY G 1059 30.28 21.94 -18.29
CA GLY G 1059 31.58 21.46 -17.93
C GLY G 1059 32.67 22.24 -18.59
N VAL G 1060 33.84 21.61 -18.65
CA VAL G 1060 35.04 22.28 -19.14
C VAL G 1060 35.83 21.28 -19.97
N VAL G 1061 36.45 21.80 -21.02
CA VAL G 1061 37.37 21.07 -21.88
C VAL G 1061 38.76 21.62 -21.64
N PHE G 1062 39.71 20.74 -21.39
CA PHE G 1062 41.11 21.12 -21.35
C PHE G 1062 41.78 20.67 -22.63
N LEU G 1063 42.56 21.56 -23.22
CA LEU G 1063 43.43 21.25 -24.35
C LEU G 1063 44.85 21.15 -23.81
N HIS G 1064 45.39 19.95 -23.79
CA HIS G 1064 46.71 19.67 -23.23
C HIS G 1064 47.73 19.64 -24.35
N VAL G 1065 48.80 20.42 -24.19
CA VAL G 1065 49.92 20.46 -25.12
C VAL G 1065 51.10 19.76 -24.46
N THR G 1066 51.55 18.67 -25.07
CA THR G 1066 52.65 17.88 -24.55
C THR G 1066 53.71 17.65 -25.62
N TYR G 1067 54.89 17.29 -25.13
CA TYR G 1067 56.06 16.95 -25.92
C TYR G 1067 56.15 15.43 -25.99
N VAL G 1068 56.38 14.90 -27.19
CA VAL G 1068 56.52 13.45 -27.37
C VAL G 1068 57.81 13.20 -28.14
N PRO G 1069 58.74 12.41 -27.62
CA PRO G 1069 59.97 12.13 -28.37
C PRO G 1069 59.74 11.16 -29.51
N ALA G 1070 60.58 11.27 -30.53
CA ALA G 1070 60.37 10.52 -31.76
C ALA G 1070 61.70 10.16 -32.40
N GLN G 1071 61.64 9.16 -33.26
CA GLN G 1071 62.73 8.75 -34.14
C GLN G 1071 64.01 8.37 -33.42
N GLU G 1072 63.97 7.30 -32.64
CA GLU G 1072 65.08 6.90 -31.79
C GLU G 1072 66.12 6.10 -32.55
N LYS G 1073 67.36 6.21 -32.08
CA LYS G 1073 68.46 5.36 -32.55
C LYS G 1073 69.03 4.62 -31.37
N ASN G 1074 69.63 3.46 -31.59
CA ASN G 1074 70.45 2.87 -30.55
C ASN G 1074 71.92 3.23 -30.71
N PHE G 1075 72.58 3.34 -29.56
CA PHE G 1075 74.01 3.49 -29.39
C PHE G 1075 74.43 2.48 -28.35
N THR G 1076 75.71 2.45 -28.00
CA THR G 1076 76.17 1.64 -26.87
C THR G 1076 76.59 2.57 -25.75
N THR G 1077 76.40 2.15 -24.51
CA THR G 1077 76.64 2.97 -23.34
C THR G 1077 77.64 2.35 -22.40
N ALA G 1078 78.12 3.18 -21.49
CA ALA G 1078 78.92 2.80 -20.36
C ALA G 1078 78.50 3.66 -19.18
N PRO G 1079 78.66 3.19 -17.97
CA PRO G 1079 78.32 4.01 -16.81
C PRO G 1079 79.32 5.09 -16.47
N ALA G 1080 80.59 4.86 -16.79
CA ALA G 1080 81.66 5.76 -16.41
C ALA G 1080 82.78 5.60 -17.42
N ILE G 1081 83.73 6.52 -17.38
CA ILE G 1081 84.90 6.48 -18.24
C ILE G 1081 86.13 6.44 -17.36
N CYS G 1082 87.07 5.54 -17.66
CA CYS G 1082 88.32 5.48 -16.91
C CYS G 1082 89.39 6.26 -17.66
N HIS G 1083 90.12 7.09 -16.92
CA HIS G 1083 91.15 7.92 -17.50
C HIS G 1083 92.11 8.34 -16.39
N ASP G 1084 93.40 8.10 -16.60
CA ASP G 1084 94.43 8.41 -15.62
C ASP G 1084 94.18 7.70 -14.30
N GLY G 1085 93.56 6.54 -14.35
CA GLY G 1085 93.27 5.82 -13.13
C GLY G 1085 92.08 6.33 -12.36
N LYS G 1086 91.32 7.27 -12.92
CA LYS G 1086 90.14 7.80 -12.26
C LYS G 1086 88.88 7.43 -13.02
N ALA G 1087 87.76 7.47 -12.33
CA ALA G 1087 86.46 7.17 -12.91
C ALA G 1087 85.63 8.44 -13.03
N HIS G 1088 85.11 8.69 -14.23
CA HIS G 1088 84.38 9.91 -14.55
C HIS G 1088 82.93 9.57 -14.85
N PHE G 1089 82.03 10.37 -14.32
CA PHE G 1089 80.61 10.25 -14.50
C PHE G 1089 80.06 11.52 -15.12
N PRO G 1090 79.04 11.43 -15.96
CA PRO G 1090 78.51 12.64 -16.58
C PRO G 1090 77.74 13.51 -15.60
N ARG G 1091 77.88 14.81 -15.75
CA ARG G 1091 77.20 15.73 -14.85
C ARG G 1091 75.70 15.71 -15.05
N GLU G 1092 75.23 15.78 -16.30
CA GLU G 1092 73.80 15.71 -16.55
C GLU G 1092 73.44 14.94 -17.81
N GLY G 1093 74.22 13.94 -18.19
CA GLY G 1093 73.85 13.26 -19.41
C GLY G 1093 74.04 11.77 -19.41
N VAL G 1094 74.34 11.24 -20.58
CA VAL G 1094 74.72 9.84 -20.77
C VAL G 1094 75.92 9.79 -21.70
N PHE G 1095 76.82 8.88 -21.41
CA PHE G 1095 77.92 8.54 -22.30
C PHE G 1095 77.42 7.62 -23.40
N VAL G 1096 77.66 7.97 -24.65
CA VAL G 1096 77.24 7.13 -25.77
C VAL G 1096 78.38 6.96 -26.75
N SER G 1097 78.25 5.97 -27.61
CA SER G 1097 79.28 5.62 -28.59
C SER G 1097 78.61 5.42 -29.95
N ASN G 1098 79.11 6.10 -30.99
CA ASN G 1098 78.54 5.89 -32.31
C ASN G 1098 79.16 4.69 -33.03
N GLY G 1099 79.98 3.92 -32.35
CA GLY G 1099 80.64 2.77 -32.94
C GLY G 1099 82.12 2.83 -32.68
N THR G 1100 82.69 4.03 -32.77
CA THR G 1100 84.12 4.23 -32.57
C THR G 1100 84.47 5.40 -31.64
N HIS G 1101 83.56 6.34 -31.39
CA HIS G 1101 83.88 7.50 -30.57
C HIS G 1101 82.88 7.66 -29.44
N TRP G 1102 83.29 8.36 -28.40
CA TRP G 1102 82.52 8.48 -27.18
C TRP G 1102 82.15 9.94 -26.92
N PHE G 1103 80.86 10.17 -26.71
CA PHE G 1103 80.31 11.51 -26.51
C PHE G 1103 79.44 11.52 -25.26
N VAL G 1104 78.96 12.71 -24.90
CA VAL G 1104 77.92 12.89 -23.88
C VAL G 1104 76.70 13.52 -24.56
N THR G 1105 75.52 12.96 -24.32
CA THR G 1105 74.30 13.64 -24.69
C THR G 1105 73.48 13.96 -23.45
N GLN G 1106 72.48 14.79 -23.66
CA GLN G 1106 71.36 14.86 -22.75
C GLN G 1106 70.38 13.74 -23.07
N ARG G 1107 69.63 13.30 -22.07
CA ARG G 1107 69.01 12.00 -22.14
C ARG G 1107 67.78 11.94 -23.05
N ASN G 1108 67.12 13.05 -23.33
CA ASN G 1108 65.89 13.03 -24.10
C ASN G 1108 66.05 13.53 -25.52
N PHE G 1109 67.19 14.07 -25.90
CA PHE G 1109 67.37 14.60 -27.23
C PHE G 1109 68.82 14.41 -27.63
N TYR G 1110 69.04 13.86 -28.81
CA TYR G 1110 70.40 13.48 -29.20
C TYR G 1110 71.18 14.71 -29.65
N GLU G 1111 72.27 14.99 -28.94
CA GLU G 1111 73.10 16.15 -29.21
C GLU G 1111 74.46 15.89 -28.62
N PRO G 1112 75.35 15.21 -29.35
CA PRO G 1112 76.59 14.71 -28.75
C PRO G 1112 77.66 15.77 -28.58
N GLN G 1113 78.44 15.61 -27.52
CA GLN G 1113 79.48 16.57 -27.15
C GLN G 1113 80.75 15.81 -26.83
N ILE G 1114 81.87 16.47 -26.94
CA ILE G 1114 83.14 15.86 -26.54
C ILE G 1114 83.20 15.78 -25.03
N ILE G 1115 83.65 14.64 -24.52
CA ILE G 1115 83.79 14.46 -23.08
C ILE G 1115 84.98 15.27 -22.58
N THR G 1116 84.71 16.22 -21.71
CA THR G 1116 85.73 17.06 -21.11
C THR G 1116 85.58 17.05 -19.61
N THR G 1117 86.45 17.77 -18.92
CA THR G 1117 86.37 17.90 -17.47
C THR G 1117 85.39 18.98 -17.06
N ASP G 1118 84.59 19.51 -17.99
CA ASP G 1118 83.56 20.48 -17.69
C ASP G 1118 82.18 19.86 -17.66
N ASN G 1119 82.00 18.70 -18.29
CA ASN G 1119 80.72 18.04 -18.30
C ASN G 1119 80.78 16.69 -17.60
N THR G 1120 81.88 16.37 -16.93
CA THR G 1120 82.00 15.16 -16.13
C THR G 1120 82.53 15.53 -14.75
N PHE G 1121 82.40 14.60 -13.81
CA PHE G 1121 83.04 14.73 -12.50
C PHE G 1121 83.70 13.42 -12.13
N VAL G 1122 84.60 13.48 -11.17
CA VAL G 1122 85.45 12.36 -10.80
C VAL G 1122 85.09 11.87 -9.41
N SER G 1123 85.09 10.55 -9.22
CA SER G 1123 85.05 9.99 -7.89
C SER G 1123 85.60 8.58 -7.92
N GLY G 1124 86.75 8.36 -7.29
CA GLY G 1124 87.28 7.03 -7.11
C GLY G 1124 88.22 6.61 -8.21
N ASN G 1125 88.64 5.37 -8.12
CA ASN G 1125 89.50 4.73 -9.10
C ASN G 1125 88.68 3.75 -9.91
N CYS G 1126 89.20 3.39 -11.08
CA CYS G 1126 88.36 2.70 -12.03
C CYS G 1126 88.49 1.18 -11.94
N ASP G 1127 88.27 0.62 -10.75
CA ASP G 1127 88.19 -0.83 -10.59
C ASP G 1127 87.05 -1.29 -9.68
N VAL G 1128 86.14 -0.40 -9.26
CA VAL G 1128 84.98 -0.80 -8.50
C VAL G 1128 83.68 -0.74 -9.31
N VAL G 1129 83.56 0.21 -10.23
CA VAL G 1129 82.44 0.25 -11.17
C VAL G 1129 82.55 -0.92 -12.13
N ILE G 1130 81.43 -1.52 -12.50
CA ILE G 1130 81.43 -2.61 -13.46
C ILE G 1130 80.82 -2.11 -14.76
N GLY G 1131 81.59 -2.16 -15.83
CA GLY G 1131 81.22 -1.60 -17.09
C GLY G 1131 82.01 -0.39 -17.53
N ILE G 1132 82.99 0.06 -16.74
CA ILE G 1132 83.84 1.19 -17.14
C ILE G 1132 84.46 0.90 -18.51
N VAL G 1133 84.62 1.95 -19.31
CA VAL G 1133 85.39 1.83 -20.54
C VAL G 1133 86.55 2.80 -20.47
N ASN G 1134 87.57 2.51 -21.26
CA ASN G 1134 88.77 3.32 -21.36
C ASN G 1134 88.59 4.34 -22.47
N ASN G 1135 88.82 5.60 -22.15
CA ASN G 1135 88.73 6.67 -23.14
C ASN G 1135 89.36 7.90 -22.53
N THR G 1136 89.67 8.87 -23.37
CA THR G 1136 90.37 10.06 -22.94
C THR G 1136 89.38 11.16 -22.60
N VAL G 1137 89.64 11.83 -21.48
CA VAL G 1137 88.85 12.96 -21.03
C VAL G 1137 89.70 14.20 -21.24
N TYR G 1138 89.17 15.14 -22.00
CA TYR G 1138 89.96 16.25 -22.51
C TYR G 1138 89.91 17.43 -21.55
N ASP G 1139 91.05 17.95 -21.22
CA ASP G 1139 91.21 19.11 -20.37
C ASP G 1139 91.30 20.36 -21.23
N PRO G 1140 90.44 21.36 -21.00
CA PRO G 1140 90.47 22.54 -21.87
C PRO G 1140 91.63 23.48 -21.60
N LEU G 1141 92.06 23.64 -20.35
CA LEU G 1141 93.17 24.52 -20.01
C LEU G 1141 94.48 24.02 -20.57
N GLN G 1142 94.79 22.74 -20.35
CA GLN G 1142 96.07 22.12 -20.67
C GLN G 1142 96.62 22.52 -22.04
N PRO G 1143 95.88 22.35 -23.15
CA PRO G 1143 96.40 22.87 -24.42
C PRO G 1143 96.42 24.38 -24.49
N GLU G 1144 95.26 25.00 -24.24
CA GLU G 1144 95.07 26.42 -24.52
C GLU G 1144 96.16 27.27 -23.87
N LEU G 1145 96.37 27.06 -22.57
CA LEU G 1145 97.45 27.70 -21.84
C LEU G 1145 98.78 27.50 -22.57
N ASP G 1146 99.02 26.29 -23.03
CA ASP G 1146 100.30 25.95 -23.66
C ASP G 1146 100.20 25.91 -25.19
#